data_8XLI
#
_entry.id   8XLI
#
_cell.length_a   1.00
_cell.length_b   1.00
_cell.length_c   1.00
_cell.angle_alpha   90.00
_cell.angle_beta   90.00
_cell.angle_gamma   90.00
#
_symmetry.space_group_name_H-M   'P 1'
#
loop_
_entity.id
_entity.type
_entity.pdbx_description
1 polymer 'V-type proton ATPase 116 kDa subunit a 1'
2 polymer 'ATPase, H+ transporting, V0 subunit B (Predicted), isoform CRA_a'
3 polymer 'V-type proton ATPase subunit S1'
4 polymer 'V-type proton ATPase subunit'
5 polymer 'V-type proton ATPase subunit e 2'
6 polymer 'Ribonuclease K'
7 polymer 'V-type proton ATPase 16 kDa proteolipid subunit c'
8 polymer 'Renin receptor cytoplasmic fragment'
9 branched 2-acetamido-2-deoxy-beta-D-glucopyranose-(1-4)-2-acetamido-2-deoxy-beta-D-glucopyranose
#
loop_
_entity_poly.entity_id
_entity_poly.type
_entity_poly.pdbx_seq_one_letter_code
_entity_poly.pdbx_strand_id
1 'polypeptide(L)'
;LFRSEEMTLAQLFLQSEAAYCCVSELEELGKVQFRDLNPDVNVFQRKFVNEVRRCEEMDRKLRFVEKEIRKANIPIMDTG
ENPEVPFPRDMIDLEANFEKIENELKEINTNQEALKRNFLELTELKFILRKTQQFFDEMADPDLLEESSSLLEPNEMGRG
APLRLGFVAGVINRERIPTFERMLWRVCRGNVFLRQAEIENPLEDPVTGDYVHKSVFIIFFQGDQLKNRVKKICEGFRAS
LYPCPETPQERKEMASGVNTRIDDLQMVLNQTEDHRQRVLQAAAKNIRVWFIKVRKMKAIYHTLNLCNIDVTQKCLIAEV
WCPVTDLDSIQFALRRGTEHSGSTVPSILNRMQTNQTPPTYNKTNKFTHGFQNIVDAYGIGTYREINPAPYTVITFPFLF
AVMFGDFGHGILMTLFAVWMVLRESRILSQKNENEMFSMVFSGRYIILLMGLFSIYTGLIYNDCFSKSLNIFGSSWSVRP
MFTIGNWTEETLLGSSVLQLNPAIPGVFGGPYPFGIDPIWNIATNKLTFLNSFKMKMSVILGIIHMLFGVSLSLFNHIYF
KKPLNIYFGFIPEIIFMSSLFGYLVILIFYKWTAYDAHSSRNAPSLLIHFINMFLFSYPESGNAMLYSGQKGIQCFLIVV
AMLCVPWMLLFKPLILRHQYLRKKHLGTLNFGGIRVGNGPTEEDAEIIQHDQLSTHSEDAEEPTEDEVFDFGDTMVHQAI
HTIEYCLGCISNTASYLRLWALSLAHAQLSEVLWTMVIHIGLHVRSLAGGLGLFFIFAAFATLTVAILLIMEGLSAFLHA
LRLHWVEFQNKFYTGTGFKFLPFSFEHI
;
a
2 'polypeptide(L)'
;TGLELLYLGIFVAFWACMIVVGICYTIFDLGFRFDVAWFLTETSPFMWSNLGIGLAISLSVVGAAWGIYITGSSIIGGGV
KAPRIKTKNLVSIIFCEAVAIYGIIMAIVISNMAEPFSATDPKAIGHRNYHAGYSMFGAGLTVGLSNLFCGVCVGIVGSG
AALADAQNPSLFVKILIVEIFGSAIGLFGVIVAILQTSRVKMG
;
b
3 'polypeptide(L)'
;IHPPVSYNDTAPRILFWAQNFSVAYKDEWKDLTSLTFGVENLNLTGSFWNDSFAMLSLTYEPLFGATVTFKFILASRFYP
VSARYWFTMERLEIHSNGSVAHFNVSQVTGPSIYSFHCEYVSSLSKKGSLLVTNVPSLWQMTLHNFQIQAFNVTGEQFSY
ASDCAGFFSPGIWMGLLTTLFMLFIFTYGLHMILSLKTMDRFDD
;
c
4 'polypeptide(L)'
;SFFPELYFNVDNGYLEGLVRGLKAGVLSQADYLNLVQCETLEDLKLHLQSTDYGNFLANEASPLTVSVIDDKLKEKMVVE
FRHMRNHAYEPLASFLDFITYSYMIDNVILLITGTLHQKCHPLGSFEQMEAVNIAQTPAELYNAILVDTPLAAFFQDCIS
EQDLDAMNIEIIRNTLYKAYLESFYKFCTLLGGTTADAMCPILEFEADRRAFIITINSFGTELSKEDRAKLFPHCGRLYP
EGLAQLARADDYEQVKNVADYYPEYKLLFEGAGSNPGDKTLEDRFFEHEVKLNKLAFLNQFHFGVFYAFVKLKEQECRNI
VWIAECIAQRHRAKIDNYIPIF
;
d
5 'polypeptide(L)' AHSFALPVIIFTTFWGLIGIAGPWFVPKGPNRGVIITMLVATAVCCYLFWLIAILAQLNPLFGPQLKNETIWYVRFL e
6 'polypeptide(L)'
;CCGPKLAACGIVLSAWGVIMLIMLGIFFNVHSAVLIEDVPFTEKDFENGPQNIYNLYEQVSYNCFIAAGLYLLLGGFSFC
QVRLNKRKE
;
f
7 'polypeptide(L)'
;NNPEYSSFFGVMGASSAMVFSAMGAAYGTAKSGTGIAAMSVMRPELIMKSIIPVVMAGIIAIYGLVVAVLIANSLTDGIT
LYRSFLQLGAGLSVGLSGLAAGFAIGIVGDAGVRGTAQQPRLFVGMILILIFAEVLGLYGLIVALILSTK
;
g,h,i,j,k,l,m,n,o
8 'polypeptide(L)' PYNLAYKYNLEYSVVFNLVLWIMTGLALAVIITSYNIWNMDPGYDSIIY p
#
# COMPACT_ATOMS: atom_id res chain seq x y z
N LEU A 1 -2.93 -40.59 -36.09
CA LEU A 1 -3.15 -39.38 -36.86
C LEU A 1 -4.45 -38.70 -36.46
N PHE A 2 -5.57 -39.34 -36.82
CA PHE A 2 -6.88 -38.81 -36.45
C PHE A 2 -7.04 -38.78 -34.94
N ARG A 3 -7.68 -37.73 -34.43
CA ARG A 3 -7.85 -37.54 -33.00
C ARG A 3 -9.18 -38.11 -32.51
N SER A 4 -9.41 -39.38 -32.84
CA SER A 4 -10.57 -40.09 -32.31
C SER A 4 -10.16 -41.27 -31.44
N GLU A 5 -9.45 -42.25 -31.99
CA GLU A 5 -8.92 -43.39 -31.25
C GLU A 5 -9.96 -43.99 -30.30
N GLU A 6 -11.03 -44.56 -30.85
CA GLU A 6 -12.12 -45.06 -30.01
C GLU A 6 -11.60 -46.07 -28.99
N MET A 7 -12.02 -45.90 -27.73
CA MET A 7 -11.50 -46.72 -26.65
C MET A 7 -12.31 -48.01 -26.46
N THR A 8 -13.59 -47.88 -26.10
CA THR A 8 -14.46 -49.01 -25.79
C THR A 8 -13.97 -49.79 -24.57
N LEU A 9 -14.88 -50.51 -23.92
CA LEU A 9 -14.59 -51.26 -22.70
C LEU A 9 -14.74 -52.75 -22.96
N ALA A 10 -14.24 -53.55 -22.02
CA ALA A 10 -14.31 -54.99 -22.17
C ALA A 10 -14.34 -55.65 -20.80
N GLN A 11 -14.77 -56.90 -20.78
CA GLN A 11 -14.69 -57.77 -19.62
C GLN A 11 -13.53 -58.74 -19.79
N LEU A 12 -12.84 -58.98 -18.68
CA LEU A 12 -11.69 -59.89 -18.63
C LEU A 12 -12.06 -61.03 -17.68
N PHE A 13 -12.39 -62.18 -18.26
CA PHE A 13 -12.57 -63.39 -17.49
C PHE A 13 -11.21 -63.90 -17.02
N LEU A 14 -11.20 -64.56 -15.87
CA LEU A 14 -9.95 -65.00 -15.24
C LEU A 14 -10.17 -66.39 -14.67
N GLN A 15 -9.25 -66.82 -13.81
CA GLN A 15 -9.35 -68.08 -13.09
C GLN A 15 -8.87 -67.85 -11.65
N SER A 16 -8.63 -68.95 -10.93
CA SER A 16 -8.16 -68.83 -9.55
C SER A 16 -6.67 -68.53 -9.50
N GLU A 17 -5.84 -69.44 -10.03
CA GLU A 17 -4.40 -69.25 -10.03
C GLU A 17 -3.89 -68.65 -11.34
N ALA A 18 -4.62 -68.88 -12.44
CA ALA A 18 -4.24 -68.27 -13.71
C ALA A 18 -4.36 -66.76 -13.70
N ALA A 19 -5.14 -66.21 -12.78
CA ALA A 19 -5.36 -64.77 -12.74
C ALA A 19 -4.05 -64.03 -12.48
N TYR A 20 -3.23 -64.53 -11.57
CA TYR A 20 -1.97 -63.85 -11.25
C TYR A 20 -1.06 -63.80 -12.47
N CYS A 21 -0.89 -64.94 -13.14
CA CYS A 21 -0.02 -64.98 -14.32
C CYS A 21 -0.55 -64.10 -15.44
N CYS A 22 -1.85 -64.17 -15.70
CA CYS A 22 -2.43 -63.35 -16.77
C CYS A 22 -2.32 -61.87 -16.46
N VAL A 23 -2.55 -61.48 -15.21
CA VAL A 23 -2.46 -60.07 -14.83
C VAL A 23 -1.03 -59.58 -14.91
N SER A 24 -0.07 -60.41 -14.50
CA SER A 24 1.34 -60.02 -14.64
C SER A 24 1.72 -59.86 -16.11
N GLU A 25 1.25 -60.77 -16.96
CA GLU A 25 1.54 -60.65 -18.39
C GLU A 25 0.92 -59.37 -18.96
N LEU A 26 -0.31 -59.05 -18.58
CA LEU A 26 -0.94 -57.83 -19.06
C LEU A 26 -0.21 -56.59 -18.55
N GLU A 27 0.24 -56.62 -17.30
CA GLU A 27 1.00 -55.51 -16.76
C GLU A 27 2.32 -55.33 -17.51
N GLU A 28 2.94 -56.43 -17.90
CA GLU A 28 4.09 -56.34 -18.81
C GLU A 28 3.69 -55.70 -20.13
N LEU A 29 2.53 -56.09 -20.66
CA LEU A 29 2.02 -55.46 -21.88
C LEU A 29 1.63 -54.01 -21.60
N GLY A 30 0.84 -53.77 -20.56
CA GLY A 30 0.51 -52.44 -20.12
C GLY A 30 -0.27 -51.58 -21.09
N LYS A 31 -1.49 -51.98 -21.44
CA LYS A 31 -2.35 -51.20 -22.32
C LYS A 31 -3.78 -51.11 -21.79
N VAL A 32 -3.97 -51.27 -20.48
CA VAL A 32 -5.31 -51.35 -19.89
C VAL A 32 -5.36 -50.47 -18.65
N GLN A 33 -6.49 -49.81 -18.43
CA GLN A 33 -6.70 -48.96 -17.26
C GLN A 33 -7.26 -49.74 -16.07
N PHE A 34 -8.11 -50.73 -16.31
CA PHE A 34 -8.75 -51.52 -15.25
C PHE A 34 -9.55 -50.62 -14.29
N ARG A 35 -10.62 -50.05 -14.84
CA ARG A 35 -11.58 -49.31 -14.02
C ARG A 35 -12.13 -50.20 -12.92
N ASP A 36 -12.22 -49.64 -11.71
CA ASP A 36 -12.69 -50.40 -10.56
C ASP A 36 -14.14 -50.83 -10.75
N LEU A 37 -14.46 -52.00 -10.19
CA LEU A 37 -15.82 -52.53 -10.23
C LEU A 37 -16.49 -52.57 -8.86
N ASN A 38 -15.73 -52.71 -7.78
CA ASN A 38 -16.27 -52.74 -6.43
C ASN A 38 -15.89 -51.46 -5.70
N PRO A 39 -16.81 -50.51 -5.52
CA PRO A 39 -16.46 -49.26 -4.83
C PRO A 39 -16.46 -49.41 -3.32
N ASP A 40 -17.36 -50.25 -2.79
CA ASP A 40 -17.49 -50.44 -1.34
C ASP A 40 -16.45 -51.45 -0.88
N VAL A 41 -15.20 -50.99 -0.82
CA VAL A 41 -14.09 -51.83 -0.38
C VAL A 41 -13.45 -51.21 0.86
N ASN A 42 -12.91 -50.01 0.71
CA ASN A 42 -12.26 -49.28 1.80
C ASN A 42 -11.19 -50.13 2.49
N VAL A 43 -10.42 -50.86 1.67
CA VAL A 43 -9.33 -51.74 2.11
C VAL A 43 -9.88 -52.92 2.89
N PHE A 44 -10.92 -52.70 3.70
CA PHE A 44 -11.49 -53.78 4.50
C PHE A 44 -12.00 -54.93 3.64
N GLN A 45 -12.45 -54.63 2.42
CA GLN A 45 -12.94 -55.63 1.49
C GLN A 45 -11.99 -55.83 0.31
N ARG A 46 -10.68 -55.65 0.55
CA ARG A 46 -9.69 -55.75 -0.51
C ARG A 46 -9.25 -57.19 -0.78
N LYS A 47 -9.80 -58.16 -0.08
CA LYS A 47 -9.51 -59.57 -0.29
C LYS A 47 -8.04 -59.88 0.02
N PHE A 48 -7.13 -59.39 -0.83
CA PHE A 48 -5.70 -59.61 -0.63
C PHE A 48 -5.10 -58.52 0.24
N VAL A 49 -5.70 -58.28 1.41
CA VAL A 49 -5.21 -57.24 2.30
C VAL A 49 -3.86 -57.65 2.90
N ASN A 50 -3.69 -58.93 3.20
CA ASN A 50 -2.44 -59.39 3.79
C ASN A 50 -1.27 -59.23 2.81
N GLU A 51 -1.52 -59.50 1.53
CA GLU A 51 -0.48 -59.28 0.52
C GLU A 51 -0.10 -57.81 0.44
N VAL A 52 -1.09 -56.92 0.51
CA VAL A 52 -0.79 -55.49 0.50
C VAL A 52 0.01 -55.10 1.73
N ARG A 53 -0.33 -55.68 2.89
CA ARG A 53 0.43 -55.38 4.10
C ARG A 53 1.87 -55.86 3.98
N ARG A 54 2.07 -57.05 3.40
CA ARG A 54 3.44 -57.54 3.18
C ARG A 54 4.19 -56.61 2.24
N CYS A 55 3.53 -56.14 1.19
CA CYS A 55 4.17 -55.21 0.26
C CYS A 55 4.53 -53.91 0.96
N GLU A 56 3.65 -53.41 1.83
CA GLU A 56 3.94 -52.18 2.58
C GLU A 56 5.13 -52.38 3.51
N GLU A 57 5.20 -53.53 4.19
CA GLU A 57 6.34 -53.80 5.07
C GLU A 57 7.63 -53.88 4.27
N MET A 58 7.60 -54.54 3.11
CA MET A 58 8.78 -54.61 2.26
C MET A 58 9.18 -53.22 1.77
N ASP A 59 8.20 -52.39 1.43
CA ASP A 59 8.49 -51.03 0.99
C ASP A 59 9.12 -50.21 2.11
N ARG A 60 8.62 -50.35 3.34
CA ARG A 60 9.22 -49.65 4.47
C ARG A 60 10.66 -50.12 4.70
N LYS A 61 10.90 -51.43 4.61
CA LYS A 61 12.25 -51.96 4.77
C LYS A 61 13.17 -51.41 3.69
N LEU A 62 12.69 -51.39 2.44
CA LEU A 62 13.48 -50.85 1.34
C LEU A 62 13.77 -49.37 1.53
N ARG A 63 12.78 -48.61 2.00
CA ARG A 63 12.98 -47.18 2.22
C ARG A 63 14.01 -46.93 3.31
N PHE A 64 13.95 -47.69 4.40
CA PHE A 64 14.95 -47.54 5.46
C PHE A 64 16.34 -47.90 4.96
N VAL A 65 16.45 -49.00 4.19
CA VAL A 65 17.75 -49.41 3.66
C VAL A 65 18.29 -48.34 2.71
N GLU A 66 17.43 -47.79 1.86
CA GLU A 66 17.85 -46.77 0.91
C GLU A 66 18.28 -45.50 1.63
N LYS A 67 17.57 -45.11 2.69
CA LYS A 67 17.97 -43.94 3.46
C LYS A 67 19.32 -44.15 4.11
N GLU A 68 19.54 -45.35 4.68
CA GLU A 68 20.85 -45.65 5.26
C GLU A 68 21.94 -45.63 4.21
N ILE A 69 21.66 -46.17 3.02
CA ILE A 69 22.65 -46.19 1.95
C ILE A 69 22.98 -44.77 1.50
N ARG A 70 21.96 -43.92 1.34
CA ARG A 70 22.21 -42.54 0.94
C ARG A 70 23.00 -41.79 2.00
N LYS A 71 22.72 -42.07 3.27
CA LYS A 71 23.56 -41.53 4.34
C LYS A 71 24.99 -42.04 4.21
N ALA A 72 25.16 -43.28 3.74
CA ALA A 72 26.48 -43.83 3.46
C ALA A 72 27.06 -43.37 2.13
N ASN A 73 26.26 -42.67 1.31
CA ASN A 73 26.70 -42.16 0.01
C ASN A 73 27.20 -43.30 -0.89
N ILE A 74 26.29 -44.23 -1.19
CA ILE A 74 26.58 -45.38 -2.02
C ILE A 74 25.67 -45.30 -3.24
N PRO A 75 26.20 -45.42 -4.46
CA PRO A 75 25.35 -45.32 -5.65
C PRO A 75 24.37 -46.48 -5.76
N ILE A 76 23.30 -46.24 -6.51
CA ILE A 76 22.23 -47.22 -6.69
C ILE A 76 22.20 -47.65 -8.16
N MET A 77 23.38 -47.66 -8.80
CA MET A 77 23.47 -48.06 -10.19
C MET A 77 22.94 -49.49 -10.39
N ASP A 78 21.82 -49.62 -11.09
CA ASP A 78 21.17 -50.91 -11.30
C ASP A 78 20.76 -51.10 -12.75
N THR A 79 21.50 -50.48 -13.67
CA THR A 79 21.18 -50.59 -15.09
C THR A 79 21.35 -52.02 -15.57
N GLY A 80 20.44 -52.46 -16.44
CA GLY A 80 20.50 -53.79 -17.00
C GLY A 80 19.42 -54.71 -16.50
N GLU A 81 18.61 -55.24 -17.43
CA GLU A 81 17.56 -56.22 -17.15
C GLU A 81 16.71 -55.79 -15.94
N ASN A 82 16.36 -54.50 -15.91
CA ASN A 82 15.55 -53.97 -14.81
C ASN A 82 14.19 -54.66 -14.71
N PRO A 83 13.39 -54.80 -15.77
CA PRO A 83 12.14 -55.57 -15.63
C PRO A 83 12.40 -57.07 -15.84
N GLU A 84 13.01 -57.69 -14.84
CA GLU A 84 13.39 -59.10 -14.95
C GLU A 84 12.17 -59.99 -15.13
N VAL A 85 11.30 -60.03 -14.13
CA VAL A 85 10.11 -60.88 -14.14
C VAL A 85 9.21 -60.44 -13.00
N PRO A 86 7.89 -60.40 -13.19
CA PRO A 86 6.99 -60.16 -12.06
C PRO A 86 7.20 -61.20 -10.96
N PHE A 87 7.16 -60.74 -9.73
CA PHE A 87 7.55 -61.57 -8.60
C PHE A 87 6.56 -62.70 -8.37
N PRO A 88 6.98 -63.95 -8.39
CA PRO A 88 6.09 -65.05 -7.99
C PRO A 88 5.88 -65.06 -6.49
N ARG A 89 4.79 -65.71 -6.08
CA ARG A 89 4.43 -65.72 -4.66
C ARG A 89 5.49 -66.43 -3.82
N ASP A 90 6.02 -67.54 -4.32
CA ASP A 90 6.93 -68.36 -3.52
C ASP A 90 8.26 -67.66 -3.27
N MET A 91 8.85 -67.06 -4.31
CA MET A 91 10.13 -66.38 -4.16
C MET A 91 10.05 -65.12 -3.31
N ILE A 92 8.84 -64.63 -3.05
CA ILE A 92 8.66 -63.47 -2.19
C ILE A 92 9.17 -63.77 -0.79
N ASP A 93 8.96 -65.00 -0.32
CA ASP A 93 9.45 -65.39 1.01
C ASP A 93 10.97 -65.34 1.07
N LEU A 94 11.65 -65.84 0.03
CA LEU A 94 13.11 -65.81 0.02
C LEU A 94 13.63 -64.37 -0.07
N GLU A 95 12.98 -63.54 -0.88
CA GLU A 95 13.38 -62.13 -0.95
C GLU A 95 13.20 -61.44 0.39
N ALA A 96 12.09 -61.74 1.08
CA ALA A 96 11.86 -61.18 2.41
C ALA A 96 12.89 -61.69 3.42
N ASN A 97 13.32 -62.95 3.29
CA ASN A 97 14.36 -63.46 4.18
C ASN A 97 15.68 -62.72 3.96
N PHE A 98 16.04 -62.48 2.70
CA PHE A 98 17.25 -61.70 2.42
C PHE A 98 17.13 -60.29 2.98
N GLU A 99 15.95 -59.67 2.81
CA GLU A 99 15.73 -58.34 3.37
C GLU A 99 15.79 -58.36 4.91
N LYS A 100 15.36 -59.46 5.52
CA LYS A 100 15.43 -59.58 6.98
C LYS A 100 16.88 -59.70 7.44
N ILE A 101 17.72 -60.41 6.67
CA ILE A 101 19.15 -60.44 6.98
C ILE A 101 19.74 -59.05 6.88
N GLU A 102 19.36 -58.31 5.83
CA GLU A 102 19.82 -56.93 5.71
C GLU A 102 19.37 -56.08 6.88
N ASN A 103 18.12 -56.29 7.34
CA ASN A 103 17.62 -55.54 8.50
C ASN A 103 18.35 -55.92 9.78
N GLU A 104 18.74 -57.19 9.92
CA GLU A 104 19.56 -57.58 11.07
C GLU A 104 20.91 -56.87 11.04
N LEU A 105 21.52 -56.78 9.87
CA LEU A 105 22.76 -56.01 9.75
C LEU A 105 22.52 -54.55 10.11
N LYS A 106 21.39 -53.98 9.68
CA LYS A 106 21.06 -52.60 10.02
C LYS A 106 20.88 -52.43 11.52
N GLU A 107 20.27 -53.41 12.19
CA GLU A 107 20.10 -53.34 13.64
C GLU A 107 21.45 -53.40 14.35
N ILE A 108 22.36 -54.25 13.86
CA ILE A 108 23.72 -54.24 14.40
C ILE A 108 24.37 -52.88 14.21
N ASN A 109 24.13 -52.25 13.05
CA ASN A 109 24.65 -50.91 12.82
C ASN A 109 24.06 -49.90 13.80
N THR A 110 22.77 -50.04 14.12
CA THR A 110 22.16 -49.13 15.09
C THR A 110 22.75 -49.31 16.48
N ASN A 111 23.01 -50.56 16.87
CA ASN A 111 23.70 -50.79 18.14
C ASN A 111 25.09 -50.15 18.13
N GLN A 112 25.79 -50.27 17.00
CA GLN A 112 27.07 -49.60 16.84
C GLN A 112 26.92 -48.08 16.98
N GLU A 113 25.84 -47.52 16.44
CA GLU A 113 25.60 -46.09 16.55
C GLU A 113 25.36 -45.68 18.00
N ALA A 114 24.65 -46.51 18.77
CA ALA A 114 24.48 -46.23 20.19
C ALA A 114 25.82 -46.25 20.91
N LEU A 115 26.67 -47.23 20.61
CA LEU A 115 28.01 -47.26 21.20
C LEU A 115 28.80 -46.03 20.79
N LYS A 116 28.63 -45.57 19.56
CA LYS A 116 29.29 -44.35 19.09
C LYS A 116 28.80 -43.13 19.85
N ARG A 117 27.51 -43.09 20.18
CA ARG A 117 26.98 -42.01 21.01
C ARG A 117 27.62 -42.02 22.39
N ASN A 118 27.78 -43.20 22.97
CA ASN A 118 28.49 -43.30 24.25
C ASN A 118 29.93 -42.81 24.13
N PHE A 119 30.60 -43.20 23.04
CA PHE A 119 31.97 -42.74 22.82
C PHE A 119 32.04 -41.23 22.61
N LEU A 120 31.00 -40.64 22.00
CA LEU A 120 30.98 -39.20 21.82
C LEU A 120 30.76 -38.48 23.14
N GLU A 121 29.96 -39.07 24.02
CA GLU A 121 29.87 -38.54 25.39
C GLU A 121 31.22 -38.60 26.08
N LEU A 122 31.95 -39.70 25.89
CA LEU A 122 33.31 -39.81 26.44
C LEU A 122 34.21 -38.73 25.85
N THR A 123 34.07 -38.44 24.56
CA THR A 123 34.89 -37.42 23.92
C THR A 123 34.55 -36.03 24.47
N GLU A 124 33.28 -35.76 24.73
CA GLU A 124 32.90 -34.50 25.35
C GLU A 124 33.51 -34.38 26.74
N LEU A 125 33.50 -35.49 27.50
CA LEU A 125 34.19 -35.50 28.79
C LEU A 125 35.68 -35.22 28.62
N LYS A 126 36.28 -35.78 27.58
CA LYS A 126 37.70 -35.54 27.30
C LYS A 126 37.97 -34.06 27.00
N PHE A 127 37.07 -33.43 26.25
CA PHE A 127 37.24 -32.01 25.96
C PHE A 127 37.10 -31.16 27.22
N ILE A 128 36.14 -31.50 28.09
CA ILE A 128 36.01 -30.78 29.35
C ILE A 128 37.26 -30.98 30.20
N LEU A 129 37.87 -32.17 30.12
CA LEU A 129 39.14 -32.40 30.81
C LEU A 129 40.26 -31.55 30.22
N ARG A 130 40.29 -31.41 28.89
CA ARG A 130 41.27 -30.53 28.25
C ARG A 130 41.12 -29.11 28.78
N LYS A 131 39.88 -28.66 28.97
CA LYS A 131 39.65 -27.36 29.59
C LYS A 131 40.16 -27.32 31.03
N THR A 132 39.98 -28.42 31.76
CA THR A 132 40.46 -28.45 33.16
C THR A 132 41.97 -28.35 33.25
N GLN A 133 42.70 -28.91 32.28
CA GLN A 133 44.16 -28.71 32.26
C GLN A 133 44.54 -27.23 32.22
N GLN A 134 43.80 -26.39 31.50
CA GLN A 134 44.11 -24.96 31.50
C GLN A 134 43.51 -24.22 32.69
N PHE A 135 42.46 -24.76 33.31
CA PHE A 135 41.85 -24.07 34.45
C PHE A 135 42.77 -24.02 35.67
N PHE A 136 43.82 -24.84 35.72
CA PHE A 136 44.76 -24.76 36.83
C PHE A 136 45.46 -23.41 36.86
N ASP A 137 45.68 -22.79 35.69
CA ASP A 137 46.20 -21.44 35.66
C ASP A 137 45.22 -20.45 36.29
N GLU A 138 43.92 -20.65 36.04
CA GLU A 138 42.92 -19.78 36.65
C GLU A 138 42.83 -20.01 38.15
N MET A 139 43.11 -21.22 38.63
CA MET A 139 43.09 -21.47 40.06
C MET A 139 44.12 -20.62 40.80
N ALA A 140 45.32 -20.49 40.24
CA ALA A 140 46.40 -19.69 40.82
C ALA A 140 46.70 -20.11 42.25
N ARG A 164 35.13 -20.74 49.11
CA ARG A 164 34.45 -21.99 48.76
C ARG A 164 33.80 -21.90 47.38
N LEU A 165 34.56 -21.38 46.41
CA LEU A 165 34.05 -21.22 45.05
C LEU A 165 33.78 -22.60 44.45
N GLY A 166 32.50 -22.94 44.30
CA GLY A 166 32.14 -24.23 43.76
C GLY A 166 32.49 -24.38 42.29
N PHE A 167 33.50 -25.19 42.01
CA PHE A 167 33.98 -25.40 40.65
C PHE A 167 33.05 -26.38 39.95
N VAL A 168 32.20 -25.87 39.06
CA VAL A 168 31.29 -26.70 38.28
C VAL A 168 31.55 -26.44 36.80
N ALA A 169 31.85 -27.49 36.06
CA ALA A 169 31.98 -27.43 34.61
C ALA A 169 30.85 -28.24 34.00
N GLY A 170 30.32 -27.75 32.89
CA GLY A 170 29.19 -28.41 32.25
C GLY A 170 29.20 -28.21 30.75
N VAL A 171 28.57 -29.15 30.05
CA VAL A 171 28.39 -29.10 28.62
C VAL A 171 26.95 -28.69 28.35
N ILE A 172 26.76 -27.66 27.53
CA ILE A 172 25.43 -27.10 27.29
C ILE A 172 25.36 -26.60 25.85
N ASN A 173 24.16 -26.69 25.27
CA ASN A 173 23.96 -26.21 23.91
C ASN A 173 24.21 -24.72 23.83
N ARG A 174 24.83 -24.29 22.73
CA ARG A 174 25.14 -22.87 22.54
C ARG A 174 23.88 -22.01 22.48
N GLU A 175 22.74 -22.58 22.08
CA GLU A 175 21.50 -21.83 22.02
C GLU A 175 20.98 -21.47 23.41
N ARG A 176 21.27 -22.28 24.42
CA ARG A 176 20.79 -22.02 25.78
C ARG A 176 21.71 -21.08 26.56
N ILE A 177 22.85 -20.69 25.97
CA ILE A 177 23.77 -19.80 26.69
C ILE A 177 23.14 -18.46 27.03
N PRO A 178 22.48 -17.75 26.12
CA PRO A 178 21.97 -16.41 26.48
C PRO A 178 20.96 -16.43 27.63
N THR A 179 19.90 -17.24 27.51
CA THR A 179 18.90 -17.29 28.56
C THR A 179 19.50 -17.73 29.89
N PHE A 180 20.43 -18.69 29.86
CA PHE A 180 21.16 -19.06 31.06
C PHE A 180 21.70 -17.82 31.77
N GLU A 181 22.31 -16.91 31.01
CA GLU A 181 22.86 -15.69 31.59
C GLU A 181 21.80 -14.90 32.32
N ARG A 182 20.62 -14.75 31.72
CA ARG A 182 19.57 -13.98 32.40
C ARG A 182 18.86 -14.80 33.46
N MET A 183 19.08 -16.12 33.49
CA MET A 183 18.43 -16.97 34.48
C MET A 183 19.36 -17.38 35.61
N LEU A 184 20.64 -16.98 35.57
CA LEU A 184 21.61 -17.34 36.59
C LEU A 184 22.08 -16.16 37.41
N TRP A 185 22.31 -15.01 36.77
CA TRP A 185 22.80 -13.84 37.51
C TRP A 185 21.72 -13.23 38.40
N ARG A 186 20.47 -13.25 37.96
CA ARG A 186 19.42 -12.55 38.68
C ARG A 186 19.14 -13.19 40.04
N VAL A 187 19.15 -14.53 40.10
CA VAL A 187 18.92 -15.20 41.38
C VAL A 187 20.09 -14.94 42.33
N CYS A 188 21.32 -14.95 41.80
CA CYS A 188 22.51 -14.63 42.57
C CYS A 188 22.63 -15.47 43.83
N ARG A 189 22.38 -14.83 44.99
CA ARG A 189 22.51 -15.49 46.30
C ARG A 189 23.89 -16.08 46.49
N GLY A 190 24.91 -15.34 46.05
CA GLY A 190 26.28 -15.82 46.12
C GLY A 190 27.08 -15.42 44.90
N ASN A 191 26.43 -14.76 43.95
CA ASN A 191 27.03 -14.24 42.73
C ASN A 191 27.49 -15.36 41.79
N VAL A 192 27.58 -15.06 40.51
CA VAL A 192 27.98 -16.02 39.49
C VAL A 192 29.20 -15.47 38.76
N PHE A 193 30.26 -16.26 38.70
CA PHE A 193 31.50 -15.92 38.00
C PHE A 193 31.68 -16.95 36.89
N LEU A 194 31.10 -16.68 35.73
CA LEU A 194 31.10 -17.60 34.60
C LEU A 194 32.27 -17.25 33.68
N ARG A 195 33.35 -18.01 33.78
CA ARG A 195 34.51 -17.89 32.91
C ARG A 195 34.65 -19.19 32.14
N GLN A 196 34.55 -19.11 30.82
CA GLN A 196 34.52 -20.31 29.99
C GLN A 196 34.81 -19.95 28.54
N ALA A 197 35.07 -21.00 27.75
CA ALA A 197 35.22 -20.86 26.31
C ALA A 197 34.28 -21.81 25.59
N GLU A 198 34.40 -21.94 24.28
CA GLU A 198 33.53 -22.80 23.50
C GLU A 198 34.37 -23.73 22.64
N ILE A 199 33.75 -24.85 22.24
CA ILE A 199 34.44 -25.81 21.39
C ILE A 199 34.74 -25.18 20.04
N GLU A 200 35.94 -25.45 19.52
CA GLU A 200 36.40 -24.80 18.30
C GLU A 200 35.56 -25.17 17.07
N ASN A 201 34.84 -26.28 17.12
CA ASN A 201 34.00 -26.69 16.00
C ASN A 201 32.62 -27.05 16.48
N PRO A 202 31.60 -26.92 15.61
CA PRO A 202 30.25 -27.34 16.00
C PRO A 202 30.14 -28.85 16.08
N LEU A 203 30.56 -29.43 17.20
CA LEU A 203 30.58 -30.87 17.38
C LEU A 203 29.22 -31.49 17.12
N GLU A 204 29.14 -32.34 16.10
CA GLU A 204 27.90 -32.99 15.74
C GLU A 204 27.56 -34.06 16.77
N ASP A 205 26.39 -33.96 17.38
CA ASP A 205 25.97 -34.94 18.37
C ASP A 205 25.39 -36.16 17.67
N PRO A 206 26.00 -37.34 17.80
CA PRO A 206 25.47 -38.53 17.13
C PRO A 206 24.10 -38.95 17.61
N VAL A 207 23.72 -38.61 18.85
CA VAL A 207 22.39 -38.93 19.33
C VAL A 207 21.34 -38.21 18.49
N THR A 208 21.58 -36.94 18.18
CA THR A 208 20.68 -36.18 17.33
C THR A 208 21.06 -36.28 15.85
N GLY A 209 22.34 -36.43 15.56
CA GLY A 209 22.81 -36.57 14.18
C GLY A 209 23.09 -35.27 13.46
N ASP A 210 22.77 -34.13 14.06
CA ASP A 210 22.98 -32.83 13.43
C ASP A 210 24.24 -32.17 13.99
N TYR A 211 24.78 -31.24 13.20
CA TYR A 211 25.98 -30.49 13.60
C TYR A 211 25.57 -29.43 14.63
N VAL A 212 25.17 -29.91 15.80
CA VAL A 212 24.71 -29.03 16.87
C VAL A 212 25.88 -28.22 17.41
N HIS A 213 25.60 -26.98 17.79
CA HIS A 213 26.60 -26.08 18.34
C HIS A 213 26.56 -26.17 19.86
N LYS A 214 27.67 -26.57 20.45
CA LYS A 214 27.78 -26.83 21.88
C LYS A 214 28.80 -25.89 22.50
N SER A 215 28.83 -25.87 23.83
CA SER A 215 29.79 -25.07 24.56
C SER A 215 30.00 -25.68 25.94
N VAL A 216 31.10 -25.30 26.57
CA VAL A 216 31.46 -25.76 27.91
C VAL A 216 31.48 -24.55 28.82
N PHE A 217 30.58 -24.52 29.79
CA PHE A 217 30.45 -23.40 30.72
C PHE A 217 30.97 -23.81 32.09
N ILE A 218 31.78 -22.95 32.70
CA ILE A 218 32.46 -23.23 33.96
C ILE A 218 32.17 -22.09 34.91
N ILE A 219 31.82 -22.43 36.16
CA ILE A 219 31.39 -21.44 37.14
C ILE A 219 32.02 -21.78 38.48
N PHE A 220 32.35 -20.74 39.26
CA PHE A 220 32.98 -20.88 40.57
C PHE A 220 32.09 -20.24 41.63
N PHE A 221 30.80 -20.57 41.62
CA PHE A 221 29.81 -19.81 42.37
C PHE A 221 30.03 -19.82 43.87
N GLN A 222 29.86 -20.98 44.53
CA GLN A 222 29.89 -21.08 45.98
C GLN A 222 29.71 -22.53 46.41
N GLY A 223 29.69 -22.79 47.71
CA GLY A 223 29.64 -24.14 48.24
C GLY A 223 28.30 -24.84 48.18
N ASP A 224 27.97 -25.58 49.24
CA ASP A 224 26.97 -26.65 49.16
C ASP A 224 25.58 -26.13 48.78
N GLN A 225 25.14 -25.02 49.38
CA GLN A 225 23.80 -24.51 49.09
C GLN A 225 23.69 -24.06 47.63
N LEU A 226 24.66 -23.27 47.17
CA LEU A 226 24.68 -22.92 45.77
C LEU A 226 25.03 -24.10 44.88
N LYS A 227 25.70 -25.13 45.42
CA LYS A 227 25.89 -26.36 44.67
C LYS A 227 24.55 -27.01 44.36
N ASN A 228 23.67 -27.08 45.36
CA ASN A 228 22.33 -27.61 45.14
C ASN A 228 21.53 -26.73 44.19
N ARG A 229 21.66 -25.42 44.33
CA ARG A 229 20.97 -24.51 43.41
C ARG A 229 21.42 -24.72 41.98
N VAL A 230 22.73 -24.85 41.76
CA VAL A 230 23.26 -25.07 40.42
C VAL A 230 22.83 -26.44 39.90
N LYS A 231 22.80 -27.45 40.78
CA LYS A 231 22.38 -28.77 40.33
C LYS A 231 20.91 -28.77 39.91
N LYS A 232 20.05 -28.06 40.63
CA LYS A 232 18.65 -28.00 40.22
C LYS A 232 18.47 -27.16 38.96
N ILE A 233 19.29 -26.12 38.79
CA ILE A 233 19.25 -25.34 37.56
C ILE A 233 19.64 -26.21 36.37
N CYS A 234 20.70 -27.00 36.53
CA CYS A 234 21.12 -27.90 35.45
C CYS A 234 20.09 -28.99 35.19
N GLU A 235 19.45 -29.50 36.26
CA GLU A 235 18.40 -30.50 36.08
C GLU A 235 17.24 -29.93 35.26
N GLY A 236 16.84 -28.69 35.56
CA GLY A 236 15.79 -28.06 34.79
C GLY A 236 16.22 -27.63 33.39
N PHE A 237 17.53 -27.43 33.17
CA PHE A 237 18.03 -26.87 31.94
C PHE A 237 18.84 -27.88 31.11
N ARG A 238 18.86 -29.15 31.52
CA ARG A 238 19.48 -30.26 30.78
C ARG A 238 21.00 -30.14 30.71
N ALA A 239 21.60 -29.11 31.29
CA ALA A 239 23.05 -28.94 31.23
C ALA A 239 23.75 -30.15 31.85
N SER A 240 24.72 -30.69 31.13
CA SER A 240 25.41 -31.92 31.55
C SER A 240 26.62 -31.52 32.39
N LEU A 241 26.48 -31.54 33.71
CA LEU A 241 27.56 -31.16 34.61
C LEU A 241 28.48 -32.36 34.85
N TYR A 242 29.77 -32.08 34.92
CA TYR A 242 30.77 -33.10 35.24
C TYR A 242 31.59 -32.63 36.44
N PRO A 243 31.60 -33.37 37.55
CA PRO A 243 32.39 -32.99 38.73
C PRO A 243 33.89 -33.25 38.53
N CYS A 244 34.56 -32.30 37.90
CA CYS A 244 35.98 -32.43 37.62
C CYS A 244 36.76 -32.46 38.92
N PRO A 245 37.65 -33.43 39.13
CA PRO A 245 38.42 -33.49 40.37
C PRO A 245 39.51 -32.42 40.40
N GLU A 246 40.11 -32.27 41.58
CA GLU A 246 41.13 -31.26 41.79
C GLU A 246 42.54 -31.76 41.49
N THR A 247 42.82 -33.04 41.73
CA THR A 247 44.13 -33.58 41.44
C THR A 247 44.36 -33.59 39.93
N PRO A 248 45.56 -33.22 39.47
CA PRO A 248 45.79 -33.03 38.03
C PRO A 248 46.22 -34.27 37.27
N GLN A 249 46.44 -35.41 37.93
CA GLN A 249 46.97 -36.58 37.25
C GLN A 249 45.89 -37.45 36.62
N GLU A 250 44.91 -37.90 37.42
CA GLU A 250 43.95 -38.89 36.94
C GLU A 250 43.19 -38.40 35.72
N ARG A 251 43.04 -37.08 35.57
CA ARG A 251 42.38 -36.55 34.38
C ARG A 251 43.13 -36.95 33.11
N LYS A 252 44.46 -36.83 33.14
CA LYS A 252 45.26 -37.16 31.96
C LYS A 252 45.10 -38.63 31.58
N GLU A 253 45.21 -39.53 32.56
CA GLU A 253 45.13 -40.95 32.24
C GLU A 253 43.73 -41.36 31.79
N MET A 254 42.67 -40.86 32.43
CA MET A 254 41.36 -41.29 31.94
C MET A 254 41.03 -40.64 30.60
N ALA A 255 41.53 -39.43 30.34
CA ALA A 255 41.34 -38.84 29.02
C ALA A 255 42.05 -39.65 27.95
N SER A 256 43.29 -40.07 28.22
CA SER A 256 44.01 -40.92 27.26
C SER A 256 43.30 -42.25 27.06
N GLY A 257 42.81 -42.84 28.14
CA GLY A 257 42.11 -44.12 28.02
C GLY A 257 40.84 -44.00 27.19
N VAL A 258 40.02 -42.98 27.46
CA VAL A 258 38.79 -42.81 26.70
C VAL A 258 39.10 -42.46 25.25
N ASN A 259 40.18 -41.71 24.99
CA ASN A 259 40.56 -41.43 23.61
C ASN A 259 40.97 -42.69 22.89
N THR A 260 41.75 -43.57 23.55
CA THR A 260 42.13 -44.83 22.92
C THR A 260 40.91 -45.69 22.64
N ARG A 261 39.99 -45.78 23.61
CA ARG A 261 38.77 -46.54 23.39
C ARG A 261 37.97 -45.94 22.23
N ILE A 262 37.88 -44.61 22.17
CA ILE A 262 37.11 -43.96 21.12
C ILE A 262 37.68 -44.27 19.75
N ASP A 263 39.01 -44.16 19.60
CA ASP A 263 39.59 -44.40 18.29
C ASP A 263 39.50 -45.86 17.90
N ASP A 264 39.75 -46.79 18.84
CA ASP A 264 39.65 -48.21 18.52
C ASP A 264 38.23 -48.59 18.14
N LEU A 265 37.24 -48.14 18.91
CA LEU A 265 35.86 -48.46 18.60
C LEU A 265 35.41 -47.78 17.32
N GLN A 266 35.89 -46.57 17.05
CA GLN A 266 35.57 -45.90 15.80
C GLN A 266 36.12 -46.68 14.62
N MET A 267 37.35 -47.19 14.73
CA MET A 267 37.90 -48.02 13.68
C MET A 267 37.09 -49.29 13.47
N VAL A 268 36.68 -49.93 14.57
CA VAL A 268 35.89 -51.16 14.46
C VAL A 268 34.55 -50.88 13.78
N LEU A 269 33.87 -49.81 14.21
CA LEU A 269 32.57 -49.47 13.63
C LEU A 269 32.73 -49.07 12.17
N ASN A 270 33.79 -48.33 11.84
CA ASN A 270 34.04 -47.96 10.45
C ASN A 270 34.27 -49.19 9.60
N GLN A 271 35.02 -50.17 10.10
CA GLN A 271 35.23 -51.41 9.35
C GLN A 271 33.92 -52.17 9.15
N THR A 272 33.10 -52.25 10.20
CA THR A 272 31.83 -52.97 10.08
C THR A 272 30.90 -52.29 9.09
N GLU A 273 30.78 -50.96 9.17
CA GLU A 273 29.91 -50.25 8.23
C GLU A 273 30.51 -50.24 6.84
N ASP A 274 31.84 -50.34 6.71
CA ASP A 274 32.45 -50.45 5.39
C ASP A 274 32.13 -51.80 4.77
N HIS A 275 32.12 -52.87 5.57
CA HIS A 275 31.66 -54.16 5.07
C HIS A 275 30.19 -54.08 4.67
N ARG A 276 29.38 -53.39 5.49
CA ARG A 276 27.96 -53.23 5.16
C ARG A 276 27.78 -52.50 3.84
N GLN A 277 28.55 -51.43 3.62
CA GLN A 277 28.46 -50.68 2.36
C GLN A 277 29.04 -51.47 1.19
N ARG A 278 30.06 -52.29 1.43
CA ARG A 278 30.58 -53.15 0.38
C ARG A 278 29.52 -54.14 -0.09
N VAL A 279 28.79 -54.72 0.86
CA VAL A 279 27.63 -55.54 0.49
C VAL A 279 26.57 -54.69 -0.19
N LEU A 280 26.38 -53.46 0.30
CA LEU A 280 25.38 -52.57 -0.27
C LEU A 280 25.70 -52.16 -1.69
N GLN A 281 26.96 -52.28 -2.13
CA GLN A 281 27.29 -52.00 -3.51
C GLN A 281 26.45 -52.84 -4.47
N ALA A 282 26.43 -54.16 -4.26
CA ALA A 282 25.54 -55.02 -5.03
C ALA A 282 24.11 -54.97 -4.52
N ALA A 283 23.92 -54.75 -3.22
CA ALA A 283 22.59 -54.69 -2.66
C ALA A 283 21.79 -53.51 -3.18
N ALA A 284 22.44 -52.49 -3.74
CA ALA A 284 21.71 -51.39 -4.35
C ALA A 284 20.92 -51.87 -5.56
N LYS A 285 21.59 -52.58 -6.47
CA LYS A 285 20.88 -53.19 -7.59
C LYS A 285 19.91 -54.26 -7.11
N ASN A 286 20.29 -55.00 -6.06
CA ASN A 286 19.41 -56.03 -5.52
C ASN A 286 18.10 -55.44 -5.03
N ILE A 287 18.17 -54.37 -4.24
CA ILE A 287 16.96 -53.73 -3.73
C ILE A 287 16.24 -52.93 -4.80
N ARG A 288 16.94 -52.48 -5.85
CA ARG A 288 16.24 -51.88 -6.98
C ARG A 288 15.36 -52.92 -7.68
N VAL A 289 15.93 -54.11 -7.93
CA VAL A 289 15.15 -55.19 -8.53
C VAL A 289 14.01 -55.59 -7.61
N TRP A 290 14.28 -55.65 -6.31
CA TRP A 290 13.24 -55.95 -5.33
C TRP A 290 12.15 -54.88 -5.34
N PHE A 291 12.54 -53.62 -5.55
CA PHE A 291 11.57 -52.53 -5.62
C PHE A 291 10.67 -52.69 -6.83
N ILE A 292 11.25 -53.02 -7.99
CA ILE A 292 10.43 -53.25 -9.17
C ILE A 292 9.49 -54.44 -8.94
N LYS A 293 10.01 -55.51 -8.33
CA LYS A 293 9.18 -56.69 -8.08
C LYS A 293 8.03 -56.37 -7.13
N VAL A 294 8.32 -55.65 -6.04
CA VAL A 294 7.29 -55.34 -5.06
C VAL A 294 6.29 -54.35 -5.62
N ARG A 295 6.74 -53.40 -6.45
CA ARG A 295 5.81 -52.48 -7.09
C ARG A 295 4.89 -53.21 -8.06
N LYS A 296 5.44 -54.16 -8.82
CA LYS A 296 4.60 -54.96 -9.72
C LYS A 296 3.59 -55.78 -8.93
N MET A 297 4.02 -56.38 -7.82
CA MET A 297 3.10 -57.15 -6.99
C MET A 297 2.01 -56.25 -6.40
N LYS A 298 2.39 -55.06 -5.94
CA LYS A 298 1.42 -54.13 -5.38
C LYS A 298 0.41 -53.70 -6.42
N ALA A 299 0.87 -53.40 -7.64
CA ALA A 299 -0.04 -53.04 -8.71
C ALA A 299 -0.97 -54.19 -9.06
N ILE A 300 -0.44 -55.41 -9.09
CA ILE A 300 -1.26 -56.58 -9.41
C ILE A 300 -2.35 -56.75 -8.36
N TYR A 301 -1.98 -56.65 -7.08
CA TYR A 301 -2.97 -56.83 -6.02
C TYR A 301 -3.96 -55.68 -5.97
N HIS A 302 -3.52 -54.46 -6.28
CA HIS A 302 -4.46 -53.35 -6.39
C HIS A 302 -5.48 -53.60 -7.49
N THR A 303 -5.02 -54.08 -8.64
CA THR A 303 -5.95 -54.39 -9.74
C THR A 303 -6.90 -55.52 -9.34
N LEU A 304 -6.39 -56.54 -8.65
CA LEU A 304 -7.26 -57.62 -8.19
C LEU A 304 -8.31 -57.10 -7.22
N ASN A 305 -7.93 -56.17 -6.34
CA ASN A 305 -8.90 -55.53 -5.48
C ASN A 305 -9.94 -54.77 -6.30
N LEU A 306 -9.49 -54.05 -7.33
CA LEU A 306 -10.43 -53.41 -8.25
C LEU A 306 -11.26 -54.44 -9.00
N CYS A 307 -10.68 -55.59 -9.30
CA CYS A 307 -11.40 -56.65 -9.98
C CYS A 307 -12.43 -57.28 -9.05
N ASN A 308 -13.36 -58.02 -9.65
CA ASN A 308 -14.45 -58.66 -8.92
C ASN A 308 -14.30 -60.18 -8.97
N ILE A 309 -14.80 -60.84 -7.94
CA ILE A 309 -14.74 -62.29 -7.80
C ILE A 309 -16.15 -62.84 -7.81
N ASP A 310 -16.41 -63.81 -8.69
CA ASP A 310 -17.72 -64.44 -8.77
C ASP A 310 -17.78 -65.67 -7.86
N VAL A 311 -19.00 -66.02 -7.47
CA VAL A 311 -19.21 -67.19 -6.63
C VAL A 311 -19.55 -68.45 -7.43
N THR A 312 -19.98 -68.31 -8.69
CA THR A 312 -20.27 -69.47 -9.50
C THR A 312 -19.02 -70.30 -9.76
N GLN A 313 -17.91 -69.64 -10.05
CA GLN A 313 -16.65 -70.32 -10.32
C GLN A 313 -15.52 -69.69 -9.52
N LYS A 314 -14.28 -70.12 -9.79
CA LYS A 314 -13.09 -69.47 -9.25
C LYS A 314 -12.58 -68.36 -10.14
N CYS A 315 -13.33 -68.03 -11.21
CA CYS A 315 -12.92 -67.03 -12.17
C CYS A 315 -13.08 -65.62 -11.60
N LEU A 316 -12.45 -64.66 -12.27
CA LEU A 316 -12.56 -63.25 -11.92
C LEU A 316 -12.93 -62.46 -13.16
N ILE A 317 -13.79 -61.45 -12.98
CA ILE A 317 -14.23 -60.58 -14.06
C ILE A 317 -13.69 -59.19 -13.77
N ALA A 318 -12.93 -58.63 -14.71
CA ALA A 318 -12.34 -57.31 -14.53
C ALA A 318 -12.73 -56.41 -15.69
N GLU A 319 -13.17 -55.20 -15.37
CA GLU A 319 -13.48 -54.22 -16.41
C GLU A 319 -12.20 -53.60 -16.93
N VAL A 320 -12.02 -53.62 -18.24
CA VAL A 320 -10.77 -53.26 -18.89
C VAL A 320 -11.02 -52.18 -19.91
N TRP A 321 -10.21 -51.13 -19.88
CA TRP A 321 -10.22 -50.07 -20.88
C TRP A 321 -9.00 -50.27 -21.77
N CYS A 322 -9.22 -50.81 -22.96
CA CYS A 322 -8.14 -51.12 -23.89
C CYS A 322 -8.46 -50.59 -25.28
N PRO A 323 -7.44 -50.21 -26.04
CA PRO A 323 -7.68 -49.70 -27.39
C PRO A 323 -8.13 -50.81 -28.33
N VAL A 324 -8.85 -50.39 -29.38
CA VAL A 324 -9.32 -51.35 -30.37
C VAL A 324 -8.16 -51.98 -31.11
N THR A 325 -7.12 -51.19 -31.41
CA THR A 325 -5.96 -51.71 -32.13
C THR A 325 -5.23 -52.77 -31.33
N ASP A 326 -5.09 -52.56 -30.02
CA ASP A 326 -4.34 -53.46 -29.16
C ASP A 326 -5.14 -54.68 -28.72
N LEU A 327 -6.42 -54.77 -29.09
CA LEU A 327 -7.26 -55.87 -28.65
C LEU A 327 -6.62 -57.22 -28.96
N ASP A 328 -6.09 -57.37 -30.18
CA ASP A 328 -5.42 -58.61 -30.55
C ASP A 328 -4.29 -58.93 -29.60
N SER A 329 -3.46 -57.92 -29.29
CA SER A 329 -2.39 -58.13 -28.31
C SER A 329 -2.97 -58.55 -26.96
N ILE A 330 -4.11 -57.97 -26.58
CA ILE A 330 -4.79 -58.40 -25.37
C ILE A 330 -5.10 -59.88 -25.45
N GLN A 331 -5.66 -60.31 -26.59
CA GLN A 331 -5.90 -61.74 -26.80
C GLN A 331 -4.61 -62.54 -26.70
N PHE A 332 -3.51 -61.96 -27.18
CA PHE A 332 -2.22 -62.64 -27.06
C PHE A 332 -1.87 -62.89 -25.60
N ALA A 333 -2.21 -61.94 -24.72
CA ALA A 333 -2.03 -62.18 -23.30
C ALA A 333 -2.83 -63.40 -22.85
N LEU A 334 -4.08 -63.49 -23.29
CA LEU A 334 -4.86 -64.69 -23.04
C LEU A 334 -4.20 -65.92 -23.65
N ARG A 335 -3.54 -65.75 -24.80
CA ARG A 335 -2.80 -66.86 -25.39
C ARG A 335 -1.70 -67.33 -24.44
N ARG A 336 -1.06 -66.40 -23.73
CA ARG A 336 -0.13 -66.81 -22.68
C ARG A 336 -0.88 -67.50 -21.54
N GLY A 337 -2.05 -66.99 -21.20
CA GLY A 337 -2.83 -67.61 -20.14
C GLY A 337 -3.26 -69.03 -20.48
N THR A 338 -3.78 -69.22 -21.69
CA THR A 338 -4.26 -70.54 -22.10
C THR A 338 -3.14 -71.55 -22.30
N GLU A 339 -1.87 -71.11 -22.29
CA GLU A 339 -0.75 -72.00 -22.54
C GLU A 339 -0.23 -72.65 -21.26
N HIS A 340 0.19 -71.83 -20.29
CA HIS A 340 0.84 -72.34 -19.09
C HIS A 340 -0.11 -72.43 -17.90
N SER A 341 -0.71 -71.31 -17.51
CA SER A 341 -1.56 -71.24 -16.32
C SER A 341 -3.01 -71.25 -16.77
N GLY A 342 -3.61 -72.43 -16.78
CA GLY A 342 -5.01 -72.58 -17.15
C GLY A 342 -5.23 -72.53 -18.64
N SER A 343 -6.51 -72.64 -19.02
CA SER A 343 -6.89 -72.60 -20.44
C SER A 343 -8.19 -71.85 -20.68
N THR A 344 -8.79 -71.24 -19.66
CA THR A 344 -10.12 -70.65 -19.74
C THR A 344 -10.11 -69.20 -19.30
N VAL A 345 -9.21 -68.41 -19.87
CA VAL A 345 -9.10 -66.99 -19.52
C VAL A 345 -9.28 -66.16 -20.78
N PRO A 346 -10.52 -65.95 -21.24
CA PRO A 346 -10.75 -65.09 -22.41
C PRO A 346 -11.02 -63.65 -22.05
N SER A 347 -11.28 -62.81 -23.07
CA SER A 347 -11.69 -61.43 -22.89
C SER A 347 -12.73 -61.10 -23.95
N ILE A 348 -13.77 -60.37 -23.55
CA ILE A 348 -14.91 -60.10 -24.42
C ILE A 348 -15.19 -58.60 -24.43
N LEU A 349 -15.32 -58.02 -25.62
CA LEU A 349 -15.65 -56.61 -25.74
C LEU A 349 -17.03 -56.35 -25.16
N ASN A 350 -17.11 -55.45 -24.18
CA ASN A 350 -18.37 -55.11 -23.52
C ASN A 350 -18.88 -53.81 -24.14
N ARG A 351 -19.82 -53.94 -25.07
CA ARG A 351 -20.35 -52.79 -25.81
C ARG A 351 -21.71 -52.39 -25.23
N MET A 352 -21.66 -51.67 -24.11
CA MET A 352 -22.84 -51.01 -23.55
C MET A 352 -22.64 -49.49 -23.59
N GLN A 353 -23.69 -48.77 -23.19
CA GLN A 353 -23.71 -47.33 -23.26
C GLN A 353 -23.80 -46.64 -21.91
N THR A 354 -24.31 -47.31 -20.87
CA THR A 354 -24.39 -46.70 -19.55
C THR A 354 -22.99 -46.37 -19.04
N ASN A 355 -22.86 -45.18 -18.43
CA ASN A 355 -21.59 -44.59 -18.04
C ASN A 355 -20.48 -44.90 -19.04
N GLN A 356 -19.45 -45.62 -18.59
CA GLN A 356 -18.33 -46.02 -19.45
C GLN A 356 -17.72 -44.81 -20.16
N THR A 357 -17.48 -43.76 -19.39
CA THR A 357 -16.81 -42.59 -19.93
C THR A 357 -15.38 -42.95 -20.29
N PRO A 358 -15.04 -43.07 -21.58
CA PRO A 358 -13.72 -43.61 -21.93
C PRO A 358 -12.63 -42.60 -21.60
N PRO A 359 -11.43 -43.08 -21.28
CA PRO A 359 -10.28 -42.17 -21.14
C PRO A 359 -9.91 -41.60 -22.51
N THR A 360 -9.01 -40.62 -22.49
CA THR A 360 -8.65 -39.98 -23.74
C THR A 360 -7.82 -40.95 -24.58
N TYR A 361 -6.62 -41.30 -24.11
CA TYR A 361 -5.72 -42.25 -24.77
C TYR A 361 -5.39 -41.87 -26.20
N ASN A 362 -5.79 -40.68 -26.66
CA ASN A 362 -5.51 -40.24 -28.02
C ASN A 362 -4.14 -39.60 -28.16
N LYS A 363 -3.41 -39.43 -27.06
CA LYS A 363 -2.13 -38.73 -27.08
C LYS A 363 -1.00 -39.66 -27.51
N THR A 364 -1.19 -40.33 -28.64
CA THR A 364 -0.23 -41.31 -29.15
C THR A 364 0.48 -40.68 -30.35
N ASN A 365 1.71 -40.24 -30.13
CA ASN A 365 2.47 -39.58 -31.18
C ASN A 365 3.94 -39.52 -30.77
N LYS A 366 4.78 -39.22 -31.77
CA LYS A 366 6.22 -39.07 -31.60
C LYS A 366 6.54 -37.69 -31.04
N PHE A 367 7.79 -37.25 -31.18
CA PHE A 367 8.33 -36.01 -30.61
C PHE A 367 7.30 -34.87 -30.59
N THR A 368 6.47 -34.78 -31.63
CA THR A 368 5.37 -33.82 -31.68
C THR A 368 4.47 -33.91 -30.45
N HIS A 369 4.61 -35.00 -29.67
CA HIS A 369 3.85 -35.12 -28.44
C HIS A 369 4.10 -33.95 -27.50
N GLY A 370 5.26 -33.31 -27.63
CA GLY A 370 5.52 -32.13 -26.82
C GLY A 370 4.44 -31.08 -27.00
N PHE A 371 4.02 -30.85 -28.26
CA PHE A 371 2.89 -29.98 -28.53
C PHE A 371 1.70 -30.36 -27.65
N GLN A 372 1.36 -31.64 -27.65
CA GLN A 372 0.22 -32.12 -26.89
C GLN A 372 0.34 -31.74 -25.42
N ASN A 373 1.56 -31.82 -24.87
CA ASN A 373 1.73 -31.49 -23.46
C ASN A 373 1.30 -30.06 -23.17
N ILE A 374 1.66 -29.12 -24.06
CA ILE A 374 1.21 -27.75 -23.89
C ILE A 374 -0.30 -27.66 -23.99
N VAL A 375 -0.91 -28.46 -24.87
CA VAL A 375 -2.36 -28.54 -24.89
C VAL A 375 -2.86 -29.31 -23.66
N ASP A 376 -2.07 -30.28 -23.18
CA ASP A 376 -2.49 -31.13 -22.07
C ASP A 376 -2.58 -30.40 -20.75
N ALA A 377 -2.44 -29.08 -20.71
CA ALA A 377 -2.68 -28.34 -19.48
C ALA A 377 -4.15 -28.28 -19.11
N TYR A 378 -5.04 -28.73 -20.00
CA TYR A 378 -6.48 -28.72 -19.72
C TYR A 378 -7.12 -30.09 -19.67
N GLY A 379 -6.48 -31.15 -20.18
CA GLY A 379 -7.05 -32.47 -20.09
C GLY A 379 -8.33 -32.61 -20.89
N ILE A 380 -8.20 -32.65 -22.22
CA ILE A 380 -9.35 -32.49 -23.12
C ILE A 380 -10.46 -33.48 -22.77
N GLY A 381 -10.17 -34.76 -22.90
CA GLY A 381 -11.20 -35.77 -22.65
C GLY A 381 -12.33 -35.68 -23.65
N THR A 382 -13.53 -36.02 -23.16
CA THR A 382 -14.76 -36.02 -23.96
C THR A 382 -14.62 -36.88 -25.22
N TYR A 383 -13.93 -38.01 -25.08
CA TYR A 383 -13.87 -39.08 -26.09
C TYR A 383 -13.31 -38.52 -27.39
N ARG A 384 -13.92 -38.81 -28.54
CA ARG A 384 -13.35 -38.50 -29.84
C ARG A 384 -13.59 -37.06 -30.29
N GLU A 385 -14.30 -36.27 -29.49
CA GLU A 385 -14.50 -34.85 -29.82
C GLU A 385 -13.17 -34.11 -29.92
N ILE A 386 -12.12 -34.63 -29.28
CA ILE A 386 -10.85 -33.93 -29.12
C ILE A 386 -10.32 -33.47 -30.47
N ASN A 387 -10.02 -32.18 -30.57
CA ASN A 387 -9.46 -31.59 -31.79
C ASN A 387 -8.46 -30.53 -31.38
N PRO A 388 -7.27 -30.94 -30.93
CA PRO A 388 -6.36 -29.99 -30.28
C PRO A 388 -5.18 -29.55 -31.13
N ALA A 389 -3.99 -29.98 -30.71
CA ALA A 389 -2.75 -29.57 -31.36
C ALA A 389 -2.67 -29.96 -32.84
N PRO A 390 -2.95 -31.22 -33.27
CA PRO A 390 -2.62 -31.60 -34.64
C PRO A 390 -3.27 -30.73 -35.70
N TYR A 391 -4.50 -30.26 -35.44
CA TYR A 391 -5.11 -29.30 -36.35
C TYR A 391 -4.35 -27.98 -36.37
N THR A 392 -3.88 -27.53 -35.20
CA THR A 392 -3.22 -26.24 -35.09
C THR A 392 -1.72 -26.31 -35.41
N VAL A 393 -0.96 -27.03 -34.59
CA VAL A 393 0.50 -27.08 -34.63
C VAL A 393 1.11 -25.75 -35.04
N ILE A 394 1.12 -25.48 -36.34
CA ILE A 394 1.82 -24.32 -36.87
C ILE A 394 0.96 -23.06 -36.72
N THR A 395 -0.26 -23.08 -37.26
CA THR A 395 -1.15 -21.94 -37.12
C THR A 395 -1.59 -21.73 -35.67
N PHE A 396 -1.15 -22.59 -34.78
CA PHE A 396 -1.45 -22.45 -33.36
C PHE A 396 -0.82 -21.17 -32.83
N PRO A 397 -1.38 -20.59 -31.77
CA PRO A 397 -0.65 -19.55 -31.05
C PRO A 397 0.50 -20.15 -30.28
N PHE A 398 1.30 -20.99 -30.93
CA PHE A 398 2.57 -21.42 -30.37
C PHE A 398 3.67 -21.46 -31.41
N LEU A 399 3.38 -21.23 -32.68
CA LEU A 399 4.39 -21.03 -33.72
C LEU A 399 4.38 -19.63 -34.30
N PHE A 400 3.24 -18.95 -34.28
CA PHE A 400 3.25 -17.50 -34.29
C PHE A 400 3.53 -16.93 -32.92
N ALA A 401 4.10 -17.76 -32.04
CA ALA A 401 4.54 -17.33 -30.73
C ALA A 401 5.91 -16.69 -30.83
N VAL A 402 6.10 -15.78 -31.78
CA VAL A 402 7.35 -15.03 -31.78
C VAL A 402 7.07 -13.53 -31.72
N MET A 403 6.46 -12.96 -32.77
CA MET A 403 6.18 -11.54 -32.85
C MET A 403 7.35 -10.70 -32.36
N PHE A 404 8.55 -11.26 -32.45
CA PHE A 404 9.77 -10.59 -32.01
C PHE A 404 10.93 -10.93 -32.94
N GLY A 405 10.66 -11.60 -34.05
CA GLY A 405 11.68 -12.02 -34.98
C GLY A 405 12.60 -10.88 -35.37
N ASP A 406 13.86 -11.01 -34.99
CA ASP A 406 14.88 -10.01 -35.29
C ASP A 406 15.96 -10.59 -36.20
N PHE A 407 15.57 -11.53 -37.08
CA PHE A 407 16.51 -12.27 -37.90
C PHE A 407 17.54 -12.94 -36.99
N GLY A 408 18.47 -12.14 -36.45
CA GLY A 408 19.52 -12.69 -35.62
C GLY A 408 19.00 -13.43 -34.41
N HIS A 409 17.94 -12.93 -33.79
CA HIS A 409 17.36 -13.63 -32.65
C HIS A 409 16.81 -14.99 -33.07
N GLY A 410 16.14 -15.04 -34.23
CA GLY A 410 15.67 -16.31 -34.74
C GLY A 410 16.80 -17.27 -35.05
N ILE A 411 17.87 -16.77 -35.67
CA ILE A 411 18.99 -17.66 -35.98
C ILE A 411 19.67 -18.14 -34.70
N LEU A 412 19.70 -17.30 -33.66
CA LEU A 412 20.26 -17.74 -32.39
C LEU A 412 19.42 -18.85 -31.76
N MET A 413 18.10 -18.66 -31.75
CA MET A 413 17.23 -19.69 -31.20
C MET A 413 17.35 -20.99 -31.97
N THR A 414 17.38 -20.90 -33.31
CA THR A 414 17.52 -22.10 -34.12
C THR A 414 18.86 -22.77 -33.89
N LEU A 415 19.94 -21.99 -33.76
CA LEU A 415 21.25 -22.58 -33.51
C LEU A 415 21.28 -23.31 -32.18
N PHE A 416 20.74 -22.67 -31.13
CA PHE A 416 20.70 -23.32 -29.83
C PHE A 416 19.90 -24.61 -29.88
N ALA A 417 18.69 -24.56 -30.44
CA ALA A 417 17.84 -25.74 -30.48
C ALA A 417 18.43 -26.83 -31.36
N VAL A 418 19.09 -26.46 -32.46
CA VAL A 418 19.69 -27.45 -33.36
C VAL A 418 20.88 -28.12 -32.70
N TRP A 419 21.75 -27.35 -32.04
CA TRP A 419 22.84 -27.95 -31.29
C TRP A 419 22.31 -28.87 -30.20
N MET A 420 21.21 -28.49 -29.56
CA MET A 420 20.68 -29.29 -28.47
C MET A 420 20.03 -30.57 -28.99
N VAL A 421 19.37 -30.50 -30.15
CA VAL A 421 18.79 -31.68 -30.77
C VAL A 421 19.88 -32.62 -31.29
N LEU A 422 20.98 -32.06 -31.79
CA LEU A 422 22.09 -32.90 -32.22
C LEU A 422 22.71 -33.63 -31.04
N ARG A 423 22.62 -33.05 -29.84
CA ARG A 423 23.20 -33.64 -28.64
C ARG A 423 22.18 -34.34 -27.76
N GLU A 424 20.94 -34.53 -28.23
CA GLU A 424 19.90 -35.09 -27.36
C GLU A 424 20.25 -36.50 -26.90
N SER A 425 21.01 -37.24 -27.71
CA SER A 425 21.39 -38.61 -27.33
C SER A 425 22.16 -38.62 -26.02
N ARG A 426 23.30 -37.94 -25.99
CA ARG A 426 24.09 -37.87 -24.77
C ARG A 426 23.37 -37.09 -23.67
N ILE A 427 22.48 -36.16 -24.02
CA ILE A 427 21.77 -35.39 -23.00
C ILE A 427 20.82 -36.30 -22.22
N LEU A 428 20.04 -37.12 -22.92
CA LEU A 428 19.18 -38.07 -22.22
C LEU A 428 19.99 -39.18 -21.57
N SER A 429 21.08 -39.60 -22.22
CA SER A 429 21.93 -40.63 -21.63
C SER A 429 22.56 -40.14 -20.33
N GLN A 430 23.03 -38.89 -20.31
CA GLN A 430 23.59 -38.32 -19.11
C GLN A 430 22.49 -37.86 -18.15
N LYS A 431 22.88 -37.58 -16.91
CA LYS A 431 21.92 -37.17 -15.90
C LYS A 431 21.38 -35.77 -16.21
N ASN A 432 20.19 -35.50 -15.69
CA ASN A 432 19.57 -34.19 -15.88
C ASN A 432 20.27 -33.15 -15.01
N GLU A 433 20.20 -31.89 -15.44
CA GLU A 433 20.81 -30.80 -14.69
C GLU A 433 19.82 -30.18 -13.72
N ASN A 434 18.68 -29.70 -14.24
CA ASN A 434 17.70 -29.01 -13.42
C ASN A 434 16.34 -29.15 -14.10
N GLU A 435 15.28 -28.94 -13.32
CA GLU A 435 13.92 -29.11 -13.84
C GLU A 435 13.65 -28.17 -15.03
N MET A 436 14.20 -26.95 -14.98
CA MET A 436 14.07 -26.06 -16.13
C MET A 436 14.73 -26.66 -17.37
N PHE A 437 15.89 -27.27 -17.19
CA PHE A 437 16.52 -27.98 -18.31
C PHE A 437 15.65 -29.13 -18.79
N SER A 438 14.93 -29.78 -17.87
CA SER A 438 14.01 -30.85 -18.28
C SER A 438 12.86 -30.30 -19.13
N MET A 439 12.32 -29.14 -18.74
CA MET A 439 11.27 -28.52 -19.54
C MET A 439 11.79 -28.13 -20.92
N VAL A 440 13.00 -27.56 -20.97
CA VAL A 440 13.58 -27.18 -22.26
C VAL A 440 13.82 -28.43 -23.11
N PHE A 441 14.23 -29.53 -22.49
CA PHE A 441 14.44 -30.77 -23.23
C PHE A 441 13.13 -31.30 -23.78
N SER A 442 12.05 -31.22 -22.99
CA SER A 442 10.74 -31.63 -23.48
C SER A 442 10.28 -30.73 -24.63
N GLY A 443 10.68 -29.47 -24.61
CA GLY A 443 10.24 -28.53 -25.62
C GLY A 443 11.14 -28.31 -26.82
N ARG A 444 12.32 -28.93 -26.86
CA ARG A 444 13.31 -28.72 -27.92
C ARG A 444 12.73 -28.64 -29.34
N TYR A 445 11.81 -29.53 -29.69
CA TYR A 445 11.21 -29.52 -31.02
C TYR A 445 10.46 -28.22 -31.28
N ILE A 446 9.61 -27.83 -30.33
CA ILE A 446 8.84 -26.60 -30.47
C ILE A 446 9.77 -25.39 -30.47
N ILE A 447 10.83 -25.45 -29.67
CA ILE A 447 11.80 -24.36 -29.63
C ILE A 447 12.44 -24.17 -31.00
N LEU A 448 12.85 -25.27 -31.63
CA LEU A 448 13.50 -25.18 -32.95
C LEU A 448 12.53 -24.64 -34.00
N LEU A 449 11.31 -25.18 -34.03
CA LEU A 449 10.39 -24.77 -35.08
C LEU A 449 9.92 -23.34 -34.86
N MET A 450 9.77 -22.93 -33.60
CA MET A 450 9.49 -21.53 -33.29
C MET A 450 10.66 -20.63 -33.69
N GLY A 451 11.89 -21.14 -33.59
CA GLY A 451 13.03 -20.39 -34.09
C GLY A 451 12.97 -20.18 -35.59
N LEU A 452 12.59 -21.22 -36.34
CA LEU A 452 12.42 -21.06 -37.78
C LEU A 452 11.37 -20.00 -38.09
N PHE A 453 10.23 -20.06 -37.40
CA PHE A 453 9.19 -19.08 -37.65
C PHE A 453 9.61 -17.69 -37.22
N SER A 454 10.42 -17.57 -36.17
CA SER A 454 10.96 -16.27 -35.77
C SER A 454 11.89 -15.73 -36.85
N ILE A 455 12.67 -16.61 -37.48
CA ILE A 455 13.51 -16.17 -38.60
C ILE A 455 12.65 -15.61 -39.72
N TYR A 456 11.59 -16.32 -40.07
CA TYR A 456 10.71 -15.84 -41.14
C TYR A 456 10.05 -14.51 -40.78
N THR A 457 9.60 -14.38 -39.52
CA THR A 457 8.96 -13.16 -39.10
C THR A 457 9.94 -11.99 -39.07
N GLY A 458 11.19 -12.25 -38.70
CA GLY A 458 12.21 -11.22 -38.79
C GLY A 458 12.49 -10.82 -40.22
N LEU A 459 12.47 -11.78 -41.14
CA LEU A 459 12.67 -11.46 -42.55
C LEU A 459 11.56 -10.57 -43.07
N ILE A 460 10.30 -10.93 -42.79
CA ILE A 460 9.19 -10.12 -43.30
C ILE A 460 9.17 -8.76 -42.60
N TYR A 461 9.52 -8.72 -41.31
CA TYR A 461 9.62 -7.44 -40.62
C TYR A 461 10.83 -6.63 -41.06
N ASN A 462 11.85 -7.28 -41.59
CA ASN A 462 13.07 -6.62 -42.06
C ASN A 462 13.72 -5.78 -40.94
N ASP A 463 13.83 -6.40 -39.76
CA ASP A 463 14.47 -5.77 -38.60
C ASP A 463 15.46 -6.76 -38.02
N CYS A 464 16.69 -6.75 -38.53
CA CYS A 464 17.75 -7.62 -38.04
C CYS A 464 18.52 -6.89 -36.94
N PHE A 465 18.34 -7.32 -35.69
CA PHE A 465 18.91 -6.63 -34.52
C PHE A 465 18.50 -5.16 -34.52
N SER A 466 17.23 -4.90 -34.83
CA SER A 466 16.65 -3.56 -34.96
C SER A 466 17.27 -2.76 -36.09
N LYS A 467 18.11 -3.37 -36.91
CA LYS A 467 18.70 -2.73 -38.08
C LYS A 467 18.15 -3.42 -39.32
N SER A 468 17.57 -2.64 -40.23
CA SER A 468 16.91 -3.21 -41.38
C SER A 468 17.93 -3.74 -42.39
N LEU A 469 17.41 -4.45 -43.40
CA LEU A 469 18.21 -5.06 -44.45
C LEU A 469 17.74 -4.56 -45.80
N ASN A 470 18.69 -4.11 -46.63
CA ASN A 470 18.38 -3.61 -47.96
C ASN A 470 18.73 -4.69 -48.98
N ILE A 471 17.71 -5.30 -49.57
CA ILE A 471 17.88 -6.35 -50.56
C ILE A 471 16.98 -6.05 -51.74
N PHE A 472 17.55 -5.99 -52.94
CA PHE A 472 16.83 -5.73 -54.18
C PHE A 472 16.02 -4.44 -54.09
N GLY A 473 16.75 -3.33 -53.94
CA GLY A 473 16.15 -2.01 -53.93
C GLY A 473 15.55 -1.65 -52.58
N SER A 474 15.19 -0.37 -52.46
CA SER A 474 14.62 0.13 -51.22
C SER A 474 13.44 1.07 -51.43
N SER A 475 13.12 1.44 -52.67
CA SER A 475 12.09 2.43 -52.98
C SER A 475 12.41 3.77 -52.35
N TRP A 476 11.53 4.76 -52.55
CA TRP A 476 11.72 6.13 -52.10
C TRP A 476 12.97 6.77 -52.69
N SER A 477 13.14 8.06 -52.47
CA SER A 477 14.33 8.81 -52.88
C SER A 477 14.22 10.20 -52.27
N VAL A 478 15.24 11.03 -52.53
CA VAL A 478 15.29 12.38 -52.01
C VAL A 478 15.42 13.42 -53.12
N ARG A 479 16.28 13.16 -54.10
CA ARG A 479 16.45 14.11 -55.20
C ARG A 479 15.15 14.38 -55.96
N PRO A 480 14.36 13.38 -56.35
CA PRO A 480 13.05 13.71 -56.95
C PRO A 480 12.14 14.47 -56.01
N MET A 481 12.23 14.22 -54.71
CA MET A 481 11.37 14.90 -53.75
C MET A 481 11.74 16.38 -53.62
N PHE A 482 13.03 16.70 -53.75
CA PHE A 482 13.48 18.06 -53.50
C PHE A 482 13.56 18.89 -54.78
N THR A 483 14.16 18.35 -55.84
CA THR A 483 14.27 19.10 -57.09
C THR A 483 12.90 19.42 -57.67
N ILE A 484 12.05 18.41 -57.81
CA ILE A 484 10.71 18.64 -58.33
C ILE A 484 9.86 19.37 -57.30
N GLY A 485 10.04 19.06 -56.02
CA GLY A 485 9.23 19.61 -54.96
C GLY A 485 9.67 20.95 -54.43
N ASN A 486 10.66 21.58 -55.06
CA ASN A 486 11.17 22.90 -54.67
C ASN A 486 11.73 22.93 -53.25
N TRP A 487 12.03 21.77 -52.69
CA TRP A 487 12.65 21.67 -51.38
C TRP A 487 14.16 21.52 -51.46
N THR A 488 14.77 22.02 -52.54
CA THR A 488 16.21 21.91 -52.74
C THR A 488 16.93 22.98 -51.92
N GLU A 489 18.21 23.19 -52.21
CA GLU A 489 19.09 24.11 -51.48
C GLU A 489 18.92 23.98 -49.98
N GLU A 490 18.91 22.73 -49.51
CA GLU A 490 18.89 22.43 -48.09
C GLU A 490 20.09 21.56 -47.70
N THR A 491 21.23 21.76 -48.38
CA THR A 491 22.44 21.03 -48.03
C THR A 491 22.89 21.39 -46.61
N LEU A 492 23.23 22.65 -46.38
CA LEU A 492 23.49 23.15 -45.04
C LEU A 492 22.31 23.89 -44.44
N LEU A 493 21.44 24.47 -45.29
CA LEU A 493 20.21 25.06 -44.80
C LEU A 493 19.30 24.00 -44.19
N GLY A 494 19.22 22.82 -44.79
CA GLY A 494 18.51 21.71 -44.17
C GLY A 494 19.14 21.26 -42.87
N SER A 495 20.44 21.51 -42.69
CA SER A 495 21.12 21.26 -41.43
C SER A 495 21.13 22.48 -40.52
N SER A 496 20.48 23.57 -40.92
CA SER A 496 20.39 24.78 -40.13
C SER A 496 18.97 25.28 -39.93
N VAL A 497 18.10 25.09 -40.92
CA VAL A 497 16.75 25.66 -40.89
C VAL A 497 15.69 24.58 -40.76
N LEU A 498 15.86 23.45 -41.45
CA LEU A 498 14.80 22.45 -41.53
C LEU A 498 15.20 21.15 -40.84
N GLN A 499 15.74 21.26 -39.62
CA GLN A 499 16.11 20.09 -38.84
C GLN A 499 14.94 19.13 -38.71
N LEU A 500 15.13 17.90 -39.18
CA LEU A 500 14.13 16.83 -39.12
C LEU A 500 12.79 17.23 -39.73
N ASN A 501 12.78 18.25 -40.59
CA ASN A 501 11.55 18.72 -41.23
C ASN A 501 11.10 17.88 -42.42
N PRO A 502 11.96 17.63 -43.44
CA PRO A 502 11.43 17.11 -44.71
C PRO A 502 10.82 15.72 -44.64
N ALA A 503 9.51 15.64 -44.82
CA ALA A 503 8.81 14.36 -45.00
C ALA A 503 7.60 14.63 -45.89
N ILE A 504 7.78 14.44 -47.19
CA ILE A 504 6.72 14.67 -48.18
C ILE A 504 6.89 13.68 -49.32
N PRO A 505 5.82 13.00 -49.76
CA PRO A 505 5.92 12.18 -50.96
C PRO A 505 5.56 12.98 -52.21
N GLY A 506 6.44 12.95 -53.21
CA GLY A 506 6.18 13.61 -54.47
C GLY A 506 5.74 12.62 -55.54
N VAL A 507 6.66 12.23 -56.40
CA VAL A 507 6.43 11.16 -57.37
C VAL A 507 7.13 9.93 -56.81
N PHE A 508 6.40 9.13 -56.05
CA PHE A 508 6.98 8.00 -55.34
C PHE A 508 5.93 6.90 -55.24
N GLY A 509 6.16 5.95 -54.35
CA GLY A 509 5.30 4.80 -54.18
C GLY A 509 6.00 3.50 -54.54
N GLY A 510 5.25 2.42 -54.41
CA GLY A 510 5.77 1.11 -54.72
C GLY A 510 6.35 0.44 -53.48
N PRO A 511 5.73 -0.66 -53.05
CA PRO A 511 6.16 -1.31 -51.82
C PRO A 511 7.37 -2.21 -52.04
N TYR A 512 8.01 -2.56 -50.92
CA TYR A 512 9.09 -3.54 -50.96
C TYR A 512 8.54 -4.85 -51.50
N PRO A 513 9.21 -5.50 -52.44
CA PRO A 513 8.73 -6.79 -52.94
C PRO A 513 8.58 -7.85 -51.84
N PHE A 514 9.36 -7.77 -50.77
CA PHE A 514 9.29 -8.77 -49.71
C PHE A 514 8.72 -8.23 -48.41
N GLY A 515 9.30 -7.17 -47.86
CA GLY A 515 8.89 -6.75 -46.52
C GLY A 515 8.62 -5.26 -46.35
N ILE A 516 9.35 -4.65 -45.43
CA ILE A 516 9.22 -3.23 -45.10
C ILE A 516 10.52 -2.54 -45.48
N ASP A 517 10.41 -1.41 -46.16
CA ASP A 517 11.59 -0.71 -46.65
C ASP A 517 12.50 -0.32 -45.49
N PRO A 518 13.83 -0.39 -45.66
CA PRO A 518 14.73 0.05 -44.59
C PRO A 518 14.63 1.54 -44.31
N ILE A 519 14.09 2.32 -45.24
CA ILE A 519 13.95 3.76 -45.02
C ILE A 519 12.99 4.04 -43.88
N TRP A 520 11.94 3.23 -43.74
CA TRP A 520 11.04 3.37 -42.60
C TRP A 520 11.78 3.12 -41.29
N ASN A 521 12.82 2.28 -41.31
CA ASN A 521 13.56 1.99 -40.09
C ASN A 521 14.45 3.16 -39.68
N ILE A 522 15.11 3.79 -40.65
CA ILE A 522 16.08 4.85 -40.37
C ILE A 522 15.39 6.20 -40.27
N ALA A 523 14.06 6.20 -40.35
CA ALA A 523 13.30 7.43 -40.25
C ALA A 523 12.98 7.74 -38.79
N THR A 524 12.16 8.76 -38.56
CA THR A 524 11.68 9.07 -37.22
C THR A 524 10.17 8.96 -37.08
N ASN A 525 9.42 8.98 -38.18
CA ASN A 525 8.02 8.60 -38.16
C ASN A 525 7.82 7.09 -38.13
N LYS A 526 8.89 6.34 -37.84
CA LYS A 526 8.80 4.88 -37.78
C LYS A 526 7.73 4.44 -36.78
N LEU A 527 7.64 5.14 -35.65
CA LEU A 527 6.73 4.72 -34.59
C LEU A 527 5.28 4.74 -35.07
N THR A 528 4.86 5.82 -35.73
CA THR A 528 3.46 5.95 -36.12
C THR A 528 3.08 4.94 -37.19
N PHE A 529 3.89 4.83 -38.25
CA PHE A 529 3.59 3.89 -39.33
C PHE A 529 3.61 2.45 -38.82
N LEU A 530 4.62 2.11 -38.02
CA LEU A 530 4.69 0.75 -37.48
C LEU A 530 3.53 0.48 -36.54
N ASN A 531 3.11 1.47 -35.76
CA ASN A 531 1.97 1.29 -34.87
C ASN A 531 0.71 0.99 -35.65
N SER A 532 0.43 1.79 -36.68
CA SER A 532 -0.78 1.56 -37.48
C SER A 532 -0.73 0.21 -38.18
N PHE A 533 0.43 -0.12 -38.77
CA PHE A 533 0.57 -1.39 -39.48
C PHE A 533 0.40 -2.57 -38.53
N LYS A 534 1.01 -2.50 -37.36
CA LYS A 534 0.92 -3.62 -36.41
C LYS A 534 -0.48 -3.77 -35.85
N MET A 535 -1.17 -2.65 -35.59
CA MET A 535 -2.54 -2.76 -35.09
C MET A 535 -3.47 -3.35 -36.15
N LYS A 536 -3.31 -2.95 -37.41
CA LYS A 536 -4.17 -3.51 -38.45
C LYS A 536 -3.86 -4.99 -38.67
N MET A 537 -2.58 -5.36 -38.69
CA MET A 537 -2.21 -6.76 -38.76
C MET A 537 -2.78 -7.53 -37.57
N SER A 538 -2.77 -6.90 -36.40
CA SER A 538 -3.40 -7.46 -35.21
C SER A 538 -4.85 -7.82 -35.46
N VAL A 539 -5.61 -6.85 -35.95
CA VAL A 539 -7.05 -7.06 -36.13
C VAL A 539 -7.30 -8.19 -37.13
N ILE A 540 -6.61 -8.16 -38.27
CA ILE A 540 -6.87 -9.17 -39.30
C ILE A 540 -6.49 -10.56 -38.80
N LEU A 541 -5.30 -10.68 -38.20
CA LEU A 541 -4.84 -11.98 -37.74
C LEU A 541 -5.75 -12.54 -36.65
N GLY A 542 -6.13 -11.70 -35.68
CA GLY A 542 -6.99 -12.16 -34.61
C GLY A 542 -8.36 -12.58 -35.12
N ILE A 543 -8.93 -11.82 -36.05
CA ILE A 543 -10.26 -12.14 -36.53
C ILE A 543 -10.23 -13.46 -37.30
N ILE A 544 -9.25 -13.64 -38.20
CA ILE A 544 -9.20 -14.90 -38.95
C ILE A 544 -8.95 -16.07 -38.01
N HIS A 545 -8.10 -15.88 -36.98
CA HIS A 545 -7.82 -16.96 -36.06
C HIS A 545 -9.05 -17.37 -35.27
N MET A 546 -9.77 -16.40 -34.71
CA MET A 546 -10.95 -16.73 -33.92
C MET A 546 -12.05 -17.29 -34.80
N LEU A 547 -12.14 -16.83 -36.05
CA LEU A 547 -13.09 -17.41 -37.00
C LEU A 547 -12.79 -18.88 -37.24
N PHE A 548 -11.51 -19.21 -37.44
CA PHE A 548 -11.15 -20.61 -37.64
C PHE A 548 -11.44 -21.43 -36.39
N GLY A 549 -11.15 -20.88 -35.22
CA GLY A 549 -11.43 -21.60 -33.98
C GLY A 549 -12.89 -21.92 -33.82
N VAL A 550 -13.76 -20.95 -34.10
CA VAL A 550 -15.20 -21.21 -33.99
C VAL A 550 -15.66 -22.16 -35.10
N SER A 551 -15.10 -22.04 -36.30
CA SER A 551 -15.51 -22.90 -37.40
C SER A 551 -15.19 -24.37 -37.12
N LEU A 552 -14.09 -24.64 -36.41
CA LEU A 552 -13.77 -26.02 -36.07
C LEU A 552 -14.89 -26.66 -35.23
N SER A 553 -15.59 -25.86 -34.44
CA SER A 553 -16.66 -26.40 -33.59
C SER A 553 -17.81 -26.97 -34.42
N LEU A 554 -18.03 -26.45 -35.63
CA LEU A 554 -19.09 -26.98 -36.47
C LEU A 554 -18.82 -28.44 -36.83
N PHE A 555 -17.59 -28.74 -37.26
CA PHE A 555 -17.21 -30.12 -37.50
C PHE A 555 -17.26 -30.93 -36.20
N ASN A 556 -16.76 -30.34 -35.12
CA ASN A 556 -16.76 -31.00 -33.82
C ASN A 556 -18.16 -31.47 -33.44
N HIS A 557 -19.17 -30.66 -33.73
CA HIS A 557 -20.54 -30.99 -33.35
C HIS A 557 -21.25 -31.86 -34.38
N ILE A 558 -20.96 -31.69 -35.67
CA ILE A 558 -21.60 -32.57 -36.65
C ILE A 558 -21.09 -34.00 -36.47
N TYR A 559 -19.85 -34.16 -35.98
CA TYR A 559 -19.41 -35.51 -35.62
C TYR A 559 -20.28 -36.10 -34.53
N PHE A 560 -20.61 -35.32 -33.51
CA PHE A 560 -21.46 -35.78 -32.41
C PHE A 560 -22.93 -35.51 -32.66
N LYS A 561 -23.41 -35.90 -33.85
CA LYS A 561 -24.80 -35.72 -34.25
C LYS A 561 -25.33 -34.34 -33.87
N LYS A 562 -26.35 -34.31 -33.00
CA LYS A 562 -26.88 -33.10 -32.39
C LYS A 562 -27.21 -32.03 -33.43
N PRO A 563 -28.26 -32.23 -34.23
CA PRO A 563 -28.58 -31.24 -35.26
C PRO A 563 -29.21 -29.98 -34.69
N LEU A 564 -29.89 -30.07 -33.55
CA LEU A 564 -30.54 -28.90 -32.95
C LEU A 564 -29.50 -27.84 -32.59
N ASN A 565 -28.40 -28.25 -31.95
CA ASN A 565 -27.36 -27.29 -31.58
C ASN A 565 -26.69 -26.71 -32.82
N ILE A 566 -26.47 -27.54 -33.85
CA ILE A 566 -25.81 -27.05 -35.06
C ILE A 566 -26.67 -26.01 -35.75
N TYR A 567 -27.97 -26.28 -35.87
CA TYR A 567 -28.87 -25.38 -36.58
C TYR A 567 -29.45 -24.29 -35.69
N PHE A 568 -29.11 -24.27 -34.40
CA PHE A 568 -29.67 -23.28 -33.49
C PHE A 568 -28.66 -22.62 -32.57
N GLY A 569 -27.49 -23.21 -32.32
CA GLY A 569 -26.59 -22.67 -31.32
C GLY A 569 -25.30 -22.08 -31.85
N PHE A 570 -24.75 -22.65 -32.92
CA PHE A 570 -23.46 -22.20 -33.44
C PHE A 570 -23.60 -21.35 -34.70
N ILE A 571 -24.64 -21.57 -35.51
CA ILE A 571 -24.94 -20.64 -36.60
C ILE A 571 -25.13 -19.22 -36.08
N PRO A 572 -25.88 -18.96 -34.99
CA PRO A 572 -25.92 -17.59 -34.46
C PRO A 572 -24.55 -17.07 -34.07
N GLU A 573 -23.70 -17.93 -33.50
CA GLU A 573 -22.37 -17.48 -33.09
C GLU A 573 -21.55 -17.01 -34.29
N ILE A 574 -21.53 -17.82 -35.35
CA ILE A 574 -20.78 -17.45 -36.54
C ILE A 574 -21.38 -16.21 -37.19
N ILE A 575 -22.71 -16.13 -37.24
CA ILE A 575 -23.36 -14.99 -37.88
C ILE A 575 -23.01 -13.70 -37.16
N PHE A 576 -23.13 -13.71 -35.83
CA PHE A 576 -22.81 -12.53 -35.04
C PHE A 576 -21.34 -12.16 -35.16
N MET A 577 -20.46 -13.17 -35.06
CA MET A 577 -19.03 -12.92 -35.11
C MET A 577 -18.64 -12.31 -36.45
N SER A 578 -19.16 -12.88 -37.54
CA SER A 578 -18.86 -12.34 -38.85
C SER A 578 -19.41 -10.94 -39.00
N SER A 579 -20.70 -10.75 -38.72
CA SER A 579 -21.33 -9.45 -38.94
C SER A 579 -20.70 -8.35 -38.11
N LEU A 580 -20.03 -8.70 -37.01
CA LEU A 580 -19.40 -7.66 -36.19
C LEU A 580 -17.91 -7.51 -36.45
N PHE A 581 -17.21 -8.53 -36.92
CA PHE A 581 -15.76 -8.42 -37.07
C PHE A 581 -15.27 -8.50 -38.52
N GLY A 582 -15.88 -9.35 -39.35
CA GLY A 582 -15.48 -9.38 -40.75
C GLY A 582 -15.75 -8.07 -41.44
N TYR A 583 -16.77 -7.34 -40.99
CA TYR A 583 -17.00 -5.99 -41.50
C TYR A 583 -15.80 -5.09 -41.18
N LEU A 584 -15.28 -5.18 -39.95
CA LEU A 584 -14.10 -4.39 -39.59
C LEU A 584 -12.90 -4.77 -40.43
N VAL A 585 -12.71 -6.07 -40.67
CA VAL A 585 -11.59 -6.53 -41.49
C VAL A 585 -11.71 -6.00 -42.91
N ILE A 586 -12.92 -6.10 -43.48
CA ILE A 586 -13.15 -5.63 -44.85
C ILE A 586 -12.95 -4.13 -44.92
N LEU A 587 -13.37 -3.40 -43.88
CA LEU A 587 -13.15 -1.96 -43.85
C LEU A 587 -11.66 -1.63 -43.80
N ILE A 588 -10.89 -2.40 -43.03
CA ILE A 588 -9.45 -2.19 -42.96
C ILE A 588 -8.82 -2.39 -44.33
N PHE A 589 -9.19 -3.48 -45.00
CA PHE A 589 -8.63 -3.74 -46.33
C PHE A 589 -9.05 -2.68 -47.34
N TYR A 590 -10.31 -2.24 -47.27
CA TYR A 590 -10.81 -1.22 -48.17
C TYR A 590 -10.07 0.10 -47.97
N LYS A 591 -9.84 0.48 -46.71
CA LYS A 591 -9.04 1.68 -46.44
C LYS A 591 -7.63 1.53 -46.97
N TRP A 592 -7.05 0.33 -46.83
CA TRP A 592 -5.71 0.10 -47.33
C TRP A 592 -5.64 0.23 -48.85
N THR A 593 -6.66 -0.25 -49.56
CA THR A 593 -6.59 -0.36 -51.02
C THR A 593 -7.18 0.84 -51.76
N ALA A 594 -8.20 1.49 -51.20
CA ALA A 594 -8.96 2.49 -51.93
C ALA A 594 -8.48 3.91 -51.71
N TYR A 595 -7.18 4.10 -51.46
CA TYR A 595 -6.61 5.44 -51.30
C TYR A 595 -5.18 5.43 -51.81
N ASP A 596 -4.56 6.61 -51.80
CA ASP A 596 -3.18 6.77 -52.25
C ASP A 596 -2.57 7.95 -51.51
N ALA A 597 -1.27 8.18 -51.76
CA ALA A 597 -0.55 9.21 -51.00
C ALA A 597 -1.17 10.59 -51.17
N HIS A 598 -1.48 10.96 -52.41
CA HIS A 598 -2.09 12.26 -52.69
C HIS A 598 -3.61 12.18 -52.69
N SER A 599 -4.17 11.62 -51.62
CA SER A 599 -5.62 11.47 -51.53
C SER A 599 -6.17 11.75 -50.14
N SER A 600 -5.34 12.24 -49.21
CA SER A 600 -5.84 12.56 -47.87
C SER A 600 -6.82 13.72 -47.94
N ARG A 601 -7.87 13.64 -47.13
CA ARG A 601 -8.96 14.62 -47.16
C ARG A 601 -8.46 15.95 -46.62
N ASN A 602 -8.18 16.90 -47.53
CA ASN A 602 -7.82 18.27 -47.18
C ASN A 602 -6.54 18.33 -46.36
N ALA A 603 -6.56 17.76 -45.15
CA ALA A 603 -5.39 17.79 -44.29
C ALA A 603 -4.26 16.96 -44.91
N PRO A 604 -3.00 17.26 -44.57
CA PRO A 604 -1.87 16.59 -45.24
C PRO A 604 -1.91 15.07 -45.18
N SER A 605 -1.94 14.49 -43.99
CA SER A 605 -1.83 13.04 -43.84
C SER A 605 -3.08 12.40 -43.26
N LEU A 606 -3.52 12.83 -42.08
CA LEU A 606 -4.63 12.25 -41.33
C LEU A 606 -4.37 10.81 -40.88
N LEU A 607 -3.16 10.29 -41.12
CA LEU A 607 -2.80 8.92 -40.75
C LEU A 607 -3.82 7.92 -41.29
N ILE A 608 -4.78 7.53 -40.46
CA ILE A 608 -5.84 6.62 -40.88
C ILE A 608 -7.16 7.38 -40.85
N HIS A 609 -7.54 7.87 -39.68
CA HIS A 609 -8.70 8.72 -39.42
C HIS A 609 -10.03 8.01 -39.59
N PHE A 610 -10.04 6.75 -40.01
CA PHE A 610 -11.29 5.99 -40.14
C PHE A 610 -11.27 4.65 -39.43
N ILE A 611 -10.13 4.23 -38.86
CA ILE A 611 -10.07 2.93 -38.21
C ILE A 611 -10.93 2.91 -36.96
N ASN A 612 -10.85 3.95 -36.13
CA ASN A 612 -11.45 3.94 -34.81
C ASN A 612 -12.78 4.68 -34.72
N MET A 613 -12.99 5.72 -35.53
CA MET A 613 -14.27 6.44 -35.48
C MET A 613 -15.44 5.58 -35.92
N PHE A 614 -15.18 4.44 -36.57
CA PHE A 614 -16.23 3.45 -36.85
C PHE A 614 -16.18 2.43 -35.72
N LEU A 615 -16.82 2.80 -34.61
CA LEU A 615 -16.77 2.02 -33.38
C LEU A 615 -17.72 0.82 -33.49
N PHE A 616 -18.01 0.18 -32.37
CA PHE A 616 -18.90 -0.97 -32.37
C PHE A 616 -20.37 -0.59 -32.31
N SER A 617 -20.71 0.69 -32.23
CA SER A 617 -22.11 1.10 -32.22
C SER A 617 -22.42 2.16 -33.27
N TYR A 618 -21.49 3.13 -33.46
CA TYR A 618 -21.62 4.28 -34.35
C TYR A 618 -23.05 4.80 -34.42
N PRO A 619 -23.55 5.41 -33.33
CA PRO A 619 -24.97 5.79 -33.26
C PRO A 619 -25.49 6.57 -34.46
N GLU A 620 -24.88 7.72 -34.76
CA GLU A 620 -25.35 8.57 -35.84
C GLU A 620 -24.24 9.55 -36.22
N SER A 621 -24.59 10.54 -37.04
CA SER A 621 -23.68 11.59 -37.50
C SER A 621 -22.47 10.99 -38.22
N GLY A 622 -21.31 11.03 -37.58
CA GLY A 622 -20.10 10.47 -38.15
C GLY A 622 -19.44 11.35 -39.19
N ASN A 623 -20.17 11.69 -40.26
CA ASN A 623 -19.64 12.44 -41.38
C ASN A 623 -18.39 11.76 -41.93
N ALA A 624 -17.37 12.55 -42.28
CA ALA A 624 -16.11 12.05 -42.79
C ALA A 624 -16.31 11.10 -43.97
N MET A 625 -15.99 9.82 -43.78
CA MET A 625 -16.14 8.82 -44.82
C MET A 625 -17.54 8.23 -44.73
N LEU A 626 -18.38 8.54 -45.71
CA LEU A 626 -19.77 8.09 -45.77
C LEU A 626 -20.10 7.57 -47.16
N TYR A 627 -19.24 6.68 -47.66
CA TYR A 627 -19.45 6.10 -49.00
C TYR A 627 -20.83 5.46 -49.11
N SER A 628 -21.43 5.58 -50.29
CA SER A 628 -22.83 5.20 -50.47
C SER A 628 -23.06 3.75 -50.08
N GLY A 629 -24.12 3.52 -49.30
CA GLY A 629 -24.48 2.20 -48.86
C GLY A 629 -23.92 1.79 -47.51
N GLN A 630 -22.86 2.47 -47.04
CA GLN A 630 -22.23 2.06 -45.78
C GLN A 630 -23.18 2.21 -44.61
N LYS A 631 -23.99 3.26 -44.60
CA LYS A 631 -24.96 3.44 -43.52
C LYS A 631 -25.97 2.30 -43.50
N GLY A 632 -26.48 1.92 -44.67
CA GLY A 632 -27.44 0.83 -44.74
C GLY A 632 -26.83 -0.51 -44.34
N ILE A 633 -25.61 -0.78 -44.81
CA ILE A 633 -24.95 -2.02 -44.43
C ILE A 633 -24.70 -2.06 -42.94
N GLN A 634 -24.26 -0.94 -42.36
CA GLN A 634 -24.02 -0.87 -40.93
C GLN A 634 -25.31 -1.13 -40.15
N CYS A 635 -26.40 -0.47 -40.53
CA CYS A 635 -27.66 -0.66 -39.83
C CYS A 635 -28.14 -2.11 -39.94
N PHE A 636 -28.04 -2.69 -41.14
CA PHE A 636 -28.47 -4.08 -41.32
C PHE A 636 -27.64 -5.02 -40.47
N LEU A 637 -26.33 -4.80 -40.41
CA LEU A 637 -25.47 -5.67 -39.61
C LEU A 637 -25.80 -5.54 -38.12
N ILE A 638 -26.07 -4.33 -37.66
CA ILE A 638 -26.44 -4.14 -36.26
C ILE A 638 -27.74 -4.86 -35.94
N VAL A 639 -28.76 -4.72 -36.80
CA VAL A 639 -30.04 -5.34 -36.47
C VAL A 639 -29.94 -6.86 -36.53
N VAL A 640 -29.21 -7.39 -37.51
CA VAL A 640 -29.11 -8.85 -37.62
C VAL A 640 -28.25 -9.42 -36.49
N ALA A 641 -27.27 -8.65 -36.02
CA ALA A 641 -26.33 -9.18 -35.04
C ALA A 641 -26.78 -8.91 -33.60
N MET A 642 -26.94 -7.64 -33.24
CA MET A 642 -27.20 -7.29 -31.85
C MET A 642 -28.63 -7.66 -31.43
N LEU A 643 -29.59 -7.49 -32.33
CA LEU A 643 -31.00 -7.67 -31.97
C LEU A 643 -31.50 -9.09 -32.19
N CYS A 644 -30.99 -9.80 -33.19
CA CYS A 644 -31.53 -11.09 -33.59
C CYS A 644 -30.75 -12.27 -33.01
N VAL A 645 -29.42 -12.24 -33.11
CA VAL A 645 -28.63 -13.39 -32.69
C VAL A 645 -28.84 -13.76 -31.22
N PRO A 646 -28.77 -12.82 -30.27
CA PRO A 646 -29.04 -13.21 -28.87
C PRO A 646 -30.44 -13.75 -28.65
N TRP A 647 -31.42 -13.28 -29.42
CA TRP A 647 -32.79 -13.72 -29.20
C TRP A 647 -33.00 -15.16 -29.68
N MET A 648 -32.42 -15.53 -30.83
CA MET A 648 -32.58 -16.89 -31.32
C MET A 648 -31.69 -17.89 -30.59
N LEU A 649 -30.62 -17.41 -29.94
CA LEU A 649 -29.78 -18.27 -29.11
C LEU A 649 -30.52 -18.78 -27.87
N LEU A 650 -31.77 -18.37 -27.66
CA LEU A 650 -32.55 -18.79 -26.51
C LEU A 650 -33.28 -20.09 -26.82
N PHE A 651 -34.28 -20.42 -25.99
CA PHE A 651 -35.12 -21.60 -26.16
C PHE A 651 -34.33 -22.88 -25.96
N LYS A 652 -34.00 -23.55 -27.07
CA LYS A 652 -33.33 -24.85 -27.16
C LYS A 652 -34.27 -25.95 -26.65
N PRO A 653 -34.02 -26.66 -25.53
CA PRO A 653 -34.70 -27.95 -25.36
C PRO A 653 -36.20 -27.84 -25.15
N LEU A 654 -36.68 -26.67 -24.70
CA LEU A 654 -38.11 -26.46 -24.56
C LEU A 654 -38.84 -26.68 -25.89
N ILE A 655 -38.19 -26.35 -27.01
CA ILE A 655 -38.78 -26.61 -28.31
C ILE A 655 -39.10 -28.08 -28.47
N LEU A 656 -38.19 -28.96 -28.05
CA LEU A 656 -38.49 -30.38 -28.02
C LEU A 656 -39.49 -30.72 -26.92
N ARG A 657 -39.37 -30.03 -25.78
CA ARG A 657 -40.24 -30.32 -24.64
C ARG A 657 -41.71 -30.22 -25.02
N HIS A 658 -42.06 -29.21 -25.81
CA HIS A 658 -43.44 -29.09 -26.30
C HIS A 658 -43.87 -30.37 -26.99
N GLN A 659 -43.07 -30.84 -27.95
CA GLN A 659 -43.34 -32.13 -28.57
C GLN A 659 -43.35 -33.24 -27.51
N TYR A 660 -42.40 -33.19 -26.59
CA TYR A 660 -42.42 -34.12 -25.46
C TYR A 660 -43.71 -33.98 -24.67
N LEU A 661 -44.14 -32.74 -24.42
CA LEU A 661 -45.40 -32.53 -23.72
C LEU A 661 -46.58 -33.03 -24.54
N ARG A 662 -46.43 -33.14 -25.85
CA ARG A 662 -47.48 -33.70 -26.69
C ARG A 662 -47.37 -35.22 -26.83
N LYS A 663 -46.30 -35.82 -26.31
CA LYS A 663 -46.14 -37.27 -26.44
C LYS A 663 -47.07 -38.01 -25.50
N LYS A 664 -47.26 -37.51 -24.29
CA LYS A 664 -48.11 -38.17 -23.30
C LYS A 664 -49.24 -37.27 -22.85
N PHE A 709 -37.71 -32.71 -18.95
CA PHE A 709 -36.42 -32.10 -18.69
C PHE A 709 -36.56 -30.88 -17.80
N ASP A 710 -35.57 -30.66 -16.92
CA ASP A 710 -35.57 -29.52 -16.03
C ASP A 710 -35.38 -28.24 -16.84
N PHE A 711 -36.46 -27.48 -17.03
CA PHE A 711 -36.38 -26.28 -17.85
C PHE A 711 -35.46 -25.24 -17.23
N GLY A 712 -35.55 -25.03 -15.92
CA GLY A 712 -34.83 -23.98 -15.24
C GLY A 712 -33.32 -24.01 -15.41
N ASP A 713 -32.71 -25.13 -15.02
CA ASP A 713 -31.26 -25.25 -15.13
C ASP A 713 -30.80 -25.12 -16.57
N THR A 714 -31.53 -25.76 -17.49
CA THR A 714 -31.16 -25.70 -18.90
C THR A 714 -31.15 -24.25 -19.40
N MET A 715 -32.24 -23.51 -19.16
CA MET A 715 -32.28 -22.17 -19.72
C MET A 715 -31.32 -21.22 -19.02
N VAL A 716 -31.10 -21.39 -17.71
CA VAL A 716 -30.15 -20.50 -17.04
C VAL A 716 -28.73 -20.76 -17.51
N HIS A 717 -28.36 -22.04 -17.67
CA HIS A 717 -27.02 -22.34 -18.18
C HIS A 717 -26.86 -21.84 -19.61
N GLN A 718 -27.89 -22.01 -20.44
CA GLN A 718 -27.82 -21.48 -21.80
C GLN A 718 -27.68 -19.97 -21.79
N ALA A 719 -28.40 -19.28 -20.90
CA ALA A 719 -28.32 -17.83 -20.83
C ALA A 719 -26.92 -17.37 -20.42
N ILE A 720 -26.35 -18.01 -19.40
CA ILE A 720 -25.01 -17.61 -18.96
C ILE A 720 -23.98 -17.90 -20.05
N HIS A 721 -24.13 -19.02 -20.77
CA HIS A 721 -23.20 -19.31 -21.85
C HIS A 721 -23.33 -18.29 -22.97
N THR A 722 -24.56 -17.89 -23.29
CA THR A 722 -24.76 -16.92 -24.36
C THR A 722 -24.18 -15.55 -24.01
N ILE A 723 -24.43 -15.06 -22.78
CA ILE A 723 -23.87 -13.77 -22.42
C ILE A 723 -22.35 -13.86 -22.34
N GLU A 724 -21.83 -14.98 -21.82
CA GLU A 724 -20.38 -15.16 -21.77
C GLU A 724 -19.78 -15.09 -23.16
N TYR A 725 -20.38 -15.78 -24.14
CA TYR A 725 -19.82 -15.77 -25.49
C TYR A 725 -19.95 -14.40 -26.14
N CYS A 726 -21.11 -13.74 -25.97
CA CYS A 726 -21.31 -12.46 -26.65
C CYS A 726 -20.37 -11.40 -26.10
N LEU A 727 -20.13 -11.40 -24.78
CA LEU A 727 -19.15 -10.47 -24.23
C LEU A 727 -17.73 -10.91 -24.56
N GLY A 728 -17.49 -12.23 -24.61
CA GLY A 728 -16.17 -12.75 -24.86
C GLY A 728 -15.68 -12.53 -26.28
N CYS A 729 -16.59 -12.39 -27.24
CA CYS A 729 -16.15 -12.03 -28.58
C CYS A 729 -15.37 -10.71 -28.55
N ILE A 730 -15.97 -9.68 -27.96
CA ILE A 730 -15.30 -8.39 -27.84
C ILE A 730 -14.08 -8.50 -26.92
N SER A 731 -14.23 -9.21 -25.80
CA SER A 731 -13.13 -9.31 -24.85
C SER A 731 -11.92 -9.98 -25.46
N ASN A 732 -12.11 -11.06 -26.22
CA ASN A 732 -11.00 -11.75 -26.84
C ASN A 732 -10.47 -10.98 -28.05
N THR A 733 -11.33 -10.24 -28.75
CA THR A 733 -10.82 -9.35 -29.79
C THR A 733 -9.87 -8.32 -29.21
N ALA A 734 -10.23 -7.75 -28.06
CA ALA A 734 -9.33 -6.82 -27.38
C ALA A 734 -8.09 -7.54 -26.85
N SER A 735 -8.25 -8.73 -26.30
CA SER A 735 -7.13 -9.45 -25.71
C SER A 735 -6.16 -9.98 -26.75
N TYR A 736 -6.60 -10.15 -27.99
CA TYR A 736 -5.69 -10.52 -29.06
C TYR A 736 -4.65 -9.45 -29.34
N LEU A 737 -4.83 -8.25 -28.80
CA LEU A 737 -3.90 -7.15 -28.99
C LEU A 737 -2.62 -7.31 -28.17
N ARG A 738 -2.55 -8.33 -27.30
CA ARG A 738 -1.46 -8.41 -26.33
C ARG A 738 -0.10 -8.59 -27.00
N LEU A 739 0.04 -9.61 -27.86
CA LEU A 739 1.36 -9.96 -28.40
C LEU A 739 1.98 -8.81 -29.18
N TRP A 740 1.17 -7.89 -29.67
CA TRP A 740 1.67 -6.76 -30.44
C TRP A 740 2.36 -5.76 -29.53
N ALA A 741 1.92 -5.65 -28.28
CA ALA A 741 2.65 -4.85 -27.30
C ALA A 741 4.03 -5.45 -27.06
N LEU A 742 4.13 -6.78 -26.94
CA LEU A 742 5.43 -7.43 -26.86
C LEU A 742 6.27 -7.14 -28.11
N SER A 743 5.64 -7.15 -29.28
CA SER A 743 6.37 -6.85 -30.51
C SER A 743 6.98 -5.45 -30.46
N LEU A 744 6.16 -4.45 -30.14
CA LEU A 744 6.65 -3.08 -30.07
C LEU A 744 7.72 -2.93 -28.99
N ALA A 745 7.49 -3.54 -27.83
CA ALA A 745 8.45 -3.42 -26.74
C ALA A 745 9.77 -4.08 -27.09
N HIS A 746 9.74 -5.25 -27.74
CA HIS A 746 10.98 -5.91 -28.14
C HIS A 746 11.71 -5.08 -29.18
N ALA A 747 10.99 -4.52 -30.15
CA ALA A 747 11.64 -3.67 -31.15
C ALA A 747 12.31 -2.48 -30.50
N GLN A 748 11.59 -1.79 -29.60
CA GLN A 748 12.17 -0.63 -28.94
C GLN A 748 13.33 -1.02 -28.04
N LEU A 749 13.23 -2.14 -27.33
CA LEU A 749 14.32 -2.60 -26.48
C LEU A 749 15.57 -2.88 -27.30
N SER A 750 15.42 -3.57 -28.43
CA SER A 750 16.56 -3.84 -29.29
C SER A 750 17.16 -2.55 -29.83
N GLU A 751 16.31 -1.63 -30.29
CA GLU A 751 16.81 -0.38 -30.85
C GLU A 751 17.56 0.44 -29.81
N VAL A 752 17.02 0.53 -28.60
CA VAL A 752 17.66 1.34 -27.56
C VAL A 752 18.93 0.66 -27.07
N LEU A 753 18.93 -0.67 -26.95
CA LEU A 753 20.15 -1.38 -26.58
C LEU A 753 21.24 -1.12 -27.60
N TRP A 754 20.90 -1.20 -28.90
CA TRP A 754 21.87 -0.89 -29.93
C TRP A 754 22.39 0.54 -29.79
N THR A 755 21.48 1.51 -29.76
CA THR A 755 21.88 2.92 -29.72
C THR A 755 22.58 3.30 -28.43
N MET A 756 22.49 2.47 -27.39
CA MET A 756 23.10 2.78 -26.11
C MET A 756 24.44 2.08 -25.91
N VAL A 757 24.66 0.92 -26.54
CA VAL A 757 25.90 0.17 -26.39
C VAL A 757 26.72 0.17 -27.68
N ILE A 758 26.14 -0.32 -28.78
CA ILE A 758 26.90 -0.45 -30.02
C ILE A 758 27.22 0.90 -30.62
N HIS A 759 26.24 1.81 -30.62
CA HIS A 759 26.49 3.15 -31.14
C HIS A 759 27.60 3.85 -30.37
N ILE A 760 27.69 3.59 -29.06
CA ILE A 760 28.81 4.11 -28.28
C ILE A 760 30.10 3.41 -28.67
N GLY A 761 30.04 2.10 -28.92
CA GLY A 761 31.24 1.32 -29.17
C GLY A 761 31.91 1.56 -30.50
N LEU A 762 31.20 2.13 -31.47
CA LEU A 762 31.73 2.35 -32.82
C LEU A 762 31.85 3.85 -33.05
N HIS A 763 33.09 4.36 -32.99
CA HIS A 763 33.34 5.79 -33.13
C HIS A 763 34.74 5.97 -33.73
N VAL A 764 35.30 7.16 -33.55
CA VAL A 764 36.53 7.59 -34.21
C VAL A 764 37.71 7.32 -33.29
N ARG A 765 38.93 7.49 -33.80
CA ARG A 765 40.16 7.03 -33.15
C ARG A 765 40.15 5.50 -33.02
N SER A 766 40.19 4.89 -34.21
CA SER A 766 40.02 3.44 -34.38
C SER A 766 40.71 2.60 -33.30
N LEU A 767 41.95 2.96 -32.96
CA LEU A 767 42.67 2.20 -31.92
C LEU A 767 41.91 2.23 -30.60
N ALA A 768 41.54 3.43 -30.13
CA ALA A 768 40.78 3.53 -28.90
C ALA A 768 39.33 3.07 -29.10
N GLY A 769 38.81 3.18 -30.32
CA GLY A 769 37.45 2.78 -30.59
C GLY A 769 37.26 1.29 -30.73
N GLY A 770 38.36 0.53 -30.82
CA GLY A 770 38.24 -0.91 -31.00
C GLY A 770 39.08 -1.75 -30.06
N LEU A 771 39.98 -1.12 -29.31
CA LEU A 771 40.73 -1.86 -28.31
C LEU A 771 39.79 -2.43 -27.24
N GLY A 772 38.83 -1.63 -26.79
CA GLY A 772 37.82 -2.06 -25.87
C GLY A 772 36.53 -2.58 -26.50
N LEU A 773 36.49 -2.71 -27.83
CA LEU A 773 35.28 -3.20 -28.47
C LEU A 773 34.94 -4.61 -28.04
N PHE A 774 35.94 -5.40 -27.63
CA PHE A 774 35.67 -6.76 -27.19
C PHE A 774 34.76 -6.77 -25.96
N PHE A 775 35.07 -5.94 -24.96
CA PHE A 775 34.28 -5.92 -23.74
C PHE A 775 32.88 -5.40 -24.00
N ILE A 776 32.76 -4.32 -24.77
CA ILE A 776 31.44 -3.75 -25.06
C ILE A 776 30.59 -4.75 -25.85
N PHE A 777 31.20 -5.45 -26.80
CA PHE A 777 30.44 -6.40 -27.60
C PHE A 777 30.08 -7.64 -26.78
N ALA A 778 30.93 -8.04 -25.85
CA ALA A 778 30.56 -9.12 -24.92
C ALA A 778 29.39 -8.71 -24.05
N ALA A 779 29.38 -7.45 -23.59
CA ALA A 779 28.23 -6.94 -22.85
C ALA A 779 26.97 -6.96 -23.72
N PHE A 780 27.12 -6.60 -25.00
CA PHE A 780 25.99 -6.69 -25.93
C PHE A 780 25.47 -8.12 -26.02
N ALA A 781 26.38 -9.08 -26.16
CA ALA A 781 25.96 -10.48 -26.27
C ALA A 781 25.23 -10.93 -25.01
N THR A 782 25.78 -10.58 -23.84
CA THR A 782 25.14 -10.97 -22.59
C THR A 782 23.75 -10.34 -22.45
N LEU A 783 23.62 -9.06 -22.79
CA LEU A 783 22.33 -8.38 -22.67
C LEU A 783 21.32 -8.96 -23.66
N THR A 784 21.76 -9.22 -24.90
CA THR A 784 20.85 -9.80 -25.89
C THR A 784 20.39 -11.18 -25.48
N VAL A 785 21.28 -11.98 -24.88
CA VAL A 785 20.89 -13.30 -24.40
C VAL A 785 19.90 -13.16 -23.24
N ALA A 786 20.20 -12.28 -22.29
CA ALA A 786 19.45 -12.22 -21.04
C ALA A 786 18.06 -11.61 -21.21
N ILE A 787 17.99 -10.35 -21.63
CA ILE A 787 16.72 -9.63 -21.58
C ILE A 787 15.90 -9.88 -22.84
N LEU A 788 16.56 -10.16 -23.96
CA LEU A 788 15.85 -10.30 -25.23
C LEU A 788 15.55 -11.77 -25.53
N LEU A 789 16.59 -12.61 -25.56
CA LEU A 789 16.41 -14.00 -25.97
C LEU A 789 15.58 -14.78 -24.97
N ILE A 790 15.94 -14.71 -23.68
CA ILE A 790 15.27 -15.51 -22.66
C ILE A 790 14.09 -14.78 -22.07
N MET A 791 14.33 -13.61 -21.48
CA MET A 791 13.29 -12.91 -20.73
C MET A 791 12.10 -12.56 -21.62
N GLU A 792 12.32 -11.71 -22.63
CA GLU A 792 11.25 -11.39 -23.57
C GLU A 792 10.82 -12.62 -24.35
N GLY A 793 11.75 -13.53 -24.63
CA GLY A 793 11.38 -14.77 -25.28
C GLY A 793 10.42 -15.59 -24.45
N LEU A 794 10.68 -15.72 -23.15
CA LEU A 794 9.76 -16.43 -22.27
C LEU A 794 8.43 -15.69 -22.17
N SER A 795 8.47 -14.36 -22.13
CA SER A 795 7.24 -13.58 -22.05
C SER A 795 6.34 -13.86 -23.25
N ALA A 796 6.92 -13.82 -24.46
CA ALA A 796 6.13 -14.15 -25.65
C ALA A 796 5.70 -15.61 -25.65
N PHE A 797 6.60 -16.50 -25.21
CA PHE A 797 6.31 -17.92 -25.12
C PHE A 797 5.03 -18.18 -24.35
N LEU A 798 4.88 -17.52 -23.20
CA LEU A 798 3.69 -17.74 -22.39
C LEU A 798 2.51 -16.87 -22.79
N HIS A 799 2.78 -15.71 -23.40
CA HIS A 799 1.70 -14.88 -23.93
C HIS A 799 0.91 -15.63 -24.99
N ALA A 800 1.63 -16.26 -25.91
CA ALA A 800 0.95 -16.98 -26.98
C ALA A 800 0.22 -18.21 -26.45
N LEU A 801 0.75 -18.85 -25.40
CA LEU A 801 0.04 -19.97 -24.79
C LEU A 801 -1.26 -19.49 -24.14
N ARG A 802 -1.22 -18.31 -23.50
CA ARG A 802 -2.45 -17.75 -22.96
C ARG A 802 -3.45 -17.45 -24.06
N LEU A 803 -2.97 -16.88 -25.17
CA LEU A 803 -3.85 -16.62 -26.31
C LEU A 803 -4.44 -17.92 -26.86
N HIS A 804 -3.65 -18.99 -26.81
CA HIS A 804 -4.18 -20.33 -27.08
C HIS A 804 -5.33 -20.67 -26.14
N TRP A 805 -5.09 -20.58 -24.84
CA TRP A 805 -5.94 -21.24 -23.86
C TRP A 805 -7.12 -20.40 -23.38
N VAL A 806 -7.24 -19.15 -23.85
CA VAL A 806 -8.34 -18.29 -23.43
C VAL A 806 -9.35 -18.08 -24.56
N GLU A 807 -8.86 -17.94 -25.79
CA GLU A 807 -9.75 -17.64 -26.92
C GLU A 807 -9.55 -18.56 -28.10
N PHE A 808 -8.31 -18.95 -28.40
CA PHE A 808 -8.06 -19.81 -29.55
C PHE A 808 -8.71 -21.17 -29.38
N GLN A 809 -8.29 -21.92 -28.36
CA GLN A 809 -8.84 -23.26 -28.18
C GLN A 809 -10.10 -23.27 -27.32
N ASN A 810 -10.45 -22.14 -26.70
CA ASN A 810 -11.70 -22.11 -25.96
C ASN A 810 -12.82 -21.67 -26.89
N LYS A 811 -12.88 -22.26 -28.07
CA LYS A 811 -13.97 -22.04 -29.02
C LYS A 811 -14.54 -23.32 -29.59
N PHE A 812 -13.71 -24.32 -29.86
CA PHE A 812 -14.17 -25.56 -30.49
C PHE A 812 -14.24 -26.73 -29.53
N TYR A 813 -13.29 -26.85 -28.60
CA TYR A 813 -13.28 -27.93 -27.63
C TYR A 813 -13.51 -27.38 -26.23
N THR A 814 -14.38 -28.05 -25.48
CA THR A 814 -14.67 -27.71 -24.09
C THR A 814 -14.82 -28.98 -23.29
N GLY A 815 -14.39 -28.93 -22.04
CA GLY A 815 -14.62 -30.02 -21.10
C GLY A 815 -13.32 -30.66 -20.66
N THR A 816 -13.46 -31.66 -19.80
CA THR A 816 -12.33 -32.41 -19.26
C THR A 816 -12.65 -33.90 -19.28
N GLY A 817 -11.60 -34.70 -19.16
CA GLY A 817 -11.75 -36.14 -19.13
C GLY A 817 -10.51 -36.81 -18.58
N PHE A 818 -10.67 -38.04 -18.12
CA PHE A 818 -9.56 -38.78 -17.55
C PHE A 818 -8.51 -39.08 -18.62
N LYS A 819 -7.24 -38.89 -18.26
CA LYS A 819 -6.13 -39.14 -19.17
C LYS A 819 -5.86 -40.65 -19.23
N PHE A 820 -4.83 -41.04 -19.94
CA PHE A 820 -4.46 -42.44 -20.04
C PHE A 820 -3.81 -42.93 -18.75
N LEU A 821 -3.93 -44.22 -18.48
CA LEU A 821 -3.33 -44.79 -17.29
C LEU A 821 -3.09 -46.29 -17.46
N PRO A 822 -2.09 -46.69 -18.25
CA PRO A 822 -1.78 -48.12 -18.38
C PRO A 822 -0.78 -48.59 -17.33
N PHE A 823 -0.38 -49.86 -17.41
CA PHE A 823 0.62 -50.42 -16.51
C PHE A 823 1.97 -50.37 -17.21
N SER A 824 2.57 -49.18 -17.21
CA SER A 824 3.81 -48.93 -17.92
C SER A 824 5.05 -49.24 -17.11
N PHE A 825 4.89 -49.65 -15.85
CA PHE A 825 6.02 -49.82 -14.93
C PHE A 825 6.86 -48.56 -14.88
N GLU A 826 6.20 -47.44 -14.55
CA GLU A 826 6.87 -46.15 -14.52
C GLU A 826 8.03 -46.14 -13.53
N HIS A 827 7.97 -46.99 -12.51
CA HIS A 827 9.06 -47.11 -11.54
C HIS A 827 10.24 -47.84 -12.16
N ILE A 828 10.87 -47.23 -13.16
CA ILE A 828 12.02 -47.80 -13.86
C ILE A 828 11.68 -49.16 -14.43
N THR B 1 0.96 3.12 12.36
CA THR B 1 -0.16 4.02 12.11
C THR B 1 0.32 5.46 11.98
N GLY B 2 1.63 5.65 12.10
CA GLY B 2 2.18 7.01 12.00
C GLY B 2 1.93 7.64 10.65
N LEU B 3 2.00 6.84 9.58
CA LEU B 3 1.73 7.37 8.25
C LEU B 3 0.28 7.84 8.14
N GLU B 4 -0.66 7.07 8.70
CA GLU B 4 -2.06 7.50 8.69
C GLU B 4 -2.23 8.80 9.46
N LEU B 5 -1.54 8.94 10.60
CA LEU B 5 -1.62 10.17 11.37
C LEU B 5 -1.08 11.35 10.57
N LEU B 6 0.05 11.16 9.88
CA LEU B 6 0.62 12.23 9.08
C LEU B 6 -0.32 12.64 7.95
N TYR B 7 -0.91 11.64 7.26
CA TYR B 7 -1.83 11.96 6.17
C TYR B 7 -3.05 12.70 6.68
N LEU B 8 -3.62 12.25 7.81
CA LEU B 8 -4.78 12.93 8.37
C LEU B 8 -4.42 14.34 8.81
N GLY B 9 -3.24 14.54 9.39
CA GLY B 9 -2.83 15.86 9.79
C GLY B 9 -2.66 16.81 8.62
N ILE B 10 -2.03 16.33 7.55
CA ILE B 10 -1.90 17.15 6.35
C ILE B 10 -3.27 17.48 5.78
N PHE B 11 -4.16 16.50 5.72
CA PHE B 11 -5.52 16.71 5.22
C PHE B 11 -6.23 17.78 6.03
N VAL B 12 -6.25 17.64 7.35
CA VAL B 12 -7.02 18.56 8.18
C VAL B 12 -6.39 19.95 8.17
N ALA B 13 -5.06 20.03 8.18
CA ALA B 13 -4.41 21.34 8.15
C ALA B 13 -4.69 22.05 6.84
N PHE B 14 -4.59 21.33 5.71
CA PHE B 14 -4.85 21.97 4.42
C PHE B 14 -6.30 22.41 4.31
N TRP B 15 -7.24 21.59 4.78
CA TRP B 15 -8.65 21.97 4.67
C TRP B 15 -8.99 23.14 5.61
N ALA B 16 -8.39 23.16 6.80
CA ALA B 16 -8.58 24.30 7.69
C ALA B 16 -8.01 25.58 7.10
N CYS B 17 -6.82 25.49 6.50
CA CYS B 17 -6.25 26.65 5.84
C CYS B 17 -7.13 27.11 4.68
N MET B 18 -7.69 26.17 3.93
CA MET B 18 -8.54 26.53 2.80
C MET B 18 -9.83 27.21 3.27
N ILE B 19 -10.47 26.67 4.30
CA ILE B 19 -11.72 27.29 4.76
C ILE B 19 -11.44 28.64 5.38
N VAL B 20 -10.33 28.78 6.11
CA VAL B 20 -10.01 30.08 6.72
C VAL B 20 -9.65 31.11 5.66
N VAL B 21 -8.94 30.70 4.60
CA VAL B 21 -8.61 31.66 3.55
C VAL B 21 -9.86 32.02 2.75
N GLY B 22 -10.77 31.07 2.57
CA GLY B 22 -12.03 31.40 1.90
C GLY B 22 -12.87 32.38 2.71
N ILE B 23 -12.98 32.16 4.02
CA ILE B 23 -13.77 33.06 4.83
C ILE B 23 -13.10 34.43 4.91
N CYS B 24 -11.77 34.47 4.98
CA CYS B 24 -11.07 35.75 4.96
C CYS B 24 -11.29 36.48 3.64
N TYR B 25 -11.26 35.75 2.52
CA TYR B 25 -11.47 36.39 1.23
C TYR B 25 -12.88 36.94 1.10
N THR B 26 -13.89 36.18 1.54
CA THR B 26 -15.26 36.67 1.40
C THR B 26 -15.58 37.77 2.41
N ILE B 27 -14.92 37.77 3.57
CA ILE B 27 -15.15 38.82 4.57
C ILE B 27 -14.56 40.14 4.09
N PHE B 28 -13.34 40.11 3.57
CA PHE B 28 -12.60 41.31 3.21
C PHE B 28 -13.05 41.92 1.88
N ASP B 29 -14.25 41.55 1.41
CA ASP B 29 -14.76 41.95 0.10
C ASP B 29 -13.67 41.89 -0.98
N LEU B 30 -12.99 40.75 -1.02
CA LEU B 30 -11.91 40.49 -1.95
C LEU B 30 -12.26 39.29 -2.83
N GLY B 31 -13.52 39.17 -3.20
CA GLY B 31 -13.97 38.02 -3.99
C GLY B 31 -13.35 37.97 -5.38
N PHE B 32 -13.13 39.13 -6.00
CA PHE B 32 -12.64 39.15 -7.37
C PHE B 32 -11.23 38.55 -7.47
N ARG B 33 -10.44 38.66 -6.41
CA ARG B 33 -9.10 38.08 -6.43
C ARG B 33 -9.15 36.56 -6.54
N PHE B 34 -10.07 35.92 -5.81
CA PHE B 34 -10.22 34.47 -5.83
C PHE B 34 -10.97 34.10 -7.11
N ASP B 35 -10.23 34.12 -8.23
CA ASP B 35 -10.81 33.96 -9.55
C ASP B 35 -10.58 32.52 -10.01
N VAL B 36 -11.65 31.71 -10.00
CA VAL B 36 -11.57 30.37 -10.56
C VAL B 36 -11.51 30.43 -12.07
N ALA B 37 -12.20 31.40 -12.68
CA ALA B 37 -12.22 31.52 -14.13
C ALA B 37 -10.82 31.74 -14.69
N TRP B 38 -10.04 32.62 -14.05
CA TRP B 38 -8.68 32.87 -14.52
C TRP B 38 -7.82 31.62 -14.41
N PHE B 39 -8.01 30.84 -13.34
CA PHE B 39 -7.27 29.58 -13.20
C PHE B 39 -7.63 28.60 -14.31
N LEU B 40 -8.92 28.42 -14.57
CA LEU B 40 -9.32 27.48 -15.61
C LEU B 40 -9.02 28.00 -17.01
N THR B 41 -8.76 29.29 -17.16
CA THR B 41 -8.49 29.86 -18.48
C THR B 41 -7.00 29.90 -18.80
N GLU B 42 -6.21 30.61 -17.98
CA GLU B 42 -4.79 30.76 -18.26
C GLU B 42 -4.02 29.46 -18.18
N THR B 43 -4.61 28.42 -17.58
CA THR B 43 -3.97 27.12 -17.55
C THR B 43 -4.03 26.46 -18.93
N SER B 44 -2.93 25.85 -19.33
CA SER B 44 -2.84 25.26 -20.66
C SER B 44 -3.72 24.02 -20.76
N PRO B 45 -4.58 23.93 -21.78
CA PRO B 45 -5.38 22.70 -21.95
C PRO B 45 -4.55 21.46 -22.23
N PHE B 46 -3.32 21.64 -22.72
CA PHE B 46 -2.46 20.48 -22.99
C PHE B 46 -2.18 19.69 -21.72
N MET B 47 -1.99 20.39 -20.59
CA MET B 47 -1.77 19.67 -19.34
C MET B 47 -2.99 18.83 -18.99
N TRP B 48 -4.19 19.40 -19.13
CA TRP B 48 -5.40 18.67 -18.82
C TRP B 48 -5.52 17.43 -19.71
N SER B 49 -5.27 17.59 -21.01
CA SER B 49 -5.40 16.47 -21.93
C SER B 49 -4.40 15.36 -21.59
N ASN B 50 -3.14 15.73 -21.41
CA ASN B 50 -2.11 14.71 -21.18
C ASN B 50 -2.25 14.06 -19.81
N LEU B 51 -2.63 14.83 -18.80
CA LEU B 51 -2.90 14.26 -17.49
C LEU B 51 -4.08 13.30 -17.55
N GLY B 52 -5.11 13.66 -18.32
CA GLY B 52 -6.23 12.74 -18.50
C GLY B 52 -5.81 11.44 -19.16
N ILE B 53 -4.98 11.53 -20.20
CA ILE B 53 -4.50 10.32 -20.86
C ILE B 53 -3.69 9.47 -19.90
N GLY B 54 -2.74 10.10 -19.19
CA GLY B 54 -1.89 9.37 -18.28
C GLY B 54 -2.67 8.69 -17.17
N LEU B 55 -3.62 9.41 -16.57
CA LEU B 55 -4.46 8.81 -15.54
C LEU B 55 -5.34 7.72 -16.12
N ALA B 56 -5.87 7.91 -17.33
CA ALA B 56 -6.74 6.92 -17.94
C ALA B 56 -6.03 5.58 -18.08
N ILE B 57 -4.76 5.61 -18.50
CA ILE B 57 -4.06 4.33 -18.61
C ILE B 57 -3.53 3.87 -17.26
N SER B 58 -3.07 4.79 -16.41
CA SER B 58 -2.37 4.41 -15.19
C SER B 58 -3.31 3.85 -14.13
N LEU B 59 -4.47 4.49 -13.92
CA LEU B 59 -5.43 3.96 -12.98
C LEU B 59 -5.90 2.57 -13.42
N SER B 60 -6.13 2.41 -14.72
CA SER B 60 -6.52 1.11 -15.23
C SER B 60 -5.47 0.05 -14.91
N VAL B 61 -4.21 0.36 -15.20
CA VAL B 61 -3.16 -0.65 -15.02
C VAL B 61 -2.95 -0.96 -13.55
N VAL B 62 -3.03 0.04 -12.67
CA VAL B 62 -2.79 -0.23 -11.26
C VAL B 62 -3.98 -0.94 -10.62
N GLY B 63 -5.21 -0.67 -11.05
CA GLY B 63 -6.34 -1.48 -10.61
C GLY B 63 -6.22 -2.91 -11.06
N ALA B 64 -5.77 -3.12 -12.30
CA ALA B 64 -5.55 -4.47 -12.78
C ALA B 64 -4.47 -5.17 -11.97
N ALA B 65 -3.41 -4.45 -11.59
CA ALA B 65 -2.36 -5.04 -10.76
C ALA B 65 -2.89 -5.42 -9.39
N TRP B 66 -3.69 -4.54 -8.78
CA TRP B 66 -4.35 -4.86 -7.52
C TRP B 66 -5.11 -6.17 -7.64
N GLY B 67 -5.95 -6.27 -8.67
CA GLY B 67 -6.75 -7.48 -8.85
C GLY B 67 -5.90 -8.72 -9.05
N ILE B 68 -4.90 -8.63 -9.92
CA ILE B 68 -4.14 -9.83 -10.27
C ILE B 68 -3.35 -10.32 -9.06
N TYR B 69 -2.76 -9.42 -8.28
CA TYR B 69 -2.01 -9.91 -7.12
C TYR B 69 -2.96 -10.41 -6.02
N ILE B 70 -4.07 -9.71 -5.80
CA ILE B 70 -4.98 -10.11 -4.73
C ILE B 70 -5.63 -11.44 -5.06
N THR B 71 -5.66 -11.82 -6.34
CA THR B 71 -6.17 -13.15 -6.69
C THR B 71 -5.06 -14.19 -6.82
N GLY B 72 -3.86 -13.78 -7.24
CA GLY B 72 -2.77 -14.72 -7.37
C GLY B 72 -2.28 -15.25 -6.03
N SER B 73 -2.21 -14.38 -5.03
CA SER B 73 -1.85 -14.85 -3.70
C SER B 73 -2.86 -15.88 -3.21
N SER B 74 -4.14 -15.60 -3.42
CA SER B 74 -5.20 -16.54 -3.05
C SER B 74 -5.05 -17.87 -3.79
N ILE B 75 -4.76 -17.81 -5.09
CA ILE B 75 -4.62 -19.03 -5.88
C ILE B 75 -3.45 -19.86 -5.37
N ILE B 76 -2.30 -19.22 -5.16
CA ILE B 76 -1.11 -19.97 -4.76
C ILE B 76 -1.30 -20.53 -3.35
N GLY B 77 -1.97 -19.79 -2.47
CA GLY B 77 -2.25 -20.33 -1.16
C GLY B 77 -3.19 -21.53 -1.21
N GLY B 78 -4.27 -21.42 -1.99
CA GLY B 78 -5.24 -22.49 -2.07
C GLY B 78 -4.91 -23.61 -3.03
N GLY B 79 -3.83 -23.47 -3.80
CA GLY B 79 -3.43 -24.48 -4.75
C GLY B 79 -2.39 -25.45 -4.28
N VAL B 80 -1.95 -25.35 -3.02
CA VAL B 80 -0.93 -26.26 -2.51
C VAL B 80 -1.50 -27.68 -2.41
N LYS B 81 -2.68 -27.82 -1.82
CA LYS B 81 -3.29 -29.13 -1.66
C LYS B 81 -3.89 -29.67 -2.96
N ALA B 82 -4.42 -28.78 -3.81
CA ALA B 82 -5.03 -29.17 -5.08
C ALA B 82 -4.28 -28.46 -6.21
N PRO B 83 -3.27 -29.09 -6.80
CA PRO B 83 -2.54 -28.44 -7.89
C PRO B 83 -3.39 -28.19 -9.13
N ARG B 84 -4.50 -28.92 -9.29
CA ARG B 84 -5.30 -28.78 -10.51
C ARG B 84 -5.86 -27.37 -10.67
N ILE B 85 -6.02 -26.64 -9.57
CA ILE B 85 -6.53 -25.27 -9.64
C ILE B 85 -5.48 -24.27 -10.10
N LYS B 86 -4.23 -24.71 -10.29
CA LYS B 86 -3.16 -23.79 -10.69
C LYS B 86 -3.40 -23.18 -12.06
N THR B 87 -4.21 -23.82 -12.90
CA THR B 87 -4.46 -23.32 -14.25
C THR B 87 -5.94 -23.15 -14.57
N LYS B 88 -6.78 -24.05 -14.09
CA LYS B 88 -8.20 -24.02 -14.45
C LYS B 88 -8.86 -22.72 -14.01
N ASN B 89 -8.46 -22.19 -12.84
CA ASN B 89 -9.03 -20.95 -12.33
C ASN B 89 -8.59 -19.74 -13.15
N LEU B 90 -7.56 -19.88 -14.00
CA LEU B 90 -7.01 -18.75 -14.74
C LEU B 90 -8.05 -18.00 -15.54
N VAL B 91 -9.21 -18.61 -15.81
CA VAL B 91 -10.25 -17.93 -16.58
C VAL B 91 -10.76 -16.69 -15.86
N SER B 92 -10.64 -16.66 -14.53
CA SER B 92 -11.04 -15.49 -13.75
C SER B 92 -9.91 -14.49 -13.57
N ILE B 93 -8.70 -14.81 -14.02
CA ILE B 93 -7.58 -13.91 -13.88
C ILE B 93 -7.48 -12.97 -15.08
N ILE B 94 -7.60 -13.53 -16.28
CA ILE B 94 -7.41 -12.74 -17.50
C ILE B 94 -8.36 -11.55 -17.52
N PHE B 95 -9.56 -11.71 -16.93
CA PHE B 95 -10.49 -10.60 -16.75
C PHE B 95 -9.75 -9.35 -16.28
N CYS B 96 -9.11 -9.45 -15.12
CA CYS B 96 -8.34 -8.33 -14.59
C CYS B 96 -7.37 -7.80 -15.63
N GLU B 97 -6.58 -8.69 -16.23
CA GLU B 97 -5.63 -8.26 -17.25
C GLU B 97 -6.36 -7.65 -18.43
N ALA B 98 -7.44 -8.29 -18.89
CA ALA B 98 -8.23 -7.71 -19.97
C ALA B 98 -8.79 -6.36 -19.56
N VAL B 99 -9.09 -6.20 -18.27
CA VAL B 99 -9.54 -4.91 -17.76
C VAL B 99 -8.49 -3.85 -18.05
N ALA B 100 -7.22 -4.17 -17.80
CA ALA B 100 -6.15 -3.23 -18.12
C ALA B 100 -6.12 -2.91 -19.61
N ILE B 101 -6.44 -3.89 -20.46
CA ILE B 101 -6.50 -3.63 -21.90
C ILE B 101 -7.54 -2.56 -22.19
N TYR B 102 -8.68 -2.63 -21.50
CA TYR B 102 -9.72 -1.61 -21.69
C TYR B 102 -9.21 -0.20 -21.47
N GLY B 103 -8.02 -0.04 -20.90
CA GLY B 103 -7.39 1.26 -20.80
C GLY B 103 -6.63 1.63 -22.06
N ILE B 104 -5.70 0.76 -22.49
CA ILE B 104 -4.73 1.17 -23.52
C ILE B 104 -5.44 1.57 -24.80
N ILE B 105 -6.37 0.74 -25.27
CA ILE B 105 -7.16 1.10 -26.46
C ILE B 105 -7.89 2.41 -26.21
N MET B 106 -8.53 2.54 -25.04
CA MET B 106 -9.10 3.83 -24.66
C MET B 106 -8.04 4.91 -24.67
N ALA B 107 -6.88 4.63 -24.08
CA ALA B 107 -5.81 5.63 -24.07
C ALA B 107 -5.38 6.01 -25.48
N ILE B 108 -5.63 5.15 -26.47
CA ILE B 108 -5.37 5.52 -27.85
C ILE B 108 -6.41 6.52 -28.34
N VAL B 109 -7.70 6.21 -28.10
CA VAL B 109 -8.77 6.95 -28.75
C VAL B 109 -8.73 8.42 -28.34
N ILE B 110 -8.61 8.69 -27.05
CA ILE B 110 -8.48 10.07 -26.59
C ILE B 110 -7.21 10.69 -27.17
N SER B 111 -6.10 9.95 -27.15
CA SER B 111 -4.87 10.44 -27.74
C SER B 111 -5.00 10.64 -29.24
N ASN B 112 -6.02 10.04 -29.86
CA ASN B 112 -6.26 10.25 -31.28
C ASN B 112 -6.77 11.66 -31.58
N MET B 113 -7.13 12.44 -30.56
CA MET B 113 -7.68 13.77 -30.78
C MET B 113 -6.81 14.85 -30.14
N ALA B 114 -5.50 14.77 -30.32
CA ALA B 114 -4.57 15.76 -29.80
C ALA B 114 -3.89 16.48 -30.97
N GLU B 115 -3.91 17.81 -30.93
CA GLU B 115 -3.30 18.65 -31.95
C GLU B 115 -2.56 19.79 -31.27
N PRO B 116 -1.56 20.36 -31.93
CA PRO B 116 -0.89 21.55 -31.39
C PRO B 116 -1.79 22.78 -31.51
N PHE B 117 -1.34 23.87 -30.90
CA PHE B 117 -2.13 25.09 -30.80
C PHE B 117 -1.54 26.25 -31.58
N SER B 118 -0.27 26.59 -31.32
CA SER B 118 0.36 27.80 -31.89
C SER B 118 -0.43 29.05 -31.52
N ALA B 119 -0.98 29.07 -30.31
CA ALA B 119 -1.71 30.22 -29.81
C ALA B 119 -1.50 30.32 -28.31
N THR B 120 -1.55 31.55 -27.80
CA THR B 120 -1.32 31.82 -26.39
C THR B 120 -2.48 32.51 -25.71
N ASP B 121 -3.10 33.49 -26.36
CA ASP B 121 -4.18 34.25 -25.73
C ASP B 121 -5.44 33.39 -25.61
N PRO B 122 -6.28 33.68 -24.61
CA PRO B 122 -7.53 32.91 -24.42
C PRO B 122 -8.78 33.56 -25.00
N LYS B 123 -8.71 34.73 -25.60
CA LYS B 123 -9.90 35.44 -26.06
C LYS B 123 -10.29 34.93 -27.44
N ALA B 124 -11.42 34.22 -27.51
CA ALA B 124 -12.02 33.70 -28.74
C ALA B 124 -11.12 32.73 -29.49
N ILE B 125 -9.94 32.41 -28.96
CA ILE B 125 -9.04 31.42 -29.57
C ILE B 125 -8.90 30.29 -28.55
N GLY B 126 -9.70 29.24 -28.72
CA GLY B 126 -9.57 28.10 -27.85
C GLY B 126 -10.84 27.69 -27.13
N HIS B 127 -11.97 28.32 -27.45
CA HIS B 127 -13.23 27.98 -26.80
C HIS B 127 -13.57 26.51 -27.04
N ARG B 128 -13.67 26.12 -28.32
CA ARG B 128 -13.86 24.73 -28.66
C ARG B 128 -12.68 23.89 -28.19
N ASN B 129 -11.47 24.45 -28.27
CA ASN B 129 -10.29 23.75 -27.75
C ASN B 129 -10.38 23.55 -26.25
N TYR B 130 -10.88 24.56 -25.52
CA TYR B 130 -11.07 24.42 -24.09
C TYR B 130 -12.04 23.29 -23.79
N HIS B 131 -13.17 23.27 -24.50
CA HIS B 131 -14.15 22.21 -24.30
C HIS B 131 -13.56 20.84 -24.60
N ALA B 132 -12.82 20.73 -25.70
CA ALA B 132 -12.23 19.44 -26.06
C ALA B 132 -11.25 18.96 -25.01
N GLY B 133 -10.37 19.85 -24.55
CA GLY B 133 -9.39 19.45 -23.55
C GLY B 133 -10.05 19.01 -22.25
N TYR B 134 -11.01 19.80 -21.77
CA TYR B 134 -11.67 19.43 -20.52
C TYR B 134 -12.48 18.15 -20.67
N SER B 135 -13.17 17.98 -21.81
CA SER B 135 -13.96 16.78 -22.04
C SER B 135 -13.10 15.54 -22.10
N MET B 136 -11.95 15.62 -22.78
CA MET B 136 -11.10 14.44 -22.88
C MET B 136 -10.41 14.15 -21.55
N PHE B 137 -10.07 15.18 -20.77
CA PHE B 137 -9.55 14.92 -19.44
C PHE B 137 -10.59 14.23 -18.56
N GLY B 138 -11.84 14.68 -18.64
CA GLY B 138 -12.91 14.04 -17.89
C GLY B 138 -13.12 12.59 -18.31
N ALA B 139 -13.12 12.34 -19.62
CA ALA B 139 -13.28 10.97 -20.11
C ALA B 139 -12.13 10.08 -19.64
N GLY B 140 -10.90 10.60 -19.68
CA GLY B 140 -9.77 9.83 -19.21
C GLY B 140 -9.86 9.49 -17.74
N LEU B 141 -10.22 10.49 -16.92
CA LEU B 141 -10.40 10.23 -15.49
C LEU B 141 -11.50 9.19 -15.27
N THR B 142 -12.61 9.31 -16.01
CA THR B 142 -13.72 8.38 -15.87
C THR B 142 -13.27 6.95 -16.16
N VAL B 143 -12.64 6.74 -17.32
CA VAL B 143 -12.25 5.38 -17.69
C VAL B 143 -11.21 4.84 -16.71
N GLY B 144 -10.23 5.67 -16.33
CA GLY B 144 -9.20 5.19 -15.42
C GLY B 144 -9.77 4.74 -14.09
N LEU B 145 -10.60 5.60 -13.47
CA LEU B 145 -11.15 5.27 -12.15
C LEU B 145 -12.09 4.07 -12.23
N SER B 146 -13.01 4.08 -13.20
CA SER B 146 -13.95 2.97 -13.31
C SER B 146 -13.22 1.66 -13.59
N ASN B 147 -12.24 1.68 -14.48
CA ASN B 147 -11.51 0.46 -14.81
C ASN B 147 -10.71 -0.05 -13.61
N LEU B 148 -10.07 0.85 -12.86
CA LEU B 148 -9.34 0.43 -11.67
C LEU B 148 -10.28 -0.22 -10.66
N PHE B 149 -11.43 0.39 -10.44
CA PHE B 149 -12.34 -0.08 -9.40
C PHE B 149 -12.98 -1.41 -9.80
N CYS B 150 -13.35 -1.56 -11.07
CA CYS B 150 -13.86 -2.83 -11.54
C CYS B 150 -12.78 -3.90 -11.50
N GLY B 151 -11.53 -3.54 -11.78
CA GLY B 151 -10.44 -4.51 -11.66
C GLY B 151 -10.29 -5.01 -10.24
N VAL B 152 -10.35 -4.11 -9.26
CA VAL B 152 -10.19 -4.55 -7.87
C VAL B 152 -11.39 -5.40 -7.45
N CYS B 153 -12.59 -5.03 -7.90
CA CYS B 153 -13.77 -5.84 -7.58
C CYS B 153 -13.65 -7.24 -8.18
N VAL B 154 -13.24 -7.32 -9.45
CA VAL B 154 -13.12 -8.60 -10.13
C VAL B 154 -12.05 -9.46 -9.47
N GLY B 155 -10.94 -8.85 -9.09
CA GLY B 155 -9.90 -9.60 -8.39
C GLY B 155 -10.39 -10.14 -7.06
N ILE B 156 -11.13 -9.32 -6.31
CA ILE B 156 -11.67 -9.77 -5.02
C ILE B 156 -12.59 -10.96 -5.23
N VAL B 157 -13.50 -10.85 -6.19
CA VAL B 157 -14.47 -11.92 -6.45
C VAL B 157 -13.76 -13.17 -6.94
N GLY B 158 -12.74 -13.00 -7.78
CA GLY B 158 -12.00 -14.14 -8.28
C GLY B 158 -11.25 -14.87 -7.19
N SER B 159 -10.66 -14.12 -6.24
CA SER B 159 -10.03 -14.77 -5.10
C SER B 159 -11.04 -15.55 -4.28
N GLY B 160 -12.22 -14.95 -4.04
CA GLY B 160 -13.26 -15.66 -3.31
C GLY B 160 -13.68 -16.95 -4.00
N ALA B 161 -13.92 -16.88 -5.31
CA ALA B 161 -14.33 -18.05 -6.06
C ALA B 161 -13.22 -19.10 -6.12
N ALA B 162 -11.97 -18.66 -6.21
CA ALA B 162 -10.85 -19.60 -6.24
C ALA B 162 -10.75 -20.36 -4.93
N LEU B 163 -10.91 -19.67 -3.80
CA LEU B 163 -10.94 -20.39 -2.54
C LEU B 163 -12.17 -21.27 -2.41
N ALA B 164 -13.28 -20.87 -3.03
CA ALA B 164 -14.46 -21.74 -3.05
C ALA B 164 -14.19 -23.03 -3.82
N ASP B 165 -13.42 -22.93 -4.91
CA ASP B 165 -13.11 -24.10 -5.73
C ASP B 165 -12.23 -25.12 -5.00
N ALA B 166 -11.54 -24.70 -3.95
CA ALA B 166 -10.60 -25.60 -3.27
C ALA B 166 -11.28 -26.77 -2.60
N GLN B 167 -12.58 -26.68 -2.32
CA GLN B 167 -13.31 -27.74 -1.64
C GLN B 167 -14.21 -28.52 -2.59
N ASN B 168 -15.12 -27.86 -3.28
CA ASN B 168 -15.96 -28.51 -4.29
C ASN B 168 -15.62 -27.90 -5.64
N PRO B 169 -15.08 -28.67 -6.58
CA PRO B 169 -14.71 -28.10 -7.88
C PRO B 169 -15.88 -27.87 -8.82
N SER B 170 -17.10 -28.19 -8.42
CA SER B 170 -18.26 -28.12 -9.31
C SER B 170 -19.06 -26.83 -9.18
N LEU B 171 -18.62 -25.88 -8.36
CA LEU B 171 -19.34 -24.62 -8.20
C LEU B 171 -18.73 -23.46 -8.96
N PHE B 172 -17.62 -23.69 -9.68
CA PHE B 172 -16.97 -22.60 -10.40
C PHE B 172 -17.88 -22.07 -11.51
N VAL B 173 -18.52 -22.97 -12.26
CA VAL B 173 -19.41 -22.54 -13.34
C VAL B 173 -20.61 -21.78 -12.77
N LYS B 174 -21.18 -22.28 -11.68
CA LYS B 174 -22.31 -21.61 -11.04
C LYS B 174 -21.91 -20.26 -10.45
N ILE B 175 -20.63 -20.05 -10.17
CA ILE B 175 -20.18 -18.81 -9.55
C ILE B 175 -19.49 -17.87 -10.54
N LEU B 176 -19.34 -18.25 -11.80
CA LEU B 176 -18.64 -17.42 -12.77
C LEU B 176 -19.39 -16.11 -13.08
N ILE B 177 -20.67 -16.02 -12.72
CA ILE B 177 -21.48 -14.89 -13.18
C ILE B 177 -21.08 -13.57 -12.52
N VAL B 178 -20.61 -13.61 -11.27
CA VAL B 178 -20.34 -12.38 -10.54
C VAL B 178 -19.19 -11.60 -11.19
N GLU B 179 -18.11 -12.29 -11.53
CA GLU B 179 -16.97 -11.60 -12.12
C GLU B 179 -17.28 -11.08 -13.52
N ILE B 180 -18.10 -11.78 -14.30
CA ILE B 180 -18.47 -11.22 -15.59
C ILE B 180 -19.41 -10.03 -15.42
N PHE B 181 -20.21 -10.02 -14.35
CA PHE B 181 -20.96 -8.79 -14.04
C PHE B 181 -20.02 -7.63 -13.75
N GLY B 182 -18.95 -7.88 -12.98
CA GLY B 182 -17.98 -6.82 -12.73
C GLY B 182 -17.30 -6.34 -14.00
N SER B 183 -16.91 -7.28 -14.86
CA SER B 183 -16.30 -6.91 -16.14
C SER B 183 -17.27 -6.12 -17.01
N ALA B 184 -18.56 -6.47 -16.96
CA ALA B 184 -19.55 -5.69 -17.69
C ALA B 184 -19.68 -4.29 -17.12
N ILE B 185 -19.51 -4.14 -15.81
CA ILE B 185 -19.56 -2.80 -15.21
C ILE B 185 -18.38 -1.97 -15.72
N GLY B 186 -17.20 -2.59 -15.80
CA GLY B 186 -16.08 -1.96 -16.46
C GLY B 186 -16.36 -1.60 -17.91
N LEU B 187 -17.10 -2.47 -18.61
CA LEU B 187 -17.49 -2.18 -19.98
C LEU B 187 -18.39 -0.96 -20.06
N PHE B 188 -19.31 -0.81 -19.10
CA PHE B 188 -20.11 0.42 -19.02
C PHE B 188 -19.22 1.63 -18.86
N GLY B 189 -18.22 1.54 -17.97
CA GLY B 189 -17.29 2.65 -17.81
C GLY B 189 -16.59 3.01 -19.11
N VAL B 190 -16.11 2.00 -19.84
CA VAL B 190 -15.44 2.25 -21.11
C VAL B 190 -16.40 2.84 -22.13
N ILE B 191 -17.66 2.40 -22.11
CA ILE B 191 -18.66 2.90 -23.06
C ILE B 191 -18.91 4.38 -22.85
N VAL B 192 -19.12 4.79 -21.59
CA VAL B 192 -19.35 6.21 -21.35
C VAL B 192 -18.07 7.01 -21.61
N ALA B 193 -16.90 6.41 -21.39
CA ALA B 193 -15.66 7.07 -21.77
C ALA B 193 -15.62 7.32 -23.27
N ILE B 194 -16.08 6.35 -24.06
CA ILE B 194 -16.19 6.53 -25.51
C ILE B 194 -17.13 7.68 -25.83
N LEU B 195 -18.32 7.67 -25.22
CA LEU B 195 -19.36 8.62 -25.58
C LEU B 195 -18.96 10.05 -25.21
N GLN B 196 -18.24 10.20 -24.10
CA GLN B 196 -17.89 11.54 -23.64
C GLN B 196 -16.99 12.26 -24.65
N THR B 197 -16.02 11.56 -25.22
CA THR B 197 -15.11 12.12 -26.20
C THR B 197 -15.53 11.80 -27.64
N SER B 198 -16.78 11.40 -27.84
CA SER B 198 -17.22 11.00 -29.18
C SER B 198 -17.23 12.19 -30.13
N ARG B 199 -17.84 13.30 -29.74
CA ARG B 199 -17.99 14.48 -30.60
C ARG B 199 -17.26 15.64 -29.95
N VAL B 200 -15.96 15.73 -30.20
CA VAL B 200 -15.14 16.84 -29.72
C VAL B 200 -14.10 17.15 -30.79
N LYS B 201 -13.94 18.44 -31.09
CA LYS B 201 -12.96 18.90 -32.06
C LYS B 201 -11.80 19.57 -31.33
N MET B 202 -10.58 19.22 -31.70
CA MET B 202 -9.38 19.77 -31.07
C MET B 202 -8.53 20.44 -32.15
N GLY B 203 -8.09 21.66 -31.87
CA GLY B 203 -7.27 22.40 -32.82
C GLY B 203 -7.22 23.89 -32.54
N ILE C 1 5.89 61.50 -3.02
CA ILE C 1 5.86 62.93 -2.71
C ILE C 1 5.17 63.70 -3.83
N HIS C 2 5.54 63.38 -5.07
CA HIS C 2 4.95 64.06 -6.22
C HIS C 2 3.47 63.72 -6.32
N PRO C 3 2.60 64.72 -6.45
CA PRO C 3 1.17 64.43 -6.62
C PRO C 3 0.91 63.72 -7.93
N PRO C 4 -0.04 62.81 -7.97
CA PRO C 4 -0.37 62.12 -9.23
C PRO C 4 -1.03 63.07 -10.23
N VAL C 5 -0.78 62.80 -11.51
CA VAL C 5 -1.43 63.55 -12.57
C VAL C 5 -2.92 63.26 -12.56
N SER C 6 -3.74 64.31 -12.59
CA SER C 6 -5.18 64.18 -12.45
C SER C 6 -5.86 64.96 -13.57
N TYR C 7 -6.49 64.24 -14.50
CA TYR C 7 -7.39 64.84 -15.47
C TYR C 7 -8.75 65.00 -14.80
N ASN C 8 -9.12 66.25 -14.51
CA ASN C 8 -10.30 66.57 -13.71
C ASN C 8 -11.08 67.73 -14.33
N ASP C 9 -11.39 67.61 -15.63
CA ASP C 9 -12.10 68.65 -16.37
C ASP C 9 -13.23 69.29 -15.57
N THR C 10 -14.06 68.47 -14.92
CA THR C 10 -15.07 68.95 -14.00
C THR C 10 -14.94 68.36 -12.60
N ALA C 11 -14.37 67.18 -12.47
CA ALA C 11 -14.10 66.53 -11.20
C ALA C 11 -13.01 65.49 -11.42
N PRO C 12 -12.29 65.08 -10.37
CA PRO C 12 -11.24 64.08 -10.55
C PRO C 12 -11.71 62.85 -11.31
N ARG C 13 -11.19 62.67 -12.52
CA ARG C 13 -11.60 61.59 -13.40
C ARG C 13 -10.48 60.60 -13.68
N ILE C 14 -9.32 61.07 -14.14
CA ILE C 14 -8.20 60.20 -14.47
C ILE C 14 -7.07 60.48 -13.50
N LEU C 15 -6.65 59.45 -12.75
CA LEU C 15 -5.52 59.57 -11.84
C LEU C 15 -4.42 58.62 -12.30
N PHE C 16 -3.20 59.15 -12.42
CA PHE C 16 -2.07 58.36 -12.88
C PHE C 16 -0.82 58.76 -12.10
N TRP C 17 -0.01 57.77 -11.74
CA TRP C 17 1.19 58.05 -10.96
C TRP C 17 2.25 56.99 -11.21
N ALA C 18 3.51 57.39 -11.15
CA ALA C 18 4.64 56.49 -11.31
C ALA C 18 5.80 57.02 -10.48
N GLN C 19 6.98 56.42 -10.63
CA GLN C 19 8.17 56.84 -9.91
C GLN C 19 9.34 57.19 -10.83
N ASN C 20 9.60 56.37 -11.85
CA ASN C 20 10.74 56.56 -12.75
C ASN C 20 10.28 56.37 -14.20
N PHE C 21 9.19 57.05 -14.57
CA PHE C 21 8.71 57.00 -15.94
C PHE C 21 9.79 57.48 -16.89
N SER C 22 10.32 56.57 -17.71
CA SER C 22 11.42 56.88 -18.62
C SER C 22 11.12 56.31 -20.00
N VAL C 23 11.69 56.95 -21.02
CA VAL C 23 11.46 56.59 -22.41
C VAL C 23 12.77 56.63 -23.16
N ALA C 24 12.97 55.67 -24.07
CA ALA C 24 14.15 55.63 -24.93
C ALA C 24 13.71 55.48 -26.37
N TYR C 25 14.20 56.36 -27.23
CA TYR C 25 14.01 56.25 -28.67
C TYR C 25 15.33 55.81 -29.30
N LYS C 26 15.26 54.81 -30.17
CA LYS C 26 16.43 54.13 -30.74
C LYS C 26 17.54 53.96 -29.71
N ASP C 27 17.13 53.48 -28.53
CA ASP C 27 18.03 53.24 -27.39
C ASP C 27 18.72 54.53 -26.95
N GLU C 28 17.90 55.51 -26.56
CA GLU C 28 18.39 56.77 -26.00
C GLU C 28 17.52 57.06 -24.77
N TRP C 29 17.93 56.54 -23.62
CA TRP C 29 17.13 56.65 -22.41
C TRP C 29 17.07 58.08 -21.91
N LYS C 30 15.89 58.48 -21.43
CA LYS C 30 15.68 59.79 -20.85
C LYS C 30 14.52 59.71 -19.87
N ASP C 31 14.70 60.36 -18.73
CA ASP C 31 13.69 60.37 -17.67
C ASP C 31 12.80 61.58 -17.78
N LEU C 32 11.49 61.38 -17.59
CA LEU C 32 10.51 62.46 -17.67
C LEU C 32 9.70 62.58 -16.38
N THR C 33 10.21 62.06 -15.27
CA THR C 33 9.47 62.10 -14.01
C THR C 33 9.22 63.53 -13.57
N SER C 34 10.28 64.35 -13.54
CA SER C 34 10.11 65.75 -13.14
C SER C 34 9.37 66.55 -14.19
N LEU C 35 9.44 66.13 -15.45
CA LEU C 35 8.77 66.85 -16.53
C LEU C 35 7.29 66.56 -16.62
N THR C 36 6.77 65.62 -15.83
CA THR C 36 5.35 65.31 -15.79
C THR C 36 4.72 65.50 -14.43
N PHE C 37 5.46 65.28 -13.34
CA PHE C 37 4.93 65.36 -11.99
C PHE C 37 5.34 66.63 -11.26
N GLY C 38 6.58 67.07 -11.40
CA GLY C 38 7.02 68.29 -10.73
C GLY C 38 6.34 69.54 -11.27
N VAL C 39 6.13 69.60 -12.57
CA VAL C 39 5.55 70.78 -13.22
C VAL C 39 4.03 70.63 -13.25
N GLU C 40 3.33 71.67 -12.79
CA GLU C 40 1.88 71.62 -12.74
C GLU C 40 1.26 71.62 -14.14
N ASN C 41 1.71 72.52 -15.00
CA ASN C 41 1.15 72.62 -16.34
C ASN C 41 1.61 71.44 -17.19
N LEU C 42 0.70 70.93 -18.01
CA LEU C 42 1.00 69.82 -18.89
C LEU C 42 0.11 69.89 -20.12
N ASN C 43 0.67 69.55 -21.28
CA ASN C 43 -0.06 69.59 -22.55
C ASN C 43 -0.99 68.38 -22.61
N LEU C 44 -2.13 68.51 -21.95
CA LEU C 44 -3.16 67.47 -21.94
C LEU C 44 -4.18 67.64 -23.06
N THR C 45 -3.79 68.27 -24.16
CA THR C 45 -4.69 68.45 -25.29
C THR C 45 -5.13 67.09 -25.83
N GLY C 46 -6.43 66.96 -26.09
CA GLY C 46 -6.99 65.71 -26.56
C GLY C 46 -7.38 64.73 -25.47
N SER C 47 -7.17 65.08 -24.20
CA SER C 47 -7.58 64.20 -23.10
C SER C 47 -9.10 64.04 -23.11
N PHE C 48 -9.56 62.82 -22.87
CA PHE C 48 -10.97 62.48 -23.01
C PHE C 48 -11.41 61.62 -21.84
N TRP C 49 -12.63 61.86 -21.37
CA TRP C 49 -13.25 61.02 -20.35
C TRP C 49 -14.64 60.62 -20.80
N ASN C 50 -15.15 59.55 -20.19
CA ASN C 50 -16.40 58.93 -20.60
C ASN C 50 -16.92 58.11 -19.42
N ASP C 51 -18.14 57.61 -19.57
CA ASP C 51 -18.64 56.61 -18.64
C ASP C 51 -18.11 55.23 -18.94
N SER C 52 -17.49 55.02 -20.10
CA SER C 52 -16.90 53.74 -20.45
C SER C 52 -15.55 53.86 -21.13
N PHE C 53 -15.02 55.06 -21.34
CA PHE C 53 -13.78 55.25 -22.05
C PHE C 53 -12.91 56.26 -21.31
N ALA C 54 -11.60 56.14 -21.48
CA ALA C 54 -10.66 57.06 -20.86
C ALA C 54 -9.38 57.08 -21.69
N MET C 55 -9.20 58.14 -22.48
CA MET C 55 -8.01 58.31 -23.30
C MET C 55 -7.19 59.43 -22.69
N LEU C 56 -6.09 59.08 -22.04
CA LEU C 56 -5.21 60.05 -21.39
C LEU C 56 -4.06 60.38 -22.32
N SER C 57 -3.93 61.65 -22.68
CA SER C 57 -2.93 62.11 -23.63
C SER C 57 -1.94 63.04 -22.94
N LEU C 58 -0.65 62.75 -23.10
CA LEU C 58 0.43 63.58 -22.56
C LEU C 58 1.35 63.98 -23.70
N THR C 59 1.53 65.27 -23.90
CA THR C 59 2.30 65.79 -25.04
C THR C 59 3.55 66.50 -24.54
N TYR C 60 4.65 66.31 -25.28
CA TYR C 60 5.94 66.92 -24.95
C TYR C 60 6.51 67.53 -26.22
N GLU C 61 6.45 68.86 -26.31
CA GLU C 61 6.94 69.55 -27.50
C GLU C 61 8.44 69.36 -27.75
N PRO C 62 9.34 69.55 -26.77
CA PRO C 62 10.77 69.47 -27.07
C PRO C 62 11.40 68.09 -26.92
N LEU C 63 10.61 67.03 -26.78
CA LEU C 63 11.16 65.69 -26.61
C LEU C 63 11.54 65.12 -27.96
N PHE C 64 12.82 64.77 -28.11
CA PHE C 64 13.35 64.18 -29.35
C PHE C 64 13.11 65.06 -30.57
N GLY C 65 13.04 66.37 -30.35
CA GLY C 65 12.85 67.31 -31.44
C GLY C 65 11.47 67.27 -32.07
N ALA C 66 10.46 66.76 -31.36
CA ALA C 66 9.12 66.69 -31.89
C ALA C 66 8.13 66.64 -30.72
N THR C 67 6.86 66.91 -31.03
CA THR C 67 5.80 66.87 -30.02
C THR C 67 5.38 65.42 -29.82
N VAL C 68 6.15 64.72 -28.98
CA VAL C 68 5.87 63.32 -28.71
C VAL C 68 4.65 63.21 -27.82
N THR C 69 3.68 62.39 -28.23
CA THR C 69 2.42 62.24 -27.52
C THR C 69 2.25 60.80 -27.09
N PHE C 70 1.88 60.61 -25.83
CA PHE C 70 1.56 59.30 -25.27
C PHE C 70 0.06 59.24 -25.00
N LYS C 71 -0.59 58.21 -25.53
CA LYS C 71 -2.02 58.00 -25.34
C LYS C 71 -2.22 56.67 -24.63
N PHE C 72 -2.85 56.73 -23.46
CA PHE C 72 -3.24 55.54 -22.71
C PHE C 72 -4.75 55.33 -22.89
N ILE C 73 -5.16 54.12 -23.26
CA ILE C 73 -6.56 53.83 -23.50
C ILE C 73 -7.07 52.91 -22.40
N LEU C 74 -8.18 53.30 -21.77
CA LEU C 74 -8.81 52.52 -20.73
C LEU C 74 -10.29 52.36 -21.06
N ALA C 75 -10.84 51.17 -20.82
CA ALA C 75 -12.23 50.89 -21.11
C ALA C 75 -12.82 50.00 -20.03
N SER C 76 -14.07 50.26 -19.67
CA SER C 76 -14.78 49.50 -18.65
C SER C 76 -16.18 49.18 -19.13
N ARG C 77 -16.69 48.03 -18.70
CA ARG C 77 -18.03 47.60 -19.06
C ARG C 77 -18.51 46.57 -18.04
N PHE C 78 -19.82 46.33 -18.04
CA PHE C 78 -20.43 45.41 -17.09
C PHE C 78 -20.23 43.98 -17.57
N TYR C 79 -19.32 43.27 -16.93
CA TYR C 79 -19.07 41.87 -17.28
C TYR C 79 -20.22 41.00 -16.78
N PRO C 80 -20.77 40.12 -17.63
CA PRO C 80 -21.89 39.28 -17.19
C PRO C 80 -21.52 38.26 -16.12
N VAL C 81 -20.23 37.99 -15.90
CA VAL C 81 -19.82 36.93 -14.99
C VAL C 81 -20.32 37.23 -13.57
N SER C 82 -20.12 38.46 -13.11
CA SER C 82 -20.51 38.85 -11.76
C SER C 82 -21.47 40.04 -11.74
N ALA C 83 -21.98 40.45 -12.91
CA ALA C 83 -22.84 41.63 -13.03
C ALA C 83 -22.18 42.86 -12.43
N ARG C 84 -20.84 42.93 -12.56
CA ARG C 84 -20.06 44.03 -12.03
C ARG C 84 -19.22 44.62 -13.16
N TYR C 85 -18.92 45.90 -13.04
CA TYR C 85 -18.16 46.62 -14.05
C TYR C 85 -16.67 46.36 -13.86
N TRP C 86 -16.01 45.93 -14.93
CA TRP C 86 -14.58 45.66 -14.93
C TRP C 86 -13.90 46.58 -15.94
N PHE C 87 -12.79 47.18 -15.54
CA PHE C 87 -12.01 48.02 -16.42
C PHE C 87 -10.77 47.26 -16.87
N THR C 88 -10.35 47.52 -18.11
CA THR C 88 -9.22 46.85 -18.71
C THR C 88 -8.46 47.83 -19.60
N MET C 89 -7.17 47.98 -19.33
CA MET C 89 -6.30 48.76 -20.22
C MET C 89 -6.25 48.09 -21.58
N GLU C 90 -6.45 48.87 -22.64
CA GLU C 90 -6.46 48.33 -23.98
C GLU C 90 -5.10 48.46 -24.67
N ARG C 91 -4.61 49.68 -24.82
CA ARG C 91 -3.36 49.88 -25.55
C ARG C 91 -2.82 51.27 -25.27
N LEU C 92 -1.53 51.45 -25.58
CA LEU C 92 -0.89 52.75 -25.60
C LEU C 92 -0.41 53.05 -27.00
N GLU C 93 -0.53 54.32 -27.38
CA GLU C 93 -0.09 54.82 -28.67
C GLU C 93 0.96 55.89 -28.47
N ILE C 94 1.97 55.89 -29.33
CA ILE C 94 3.02 56.91 -29.31
C ILE C 94 2.97 57.64 -30.65
N HIS C 95 2.70 58.94 -30.60
CA HIS C 95 2.58 59.77 -31.78
C HIS C 95 3.79 60.68 -31.87
N SER C 96 4.51 60.60 -32.99
CA SER C 96 5.69 61.42 -33.19
C SER C 96 5.99 61.48 -34.68
N ASN C 97 6.16 62.69 -35.21
CA ASN C 97 6.41 62.92 -36.64
C ASN C 97 5.29 62.31 -37.50
N GLY C 98 4.07 62.30 -36.97
CA GLY C 98 2.96 61.67 -37.67
C GLY C 98 2.89 60.18 -37.45
N SER C 99 4.04 59.55 -37.23
CA SER C 99 4.09 58.11 -37.00
C SER C 99 3.40 57.75 -35.70
N VAL C 100 2.63 56.66 -35.72
CA VAL C 100 1.86 56.20 -34.57
C VAL C 100 2.32 54.78 -34.26
N ALA C 101 3.27 54.66 -33.34
CA ALA C 101 3.67 53.36 -32.83
C ALA C 101 2.66 52.86 -31.81
N HIS C 102 2.59 51.54 -31.66
CA HIS C 102 1.56 50.90 -30.86
C HIS C 102 2.20 49.99 -29.83
N PHE C 103 1.54 49.84 -28.68
CA PHE C 103 1.97 48.93 -27.63
C PHE C 103 0.75 48.35 -26.95
N ASN C 104 0.74 47.03 -26.76
CA ASN C 104 -0.38 46.34 -26.15
C ASN C 104 -0.05 45.98 -24.71
N VAL C 105 -1.00 46.26 -23.81
CA VAL C 105 -0.86 45.92 -22.39
C VAL C 105 -1.39 44.51 -22.18
N SER C 106 -0.77 43.80 -21.23
CA SER C 106 -0.92 42.35 -21.16
C SER C 106 -2.02 41.91 -20.19
N GLN C 107 -1.89 42.23 -18.89
CA GLN C 107 -2.98 41.88 -17.97
C GLN C 107 -3.38 43.03 -17.06
N VAL C 108 -3.25 44.27 -17.53
CA VAL C 108 -3.64 45.42 -16.70
C VAL C 108 -5.17 45.49 -16.73
N THR C 109 -5.81 44.99 -15.67
CA THR C 109 -7.26 45.00 -15.58
C THR C 109 -7.65 44.85 -14.12
N GLY C 110 -8.92 45.14 -13.84
CA GLY C 110 -9.45 45.01 -12.50
C GLY C 110 -10.89 45.44 -12.40
N PRO C 111 -11.43 45.47 -11.19
CA PRO C 111 -12.76 46.04 -10.99
C PRO C 111 -12.76 47.53 -11.26
N SER C 112 -13.88 48.01 -11.83
CA SER C 112 -13.96 49.41 -12.21
C SER C 112 -13.94 50.33 -11.00
N ILE C 113 -14.52 49.90 -9.88
CA ILE C 113 -14.60 50.77 -8.71
C ILE C 113 -13.21 51.06 -8.14
N TYR C 114 -12.36 50.04 -8.09
CA TYR C 114 -11.07 50.17 -7.43
C TYR C 114 -10.03 50.77 -8.39
N SER C 115 -8.77 50.76 -7.97
CA SER C 115 -7.68 51.35 -8.73
C SER C 115 -6.56 50.34 -8.91
N PHE C 116 -5.95 50.34 -10.09
CA PHE C 116 -4.93 49.37 -10.43
C PHE C 116 -3.55 49.89 -10.07
N HIS C 117 -2.66 48.97 -9.69
CA HIS C 117 -1.26 49.29 -9.43
C HIS C 117 -0.41 48.08 -9.79
N CYS C 118 0.78 48.35 -10.32
CA CYS C 118 1.73 47.31 -10.64
C CYS C 118 3.15 47.82 -10.39
N GLU C 119 4.08 46.88 -10.24
CA GLU C 119 5.46 47.24 -9.95
C GLU C 119 6.14 47.81 -11.20
N TYR C 120 6.25 46.99 -12.24
CA TYR C 120 6.98 47.34 -13.45
C TYR C 120 6.01 47.28 -14.62
N VAL C 121 5.93 48.36 -15.39
CA VAL C 121 5.19 48.38 -16.65
C VAL C 121 6.20 48.75 -17.72
N SER C 122 6.68 47.75 -18.46
CA SER C 122 7.76 47.97 -19.40
C SER C 122 7.65 46.99 -20.55
N SER C 123 8.31 47.34 -21.66
CA SER C 123 8.40 46.45 -22.80
C SER C 123 9.64 45.57 -22.77
N LEU C 124 10.64 45.94 -21.97
CA LEU C 124 11.83 45.10 -21.85
C LEU C 124 11.49 43.82 -21.11
N SER C 125 11.96 42.69 -21.66
CA SER C 125 11.63 41.40 -21.08
C SER C 125 12.21 41.24 -19.67
N LYS C 126 13.42 41.76 -19.45
CA LYS C 126 14.07 41.58 -18.16
C LYS C 126 13.26 42.22 -17.04
N LYS C 127 12.81 43.45 -17.23
CA LYS C 127 11.98 44.12 -16.24
C LYS C 127 10.50 43.90 -16.51
N GLY C 128 10.10 42.65 -16.69
CA GLY C 128 8.70 42.33 -16.86
C GLY C 128 8.23 42.55 -18.29
N SER C 129 7.66 41.53 -18.92
CA SER C 129 7.15 41.65 -20.29
C SER C 129 5.68 42.05 -20.30
N LEU C 130 5.35 43.13 -19.58
CA LEU C 130 3.97 43.58 -19.52
C LEU C 130 3.54 44.29 -20.80
N LEU C 131 4.48 44.84 -21.54
CA LEU C 131 4.20 45.53 -22.80
C LEU C 131 4.84 44.75 -23.94
N VAL C 132 4.03 44.42 -24.96
CA VAL C 132 4.50 43.58 -26.06
C VAL C 132 3.73 43.95 -27.32
N THR C 133 4.39 43.80 -28.46
CA THR C 133 3.77 43.95 -29.76
C THR C 133 4.58 43.13 -30.77
N ASN C 134 3.90 42.70 -31.84
CA ASN C 134 4.55 41.83 -32.80
C ASN C 134 5.65 42.56 -33.56
N VAL C 135 5.34 43.74 -34.08
CA VAL C 135 6.32 44.49 -34.88
C VAL C 135 7.28 45.20 -33.93
N PRO C 136 8.59 45.02 -34.09
CA PRO C 136 9.55 45.75 -33.25
C PRO C 136 9.53 47.24 -33.55
N SER C 137 9.89 48.03 -32.54
CA SER C 137 9.89 49.48 -32.66
C SER C 137 11.09 50.03 -31.89
N LEU C 138 11.33 51.33 -32.08
CA LEU C 138 12.43 52.01 -31.42
C LEU C 138 12.04 52.61 -30.07
N TRP C 139 10.79 52.45 -29.65
CA TRP C 139 10.31 53.00 -28.39
C TRP C 139 10.44 51.93 -27.31
N GLN C 140 11.25 52.23 -26.28
CA GLN C 140 11.38 51.37 -25.11
C GLN C 140 11.11 52.22 -23.87
N MET C 141 9.96 52.02 -23.25
CA MET C 141 9.56 52.83 -22.12
C MET C 141 9.39 51.96 -20.88
N THR C 142 9.66 52.56 -19.72
CA THR C 142 9.54 51.88 -18.43
C THR C 142 8.78 52.77 -17.46
N LEU C 143 7.92 52.15 -16.65
CA LEU C 143 7.20 52.81 -15.59
C LEU C 143 7.38 52.01 -14.31
N HIS C 144 7.80 52.68 -13.25
CA HIS C 144 8.07 52.05 -11.96
C HIS C 144 6.99 52.42 -10.96
N ASN C 145 6.36 51.41 -10.37
CA ASN C 145 5.24 51.59 -9.45
C ASN C 145 4.12 52.40 -10.10
N PHE C 146 3.57 51.82 -11.16
CA PHE C 146 2.56 52.49 -11.99
C PHE C 146 1.18 52.25 -11.37
N GLN C 147 0.49 53.33 -11.04
CA GLN C 147 -0.85 53.29 -10.46
C GLN C 147 -1.79 54.13 -11.31
N ILE C 148 -3.01 53.61 -11.53
CA ILE C 148 -3.95 54.28 -12.42
C ILE C 148 -5.37 54.01 -11.92
N GLN C 149 -6.23 55.02 -12.10
CA GLN C 149 -7.65 54.89 -11.80
C GLN C 149 -8.44 55.77 -12.74
N ALA C 150 -9.58 55.27 -13.20
CA ALA C 150 -10.34 55.96 -14.24
C ALA C 150 -11.80 56.17 -13.89
N PHE C 151 -12.44 55.23 -13.19
CA PHE C 151 -13.88 55.25 -13.03
C PHE C 151 -14.28 55.20 -11.56
N ASN C 152 -15.43 55.80 -11.27
CA ASN C 152 -15.95 55.89 -9.90
C ASN C 152 -14.91 56.51 -8.96
N VAL C 153 -14.27 57.57 -9.44
CA VAL C 153 -13.18 58.23 -8.71
C VAL C 153 -13.75 59.43 -7.98
N THR C 154 -13.47 59.52 -6.68
CA THR C 154 -13.89 60.65 -5.85
C THR C 154 -12.68 61.18 -5.11
N GLY C 155 -12.51 62.50 -5.12
CA GLY C 155 -11.41 63.12 -4.41
C GLY C 155 -10.11 63.08 -5.17
N GLU C 156 -9.10 63.71 -4.57
CA GLU C 156 -7.77 63.82 -5.16
C GLU C 156 -6.86 62.65 -4.80
N GLN C 157 -7.34 61.67 -4.05
CA GLN C 157 -6.53 60.56 -3.60
C GLN C 157 -6.99 59.26 -4.24
N PHE C 158 -6.05 58.35 -4.44
CA PHE C 158 -6.34 57.06 -5.04
C PHE C 158 -7.25 56.23 -4.16
N SER C 159 -8.07 55.39 -4.79
CA SER C 159 -8.92 54.47 -4.06
C SER C 159 -8.11 53.23 -3.67
N TYR C 160 -8.79 52.17 -3.24
CA TYR C 160 -8.10 50.95 -2.88
C TYR C 160 -7.39 50.36 -4.09
N ALA C 161 -6.20 49.82 -3.87
CA ALA C 161 -5.34 49.32 -4.95
C ALA C 161 -5.48 47.80 -5.06
N SER C 162 -6.05 47.35 -6.18
CA SER C 162 -6.14 45.91 -6.48
C SER C 162 -4.91 45.53 -7.30
N ASP C 163 -3.82 45.29 -6.58
CA ASP C 163 -2.52 45.07 -7.21
C ASP C 163 -2.56 43.74 -7.98
N CYS C 164 -1.74 43.68 -9.03
CA CYS C 164 -1.70 42.52 -9.93
C CYS C 164 -0.52 41.60 -9.68
N ALA C 165 0.18 41.75 -8.55
CA ALA C 165 1.29 40.86 -8.26
C ALA C 165 0.83 39.41 -8.14
N GLY C 166 -0.27 39.19 -7.43
CA GLY C 166 -0.91 37.89 -7.41
C GLY C 166 -0.23 36.87 -6.51
N PHE C 167 -1.03 36.08 -5.80
CA PHE C 167 -0.48 34.98 -5.02
C PHE C 167 0.14 33.92 -5.93
N PHE C 168 -0.55 33.57 -7.00
CA PHE C 168 -0.14 32.48 -7.88
C PHE C 168 -0.08 32.96 -9.33
N SER C 169 0.96 32.53 -10.04
CA SER C 169 1.09 32.71 -11.48
C SER C 169 0.70 31.42 -12.19
N PRO C 170 0.22 31.49 -13.44
CA PRO C 170 -0.24 30.26 -14.12
C PRO C 170 0.84 29.20 -14.20
N GLY C 171 2.08 29.60 -14.48
CA GLY C 171 3.16 28.62 -14.50
C GLY C 171 3.41 27.98 -13.16
N ILE C 172 3.39 28.79 -12.09
CA ILE C 172 3.59 28.24 -10.76
C ILE C 172 2.45 27.30 -10.39
N TRP C 173 1.23 27.60 -10.83
CA TRP C 173 0.10 26.74 -10.49
C TRP C 173 0.16 25.42 -11.26
N MET C 174 0.53 25.48 -12.54
CA MET C 174 0.69 24.22 -13.30
C MET C 174 1.80 23.37 -12.70
N GLY C 175 2.94 24.00 -12.36
CA GLY C 175 4.02 23.26 -11.73
C GLY C 175 3.62 22.67 -10.39
N LEU C 176 2.85 23.43 -9.59
CA LEU C 176 2.40 22.94 -8.30
C LEU C 176 1.47 21.75 -8.46
N LEU C 177 0.55 21.81 -9.44
CA LEU C 177 -0.35 20.68 -9.65
C LEU C 177 0.41 19.45 -10.12
N THR C 178 1.39 19.63 -11.02
CA THR C 178 2.21 18.51 -11.47
C THR C 178 2.96 17.88 -10.31
N THR C 179 3.61 18.72 -9.49
CA THR C 179 4.34 18.20 -8.34
C THR C 179 3.40 17.57 -7.32
N LEU C 180 2.17 18.06 -7.22
CA LEU C 180 1.20 17.46 -6.31
C LEU C 180 0.83 16.05 -6.76
N PHE C 181 0.59 15.87 -8.06
CA PHE C 181 0.30 14.54 -8.56
C PHE C 181 1.50 13.60 -8.38
N MET C 182 2.71 14.11 -8.66
CA MET C 182 3.90 13.30 -8.47
C MET C 182 4.07 12.92 -7.00
N LEU C 183 3.80 13.86 -6.09
CA LEU C 183 3.90 13.58 -4.66
C LEU C 183 2.85 12.57 -4.23
N PHE C 184 1.63 12.66 -4.78
CA PHE C 184 0.61 11.68 -4.47
C PHE C 184 1.08 10.27 -4.84
N ILE C 185 1.57 10.11 -6.07
CA ILE C 185 2.02 8.78 -6.51
C ILE C 185 3.20 8.31 -5.67
N PHE C 186 4.17 9.19 -5.44
CA PHE C 186 5.36 8.81 -4.69
C PHE C 186 5.02 8.44 -3.25
N THR C 187 4.10 9.18 -2.62
CA THR C 187 3.76 8.89 -1.24
C THR C 187 2.90 7.64 -1.13
N TYR C 188 2.07 7.34 -2.14
CA TYR C 188 1.37 6.06 -2.14
C TYR C 188 2.37 4.91 -2.22
N GLY C 189 3.36 5.04 -3.11
CA GLY C 189 4.39 4.02 -3.20
C GLY C 189 5.18 3.87 -1.92
N LEU C 190 5.53 4.99 -1.28
CA LEU C 190 6.29 4.95 -0.04
C LEU C 190 5.48 4.33 1.09
N HIS C 191 4.20 4.68 1.18
CA HIS C 191 3.35 4.10 2.23
C HIS C 191 3.21 2.60 2.03
N MET C 192 3.02 2.14 0.79
CA MET C 192 2.82 0.72 0.58
C MET C 192 4.12 -0.07 0.72
N ILE C 193 5.27 0.54 0.39
CA ILE C 193 6.54 -0.16 0.57
C ILE C 193 6.94 -0.16 2.04
N LEU C 194 6.59 0.87 2.79
CA LEU C 194 6.94 0.92 4.20
C LEU C 194 6.16 -0.09 5.03
N SER C 195 5.03 -0.56 4.52
CA SER C 195 4.25 -1.60 5.21
C SER C 195 4.66 -2.99 4.75
N LEU C 196 5.96 -3.27 4.76
CA LEU C 196 6.49 -4.59 4.49
C LEU C 196 7.40 -4.98 5.64
N LYS C 197 7.31 -6.24 6.05
CA LYS C 197 8.03 -6.76 7.21
C LYS C 197 8.92 -7.91 6.78
N THR C 198 9.57 -8.54 7.76
CA THR C 198 10.54 -9.58 7.51
C THR C 198 10.27 -10.79 8.40
N MET C 199 10.85 -11.91 8.03
CA MET C 199 10.72 -13.13 8.82
C MET C 199 11.40 -12.96 10.17
N ASP C 200 10.82 -13.59 11.19
CA ASP C 200 11.39 -13.59 12.53
C ASP C 200 12.22 -14.83 12.81
N ARG C 201 11.65 -16.01 12.60
CA ARG C 201 12.36 -17.27 12.76
C ARG C 201 12.06 -18.17 11.57
N PHE C 202 13.00 -19.05 11.26
CA PHE C 202 12.88 -19.95 10.13
C PHE C 202 12.41 -21.32 10.59
N ASP C 203 12.40 -22.29 9.67
CA ASP C 203 11.88 -23.61 9.98
C ASP C 203 12.80 -24.36 10.94
N ASP C 204 14.05 -24.58 10.53
CA ASP C 204 15.01 -25.29 11.36
C ASP C 204 16.45 -24.97 10.96
N SER D 1 -14.09 0.65 7.40
CA SER D 1 -14.59 -0.66 7.77
C SER D 1 -14.19 -1.72 6.75
N PHE D 2 -13.68 -1.25 5.61
CA PHE D 2 -13.24 -2.14 4.53
C PHE D 2 -11.75 -2.46 4.60
N PHE D 3 -11.17 -2.46 5.81
CA PHE D 3 -9.80 -2.91 5.96
C PHE D 3 -9.57 -4.33 5.45
N PRO D 4 -10.42 -5.32 5.76
CA PRO D 4 -10.29 -6.61 5.09
C PRO D 4 -10.64 -6.48 3.62
N GLU D 5 -10.15 -7.45 2.84
CA GLU D 5 -10.42 -7.64 1.42
C GLU D 5 -9.78 -6.57 0.53
N LEU D 6 -9.16 -5.54 1.11
CA LEU D 6 -8.46 -4.52 0.34
C LEU D 6 -6.95 -4.64 0.45
N TYR D 7 -6.43 -4.98 1.62
CA TYR D 7 -5.00 -5.17 1.80
C TYR D 7 -4.68 -6.39 2.66
N PHE D 8 -5.67 -7.23 2.98
CA PHE D 8 -5.41 -8.38 3.84
C PHE D 8 -4.51 -9.40 3.15
N ASN D 9 -4.54 -9.47 1.82
CA ASN D 9 -3.78 -10.45 1.07
C ASN D 9 -2.38 -9.98 0.72
N VAL D 10 -1.96 -8.81 1.19
CA VAL D 10 -0.64 -8.30 0.85
C VAL D 10 0.46 -9.18 1.45
N ASP D 11 0.23 -9.72 2.64
CA ASP D 11 1.21 -10.56 3.31
C ASP D 11 0.63 -11.78 3.99
N ASN D 12 -0.67 -12.03 3.89
CA ASN D 12 -1.30 -13.16 4.55
C ASN D 12 -2.24 -13.95 3.64
N GLY D 13 -2.40 -13.57 2.38
CA GLY D 13 -3.30 -14.29 1.50
C GLY D 13 -2.86 -15.73 1.27
N TYR D 14 -1.55 -15.93 1.09
CA TYR D 14 -1.03 -17.27 0.88
C TYR D 14 -1.29 -18.15 2.10
N LEU D 15 -1.08 -17.62 3.30
CA LEU D 15 -1.34 -18.38 4.52
C LEU D 15 -2.82 -18.72 4.66
N GLU D 16 -3.69 -17.76 4.34
CA GLU D 16 -5.13 -18.03 4.41
C GLU D 16 -5.54 -19.11 3.42
N GLY D 17 -5.01 -19.05 2.19
CA GLY D 17 -5.29 -20.10 1.23
C GLY D 17 -4.78 -21.45 1.69
N LEU D 18 -3.59 -21.48 2.28
CA LEU D 18 -3.04 -22.74 2.79
C LEU D 18 -3.92 -23.30 3.91
N VAL D 19 -4.40 -22.45 4.81
CA VAL D 19 -5.25 -22.91 5.90
C VAL D 19 -6.58 -23.45 5.36
N ARG D 20 -7.19 -22.73 4.42
CA ARG D 20 -8.48 -23.19 3.92
C ARG D 20 -8.31 -24.44 3.05
N GLY D 21 -7.14 -24.64 2.47
CA GLY D 21 -6.86 -25.91 1.82
C GLY D 21 -6.67 -27.04 2.81
N LEU D 22 -5.94 -26.78 3.89
CA LEU D 22 -5.73 -27.79 4.93
C LEU D 22 -7.03 -28.17 5.63
N LYS D 23 -7.99 -27.24 5.66
CA LYS D 23 -9.26 -27.53 6.34
C LYS D 23 -10.00 -28.68 5.66
N ALA D 24 -10.00 -28.71 4.33
CA ALA D 24 -10.76 -29.72 3.61
C ALA D 24 -10.24 -31.13 3.87
N GLY D 25 -9.02 -31.28 4.38
CA GLY D 25 -8.46 -32.59 4.65
C GLY D 25 -8.93 -33.25 5.92
N VAL D 26 -9.64 -32.53 6.79
CA VAL D 26 -10.11 -33.13 8.03
C VAL D 26 -11.20 -34.16 7.71
N LEU D 27 -11.40 -35.08 8.66
CA LEU D 27 -12.37 -36.15 8.49
C LEU D 27 -13.79 -35.57 8.49
N SER D 28 -14.60 -36.05 7.54
CA SER D 28 -15.99 -35.63 7.45
C SER D 28 -16.88 -36.64 8.18
N GLN D 29 -18.19 -36.45 8.09
CA GLN D 29 -19.12 -37.39 8.72
C GLN D 29 -19.00 -38.78 8.12
N ALA D 30 -18.90 -38.86 6.79
CA ALA D 30 -18.71 -40.14 6.14
C ALA D 30 -17.38 -40.78 6.55
N ASP D 31 -16.34 -39.95 6.76
CA ASP D 31 -15.06 -40.47 7.23
C ASP D 31 -15.21 -41.14 8.59
N TYR D 32 -15.92 -40.49 9.51
CA TYR D 32 -16.15 -41.08 10.82
C TYR D 32 -16.99 -42.35 10.71
N LEU D 33 -18.02 -42.31 9.86
CA LEU D 33 -18.89 -43.48 9.68
C LEU D 33 -18.09 -44.67 9.16
N ASN D 34 -17.13 -44.44 8.26
CA ASN D 34 -16.27 -45.51 7.78
C ASN D 34 -15.22 -45.90 8.82
N LEU D 35 -14.83 -44.98 9.69
CA LEU D 35 -13.90 -45.30 10.77
C LEU D 35 -14.55 -46.14 11.86
N VAL D 36 -15.88 -46.10 11.97
CA VAL D 36 -16.55 -46.74 13.10
C VAL D 36 -16.32 -48.25 13.10
N GLN D 37 -16.54 -48.90 11.95
CA GLN D 37 -16.51 -50.36 11.90
C GLN D 37 -15.13 -50.89 11.52
N CYS D 38 -14.10 -50.42 12.23
CA CYS D 38 -12.73 -50.90 12.02
C CYS D 38 -12.39 -52.03 12.96
N GLU D 39 -12.48 -51.80 14.27
CA GLU D 39 -12.22 -52.80 15.31
C GLU D 39 -10.82 -53.38 15.19
N THR D 40 -9.88 -52.56 14.74
CA THR D 40 -8.47 -52.96 14.63
C THR D 40 -7.65 -51.69 14.43
N LEU D 41 -6.54 -51.58 15.16
CA LEU D 41 -5.66 -50.43 14.98
C LEU D 41 -5.10 -50.39 13.56
N GLU D 42 -4.70 -51.55 13.03
CA GLU D 42 -4.20 -51.60 11.66
C GLU D 42 -5.29 -51.20 10.66
N ASP D 43 -6.52 -51.66 10.89
CA ASP D 43 -7.62 -51.27 10.00
C ASP D 43 -7.87 -49.77 10.07
N LEU D 44 -7.82 -49.19 11.27
CA LEU D 44 -8.01 -47.75 11.41
C LEU D 44 -6.92 -47.00 10.65
N LYS D 45 -5.67 -47.43 10.80
CA LYS D 45 -4.56 -46.75 10.12
C LYS D 45 -4.68 -46.89 8.61
N LEU D 46 -5.05 -48.08 8.13
CA LEU D 46 -5.24 -48.28 6.69
C LEU D 46 -6.34 -47.37 6.16
N HIS D 47 -7.45 -47.25 6.88
CA HIS D 47 -8.54 -46.40 6.42
C HIS D 47 -8.15 -44.93 6.44
N LEU D 48 -7.48 -44.47 7.50
CA LEU D 48 -7.12 -43.06 7.59
C LEU D 48 -5.96 -42.69 6.68
N GLN D 49 -5.20 -43.68 6.18
CA GLN D 49 -4.15 -43.37 5.21
C GLN D 49 -4.72 -42.77 3.94
N SER D 50 -5.98 -43.11 3.61
CA SER D 50 -6.63 -42.52 2.45
C SER D 50 -6.91 -41.03 2.65
N THR D 51 -6.96 -40.56 3.88
CA THR D 51 -7.18 -39.15 4.17
C THR D 51 -5.85 -38.41 4.06
N ASP D 52 -5.85 -37.12 4.41
CA ASP D 52 -4.61 -36.35 4.42
C ASP D 52 -3.65 -36.85 5.49
N TYR D 53 -4.14 -37.58 6.48
CA TYR D 53 -3.29 -38.18 7.50
C TYR D 53 -2.67 -39.46 6.94
N GLY D 54 -2.08 -40.25 7.81
CA GLY D 54 -1.45 -41.48 7.39
C GLY D 54 -0.02 -41.29 6.94
N ASN D 55 0.52 -42.35 6.34
CA ASN D 55 1.88 -42.41 5.82
C ASN D 55 2.94 -42.24 6.90
N PHE D 56 2.55 -42.23 8.16
CA PHE D 56 3.51 -42.18 9.26
C PHE D 56 3.98 -43.57 9.68
N LEU D 57 3.42 -44.63 9.10
CA LEU D 57 3.91 -45.97 9.39
C LEU D 57 5.32 -46.19 8.86
N ALA D 58 5.72 -45.41 7.85
CA ALA D 58 7.08 -45.50 7.34
C ALA D 58 8.07 -45.17 8.44
N ASN D 59 9.18 -45.92 8.46
CA ASN D 59 10.19 -45.88 9.52
C ASN D 59 9.55 -45.75 10.90
N GLU D 60 8.54 -46.59 11.13
CA GLU D 60 7.81 -46.62 12.38
C GLU D 60 7.48 -48.05 12.75
N ALA D 61 7.31 -48.31 14.04
CA ALA D 61 7.04 -49.66 14.51
C ALA D 61 5.71 -50.16 14.00
N SER D 62 5.69 -51.43 13.56
CA SER D 62 4.45 -52.03 13.07
C SER D 62 3.37 -52.12 14.15
N PRO D 63 3.64 -52.61 15.36
CA PRO D 63 2.61 -52.56 16.40
C PRO D 63 2.25 -51.12 16.76
N LEU D 64 0.97 -50.88 17.02
CA LEU D 64 0.48 -49.55 17.31
C LEU D 64 -0.34 -49.58 18.60
N THR D 65 -0.14 -48.58 19.45
CA THR D 65 -0.91 -48.38 20.66
C THR D 65 -1.61 -47.02 20.59
N VAL D 66 -2.50 -46.80 21.56
CA VAL D 66 -3.20 -45.51 21.63
C VAL D 66 -2.20 -44.39 21.90
N SER D 67 -1.26 -44.62 22.81
CA SER D 67 -0.25 -43.61 23.13
C SER D 67 0.61 -43.29 21.91
N VAL D 68 0.98 -44.31 21.14
CA VAL D 68 1.86 -44.09 19.99
C VAL D 68 1.17 -43.22 18.95
N ILE D 69 -0.08 -43.54 18.62
CA ILE D 69 -0.78 -42.77 17.60
C ILE D 69 -1.12 -41.38 18.13
N ASP D 70 -1.40 -41.25 19.43
CA ASP D 70 -1.61 -39.93 20.01
C ASP D 70 -0.36 -39.07 19.88
N ASP D 71 0.81 -39.66 20.16
CA ASP D 71 2.07 -38.94 20.01
C ASP D 71 2.31 -38.57 18.56
N LYS D 72 1.98 -39.47 17.63
CA LYS D 72 2.15 -39.17 16.21
C LYS D 72 1.25 -37.99 15.79
N LEU D 73 -0.01 -38.00 16.26
CA LEU D 73 -0.91 -36.90 15.94
C LEU D 73 -0.41 -35.58 16.52
N LYS D 74 0.09 -35.61 17.76
CA LYS D 74 0.63 -34.40 18.36
C LYS D 74 1.87 -33.90 17.63
N GLU D 75 2.72 -34.83 17.17
CA GLU D 75 3.89 -34.43 16.40
C GLU D 75 3.49 -33.80 15.07
N LYS D 76 2.49 -34.36 14.40
CA LYS D 76 2.00 -33.75 13.17
C LYS D 76 1.44 -32.36 13.46
N MET D 77 0.68 -32.23 14.55
CA MET D 77 0.20 -30.92 14.99
C MET D 77 1.34 -29.93 15.12
N VAL D 78 2.38 -30.31 15.87
CA VAL D 78 3.43 -29.35 16.20
C VAL D 78 4.24 -29.00 14.97
N VAL D 79 4.51 -29.97 14.08
CA VAL D 79 5.31 -29.66 12.90
C VAL D 79 4.54 -28.77 11.94
N GLU D 80 3.25 -29.06 11.72
CA GLU D 80 2.48 -28.21 10.82
C GLU D 80 2.32 -26.81 11.39
N PHE D 81 2.08 -26.70 12.70
CA PHE D 81 1.93 -25.38 13.32
C PHE D 81 3.25 -24.61 13.27
N ARG D 82 4.37 -25.29 13.50
CA ARG D 82 5.67 -24.62 13.45
C ARG D 82 5.96 -24.11 12.05
N HIS D 83 5.75 -24.95 11.03
CA HIS D 83 6.03 -24.49 9.67
C HIS D 83 5.06 -23.39 9.25
N MET D 84 3.85 -23.40 9.78
CA MET D 84 2.89 -22.35 9.44
C MET D 84 3.28 -21.03 10.07
N ARG D 85 3.69 -21.06 11.35
CA ARG D 85 4.11 -19.84 12.02
C ARG D 85 5.42 -19.31 11.46
N ASN D 86 6.30 -20.20 10.98
CA ASN D 86 7.58 -19.74 10.45
C ASN D 86 7.39 -18.81 9.26
N HIS D 87 6.42 -19.09 8.40
CA HIS D 87 6.09 -18.22 7.27
C HIS D 87 4.89 -17.37 7.68
N ALA D 88 5.19 -16.25 8.34
CA ALA D 88 4.15 -15.34 8.80
C ALA D 88 4.76 -13.97 9.03
N TYR D 89 3.88 -12.97 9.14
CA TYR D 89 4.29 -11.60 9.39
C TYR D 89 3.72 -11.12 10.73
N GLU D 90 4.12 -9.91 11.12
CA GLU D 90 3.89 -9.45 12.49
C GLU D 90 2.42 -9.42 12.90
N PRO D 91 1.49 -8.85 12.13
CA PRO D 91 0.09 -8.85 12.58
C PRO D 91 -0.47 -10.24 12.76
N LEU D 92 0.08 -11.21 12.03
CA LEU D 92 -0.26 -12.62 12.21
C LEU D 92 0.66 -13.30 13.20
N ALA D 93 1.93 -12.86 13.28
CA ALA D 93 2.86 -13.47 14.22
C ALA D 93 2.41 -13.29 15.65
N SER D 94 1.93 -12.08 15.99
CA SER D 94 1.45 -11.85 17.36
C SER D 94 0.23 -12.72 17.66
N PHE D 95 -0.67 -12.85 16.68
CA PHE D 95 -1.86 -13.68 16.86
C PHE D 95 -1.49 -15.13 17.11
N LEU D 96 -0.53 -15.65 16.33
CA LEU D 96 -0.09 -17.03 16.52
C LEU D 96 0.65 -17.20 17.84
N ASP D 97 1.44 -16.20 18.26
CA ASP D 97 2.08 -16.28 19.56
C ASP D 97 1.04 -16.33 20.68
N PHE D 98 -0.05 -15.59 20.53
CA PHE D 98 -1.10 -15.63 21.54
C PHE D 98 -1.80 -16.99 21.57
N ILE D 99 -2.15 -17.54 20.41
CA ILE D 99 -2.83 -18.84 20.44
C ILE D 99 -1.90 -19.92 20.98
N THR D 100 -0.59 -19.82 20.74
CA THR D 100 0.29 -20.82 21.33
C THR D 100 0.56 -20.56 22.81
N TYR D 101 0.51 -19.30 23.26
CA TYR D 101 0.54 -19.03 24.70
C TYR D 101 -0.63 -19.68 25.39
N SER D 102 -1.80 -19.70 24.73
CA SER D 102 -2.96 -20.39 25.28
C SER D 102 -2.62 -21.82 25.68
N TYR D 103 -1.93 -22.55 24.81
CA TYR D 103 -1.56 -23.92 25.13
C TYR D 103 -0.43 -23.98 26.15
N MET D 104 0.59 -23.12 26.01
CA MET D 104 1.72 -23.17 26.94
C MET D 104 1.31 -22.87 28.38
N ILE D 105 0.20 -22.15 28.58
CA ILE D 105 -0.29 -21.94 29.95
C ILE D 105 -0.50 -23.27 30.65
N ASP D 106 -1.39 -24.11 30.09
CA ASP D 106 -1.62 -25.43 30.67
C ASP D 106 -0.37 -26.30 30.59
N ASN D 107 0.42 -26.14 29.53
CA ASN D 107 1.63 -26.95 29.36
C ASN D 107 2.59 -26.76 30.52
N VAL D 108 2.77 -25.53 30.97
CA VAL D 108 3.68 -25.25 32.07
C VAL D 108 3.03 -25.55 33.42
N ILE D 109 1.72 -25.29 33.57
CA ILE D 109 1.10 -25.52 34.86
C ILE D 109 1.03 -27.01 35.18
N LEU D 110 0.79 -27.85 34.16
CA LEU D 110 0.71 -29.28 34.40
C LEU D 110 2.06 -29.84 34.85
N LEU D 111 3.16 -29.38 34.24
CA LEU D 111 4.46 -29.86 34.66
C LEU D 111 4.83 -29.31 36.04
N ILE D 112 4.43 -28.06 36.34
CA ILE D 112 4.70 -27.52 37.67
C ILE D 112 3.96 -28.35 38.73
N THR D 113 2.72 -28.73 38.45
CA THR D 113 1.99 -29.59 39.37
C THR D 113 2.63 -30.96 39.49
N GLY D 114 3.01 -31.57 38.36
CA GLY D 114 3.53 -32.92 38.37
C GLY D 114 4.96 -33.05 38.88
N THR D 115 5.69 -31.94 38.94
CA THR D 115 7.04 -31.99 39.48
C THR D 115 7.05 -32.39 40.95
N LEU D 116 5.99 -32.05 41.68
CA LEU D 116 5.86 -32.40 43.08
C LEU D 116 4.60 -33.19 43.39
N HIS D 117 3.81 -33.55 42.38
CA HIS D 117 2.61 -34.33 42.59
C HIS D 117 2.53 -35.60 41.73
N GLN D 118 3.47 -35.81 40.81
CA GLN D 118 3.45 -36.99 39.97
C GLN D 118 4.81 -37.69 39.96
N LYS D 119 5.22 -36.59 29.88
CA LYS D 119 4.07 -36.04 29.16
C LYS D 119 4.32 -34.61 28.73
N CYS D 120 5.47 -34.37 28.10
CA CYS D 120 5.82 -33.03 27.62
C CYS D 120 4.95 -32.71 26.40
N HIS D 121 3.89 -31.95 26.63
CA HIS D 121 2.95 -31.64 25.56
C HIS D 121 3.61 -30.72 24.53
N PRO D 122 3.37 -30.95 23.24
CA PRO D 122 3.95 -30.08 22.20
C PRO D 122 3.34 -28.69 22.18
N LEU D 123 3.75 -27.87 21.21
CA LEU D 123 3.28 -26.50 21.06
C LEU D 123 3.59 -25.66 22.30
N GLY D 124 4.70 -25.97 22.96
CA GLY D 124 5.12 -25.26 24.16
C GLY D 124 6.57 -24.81 24.04
N SER D 125 7.26 -24.88 25.17
CA SER D 125 8.69 -24.52 25.28
C SER D 125 8.82 -23.05 24.89
N PHE D 126 9.68 -22.70 23.94
CA PHE D 126 9.89 -21.31 23.51
C PHE D 126 10.29 -20.42 24.69
N GLU D 127 11.27 -20.90 25.46
CA GLU D 127 11.85 -20.13 26.57
C GLU D 127 10.81 -19.71 27.60
N GLN D 128 9.73 -20.48 27.72
CA GLN D 128 8.76 -20.31 28.79
C GLN D 128 8.53 -21.57 29.60
N MET D 129 8.62 -22.75 28.96
CA MET D 129 8.62 -24.00 29.70
C MET D 129 9.90 -24.18 30.49
N GLU D 130 11.01 -23.63 29.99
CA GLU D 130 12.31 -23.72 30.64
C GLU D 130 12.79 -22.34 31.09
N ALA D 131 11.90 -21.55 31.68
CA ALA D 131 12.23 -20.24 32.21
C ALA D 131 11.84 -20.06 33.67
N VAL D 132 10.86 -20.82 34.16
CA VAL D 132 10.43 -20.75 35.55
C VAL D 132 10.81 -22.02 36.31
N ASN D 133 10.70 -23.18 35.66
CA ASN D 133 11.04 -24.45 36.29
C ASN D 133 12.54 -24.64 36.50
N ILE D 134 13.37 -23.76 35.93
CA ILE D 134 14.82 -23.92 36.03
C ILE D 134 15.26 -23.80 37.48
N ALA D 135 14.80 -22.74 38.17
CA ALA D 135 15.27 -22.48 39.53
C ALA D 135 14.13 -22.06 40.45
N GLN D 136 12.91 -22.50 40.16
CA GLN D 136 11.74 -22.26 41.02
C GLN D 136 11.53 -20.76 41.21
N THR D 137 11.14 -20.10 40.12
CA THR D 137 10.92 -18.66 40.12
C THR D 137 10.13 -18.14 41.33
N PRO D 138 9.07 -18.81 41.81
CA PRO D 138 8.49 -18.39 43.09
C PRO D 138 9.47 -18.42 44.25
N ALA D 139 10.35 -19.43 44.28
CA ALA D 139 11.38 -19.46 45.32
C ALA D 139 12.44 -18.40 45.07
N GLU D 140 12.64 -18.01 43.81
CA GLU D 140 13.49 -16.86 43.50
C GLU D 140 12.87 -15.58 44.06
N LEU D 141 11.54 -15.46 43.99
CA LEU D 141 10.87 -14.37 44.67
C LEU D 141 11.06 -14.47 46.18
N TYR D 142 11.07 -15.70 46.71
CA TYR D 142 11.48 -15.89 48.10
C TYR D 142 12.95 -15.54 48.27
N ASN D 143 13.78 -15.82 47.27
CA ASN D 143 15.19 -15.47 47.30
C ASN D 143 15.47 -14.11 46.66
N ALA D 144 14.51 -13.20 46.70
CA ALA D 144 14.57 -11.95 45.94
C ALA D 144 15.63 -11.04 46.52
N ILE D 145 16.80 -11.02 45.89
CA ILE D 145 17.82 -10.02 46.19
C ILE D 145 18.10 -9.23 44.92
N LEU D 146 17.86 -9.85 43.75
CA LEU D 146 18.03 -9.17 42.48
C LEU D 146 16.96 -9.54 41.45
N VAL D 147 15.97 -10.36 41.79
CA VAL D 147 15.05 -10.88 40.77
C VAL D 147 13.86 -9.96 40.55
N ASP D 148 13.09 -9.69 41.60
CA ASP D 148 11.86 -8.90 41.47
C ASP D 148 11.41 -8.49 42.86
N THR D 149 11.21 -7.19 43.07
CA THR D 149 10.86 -6.63 44.37
C THR D 149 11.76 -7.19 45.47
N PRO D 150 13.07 -6.96 45.40
CA PRO D 150 13.99 -7.59 46.35
C PRO D 150 13.94 -6.90 47.71
N LEU D 151 13.71 -7.68 48.75
CA LEU D 151 13.75 -7.19 50.12
C LEU D 151 15.14 -7.44 50.72
N ALA D 152 16.15 -6.92 50.03
CA ALA D 152 17.53 -7.18 50.42
C ALA D 152 17.93 -6.39 51.67
N ALA D 153 17.50 -5.14 51.76
CA ALA D 153 17.87 -4.29 52.89
C ALA D 153 17.06 -4.58 54.15
N PHE D 154 15.98 -5.34 54.06
CA PHE D 154 15.11 -5.62 55.19
C PHE D 154 15.10 -7.10 55.58
N PHE D 155 14.86 -8.00 54.63
CA PHE D 155 14.83 -9.42 54.92
C PHE D 155 15.81 -10.20 54.05
N GLN D 156 16.78 -9.52 53.43
CA GLN D 156 17.76 -10.15 52.55
C GLN D 156 17.06 -10.92 51.43
N ASP D 157 16.86 -12.21 51.62
CA ASP D 157 16.12 -13.04 50.67
C ASP D 157 14.96 -13.69 51.43
N CYS D 158 13.86 -12.95 51.55
CA CYS D 158 12.67 -13.42 52.24
C CYS D 158 11.54 -12.42 52.02
N ILE D 159 10.33 -12.95 51.88
CA ILE D 159 9.09 -12.16 51.84
C ILE D 159 9.06 -11.25 50.63
N SER D 160 8.27 -11.63 49.62
CA SER D 160 8.03 -10.79 48.45
C SER D 160 6.53 -10.78 48.17
N GLU D 161 6.06 -9.70 47.55
CA GLU D 161 4.64 -9.56 47.25
C GLU D 161 4.18 -10.65 46.29
N GLN D 162 3.16 -11.40 46.69
CA GLN D 162 2.65 -12.54 45.93
C GLN D 162 3.77 -13.52 45.61
N ASP D 163 4.33 -14.09 46.69
CA ASP D 163 5.50 -14.96 46.56
C ASP D 163 5.16 -16.34 46.01
N LEU D 164 3.91 -16.78 46.14
CA LEU D 164 3.50 -18.13 45.80
C LEU D 164 4.38 -19.15 46.50
N ASP D 165 5.09 -19.97 45.72
CA ASP D 165 5.94 -21.04 46.24
C ASP D 165 5.16 -21.96 47.18
N ALA D 166 3.92 -22.26 46.79
CA ALA D 166 3.06 -23.13 47.58
C ALA D 166 2.10 -23.84 46.64
N MET D 167 1.36 -24.81 47.19
CA MET D 167 0.46 -25.61 46.37
C MET D 167 -0.69 -24.74 45.86
N ASN D 168 -1.34 -24.00 46.76
CA ASN D 168 -2.30 -22.94 46.40
C ASN D 168 -3.39 -23.44 45.45
N ILE D 169 -3.87 -24.66 45.70
CA ILE D 169 -4.94 -25.29 44.93
C ILE D 169 -4.60 -25.23 43.44
N GLU D 170 -5.39 -24.46 42.68
CA GLU D 170 -5.14 -24.32 41.24
C GLU D 170 -5.32 -22.89 40.74
N ILE D 171 -5.70 -21.95 41.59
CA ILE D 171 -6.10 -20.61 41.16
C ILE D 171 -5.02 -19.88 40.39
N ILE D 172 -3.76 -20.33 40.49
CA ILE D 172 -2.69 -19.70 39.71
C ILE D 172 -2.96 -19.87 38.22
N ARG D 173 -3.30 -21.09 37.81
CA ARG D 173 -3.61 -21.34 36.41
C ARG D 173 -4.87 -20.62 35.97
N ASN D 174 -5.85 -20.50 36.87
CA ASN D 174 -7.06 -19.75 36.53
C ASN D 174 -6.76 -18.28 36.30
N THR D 175 -5.93 -17.67 37.16
CA THR D 175 -5.55 -16.29 36.97
C THR D 175 -4.75 -16.09 35.69
N LEU D 176 -3.83 -17.02 35.40
CA LEU D 176 -3.06 -16.93 34.17
C LEU D 176 -3.97 -17.03 32.95
N TYR D 177 -4.92 -17.96 32.97
CA TYR D 177 -5.86 -18.10 31.86
C TYR D 177 -6.72 -16.86 31.71
N LYS D 178 -7.17 -16.28 32.82
CA LYS D 178 -7.97 -15.06 32.74
C LYS D 178 -7.16 -13.91 32.13
N ALA D 179 -5.90 -13.75 32.57
CA ALA D 179 -5.06 -12.70 32.01
C ALA D 179 -4.83 -12.91 30.52
N TYR D 180 -4.56 -14.16 30.11
CA TYR D 180 -4.38 -14.44 28.70
C TYR D 180 -5.63 -14.12 27.90
N LEU D 181 -6.81 -14.49 28.43
CA LEU D 181 -8.05 -14.24 27.71
C LEU D 181 -8.32 -12.75 27.58
N GLU D 182 -8.07 -11.98 28.65
CA GLU D 182 -8.27 -10.54 28.55
C GLU D 182 -7.31 -9.91 27.55
N SER D 183 -6.06 -10.34 27.54
CA SER D 183 -5.10 -9.82 26.57
C SER D 183 -5.52 -10.18 25.15
N PHE D 184 -5.96 -11.42 24.93
CA PHE D 184 -6.40 -11.82 23.61
C PHE D 184 -7.61 -11.01 23.16
N TYR D 185 -8.57 -10.78 24.07
CA TYR D 185 -9.76 -10.03 23.70
C TYR D 185 -9.43 -8.58 23.38
N LYS D 186 -8.55 -7.96 24.17
CA LYS D 186 -8.19 -6.57 23.88
C LYS D 186 -7.42 -6.48 22.56
N PHE D 187 -6.57 -7.46 22.28
CA PHE D 187 -5.86 -7.48 21.00
C PHE D 187 -6.83 -7.64 19.83
N CYS D 188 -7.80 -8.55 19.96
CA CYS D 188 -8.75 -8.78 18.88
C CYS D 188 -9.63 -7.55 18.66
N THR D 189 -10.07 -6.90 19.73
CA THR D 189 -10.84 -5.67 19.59
C THR D 189 -10.00 -4.58 18.95
N LEU D 190 -8.71 -4.52 19.30
CA LEU D 190 -7.82 -3.56 18.65
C LEU D 190 -7.69 -3.85 17.16
N LEU D 191 -7.58 -5.12 16.79
CA LEU D 191 -7.51 -5.53 15.38
C LEU D 191 -8.94 -5.66 14.86
N GLY D 192 -9.51 -4.52 14.49
CA GLY D 192 -10.89 -4.45 14.08
C GLY D 192 -11.16 -5.17 12.77
N GLY D 193 -12.36 -4.94 12.25
CA GLY D 193 -12.80 -5.60 11.04
C GLY D 193 -13.38 -6.97 11.32
N THR D 194 -13.52 -7.74 10.22
CA THR D 194 -14.13 -9.06 10.30
C THR D 194 -13.37 -9.97 11.26
N THR D 195 -12.07 -9.70 11.48
CA THR D 195 -11.32 -10.46 12.48
C THR D 195 -12.03 -10.43 13.83
N ALA D 196 -12.40 -9.23 14.29
CA ALA D 196 -13.19 -9.13 15.50
C ALA D 196 -14.50 -9.89 15.36
N ASP D 197 -15.15 -9.76 14.20
CA ASP D 197 -16.41 -10.46 13.96
C ASP D 197 -16.23 -11.97 14.00
N ALA D 198 -14.99 -12.45 13.89
CA ALA D 198 -14.69 -13.87 14.08
C ALA D 198 -13.96 -14.16 15.39
N MET D 199 -13.40 -13.14 16.04
CA MET D 199 -12.70 -13.32 17.31
C MET D 199 -13.55 -12.96 18.52
N CYS D 200 -14.30 -11.87 18.44
CA CYS D 200 -15.11 -11.46 19.58
C CYS D 200 -16.13 -12.51 20.01
N PRO D 201 -16.95 -13.09 19.11
CA PRO D 201 -18.00 -14.02 19.59
C PRO D 201 -17.46 -15.26 20.26
N ILE D 202 -16.66 -16.05 19.54
CA ILE D 202 -16.28 -17.37 20.03
C ILE D 202 -15.50 -17.24 21.34
N LEU D 203 -14.51 -16.33 21.37
CA LEU D 203 -13.75 -16.09 22.58
C LEU D 203 -14.69 -15.80 23.74
N GLU D 204 -15.69 -14.93 23.51
CA GLU D 204 -16.66 -14.62 24.56
C GLU D 204 -17.28 -15.91 25.09
N PHE D 205 -17.81 -16.74 24.19
CA PHE D 205 -18.38 -18.01 24.62
C PHE D 205 -17.35 -18.83 25.38
N GLU D 206 -16.12 -18.87 24.85
CA GLU D 206 -15.01 -19.49 25.57
C GLU D 206 -15.00 -19.02 27.01
N ALA D 207 -14.83 -17.72 27.21
CA ALA D 207 -14.83 -17.18 28.56
C ALA D 207 -16.07 -17.65 29.31
N ASP D 208 -17.24 -17.49 28.68
CA ASP D 208 -18.48 -17.87 29.33
C ASP D 208 -18.42 -19.30 29.82
N ARG D 209 -18.06 -20.24 28.94
CA ARG D 209 -18.08 -21.63 29.36
C ARG D 209 -17.08 -21.85 30.48
N ARG D 210 -15.91 -21.20 30.39
CA ARG D 210 -14.95 -21.29 31.48
C ARG D 210 -15.58 -20.84 32.79
N ALA D 211 -16.24 -19.68 32.77
CA ALA D 211 -16.95 -19.23 33.96
C ALA D 211 -17.87 -20.33 34.46
N PHE D 212 -18.68 -20.88 33.57
CA PHE D 212 -19.62 -21.93 33.96
C PHE D 212 -18.88 -23.03 34.71
N ILE D 213 -17.83 -23.56 34.09
CA ILE D 213 -17.18 -24.72 34.69
C ILE D 213 -16.57 -24.35 36.03
N ILE D 214 -15.99 -23.15 36.13
CA ILE D 214 -15.31 -22.84 37.39
C ILE D 214 -16.35 -22.68 38.48
N THR D 215 -17.56 -22.20 38.12
CA THR D 215 -18.62 -22.14 39.10
C THR D 215 -18.94 -23.53 39.64
N ILE D 216 -19.02 -24.52 38.74
CA ILE D 216 -19.21 -25.89 39.17
C ILE D 216 -18.02 -26.35 40.00
N ASN D 217 -16.82 -25.89 39.64
CA ASN D 217 -15.63 -26.24 40.41
C ASN D 217 -15.59 -25.50 41.74
N SER D 218 -16.40 -24.45 41.91
CA SER D 218 -16.44 -23.70 43.15
C SER D 218 -17.50 -24.18 44.12
N PHE D 219 -18.35 -25.12 43.71
CA PHE D 219 -19.43 -25.57 44.58
C PHE D 219 -18.91 -26.48 45.69
N GLY D 220 -18.01 -27.39 45.36
CA GLY D 220 -17.46 -28.33 46.32
C GLY D 220 -16.10 -28.00 46.87
N THR D 221 -15.47 -26.92 46.42
CA THR D 221 -14.14 -26.55 46.86
C THR D 221 -14.21 -25.51 47.97
N GLU D 222 -13.09 -25.34 48.67
CA GLU D 222 -12.99 -24.38 49.76
C GLU D 222 -12.32 -23.10 49.25
N LEU D 223 -13.11 -22.33 48.49
CA LEU D 223 -12.65 -21.07 47.92
C LEU D 223 -13.68 -20.00 48.18
N SER D 224 -13.20 -18.82 48.57
CA SER D 224 -14.08 -17.70 48.85
C SER D 224 -14.76 -17.19 47.59
N LYS D 225 -15.96 -16.63 47.76
CA LYS D 225 -16.66 -16.05 46.62
C LYS D 225 -15.90 -14.87 46.04
N GLU D 226 -15.17 -14.13 46.89
CA GLU D 226 -14.36 -13.03 46.38
C GLU D 226 -13.26 -13.53 45.44
N ASP D 227 -12.64 -14.66 45.79
CA ASP D 227 -11.66 -15.25 44.87
C ASP D 227 -12.31 -15.71 43.58
N ARG D 228 -13.53 -16.24 43.68
CA ARG D 228 -14.27 -16.64 42.49
C ARG D 228 -14.53 -15.44 41.58
N ALA D 229 -14.89 -14.30 42.15
CA ALA D 229 -15.03 -13.09 41.36
C ALA D 229 -13.69 -12.63 40.78
N LYS D 230 -12.61 -12.78 41.55
CA LYS D 230 -11.30 -12.37 41.08
C LYS D 230 -10.86 -13.16 39.86
N LEU D 231 -11.05 -14.49 39.89
CA LEU D 231 -10.64 -15.32 38.77
C LEU D 231 -11.56 -15.21 37.56
N PHE D 232 -12.73 -14.61 37.72
CA PHE D 232 -13.67 -14.48 36.61
C PHE D 232 -13.11 -13.54 35.55
N PRO D 233 -12.98 -13.97 34.30
CA PRO D 233 -12.59 -13.04 33.24
C PRO D 233 -13.63 -11.95 33.06
N HIS D 234 -13.15 -10.73 32.76
CA HIS D 234 -14.01 -9.57 32.62
C HIS D 234 -14.29 -9.21 31.17
N CYS D 235 -13.98 -10.08 30.23
CA CYS D 235 -14.27 -9.87 28.81
C CYS D 235 -15.28 -10.91 28.37
N GLY D 236 -16.53 -10.50 28.25
CA GLY D 236 -17.58 -11.41 27.83
C GLY D 236 -18.95 -10.80 28.07
N ARG D 237 -19.98 -11.60 27.78
CA ARG D 237 -21.34 -11.14 27.96
C ARG D 237 -21.73 -11.11 29.43
N LEU D 238 -21.19 -12.03 30.24
CA LEU D 238 -21.55 -12.10 31.64
C LEU D 238 -20.93 -10.97 32.46
N TYR D 239 -19.81 -10.40 31.99
CA TYR D 239 -19.13 -9.38 32.79
C TYR D 239 -19.99 -8.17 33.09
N PRO D 240 -20.68 -7.54 32.12
CA PRO D 240 -21.52 -6.38 32.49
C PRO D 240 -22.60 -6.72 33.50
N GLU D 241 -23.23 -7.89 33.37
CA GLU D 241 -24.28 -8.31 34.29
C GLU D 241 -24.41 -9.82 34.24
N GLY D 242 -24.83 -10.40 35.36
CA GLY D 242 -25.00 -11.82 35.50
C GLY D 242 -23.82 -12.52 36.16
N LEU D 243 -22.61 -12.01 35.96
CA LEU D 243 -21.44 -12.60 36.60
C LEU D 243 -21.51 -12.45 38.12
N ALA D 244 -22.02 -11.31 38.59
CA ALA D 244 -22.18 -11.13 40.03
C ALA D 244 -23.17 -12.13 40.61
N GLN D 245 -24.26 -12.39 39.89
CA GLN D 245 -25.22 -13.39 40.34
C GLN D 245 -24.60 -14.79 40.34
N LEU D 246 -23.78 -15.09 39.34
CA LEU D 246 -23.09 -16.38 39.31
C LEU D 246 -22.14 -16.53 40.48
N ALA D 247 -21.42 -15.45 40.82
CA ALA D 247 -20.56 -15.47 42.00
C ALA D 247 -21.39 -15.66 43.26
N ARG D 248 -22.55 -15.02 43.34
CA ARG D 248 -23.45 -15.20 44.47
C ARG D 248 -24.19 -16.54 44.43
N ALA D 249 -24.27 -17.16 43.26
CA ALA D 249 -24.94 -18.44 43.13
C ALA D 249 -24.22 -19.51 43.94
N ASP D 250 -25.01 -20.42 44.52
CA ASP D 250 -24.47 -21.47 45.38
C ASP D 250 -24.86 -22.88 44.98
N ASP D 251 -25.81 -23.05 44.05
CA ASP D 251 -26.24 -24.38 43.63
C ASP D 251 -26.35 -24.42 42.13
N TYR D 252 -26.31 -25.65 41.59
CA TYR D 252 -26.39 -25.82 40.13
C TYR D 252 -27.70 -25.29 39.57
N GLU D 253 -28.79 -25.40 40.35
CA GLU D 253 -30.07 -24.84 39.91
C GLU D 253 -29.98 -23.32 39.77
N GLN D 254 -29.27 -22.66 40.69
CA GLN D 254 -29.07 -21.22 40.58
C GLN D 254 -28.30 -20.87 39.31
N VAL D 255 -27.25 -21.63 39.01
CA VAL D 255 -26.48 -21.39 37.79
C VAL D 255 -27.35 -21.59 36.55
N LYS D 256 -28.18 -22.64 36.57
CA LYS D 256 -29.09 -22.87 35.44
C LYS D 256 -30.08 -21.73 35.28
N ASN D 257 -30.63 -21.23 36.39
CA ASN D 257 -31.56 -20.10 36.31
C ASN D 257 -30.88 -18.85 35.79
N VAL D 258 -29.64 -18.62 36.21
CA VAL D 258 -28.88 -17.46 35.71
C VAL D 258 -28.66 -17.60 34.21
N ALA D 259 -28.26 -18.80 33.76
CA ALA D 259 -28.03 -19.04 32.34
C ALA D 259 -29.31 -18.98 31.52
N ASP D 260 -30.46 -19.20 32.14
CA ASP D 260 -31.73 -19.16 31.41
C ASP D 260 -32.01 -17.78 30.84
N TYR D 261 -31.35 -16.73 31.33
CA TYR D 261 -31.54 -15.40 30.77
C TYR D 261 -31.04 -15.32 29.33
N TYR D 262 -29.91 -15.96 29.04
CA TYR D 262 -29.37 -15.98 27.69
C TYR D 262 -29.97 -17.16 26.93
N PRO D 263 -30.70 -16.92 25.83
CA PRO D 263 -31.37 -18.05 25.15
C PRO D 263 -30.42 -19.14 24.67
N GLU D 264 -29.24 -18.76 24.15
CA GLU D 264 -28.30 -19.77 23.68
C GLU D 264 -27.78 -20.61 24.84
N TYR D 265 -27.39 -19.96 25.94
CA TYR D 265 -26.92 -20.71 27.09
C TYR D 265 -28.07 -21.43 27.79
N LYS D 266 -29.29 -20.88 27.70
CA LYS D 266 -30.44 -21.61 28.22
C LYS D 266 -30.64 -22.92 27.47
N LEU D 267 -30.53 -22.87 26.13
CA LEU D 267 -30.62 -24.10 25.34
C LEU D 267 -29.48 -25.04 25.67
N LEU D 268 -28.27 -24.51 25.84
CA LEU D 268 -27.12 -25.34 26.17
C LEU D 268 -27.33 -26.07 27.50
N PHE D 269 -27.88 -25.37 28.49
CA PHE D 269 -28.10 -25.99 29.80
C PHE D 269 -29.24 -26.99 29.75
N GLU D 270 -30.36 -26.64 29.10
CA GLU D 270 -31.51 -27.53 29.09
C GLU D 270 -31.24 -28.79 28.26
N GLY D 271 -30.36 -28.70 27.25
CA GLY D 271 -30.02 -29.87 26.49
C GLY D 271 -29.13 -30.86 27.23
N ALA D 272 -28.49 -30.41 28.30
CA ALA D 272 -27.55 -31.24 29.04
C ALA D 272 -28.32 -32.28 29.84
N GLY D 273 -28.44 -33.49 29.28
CA GLY D 273 -29.09 -34.57 30.00
C GLY D 273 -28.31 -35.01 31.22
N SER D 274 -26.98 -35.01 31.13
CA SER D 274 -26.10 -35.42 32.22
C SER D 274 -26.43 -36.84 32.67
N ASN D 275 -26.69 -37.72 31.72
CA ASN D 275 -27.05 -39.10 31.95
C ASN D 275 -26.17 -40.00 31.08
N PRO D 276 -25.99 -41.26 31.48
CA PRO D 276 -25.24 -42.19 30.62
C PRO D 276 -25.89 -42.32 29.25
N GLY D 277 -25.06 -42.34 28.22
CA GLY D 277 -25.54 -42.29 26.86
C GLY D 277 -26.01 -40.92 26.40
N ASP D 278 -25.96 -39.92 27.27
CA ASP D 278 -26.37 -38.56 26.95
C ASP D 278 -25.19 -37.61 27.18
N LYS D 279 -25.04 -36.66 26.27
CA LYS D 279 -23.90 -35.74 26.35
C LYS D 279 -24.06 -34.81 27.55
N THR D 280 -23.00 -34.68 28.34
CA THR D 280 -23.02 -33.85 29.53
C THR D 280 -22.87 -32.37 29.14
N LEU D 281 -22.77 -31.50 30.14
CA LEU D 281 -22.62 -30.07 29.87
C LEU D 281 -21.32 -29.79 29.11
N GLU D 282 -20.24 -30.47 29.48
CA GLU D 282 -18.96 -30.27 28.78
C GLU D 282 -19.06 -30.69 27.32
N ASP D 283 -19.74 -31.81 27.05
CA ASP D 283 -19.91 -32.26 25.67
C ASP D 283 -20.75 -31.27 24.86
N ARG D 284 -21.80 -30.74 25.47
CA ARG D 284 -22.62 -29.74 24.77
C ARG D 284 -21.84 -28.47 24.52
N PHE D 285 -20.98 -28.06 25.47
CA PHE D 285 -20.12 -26.91 25.26
C PHE D 285 -19.15 -27.17 24.11
N PHE D 286 -18.61 -28.39 24.03
CA PHE D 286 -17.74 -28.75 22.91
C PHE D 286 -18.49 -28.67 21.59
N GLU D 287 -19.73 -29.17 21.57
CA GLU D 287 -20.54 -29.10 20.36
C GLU D 287 -20.79 -27.65 19.95
N HIS D 288 -21.13 -26.79 20.91
CA HIS D 288 -21.36 -25.39 20.61
C HIS D 288 -20.09 -24.72 20.08
N GLU D 289 -18.94 -25.04 20.69
CA GLU D 289 -17.68 -24.48 20.22
C GLU D 289 -17.37 -24.95 18.80
N VAL D 290 -17.67 -26.21 18.50
CA VAL D 290 -17.46 -26.73 17.14
C VAL D 290 -18.36 -26.00 16.16
N LYS D 291 -19.62 -25.79 16.53
CA LYS D 291 -20.53 -25.05 15.64
C LYS D 291 -20.03 -23.64 15.40
N LEU D 292 -19.56 -22.97 16.45
CA LEU D 292 -19.04 -21.62 16.30
C LEU D 292 -17.79 -21.59 15.43
N ASN D 293 -16.90 -22.57 15.61
CA ASN D 293 -15.70 -22.63 14.78
C ASN D 293 -16.05 -22.86 13.31
N LYS D 294 -17.04 -23.70 13.05
CA LYS D 294 -17.50 -23.90 11.68
C LYS D 294 -18.10 -22.62 11.12
N LEU D 295 -18.88 -21.91 11.93
CA LEU D 295 -19.47 -20.64 11.49
C LEU D 295 -18.41 -19.59 11.23
N ALA D 296 -17.25 -19.71 11.89
CA ALA D 296 -16.16 -18.76 11.68
C ALA D 296 -15.61 -18.79 10.26
N PHE D 297 -15.94 -19.81 9.49
CA PHE D 297 -15.45 -19.93 8.12
C PHE D 297 -16.26 -19.12 7.12
N LEU D 298 -17.41 -18.56 7.55
CA LEU D 298 -18.24 -17.78 6.64
C LEU D 298 -17.60 -16.46 6.25
N ASN D 299 -16.58 -16.02 6.97
CA ASN D 299 -15.75 -14.88 6.58
C ASN D 299 -14.45 -15.41 6.01
N GLN D 300 -13.96 -14.77 4.94
CA GLN D 300 -12.72 -15.20 4.31
C GLN D 300 -11.66 -14.10 4.27
N PHE D 301 -11.83 -13.04 5.06
CA PHE D 301 -10.78 -12.04 5.25
C PHE D 301 -10.78 -11.67 6.74
N HIS D 302 -10.02 -12.42 7.52
CA HIS D 302 -10.00 -12.24 8.97
C HIS D 302 -8.89 -13.12 9.55
N PHE D 303 -8.53 -12.83 10.80
CA PHE D 303 -7.49 -13.59 11.48
C PHE D 303 -8.03 -14.71 12.35
N GLY D 304 -9.34 -14.80 12.55
CA GLY D 304 -9.89 -15.89 13.34
C GLY D 304 -9.94 -17.22 12.64
N VAL D 305 -9.68 -17.25 11.33
CA VAL D 305 -9.72 -18.49 10.57
C VAL D 305 -8.66 -19.45 11.08
N PHE D 306 -7.50 -18.94 11.49
CA PHE D 306 -6.45 -19.81 12.02
C PHE D 306 -6.88 -20.43 13.34
N TYR D 307 -7.47 -19.63 14.23
CA TYR D 307 -7.95 -20.15 15.50
C TYR D 307 -9.02 -21.22 15.27
N ALA D 308 -9.95 -20.96 14.34
CA ALA D 308 -10.99 -21.93 14.06
C ALA D 308 -10.41 -23.23 13.52
N PHE D 309 -9.45 -23.13 12.60
CA PHE D 309 -8.83 -24.34 12.06
C PHE D 309 -8.10 -25.12 13.15
N VAL D 310 -7.37 -24.43 14.01
CA VAL D 310 -6.63 -25.11 15.07
C VAL D 310 -7.58 -25.82 16.01
N LYS D 311 -8.66 -25.14 16.42
CA LYS D 311 -9.61 -25.78 17.33
C LYS D 311 -10.32 -26.96 16.68
N LEU D 312 -10.69 -26.83 15.41
CA LEU D 312 -11.35 -27.92 14.71
C LEU D 312 -10.44 -29.14 14.60
N LYS D 313 -9.16 -28.91 14.26
CA LYS D 313 -8.24 -30.03 14.15
C LYS D 313 -7.95 -30.65 15.51
N GLU D 314 -7.90 -29.84 16.58
CA GLU D 314 -7.74 -30.40 17.92
C GLU D 314 -8.92 -31.28 18.30
N GLN D 315 -10.14 -30.83 17.98
CA GLN D 315 -11.31 -31.66 18.24
C GLN D 315 -11.28 -32.94 17.43
N GLU D 316 -10.83 -32.85 16.18
CA GLU D 316 -10.69 -34.05 15.36
C GLU D 316 -9.69 -35.04 15.95
N CYS D 317 -8.56 -34.52 16.44
CA CYS D 317 -7.56 -35.38 17.09
C CYS D 317 -8.13 -36.03 18.34
N ARG D 318 -8.88 -35.26 19.13
CA ARG D 318 -9.52 -35.83 20.32
C ARG D 318 -10.50 -36.93 19.93
N ASN D 319 -11.27 -36.71 18.86
CA ASN D 319 -12.21 -37.74 18.41
C ASN D 319 -11.47 -39.00 17.96
N ILE D 320 -10.36 -38.83 17.25
CA ILE D 320 -9.58 -39.98 16.80
C ILE D 320 -9.04 -40.75 18.00
N VAL D 321 -8.52 -40.03 19.00
CA VAL D 321 -7.99 -40.69 20.19
C VAL D 321 -9.10 -41.43 20.93
N TRP D 322 -10.26 -40.81 21.06
CA TRP D 322 -11.38 -41.45 21.73
C TRP D 322 -11.82 -42.71 20.99
N ILE D 323 -11.89 -42.64 19.66
CA ILE D 323 -12.28 -43.81 18.87
C ILE D 323 -11.27 -44.93 19.05
N ALA D 324 -9.97 -44.59 19.03
CA ALA D 324 -8.94 -45.61 19.23
C ALA D 324 -9.03 -46.23 20.61
N GLU D 325 -9.26 -45.42 21.64
CA GLU D 325 -9.39 -45.95 22.99
C GLU D 325 -10.59 -46.88 23.11
N CYS D 326 -11.72 -46.49 22.54
CA CYS D 326 -12.91 -47.34 22.60
C CYS D 326 -12.72 -48.63 21.82
N ILE D 327 -11.99 -48.55 20.70
CA ILE D 327 -11.82 -49.73 19.86
C ILE D 327 -10.86 -50.72 20.52
N ALA D 328 -9.75 -50.21 21.06
CA ALA D 328 -8.78 -51.08 21.74
C ALA D 328 -9.40 -51.71 22.98
N GLN D 329 -10.20 -50.95 23.72
CA GLN D 329 -10.89 -51.46 24.90
C GLN D 329 -12.21 -52.14 24.54
N ARG D 330 -12.54 -52.25 23.25
CA ARG D 330 -13.78 -52.86 22.78
C ARG D 330 -15.01 -52.21 23.38
N HIS D 331 -14.93 -50.89 23.62
CA HIS D 331 -16.05 -50.14 24.18
C HIS D 331 -16.97 -49.73 23.03
N ARG D 332 -17.81 -50.68 22.62
CA ARG D 332 -18.73 -50.42 21.51
C ARG D 332 -19.74 -49.34 21.88
N ALA D 333 -20.22 -49.36 23.12
CA ALA D 333 -21.19 -48.35 23.56
C ALA D 333 -20.57 -46.95 23.60
N LYS D 334 -19.25 -46.84 23.76
CA LYS D 334 -18.58 -45.56 23.81
C LYS D 334 -18.08 -45.09 22.44
N ILE D 335 -18.30 -45.88 21.39
CA ILE D 335 -17.80 -45.51 20.07
C ILE D 335 -18.49 -44.25 19.56
N ASP D 336 -19.82 -44.20 19.70
CA ASP D 336 -20.62 -43.12 19.14
C ASP D 336 -20.53 -41.82 19.95
N ASN D 337 -19.61 -41.74 20.90
CA ASN D 337 -19.41 -40.51 21.68
C ASN D 337 -18.47 -39.54 20.99
N TYR D 338 -18.14 -39.76 19.72
CA TYR D 338 -17.29 -38.84 18.99
C TYR D 338 -18.03 -37.55 18.68
N ILE D 339 -17.26 -36.49 18.47
CA ILE D 339 -17.80 -35.17 18.19
C ILE D 339 -17.73 -34.93 16.69
N PRO D 340 -18.84 -34.75 16.00
CA PRO D 340 -18.80 -34.48 14.56
C PRO D 340 -18.08 -33.16 14.28
N ILE D 341 -17.40 -33.11 13.13
CA ILE D 341 -16.63 -31.95 12.72
C ILE D 341 -17.32 -31.22 11.57
N PHE D 342 -17.52 -31.90 10.45
CA PHE D 342 -18.17 -31.30 9.28
C PHE D 342 -18.72 -32.37 8.36
N ALA E 1 9.03 2.58 -56.01
CA ALA E 1 9.10 2.49 -57.47
C ALA E 1 9.14 1.04 -57.92
N HIS E 2 9.17 0.12 -56.95
CA HIS E 2 9.20 -1.30 -57.26
C HIS E 2 7.87 -1.73 -57.88
N SER E 3 7.96 -2.57 -58.91
CA SER E 3 6.76 -3.18 -59.46
C SER E 3 6.16 -4.14 -58.44
N PHE E 4 4.82 -4.20 -58.42
CA PHE E 4 4.12 -5.01 -57.44
C PHE E 4 3.45 -6.23 -58.04
N ALA E 5 3.10 -6.22 -59.33
CA ALA E 5 2.42 -7.36 -59.92
C ALA E 5 3.32 -8.59 -59.93
N LEU E 6 4.57 -8.44 -60.36
CA LEU E 6 5.47 -9.58 -60.42
C LEU E 6 5.74 -10.21 -59.06
N PRO E 7 6.10 -9.46 -58.01
CA PRO E 7 6.31 -10.11 -56.71
C PRO E 7 5.07 -10.79 -56.16
N VAL E 8 3.91 -10.16 -56.28
CA VAL E 8 2.70 -10.78 -55.73
C VAL E 8 2.36 -12.05 -56.52
N ILE E 9 2.55 -12.03 -57.84
CA ILE E 9 2.26 -13.21 -58.64
C ILE E 9 3.21 -14.35 -58.27
N ILE E 10 4.51 -14.05 -58.18
CA ILE E 10 5.46 -15.13 -57.93
C ILE E 10 5.27 -15.71 -56.53
N PHE E 11 5.03 -14.85 -55.53
CA PHE E 11 4.85 -15.36 -54.18
C PHE E 11 3.53 -16.10 -54.03
N THR E 12 2.47 -15.61 -54.69
CA THR E 12 1.20 -16.33 -54.66
C THR E 12 1.36 -17.70 -55.29
N THR E 13 2.07 -17.78 -56.42
CA THR E 13 2.29 -19.07 -57.07
C THR E 13 3.07 -20.02 -56.16
N PHE E 14 4.16 -19.53 -55.56
CA PHE E 14 4.99 -20.38 -54.72
C PHE E 14 4.22 -20.87 -53.49
N TRP E 15 3.53 -19.95 -52.81
CA TRP E 15 2.77 -20.34 -51.63
C TRP E 15 1.60 -21.24 -52.00
N GLY E 16 0.99 -21.02 -53.16
CA GLY E 16 -0.07 -21.92 -53.59
C GLY E 16 0.43 -23.32 -53.88
N LEU E 17 1.63 -23.43 -54.46
CA LEU E 17 2.21 -24.75 -54.68
C LEU E 17 2.46 -25.45 -53.35
N ILE E 18 3.14 -24.77 -52.41
CA ILE E 18 3.47 -25.44 -51.16
C ILE E 18 2.21 -25.73 -50.35
N GLY E 19 1.16 -24.92 -50.52
CA GLY E 19 -0.11 -25.18 -49.88
C GLY E 19 -0.81 -26.37 -50.49
N ILE E 20 -1.24 -26.25 -51.75
CA ILE E 20 -1.77 -27.41 -52.48
C ILE E 20 -0.56 -28.06 -53.15
N ALA E 21 0.21 -28.78 -52.35
CA ALA E 21 1.13 -29.79 -52.80
C ALA E 21 1.03 -31.06 -51.98
N GLY E 22 0.20 -31.06 -50.92
CA GLY E 22 -0.02 -32.20 -50.08
C GLY E 22 -0.70 -33.38 -50.76
N PRO E 23 -1.71 -33.16 -51.62
CA PRO E 23 -2.21 -34.26 -52.45
C PRO E 23 -1.09 -35.07 -53.12
N TRP E 24 0.01 -34.41 -53.47
CA TRP E 24 1.24 -35.10 -53.81
C TRP E 24 1.88 -35.55 -52.49
N PHE E 25 1.54 -36.77 -52.09
CA PHE E 25 2.03 -37.32 -50.82
C PHE E 25 3.41 -37.93 -51.01
N VAL E 26 4.39 -37.43 -50.27
CA VAL E 26 5.72 -38.01 -50.32
C VAL E 26 5.78 -39.27 -49.44
N PRO E 27 5.48 -39.20 -48.11
CA PRO E 27 5.60 -40.42 -47.30
C PRO E 27 4.61 -41.51 -47.66
N LYS E 28 3.31 -41.19 -47.58
CA LYS E 28 2.23 -42.18 -47.60
C LYS E 28 2.51 -43.34 -46.64
N GLY E 29 3.28 -43.05 -45.59
CA GLY E 29 3.69 -44.04 -44.62
C GLY E 29 3.06 -43.81 -43.27
N PRO E 30 3.81 -43.13 -42.39
CA PRO E 30 3.31 -42.81 -41.05
C PRO E 30 2.13 -41.85 -41.08
N ASN E 31 1.72 -41.37 -39.91
CA ASN E 31 0.46 -40.65 -39.68
C ASN E 31 0.01 -39.79 -40.85
N ARG E 32 0.91 -38.96 -41.38
CA ARG E 32 0.70 -38.25 -42.65
C ARG E 32 -0.31 -37.12 -42.52
N GLY E 33 -1.01 -37.06 -41.38
CA GLY E 33 -1.99 -36.00 -41.18
C GLY E 33 -1.37 -34.76 -40.58
N VAL E 34 -0.48 -34.97 -39.61
CA VAL E 34 0.22 -33.85 -39.01
C VAL E 34 1.05 -33.13 -40.06
N ILE E 35 1.66 -33.87 -40.99
CA ILE E 35 2.53 -33.24 -41.97
C ILE E 35 1.73 -32.41 -42.98
N ILE E 36 0.59 -32.93 -43.44
CA ILE E 36 -0.21 -32.16 -44.39
C ILE E 36 -0.79 -30.92 -43.71
N THR E 37 -1.29 -31.07 -42.48
CA THR E 37 -1.80 -29.91 -41.78
C THR E 37 -0.69 -28.88 -41.54
N MET E 38 0.50 -29.35 -41.18
CA MET E 38 1.64 -28.45 -40.99
C MET E 38 1.95 -27.68 -42.25
N LEU E 39 2.03 -28.38 -43.40
CA LEU E 39 2.37 -27.71 -44.65
C LEU E 39 1.31 -26.69 -45.03
N VAL E 40 0.04 -27.07 -44.94
CA VAL E 40 -1.05 -26.17 -45.34
C VAL E 40 -1.07 -24.94 -44.44
N ALA E 41 -0.96 -25.16 -43.12
CA ALA E 41 -0.99 -24.05 -42.18
C ALA E 41 0.20 -23.12 -42.39
N THR E 42 1.39 -23.70 -42.59
CA THR E 42 2.57 -22.87 -42.80
C THR E 42 2.43 -22.02 -44.05
N ALA E 43 2.00 -22.63 -45.16
CA ALA E 43 1.85 -21.89 -46.40
C ALA E 43 0.82 -20.77 -46.24
N VAL E 44 -0.35 -21.10 -45.71
CA VAL E 44 -1.42 -20.11 -45.59
C VAL E 44 -0.99 -18.97 -44.67
N CYS E 45 -0.40 -19.29 -43.53
CA CYS E 45 -0.02 -18.28 -42.56
C CYS E 45 1.07 -17.37 -43.10
N CYS E 46 2.11 -17.96 -43.69
CA CYS E 46 3.20 -17.15 -44.23
C CYS E 46 2.71 -16.25 -45.36
N TYR E 47 1.86 -16.79 -46.25
CA TYR E 47 1.33 -15.97 -47.33
C TYR E 47 0.47 -14.85 -46.79
N LEU E 48 -0.36 -15.12 -45.78
CA LEU E 48 -1.19 -14.08 -45.20
C LEU E 48 -0.33 -12.98 -44.58
N PHE E 49 0.71 -13.37 -43.85
CA PHE E 49 1.58 -12.36 -43.23
C PHE E 49 2.28 -11.51 -44.28
N TRP E 50 2.82 -12.14 -45.31
CA TRP E 50 3.52 -11.39 -46.35
C TRP E 50 2.56 -10.45 -47.09
N LEU E 51 1.37 -10.95 -47.42
CA LEU E 51 0.40 -10.12 -48.13
C LEU E 51 -0.06 -8.96 -47.26
N ILE E 52 -0.25 -9.19 -45.96
CA ILE E 52 -0.66 -8.12 -45.06
C ILE E 52 0.42 -7.03 -45.03
N ALA E 53 1.68 -7.45 -44.89
CA ALA E 53 2.76 -6.47 -44.84
C ALA E 53 2.85 -5.67 -46.13
N ILE E 54 2.80 -6.36 -47.28
CA ILE E 54 2.96 -5.65 -48.54
C ILE E 54 1.76 -4.74 -48.83
N LEU E 55 0.54 -5.17 -48.45
CA LEU E 55 -0.63 -4.33 -48.66
C LEU E 55 -0.60 -3.12 -47.74
N ALA E 56 -0.09 -3.29 -46.52
CA ALA E 56 0.11 -2.12 -45.65
C ALA E 56 1.12 -1.17 -46.24
N GLN E 57 2.16 -1.70 -46.87
CA GLN E 57 3.17 -0.83 -47.48
C GLN E 57 2.65 -0.16 -48.75
N LEU E 58 1.62 -0.72 -49.38
CA LEU E 58 1.03 -0.10 -50.55
C LEU E 58 0.30 1.18 -50.18
N ASN E 59 0.33 2.14 -51.10
CA ASN E 59 -0.35 3.43 -50.95
C ASN E 59 0.11 4.16 -49.70
N PRO E 60 1.35 4.67 -49.67
CA PRO E 60 1.85 5.34 -48.47
C PRO E 60 1.25 6.72 -48.27
N LEU E 61 0.08 6.77 -47.60
CA LEU E 61 -0.61 8.03 -47.32
C LEU E 61 0.33 9.13 -46.87
N PHE E 62 1.14 8.85 -45.85
CA PHE E 62 2.10 9.83 -45.33
C PHE E 62 3.52 9.28 -45.52
N GLY E 63 4.43 10.17 -45.93
CA GLY E 63 5.80 9.79 -46.16
C GLY E 63 6.61 9.74 -44.89
N PRO E 64 7.63 8.88 -44.86
CA PRO E 64 8.48 8.80 -43.67
C PRO E 64 9.30 10.07 -43.49
N GLN E 65 9.65 10.34 -42.23
CA GLN E 65 10.47 11.50 -41.88
C GLN E 65 11.93 11.08 -41.93
N LEU E 66 12.59 11.36 -43.05
CA LEU E 66 14.02 11.08 -43.20
C LEU E 66 14.81 12.15 -42.41
N LYS E 67 14.68 12.06 -41.09
CA LYS E 67 15.24 13.04 -40.17
C LYS E 67 16.67 12.73 -39.79
N ASN E 68 17.38 11.97 -40.61
CA ASN E 68 18.77 11.62 -40.32
C ASN E 68 19.71 12.81 -40.43
N GLU E 69 19.24 13.95 -40.94
CA GLU E 69 20.06 15.11 -41.25
C GLU E 69 21.13 14.79 -42.29
N THR E 70 20.97 13.69 -43.01
CA THR E 70 21.92 13.23 -44.02
C THR E 70 21.22 13.07 -45.36
N ILE E 71 20.28 13.96 -45.66
CA ILE E 71 19.62 13.94 -46.97
C ILE E 71 20.65 14.15 -48.07
N TRP E 72 21.62 15.04 -47.83
CA TRP E 72 22.72 15.19 -48.76
C TRP E 72 23.53 13.91 -48.90
N TYR E 73 23.59 13.10 -47.84
CA TYR E 73 24.32 11.83 -47.91
C TYR E 73 23.54 10.79 -48.72
N VAL E 74 22.23 10.70 -48.52
CA VAL E 74 21.43 9.70 -49.23
C VAL E 74 21.13 10.13 -50.65
N ARG E 75 21.33 11.41 -50.99
CA ARG E 75 21.12 11.86 -52.35
C ARG E 75 21.97 11.08 -53.34
N PHE E 76 23.17 10.67 -52.93
CA PHE E 76 24.00 9.81 -53.78
C PHE E 76 23.35 8.44 -53.98
N LEU E 77 22.75 7.90 -52.93
CA LEU E 77 22.05 6.62 -53.04
C LEU E 77 20.66 6.84 -53.63
N CYS F 1 39.43 -21.62 -12.38
CA CYS F 1 39.61 -22.88 -13.09
C CYS F 1 38.99 -22.80 -14.48
N CYS F 2 39.57 -23.55 -15.43
CA CYS F 2 39.06 -23.58 -16.81
C CYS F 2 37.97 -24.65 -16.92
N GLY F 3 36.83 -24.36 -16.31
CA GLY F 3 35.71 -25.26 -16.30
C GLY F 3 35.10 -25.44 -17.69
N PRO F 4 34.45 -26.57 -17.90
CA PRO F 4 33.81 -26.80 -19.22
C PRO F 4 32.79 -25.74 -19.59
N LYS F 5 32.02 -25.26 -18.60
CA LYS F 5 31.05 -24.21 -18.87
C LYS F 5 31.75 -22.92 -19.31
N LEU F 6 32.84 -22.55 -18.64
CA LEU F 6 33.56 -21.34 -19.01
C LEU F 6 34.14 -21.45 -20.42
N ALA F 7 34.74 -22.60 -20.74
CA ALA F 7 35.32 -22.78 -22.07
C ALA F 7 34.25 -22.76 -23.14
N ALA F 8 33.12 -23.43 -22.90
CA ALA F 8 32.03 -23.44 -23.87
C ALA F 8 31.48 -22.03 -24.08
N CYS F 9 31.29 -21.27 -22.99
CA CYS F 9 30.81 -19.91 -23.12
C CYS F 9 31.79 -19.05 -23.89
N GLY F 10 33.09 -19.19 -23.62
CA GLY F 10 34.08 -18.44 -24.38
C GLY F 10 34.06 -18.78 -25.85
N ILE F 11 33.95 -20.07 -26.18
CA ILE F 11 33.95 -20.48 -27.58
C ILE F 11 32.72 -19.93 -28.31
N VAL F 12 31.54 -20.06 -27.69
CA VAL F 12 30.33 -19.61 -28.37
C VAL F 12 30.33 -18.09 -28.50
N LEU F 13 30.79 -17.38 -27.47
CA LEU F 13 30.87 -15.93 -27.56
C LEU F 13 31.86 -15.51 -28.63
N SER F 14 32.98 -16.21 -28.75
CA SER F 14 33.96 -15.89 -29.77
C SER F 14 33.40 -16.10 -31.18
N ALA F 15 32.67 -17.21 -31.38
CA ALA F 15 32.07 -17.45 -32.69
C ALA F 15 31.03 -16.38 -33.01
N TRP F 16 30.17 -16.07 -32.05
CA TRP F 16 29.20 -14.99 -32.17
C TRP F 16 29.90 -13.70 -32.59
N GLY F 17 30.98 -13.37 -31.89
CA GLY F 17 31.70 -12.14 -32.19
C GLY F 17 32.30 -12.12 -33.57
N VAL F 18 32.96 -13.21 -33.97
CA VAL F 18 33.63 -13.18 -35.27
C VAL F 18 32.61 -13.04 -36.37
N ILE F 19 31.50 -13.79 -36.31
CA ILE F 19 30.53 -13.67 -37.40
C ILE F 19 29.93 -12.27 -37.43
N MET F 20 29.56 -11.73 -36.26
CA MET F 20 28.91 -10.42 -36.27
C MET F 20 29.83 -9.30 -36.71
N LEU F 21 31.08 -9.29 -36.25
CA LEU F 21 31.97 -8.21 -36.67
C LEU F 21 32.44 -8.38 -38.11
N ILE F 22 32.53 -9.61 -38.63
CA ILE F 22 32.77 -9.75 -40.07
C ILE F 22 31.63 -9.14 -40.86
N MET F 23 30.37 -9.40 -40.44
CA MET F 23 29.26 -8.86 -41.22
C MET F 23 29.16 -7.35 -41.04
N LEU F 24 29.50 -6.83 -39.85
CA LEU F 24 29.64 -5.38 -39.69
C LEU F 24 30.67 -4.81 -40.63
N GLY F 25 31.84 -5.44 -40.72
CA GLY F 25 32.88 -4.92 -41.60
C GLY F 25 32.47 -4.92 -43.06
N ILE F 26 31.79 -5.98 -43.50
CA ILE F 26 31.31 -6.02 -44.87
C ILE F 26 30.29 -4.92 -45.11
N PHE F 27 29.33 -4.77 -44.19
CA PHE F 27 28.29 -3.76 -44.36
C PHE F 27 28.86 -2.34 -44.31
N PHE F 28 29.96 -2.16 -43.60
CA PHE F 28 30.66 -0.87 -43.62
C PHE F 28 31.44 -0.67 -44.92
N ASN F 29 32.02 -1.74 -45.46
CA ASN F 29 32.74 -1.63 -46.71
C ASN F 29 31.80 -1.25 -47.86
N VAL F 30 30.59 -1.82 -47.87
CA VAL F 30 29.63 -1.38 -48.89
C VAL F 30 29.06 0.00 -48.54
N HIS F 31 29.19 0.42 -47.28
CA HIS F 31 28.66 1.70 -46.80
C HIS F 31 27.14 1.78 -46.98
N SER F 32 26.45 0.85 -46.33
CA SER F 32 25.00 0.85 -46.35
C SER F 32 24.45 2.07 -45.61
N ALA F 33 23.34 2.59 -46.10
CA ALA F 33 22.73 3.80 -45.58
C ALA F 33 21.88 3.55 -44.34
N VAL F 34 22.04 2.42 -43.67
CA VAL F 34 21.27 2.14 -42.47
C VAL F 34 22.05 2.51 -41.21
N LEU F 35 23.33 2.16 -41.16
CA LEU F 35 24.18 2.45 -40.02
C LEU F 35 24.84 3.82 -40.11
N ILE F 36 24.26 4.73 -40.88
CA ILE F 36 24.85 6.07 -41.02
C ILE F 36 24.80 6.82 -39.70
N GLU F 37 23.69 6.72 -38.97
CA GLU F 37 23.62 7.32 -37.64
C GLU F 37 24.69 6.75 -36.71
N ASP F 38 24.93 5.44 -36.79
CA ASP F 38 25.96 4.83 -35.96
C ASP F 38 27.34 5.38 -36.31
N VAL F 39 27.59 5.62 -37.59
CA VAL F 39 28.90 6.08 -38.04
C VAL F 39 29.19 7.47 -37.48
N PRO F 40 30.37 7.71 -36.91
CA PRO F 40 30.68 9.04 -36.39
C PRO F 40 30.68 10.09 -37.49
N PHE F 41 30.30 11.31 -37.11
CA PHE F 41 30.14 12.40 -38.07
C PHE F 41 30.65 13.69 -37.44
N THR F 42 31.34 14.50 -38.24
CA THR F 42 31.77 15.83 -37.85
C THR F 42 31.20 16.84 -38.85
N GLU F 43 30.80 18.01 -38.34
CA GLU F 43 30.10 18.98 -39.17
C GLU F 43 30.98 19.51 -40.29
N LYS F 44 32.31 19.51 -40.10
CA LYS F 44 33.20 20.01 -41.13
C LYS F 44 33.23 19.14 -42.38
N ASP F 45 32.70 17.91 -42.31
CA ASP F 45 32.69 17.02 -43.46
C ASP F 45 31.40 17.12 -44.28
N PHE F 46 30.43 17.93 -43.84
CA PHE F 46 29.16 18.00 -44.55
C PHE F 46 29.33 18.60 -45.94
N GLU F 47 30.16 19.64 -46.07
CA GLU F 47 30.39 20.28 -47.36
C GLU F 47 31.57 19.70 -48.12
N ASN F 48 32.41 18.90 -47.46
CA ASN F 48 33.59 18.34 -48.13
C ASN F 48 33.20 17.42 -49.28
N GLY F 49 32.20 16.57 -49.08
CA GLY F 49 31.79 15.63 -50.08
C GLY F 49 31.74 14.21 -49.56
N PRO F 50 31.18 13.29 -50.35
CA PRO F 50 31.09 11.89 -49.91
C PRO F 50 32.44 11.21 -49.74
N GLN F 51 33.52 11.78 -50.29
CA GLN F 51 34.83 11.14 -50.19
C GLN F 51 35.29 11.01 -48.74
N ASN F 52 35.12 12.08 -47.96
CA ASN F 52 35.50 12.02 -46.54
C ASN F 52 34.63 11.03 -45.79
N ILE F 53 33.33 10.97 -46.12
CA ILE F 53 32.44 10.01 -45.50
C ILE F 53 32.91 8.60 -45.78
N TYR F 54 33.27 8.31 -47.03
CA TYR F 54 33.78 6.98 -47.36
C TYR F 54 35.11 6.71 -46.68
N ASN F 55 35.95 7.73 -46.51
CA ASN F 55 37.22 7.54 -45.82
C ASN F 55 36.99 7.12 -44.36
N LEU F 56 36.12 7.84 -43.66
CA LEU F 56 35.87 7.46 -42.27
C LEU F 56 35.08 6.16 -42.18
N TYR F 57 34.27 5.85 -43.20
CA TYR F 57 33.64 4.53 -43.28
C TYR F 57 34.70 3.43 -43.35
N GLU F 58 35.71 3.63 -44.19
CA GLU F 58 36.80 2.67 -44.29
C GLU F 58 37.55 2.56 -42.97
N GLN F 59 37.77 3.69 -42.30
CA GLN F 59 38.49 3.67 -41.03
C GLN F 59 37.74 2.87 -39.98
N VAL F 60 36.43 3.12 -39.84
CA VAL F 60 35.66 2.37 -38.85
C VAL F 60 35.52 0.91 -39.27
N SER F 61 35.48 0.64 -40.57
CA SER F 61 35.47 -0.76 -41.02
C SER F 61 36.75 -1.46 -40.59
N TYR F 62 37.91 -0.85 -40.84
CA TYR F 62 39.19 -1.43 -40.45
C TYR F 62 39.25 -1.65 -38.94
N ASN F 63 38.70 -0.70 -38.17
CA ASN F 63 38.53 -0.90 -36.74
C ASN F 63 37.75 -2.19 -36.47
N CYS F 64 36.67 -2.40 -37.22
CA CYS F 64 35.86 -3.60 -37.00
C CYS F 64 36.64 -4.87 -37.34
N PHE F 65 37.41 -4.85 -38.43
CA PHE F 65 38.20 -6.03 -38.77
C PHE F 65 39.26 -6.34 -37.71
N ILE F 66 39.94 -5.32 -37.17
CA ILE F 66 40.93 -5.63 -36.14
C ILE F 66 40.24 -6.13 -34.87
N ALA F 67 39.06 -5.59 -34.56
CA ALA F 67 38.28 -6.10 -33.44
C ALA F 67 37.96 -7.58 -33.62
N ALA F 68 37.47 -7.94 -34.80
CA ALA F 68 37.23 -9.35 -35.10
C ALA F 68 38.51 -10.16 -35.06
N GLY F 69 39.65 -9.53 -35.36
CA GLY F 69 40.92 -10.23 -35.28
C GLY F 69 41.26 -10.67 -33.87
N LEU F 70 41.17 -9.75 -32.90
CA LEU F 70 41.45 -10.20 -31.55
C LEU F 70 40.33 -11.08 -31.00
N TYR F 71 39.11 -10.94 -31.53
CA TYR F 71 38.06 -11.91 -31.17
C TYR F 71 38.44 -13.32 -31.63
N LEU F 72 38.94 -13.45 -32.85
CA LEU F 72 39.43 -14.74 -33.33
C LEU F 72 40.59 -15.22 -32.46
N LEU F 73 41.45 -14.29 -32.05
CA LEU F 73 42.60 -14.67 -31.22
C LEU F 73 42.15 -15.28 -29.90
N LEU F 74 41.25 -14.59 -29.17
CA LEU F 74 40.87 -15.13 -27.87
C LEU F 74 39.99 -16.36 -28.01
N GLY F 75 39.23 -16.46 -29.11
CA GLY F 75 38.51 -17.71 -29.38
C GLY F 75 39.45 -18.88 -29.59
N GLY F 76 40.53 -18.66 -30.35
CA GLY F 76 41.52 -19.71 -30.53
C GLY F 76 42.20 -20.08 -29.22
N PHE F 77 42.47 -19.09 -28.37
CA PHE F 77 43.06 -19.37 -27.06
C PHE F 77 42.12 -20.22 -26.21
N SER F 78 40.83 -19.89 -26.21
CA SER F 78 39.86 -20.68 -25.46
C SER F 78 39.77 -22.10 -26.03
N PHE F 79 39.81 -22.23 -27.35
CA PHE F 79 39.79 -23.56 -27.96
C PHE F 79 41.02 -24.37 -27.54
N CYS F 80 42.20 -23.73 -27.51
CA CYS F 80 43.40 -24.42 -27.07
C CYS F 80 43.27 -24.87 -25.62
N GLN F 81 42.75 -23.99 -24.76
CA GLN F 81 42.59 -24.36 -23.35
C GLN F 81 41.63 -25.53 -23.18
N VAL F 82 40.48 -25.51 -23.88
CA VAL F 82 39.51 -26.58 -23.71
C VAL F 82 40.05 -27.88 -24.31
N ARG F 83 40.79 -27.81 -25.41
CA ARG F 83 41.37 -29.02 -25.98
C ARG F 83 42.43 -29.60 -25.06
N LEU F 84 43.24 -28.75 -24.43
CA LEU F 84 44.22 -29.25 -23.47
C LEU F 84 43.52 -29.90 -22.27
N ASN F 85 42.45 -29.29 -21.79
CA ASN F 85 41.70 -29.88 -20.68
C ASN F 85 41.11 -31.23 -21.06
N LYS F 86 40.57 -31.34 -22.28
CA LYS F 86 40.00 -32.61 -22.73
C LYS F 86 41.08 -33.67 -22.90
N ARG F 87 42.21 -33.32 -23.49
CA ARG F 87 43.28 -34.28 -23.73
C ARG F 87 44.03 -34.65 -22.46
N LYS F 88 43.91 -33.86 -21.40
CA LYS F 88 44.58 -34.19 -20.14
C LYS F 88 44.05 -35.50 -19.58
N GLU F 89 42.75 -35.72 -19.65
CA GLU F 89 42.15 -36.97 -19.16
C GLU F 89 42.31 -38.09 -20.18
N ASN G 1 6.52 31.61 -30.81
CA ASN G 1 6.26 31.96 -29.42
C ASN G 1 6.51 30.78 -28.49
N ASN G 2 7.68 30.80 -27.85
CA ASN G 2 8.05 29.72 -26.93
C ASN G 2 7.85 30.19 -25.49
N PRO G 3 6.91 29.62 -24.75
CA PRO G 3 6.76 30.00 -23.34
C PRO G 3 7.92 29.50 -22.50
N GLU G 4 8.17 30.23 -21.42
CA GLU G 4 9.23 29.85 -20.50
C GLU G 4 8.81 28.61 -19.70
N TYR G 5 9.75 28.10 -18.90
CA TYR G 5 9.56 26.95 -18.01
C TYR G 5 8.93 25.74 -18.74
N SER G 6 9.10 25.67 -20.06
CA SER G 6 8.45 24.62 -20.83
C SER G 6 9.07 23.26 -20.56
N SER G 7 10.40 23.19 -20.45
CA SER G 7 11.08 21.92 -20.25
C SER G 7 10.84 21.34 -18.86
N PHE G 8 10.25 22.09 -17.95
CA PHE G 8 10.01 21.62 -16.58
C PHE G 8 9.14 20.38 -16.57
N PHE G 9 8.04 20.41 -17.33
CA PHE G 9 7.11 19.29 -17.36
C PHE G 9 7.77 18.04 -17.93
N GLY G 10 8.51 18.19 -19.03
CA GLY G 10 9.20 17.04 -19.60
C GLY G 10 10.27 16.49 -18.69
N VAL G 11 10.99 17.37 -17.99
CA VAL G 11 12.03 16.93 -17.08
C VAL G 11 11.44 16.08 -15.96
N MET G 12 10.37 16.56 -15.33
CA MET G 12 9.76 15.73 -14.29
C MET G 12 9.02 14.54 -14.86
N GLY G 13 8.58 14.57 -16.12
CA GLY G 13 8.06 13.37 -16.73
C GLY G 13 9.12 12.27 -16.81
N ALA G 14 10.31 12.63 -17.28
CA ALA G 14 11.41 11.67 -17.33
C ALA G 14 11.79 11.21 -15.93
N SER G 15 11.87 12.14 -14.98
CA SER G 15 12.27 11.80 -13.62
C SER G 15 11.27 10.83 -12.99
N SER G 16 9.97 11.10 -13.16
CA SER G 16 8.96 10.20 -12.62
C SER G 16 8.99 8.84 -13.31
N ALA G 17 9.13 8.84 -14.64
CA ALA G 17 9.20 7.58 -15.37
C ALA G 17 10.32 6.71 -14.86
N MET G 18 11.47 7.30 -14.58
CA MET G 18 12.57 6.51 -14.02
C MET G 18 12.28 6.10 -12.57
N VAL G 19 11.87 7.06 -11.74
CA VAL G 19 11.86 6.86 -10.30
C VAL G 19 10.78 5.89 -9.88
N PHE G 20 9.56 6.03 -10.42
CA PHE G 20 8.48 5.17 -9.99
C PHE G 20 8.73 3.72 -10.40
N SER G 21 9.24 3.51 -11.61
CA SER G 21 9.61 2.16 -12.03
C SER G 21 10.73 1.61 -11.15
N ALA G 22 11.70 2.45 -10.79
CA ALA G 22 12.76 2.00 -9.90
C ALA G 22 12.21 1.57 -8.55
N MET G 23 11.26 2.34 -8.00
CA MET G 23 10.67 1.98 -6.71
C MET G 23 9.88 0.69 -6.81
N GLY G 24 9.12 0.51 -7.88
CA GLY G 24 8.39 -0.74 -8.05
C GLY G 24 9.30 -1.94 -8.16
N ALA G 25 10.38 -1.80 -8.94
CA ALA G 25 11.36 -2.89 -9.05
C ALA G 25 12.01 -3.18 -7.71
N ALA G 26 12.33 -2.13 -6.94
CA ALA G 26 12.94 -2.34 -5.63
C ALA G 26 12.00 -3.07 -4.69
N TYR G 27 10.73 -2.68 -4.67
CA TYR G 27 9.77 -3.37 -3.81
C TYR G 27 9.62 -4.83 -4.21
N GLY G 28 9.51 -5.10 -5.51
CA GLY G 28 9.41 -6.48 -5.97
C GLY G 28 10.62 -7.30 -5.58
N THR G 29 11.82 -6.73 -5.77
CA THR G 29 13.05 -7.41 -5.40
C THR G 29 13.08 -7.70 -3.91
N ALA G 30 12.69 -6.73 -3.07
CA ALA G 30 12.73 -6.93 -1.63
C ALA G 30 11.76 -8.04 -1.20
N LYS G 31 10.52 -7.97 -1.68
CA LYS G 31 9.54 -8.98 -1.31
C LYS G 31 9.97 -10.37 -1.76
N SER G 32 10.44 -10.49 -3.00
CA SER G 32 10.84 -11.80 -3.50
C SER G 32 12.10 -12.31 -2.81
N GLY G 33 13.00 -11.41 -2.42
CA GLY G 33 14.17 -11.83 -1.67
C GLY G 33 13.80 -12.36 -0.29
N THR G 34 12.86 -11.69 0.38
CA THR G 34 12.37 -12.21 1.66
C THR G 34 11.73 -13.58 1.48
N GLY G 35 10.92 -13.74 0.43
CA GLY G 35 10.34 -15.05 0.16
C GLY G 35 11.37 -16.13 -0.11
N ILE G 36 12.39 -15.79 -0.90
CA ILE G 36 13.45 -16.76 -1.21
C ILE G 36 14.20 -17.14 0.05
N ALA G 37 14.52 -16.15 0.89
CA ALA G 37 15.22 -16.45 2.14
C ALA G 37 14.39 -17.33 3.05
N ALA G 38 13.07 -17.09 3.10
CA ALA G 38 12.20 -17.94 3.91
C ALA G 38 12.14 -19.36 3.37
N MET G 39 12.10 -19.51 2.04
CA MET G 39 11.94 -20.83 1.45
C MET G 39 13.24 -21.65 1.48
N SER G 40 14.40 -20.98 1.42
CA SER G 40 15.66 -21.68 1.26
C SER G 40 16.09 -22.46 2.50
N VAL G 41 15.42 -22.26 3.63
CA VAL G 41 15.82 -22.94 4.86
C VAL G 41 15.52 -24.43 4.84
N MET G 42 14.67 -24.90 3.92
CA MET G 42 14.29 -26.30 3.86
C MET G 42 14.51 -26.95 2.49
N ARG G 43 14.61 -26.17 1.41
CA ARG G 43 14.82 -26.71 0.08
C ARG G 43 16.01 -25.98 -0.57
N PRO G 44 17.23 -26.30 -0.13
CA PRO G 44 18.40 -25.58 -0.67
C PRO G 44 18.59 -25.72 -2.16
N GLU G 45 18.21 -26.86 -2.75
CA GLU G 45 18.43 -27.09 -4.17
C GLU G 45 17.58 -26.21 -5.07
N LEU G 46 16.56 -25.53 -4.52
CA LEU G 46 15.62 -24.75 -5.29
C LEU G 46 15.88 -23.25 -5.22
N ILE G 47 17.14 -22.85 -5.11
CA ILE G 47 17.47 -21.43 -5.01
C ILE G 47 17.43 -20.76 -6.38
N MET G 48 18.27 -21.21 -7.30
CA MET G 48 18.29 -20.66 -8.65
C MET G 48 17.05 -21.04 -9.44
N LYS G 49 16.24 -21.97 -8.94
CA LYS G 49 15.04 -22.40 -9.66
C LYS G 49 14.04 -21.26 -9.79
N SER G 50 13.86 -20.47 -8.73
CA SER G 50 12.85 -19.42 -8.68
C SER G 50 13.47 -18.09 -8.29
N ILE G 51 14.62 -17.77 -8.86
CA ILE G 51 15.19 -16.44 -8.75
C ILE G 51 14.57 -15.47 -9.74
N ILE G 52 13.67 -15.94 -10.59
CA ILE G 52 13.16 -15.16 -11.72
C ILE G 52 12.34 -13.93 -11.30
N PRO G 53 11.66 -13.87 -10.15
CA PRO G 53 10.99 -12.61 -9.81
C PRO G 53 11.95 -11.43 -9.74
N VAL G 54 13.18 -11.68 -9.31
CA VAL G 54 14.19 -10.61 -9.29
C VAL G 54 14.48 -10.12 -10.69
N VAL G 55 14.64 -11.03 -11.65
CA VAL G 55 14.89 -10.58 -13.01
C VAL G 55 13.64 -9.93 -13.60
N MET G 56 12.45 -10.30 -13.11
CA MET G 56 11.23 -9.63 -13.57
C MET G 56 11.22 -8.18 -13.10
N ALA G 57 11.60 -7.95 -11.84
CA ALA G 57 11.75 -6.58 -11.35
C ALA G 57 12.81 -5.83 -12.16
N GLY G 58 13.91 -6.51 -12.49
CA GLY G 58 14.90 -5.91 -13.36
C GLY G 58 14.35 -5.52 -14.71
N ILE G 59 13.46 -6.35 -15.25
CA ILE G 59 12.81 -6.04 -16.53
C ILE G 59 11.93 -4.80 -16.41
N ILE G 60 11.19 -4.69 -15.32
CA ILE G 60 10.37 -3.49 -15.11
C ILE G 60 11.26 -2.25 -15.02
N ALA G 61 12.37 -2.36 -14.28
CA ALA G 61 13.31 -1.25 -14.20
C ALA G 61 13.90 -0.92 -15.57
N ILE G 62 14.10 -1.95 -16.41
CA ILE G 62 14.60 -1.73 -17.77
C ILE G 62 13.58 -0.95 -18.59
N TYR G 63 12.29 -1.29 -18.44
CA TYR G 63 11.26 -0.54 -19.14
C TYR G 63 11.28 0.93 -18.71
N GLY G 64 11.37 1.16 -17.40
CA GLY G 64 11.48 2.53 -16.93
C GLY G 64 12.68 3.25 -17.51
N LEU G 65 13.84 2.58 -17.52
CA LEU G 65 15.06 3.19 -18.03
C LEU G 65 14.96 3.52 -19.50
N VAL G 66 14.38 2.63 -20.30
CA VAL G 66 14.31 2.88 -21.74
C VAL G 66 13.34 4.02 -22.02
N VAL G 67 12.21 4.07 -21.31
CA VAL G 67 11.29 5.19 -21.51
C VAL G 67 11.96 6.50 -21.12
N ALA G 68 12.67 6.51 -19.98
CA ALA G 68 13.34 7.73 -19.54
C ALA G 68 14.41 8.16 -20.52
N VAL G 69 15.18 7.22 -21.06
CA VAL G 69 16.24 7.56 -22.01
C VAL G 69 15.64 8.13 -23.28
N LEU G 70 14.55 7.53 -23.78
CA LEU G 70 13.90 8.07 -24.96
C LEU G 70 13.39 9.49 -24.72
N ILE G 71 12.74 9.71 -23.58
CA ILE G 71 12.19 11.03 -23.29
C ILE G 71 13.32 12.06 -23.18
N ALA G 72 14.41 11.71 -22.48
CA ALA G 72 15.52 12.64 -22.33
C ALA G 72 16.18 12.95 -23.67
N ASN G 73 16.34 11.93 -24.53
CA ASN G 73 16.91 12.17 -25.85
C ASN G 73 15.98 12.99 -26.74
N SER G 74 14.68 12.99 -26.45
CA SER G 74 13.74 13.82 -27.19
C SER G 74 13.68 15.25 -26.67
N LEU G 75 14.44 15.58 -25.63
CA LEU G 75 14.35 16.89 -25.00
C LEU G 75 15.21 17.92 -25.73
N THR G 76 14.63 19.09 -25.98
CA THR G 76 15.33 20.21 -26.60
C THR G 76 15.13 21.45 -25.73
N ASP G 77 15.84 22.52 -26.09
CA ASP G 77 15.71 23.78 -25.36
C ASP G 77 14.34 24.43 -25.62
N GLY G 78 13.95 24.53 -26.88
CA GLY G 78 12.72 25.19 -27.24
C GLY G 78 11.52 24.27 -27.36
N ILE G 79 11.04 23.74 -26.24
CA ILE G 79 9.85 22.90 -26.25
C ILE G 79 8.63 23.79 -26.39
N THR G 80 7.75 23.41 -27.32
CA THR G 80 6.57 24.22 -27.65
C THR G 80 5.44 24.07 -26.64
N LEU G 81 5.71 23.46 -25.49
CA LEU G 81 4.75 23.22 -24.40
C LEU G 81 3.64 22.25 -24.80
N TYR G 82 3.62 21.79 -26.05
CA TYR G 82 2.73 20.71 -26.47
C TYR G 82 3.43 19.37 -26.39
N ARG G 83 4.73 19.35 -26.70
CA ARG G 83 5.51 18.12 -26.55
C ARG G 83 5.81 17.84 -25.08
N SER G 84 6.08 18.89 -24.30
CA SER G 84 6.49 18.69 -22.90
C SER G 84 5.40 18.01 -22.10
N PHE G 85 4.15 18.43 -22.28
CA PHE G 85 3.06 17.79 -21.56
C PHE G 85 2.85 16.35 -22.02
N LEU G 86 3.08 16.07 -23.31
CA LEU G 86 3.03 14.70 -23.80
C LEU G 86 4.08 13.84 -23.10
N GLN G 87 5.31 14.35 -23.01
CA GLN G 87 6.37 13.61 -22.34
C GLN G 87 6.05 13.40 -20.87
N LEU G 88 5.52 14.42 -20.21
CA LEU G 88 5.17 14.28 -18.79
C LEU G 88 4.08 13.25 -18.58
N GLY G 89 3.04 13.27 -19.43
CA GLY G 89 1.98 12.29 -19.31
C GLY G 89 2.47 10.88 -19.52
N ALA G 90 3.28 10.67 -20.56
CA ALA G 90 3.84 9.35 -20.81
C ALA G 90 4.72 8.90 -19.65
N GLY G 91 5.53 9.80 -19.11
CA GLY G 91 6.41 9.44 -18.02
C GLY G 91 5.64 9.05 -16.77
N LEU G 92 4.64 9.84 -16.39
CA LEU G 92 3.83 9.52 -15.23
C LEU G 92 3.10 8.19 -15.42
N SER G 93 2.53 7.99 -16.62
CA SER G 93 1.81 6.76 -16.90
C SER G 93 2.73 5.55 -16.76
N VAL G 94 3.87 5.57 -17.43
CA VAL G 94 4.77 4.42 -17.38
C VAL G 94 5.33 4.23 -15.98
N GLY G 95 5.56 5.32 -15.25
CA GLY G 95 6.08 5.19 -13.90
C GLY G 95 5.11 4.49 -12.97
N LEU G 96 3.85 4.92 -12.98
CA LEU G 96 2.89 4.28 -12.10
C LEU G 96 2.57 2.86 -12.58
N SER G 97 2.60 2.63 -13.89
CA SER G 97 2.42 1.28 -14.40
C SER G 97 3.54 0.37 -13.90
N GLY G 98 4.79 0.85 -13.93
CA GLY G 98 5.89 0.06 -13.41
C GLY G 98 5.78 -0.16 -11.91
N LEU G 99 5.30 0.85 -11.18
CA LEU G 99 5.10 0.69 -9.75
C LEU G 99 4.09 -0.42 -9.46
N ALA G 100 2.95 -0.39 -10.14
CA ALA G 100 1.93 -1.42 -9.93
C ALA G 100 2.44 -2.80 -10.35
N ALA G 101 3.15 -2.86 -11.48
CA ALA G 101 3.69 -4.13 -11.94
C ALA G 101 4.68 -4.70 -10.95
N GLY G 102 5.56 -3.86 -10.41
CA GLY G 102 6.48 -4.33 -9.38
C GLY G 102 5.76 -4.78 -8.13
N PHE G 103 4.68 -4.10 -7.77
CA PHE G 103 3.89 -4.50 -6.62
C PHE G 103 3.37 -5.92 -6.79
N ALA G 104 2.69 -6.16 -7.91
CA ALA G 104 2.14 -7.49 -8.17
C ALA G 104 3.24 -8.53 -8.31
N ILE G 105 4.34 -8.16 -8.98
CA ILE G 105 5.45 -9.09 -9.15
C ILE G 105 5.99 -9.54 -7.81
N GLY G 106 6.24 -8.59 -6.91
CA GLY G 106 6.77 -8.95 -5.60
C GLY G 106 5.83 -9.84 -4.83
N ILE G 107 4.55 -9.45 -4.75
CA ILE G 107 3.62 -10.21 -3.91
C ILE G 107 3.43 -11.62 -4.46
N VAL G 108 3.14 -11.74 -5.75
CA VAL G 108 2.90 -13.05 -6.33
C VAL G 108 4.18 -13.88 -6.35
N GLY G 109 5.34 -13.25 -6.57
CA GLY G 109 6.58 -13.99 -6.55
C GLY G 109 6.88 -14.58 -5.19
N ASP G 110 6.64 -13.81 -4.13
CA ASP G 110 6.81 -14.36 -2.78
C ASP G 110 5.86 -15.53 -2.55
N ALA G 111 4.58 -15.35 -2.91
CA ALA G 111 3.61 -16.41 -2.70
C ALA G 111 4.00 -17.68 -3.46
N GLY G 112 4.34 -17.54 -4.75
CA GLY G 112 4.70 -18.68 -5.56
C GLY G 112 6.01 -19.33 -5.13
N VAL G 113 6.96 -18.52 -4.63
CA VAL G 113 8.20 -19.08 -4.11
C VAL G 113 7.92 -19.97 -2.91
N ARG G 114 7.07 -19.49 -1.99
CA ARG G 114 6.69 -20.33 -0.86
C ARG G 114 5.97 -21.59 -1.32
N GLY G 115 5.07 -21.45 -2.29
CA GLY G 115 4.32 -22.61 -2.77
C GLY G 115 5.21 -23.65 -3.43
N THR G 116 6.12 -23.21 -4.30
CA THR G 116 7.04 -24.14 -4.96
C THR G 116 8.05 -24.72 -3.99
N ALA G 117 8.35 -24.02 -2.89
CA ALA G 117 9.09 -24.67 -1.81
C ALA G 117 8.27 -25.77 -1.17
N GLN G 118 6.96 -25.54 -1.01
CA GLN G 118 6.11 -26.55 -0.40
C GLN G 118 5.69 -27.60 -1.44
N GLN G 119 5.06 -27.17 -2.52
CA GLN G 119 4.60 -28.09 -3.56
C GLN G 119 5.42 -27.91 -4.82
N PRO G 120 6.27 -28.86 -5.18
CA PRO G 120 7.12 -28.68 -6.38
C PRO G 120 6.34 -28.57 -7.68
N ARG G 121 5.12 -29.10 -7.76
CA ARG G 121 4.37 -29.12 -9.00
C ARG G 121 3.67 -27.80 -9.30
N LEU G 122 3.72 -26.84 -8.38
CA LEU G 122 2.95 -25.61 -8.51
C LEU G 122 3.69 -24.52 -9.28
N PHE G 123 4.98 -24.73 -9.57
CA PHE G 123 5.81 -23.65 -10.14
C PHE G 123 5.23 -23.14 -11.46
N VAL G 124 5.00 -24.07 -12.41
CA VAL G 124 4.70 -23.65 -13.78
C VAL G 124 3.41 -22.82 -13.80
N GLY G 125 2.39 -23.25 -13.07
CA GLY G 125 1.16 -22.47 -13.01
C GLY G 125 1.42 -21.08 -12.47
N MET G 126 2.20 -20.98 -11.38
CA MET G 126 2.58 -19.68 -10.85
C MET G 126 3.16 -18.80 -11.95
N ILE G 127 3.97 -19.40 -12.82
CA ILE G 127 4.60 -18.71 -13.94
C ILE G 127 3.55 -17.85 -14.62
N LEU G 128 2.44 -18.47 -15.05
CA LEU G 128 1.43 -17.72 -15.80
C LEU G 128 1.01 -16.48 -15.03
N ILE G 129 0.60 -16.66 -13.78
CA ILE G 129 0.13 -15.53 -13.00
C ILE G 129 1.22 -14.47 -12.95
N LEU G 130 2.44 -14.90 -12.61
CA LEU G 130 3.54 -13.95 -12.49
C LEU G 130 3.76 -13.21 -13.79
N ILE G 131 3.72 -13.93 -14.92
CA ILE G 131 4.05 -13.28 -16.19
C ILE G 131 3.05 -12.17 -16.47
N PHE G 132 1.78 -12.38 -16.08
CA PHE G 132 0.77 -11.37 -16.33
C PHE G 132 1.14 -10.05 -15.68
N ALA G 133 1.78 -10.11 -14.51
CA ALA G 133 2.21 -8.89 -13.84
C ALA G 133 3.06 -8.04 -14.78
N GLU G 134 4.08 -8.64 -15.40
CA GLU G 134 4.94 -7.86 -16.28
C GLU G 134 4.14 -7.19 -17.37
N VAL G 135 3.13 -7.90 -17.91
CA VAL G 135 2.34 -7.36 -19.01
C VAL G 135 1.78 -6.01 -18.63
N LEU G 136 1.27 -5.90 -17.39
CA LEU G 136 0.70 -4.63 -16.95
C LEU G 136 1.72 -3.51 -17.06
N GLY G 137 2.91 -3.71 -16.50
CA GLY G 137 3.96 -2.73 -16.66
C GLY G 137 4.27 -2.47 -18.12
N LEU G 138 4.32 -3.55 -18.91
CA LEU G 138 4.56 -3.42 -20.34
C LEU G 138 3.59 -2.42 -20.97
N TYR G 139 2.32 -2.47 -20.55
CA TYR G 139 1.34 -1.59 -21.16
C TYR G 139 1.76 -0.14 -21.01
N GLY G 140 2.22 0.25 -19.81
CA GLY G 140 2.73 1.58 -19.64
C GLY G 140 3.71 1.96 -20.74
N LEU G 141 4.72 1.09 -20.95
CA LEU G 141 5.72 1.37 -21.97
C LEU G 141 5.06 1.67 -23.31
N ILE G 142 4.15 0.80 -23.76
CA ILE G 142 3.60 1.02 -25.10
C ILE G 142 2.75 2.29 -25.11
N VAL G 143 2.02 2.54 -24.03
CA VAL G 143 1.19 3.74 -24.03
C VAL G 143 2.07 4.98 -23.92
N ALA G 144 3.32 4.82 -23.50
CA ALA G 144 4.25 5.93 -23.60
C ALA G 144 4.72 6.13 -25.05
N LEU G 145 5.01 5.04 -25.75
CA LEU G 145 5.61 5.15 -27.07
C LEU G 145 4.69 5.85 -28.05
N ILE G 146 3.41 5.47 -28.08
CA ILE G 146 2.44 6.17 -28.92
C ILE G 146 2.33 7.61 -28.48
N LEU G 147 2.43 7.86 -27.17
CA LEU G 147 2.40 9.23 -26.66
C LEU G 147 3.66 10.00 -26.99
N SER G 148 4.71 9.34 -27.50
CA SER G 148 5.92 10.04 -27.88
C SER G 148 5.78 10.77 -29.20
N THR G 149 4.76 10.45 -30.00
CA THR G 149 4.52 11.10 -31.28
C THR G 149 3.19 11.84 -31.32
N LYS G 150 2.09 11.18 -30.98
CA LYS G 150 0.77 11.78 -31.06
C LYS G 150 0.23 12.10 -29.68
N ASN H 1 17.29 36.13 -21.56
CA ASN H 1 16.78 37.11 -20.60
C ASN H 1 17.35 36.85 -19.21
N ASN H 2 18.09 35.74 -19.07
CA ASN H 2 18.76 35.27 -17.86
C ASN H 2 17.95 35.59 -16.60
N PRO H 3 16.78 34.98 -16.42
CA PRO H 3 15.97 35.27 -15.23
C PRO H 3 16.65 34.81 -13.96
N GLU H 4 16.35 35.50 -12.87
CA GLU H 4 16.93 35.19 -11.57
C GLU H 4 16.23 33.98 -10.98
N TYR H 5 16.55 33.67 -9.72
CA TYR H 5 15.99 32.53 -8.96
C TYR H 5 16.03 31.24 -9.78
N SER H 6 16.94 31.13 -10.74
CA SER H 6 17.03 29.95 -11.59
C SER H 6 17.99 28.91 -11.03
N SER H 7 19.09 29.35 -10.42
CA SER H 7 20.06 28.42 -9.84
C SER H 7 19.47 27.65 -8.66
N PHE H 8 18.38 28.13 -8.08
CA PHE H 8 17.77 27.44 -6.94
C PHE H 8 17.32 26.05 -7.34
N PHE H 9 16.77 25.90 -8.55
CA PHE H 9 16.29 24.60 -8.98
C PHE H 9 17.44 23.59 -9.08
N GLY H 10 18.56 24.00 -9.68
CA GLY H 10 19.70 23.10 -9.79
C GLY H 10 20.32 22.79 -8.43
N VAL H 11 20.40 23.80 -7.55
CA VAL H 11 20.92 23.57 -6.22
C VAL H 11 20.04 22.59 -5.46
N MET H 12 18.73 22.76 -5.56
CA MET H 12 17.80 21.83 -4.92
C MET H 12 17.93 20.43 -5.50
N GLY H 13 18.13 20.33 -6.82
CA GLY H 13 18.31 19.01 -7.41
C GLY H 13 19.56 18.31 -6.90
N ALA H 14 20.68 19.03 -6.83
CA ALA H 14 21.90 18.43 -6.30
C ALA H 14 21.73 18.02 -4.84
N SER H 15 21.12 18.90 -4.03
CA SER H 15 20.90 18.57 -2.63
C SER H 15 19.99 17.37 -2.48
N SER H 16 18.94 17.30 -3.30
CA SER H 16 18.02 16.17 -3.24
C SER H 16 18.71 14.87 -3.62
N ALA H 17 19.55 14.90 -4.66
CA ALA H 17 20.32 13.72 -5.02
C ALA H 17 21.17 13.26 -3.84
N MET H 18 21.91 14.20 -3.24
CA MET H 18 22.81 13.83 -2.15
C MET H 18 22.02 13.24 -0.98
N VAL H 19 20.95 13.91 -0.56
CA VAL H 19 20.22 13.45 0.63
C VAL H 19 19.54 12.12 0.36
N PHE H 20 18.94 11.95 -0.83
CA PHE H 20 18.22 10.71 -1.08
C PHE H 20 19.17 9.53 -1.20
N SER H 21 20.33 9.72 -1.86
CA SER H 21 21.33 8.66 -1.87
C SER H 21 21.82 8.36 -0.47
N ALA H 22 22.03 9.40 0.34
CA ALA H 22 22.49 9.19 1.70
C ALA H 22 21.49 8.39 2.51
N MET H 23 20.20 8.71 2.38
CA MET H 23 19.19 8.00 3.15
C MET H 23 19.04 6.55 2.68
N GLY H 24 19.13 6.31 1.37
CA GLY H 24 19.10 4.95 0.88
C GLY H 24 20.25 4.13 1.42
N ALA H 25 21.46 4.69 1.36
CA ALA H 25 22.63 4.01 1.89
C ALA H 25 22.51 3.77 3.38
N ALA H 26 21.99 4.76 4.12
CA ALA H 26 21.84 4.61 5.56
C ALA H 26 20.85 3.51 5.90
N TYR H 27 19.72 3.46 5.19
CA TYR H 27 18.75 2.39 5.45
C TYR H 27 19.33 1.02 5.14
N GLY H 28 20.03 0.90 4.01
CA GLY H 28 20.66 -0.37 3.69
C GLY H 28 21.68 -0.79 4.73
N THR H 29 22.53 0.14 5.16
CA THR H 29 23.53 -0.15 6.17
C THR H 29 22.90 -0.56 7.48
N ALA H 30 21.83 0.15 7.89
CA ALA H 30 21.16 -0.17 9.14
C ALA H 30 20.56 -1.57 9.10
N LYS H 31 19.88 -1.90 8.00
CA LYS H 31 19.27 -3.23 7.90
C LYS H 31 20.33 -4.32 7.88
N SER H 32 21.41 -4.12 7.12
CA SER H 32 22.48 -5.10 7.08
C SER H 32 23.13 -5.28 8.44
N GLY H 33 23.37 -4.16 9.16
CA GLY H 33 23.96 -4.26 10.47
C GLY H 33 23.06 -4.98 11.47
N THR H 34 21.76 -4.69 11.42
CA THR H 34 20.83 -5.42 12.28
C THR H 34 20.86 -6.91 11.97
N GLY H 35 20.87 -7.27 10.69
CA GLY H 35 20.90 -8.67 10.31
C GLY H 35 22.17 -9.37 10.80
N ILE H 36 23.32 -8.75 10.58
CA ILE H 36 24.59 -9.39 10.95
C ILE H 36 24.71 -9.47 12.47
N ALA H 37 24.22 -8.45 13.19
CA ALA H 37 24.23 -8.52 14.64
C ALA H 37 23.33 -9.63 15.15
N ALA H 38 22.16 -9.79 14.54
CA ALA H 38 21.25 -10.85 14.95
C ALA H 38 21.80 -12.23 14.61
N MET H 39 22.60 -12.34 13.57
CA MET H 39 23.07 -13.65 13.12
C MET H 39 24.44 -14.02 13.70
N SER H 40 25.27 -13.04 14.05
CA SER H 40 26.62 -13.33 14.53
C SER H 40 26.64 -14.01 15.89
N VAL H 41 25.51 -14.05 16.60
CA VAL H 41 25.47 -14.70 17.90
C VAL H 41 25.72 -16.20 17.79
N MET H 42 25.47 -16.79 16.63
CA MET H 42 25.56 -18.23 16.46
C MET H 42 26.79 -18.66 15.66
N ARG H 43 27.01 -18.08 14.48
CA ARG H 43 28.09 -18.47 13.59
C ARG H 43 28.90 -17.23 13.22
N PRO H 44 29.79 -16.79 14.10
CA PRO H 44 30.50 -15.52 13.89
C PRO H 44 31.72 -15.62 13.00
N GLU H 45 32.11 -16.82 12.55
CA GLU H 45 33.32 -16.94 11.75
C GLU H 45 33.15 -16.45 10.32
N LEU H 46 31.91 -16.32 9.84
CA LEU H 46 31.65 -15.89 8.47
C LEU H 46 31.14 -14.45 8.40
N ILE H 47 31.30 -13.68 9.47
CA ILE H 47 30.91 -12.28 9.44
C ILE H 47 31.70 -11.51 8.39
N MET H 48 32.97 -11.91 8.17
CA MET H 48 33.75 -11.31 7.10
C MET H 48 33.14 -11.61 5.74
N LYS H 49 32.64 -12.83 5.54
CA LYS H 49 31.97 -13.18 4.29
C LYS H 49 30.68 -12.40 4.11
N SER H 50 30.00 -12.07 5.21
CA SER H 50 28.71 -11.40 5.17
C SER H 50 28.82 -9.88 5.13
N ILE H 51 30.04 -9.33 5.06
CA ILE H 51 30.22 -7.89 4.99
C ILE H 51 29.86 -7.33 3.62
N ILE H 52 29.65 -8.21 2.64
CA ILE H 52 29.49 -7.75 1.25
C ILE H 52 28.27 -6.86 1.05
N PRO H 53 27.07 -7.21 1.52
CA PRO H 53 25.89 -6.39 1.14
C PRO H 53 26.01 -4.92 1.51
N VAL H 54 26.43 -4.61 2.75
CA VAL H 54 26.48 -3.22 3.18
C VAL H 54 27.42 -2.42 2.30
N VAL H 55 28.52 -3.03 1.87
CA VAL H 55 29.45 -2.35 0.96
C VAL H 55 28.70 -1.86 -0.27
N MET H 56 27.87 -2.73 -0.85
CA MET H 56 27.08 -2.33 -2.01
C MET H 56 26.19 -1.15 -1.67
N ALA H 57 25.59 -1.17 -0.47
CA ALA H 57 24.81 -0.02 -0.03
C ALA H 57 25.67 1.23 0.00
N GLY H 58 26.88 1.12 0.55
CA GLY H 58 27.78 2.26 0.52
C GLY H 58 28.07 2.72 -0.90
N ILE H 59 28.16 1.76 -1.83
CA ILE H 59 28.36 2.10 -3.23
C ILE H 59 27.27 3.05 -3.71
N ILE H 60 26.02 2.78 -3.30
CA ILE H 60 24.92 3.65 -3.68
C ILE H 60 25.21 5.09 -3.29
N ALA H 61 25.70 5.28 -2.05
CA ALA H 61 26.03 6.62 -1.61
C ALA H 61 27.06 7.27 -2.54
N ILE H 62 28.09 6.51 -2.91
CA ILE H 62 29.10 7.03 -3.83
C ILE H 62 28.44 7.53 -5.10
N TYR H 63 27.45 6.78 -5.58
CA TYR H 63 26.66 7.21 -6.73
C TYR H 63 26.23 8.66 -6.59
N GLY H 64 25.48 8.96 -5.53
CA GLY H 64 25.01 10.31 -5.34
C GLY H 64 26.13 11.32 -5.41
N LEU H 65 27.27 10.99 -4.78
CA LEU H 65 28.39 11.93 -4.74
C LEU H 65 28.73 12.42 -6.13
N VAL H 66 28.91 11.49 -7.08
CA VAL H 66 29.42 11.93 -8.38
C VAL H 66 28.41 12.86 -9.03
N VAL H 67 27.12 12.56 -8.88
CA VAL H 67 26.10 13.43 -9.47
C VAL H 67 26.22 14.83 -8.88
N ALA H 68 26.37 14.91 -7.55
CA ALA H 68 26.55 16.20 -6.92
C ALA H 68 27.78 16.91 -7.48
N VAL H 69 28.87 16.17 -7.66
CA VAL H 69 30.07 16.77 -8.24
C VAL H 69 29.77 17.33 -9.62
N LEU H 70 29.01 16.57 -10.42
CA LEU H 70 28.65 17.04 -11.75
C LEU H 70 27.85 18.33 -11.68
N ILE H 71 27.04 18.51 -10.64
CA ILE H 71 26.34 19.77 -10.47
C ILE H 71 27.31 20.88 -10.08
N ALA H 72 28.27 20.56 -9.21
CA ALA H 72 29.14 21.59 -8.63
C ALA H 72 29.96 22.28 -9.71
N ASN H 73 30.53 21.50 -10.64
CA ASN H 73 31.30 22.10 -11.73
C ASN H 73 30.42 22.74 -12.79
N SER H 74 29.10 22.54 -12.73
CA SER H 74 28.19 23.11 -13.72
C SER H 74 27.21 24.09 -13.08
N LEU H 75 27.67 24.84 -12.09
CA LEU H 75 26.84 25.82 -11.40
C LEU H 75 27.36 27.22 -11.70
N THR H 76 26.48 28.06 -12.26
CA THR H 76 26.83 29.43 -12.60
C THR H 76 25.57 30.27 -12.45
N ASP H 77 25.75 31.54 -12.07
CA ASP H 77 24.59 32.41 -11.89
C ASP H 77 23.81 32.57 -13.19
N GLY H 78 24.49 32.64 -14.32
CA GLY H 78 23.82 32.78 -15.60
C GLY H 78 23.30 31.49 -16.17
N ILE H 79 22.22 30.97 -15.60
CA ILE H 79 21.58 29.74 -16.07
C ILE H 79 20.26 30.11 -16.71
N THR H 80 20.02 29.59 -17.91
CA THR H 80 18.86 29.95 -18.74
C THR H 80 17.54 29.40 -18.22
N LEU H 81 17.47 28.83 -17.02
CA LEU H 81 16.28 28.23 -16.41
C LEU H 81 15.84 26.97 -17.14
N TYR H 82 16.48 26.62 -18.25
CA TYR H 82 16.24 25.36 -18.93
C TYR H 82 17.24 24.28 -18.54
N ARG H 83 18.50 24.66 -18.33
CA ARG H 83 19.49 23.71 -17.85
C ARG H 83 19.28 23.39 -16.37
N SER H 84 18.82 24.38 -15.59
CA SER H 84 18.60 24.14 -14.17
C SER H 84 17.54 23.07 -13.94
N PHE H 85 16.48 23.09 -14.74
CA PHE H 85 15.48 22.02 -14.66
C PHE H 85 16.11 20.68 -14.97
N LEU H 86 17.00 20.62 -15.95
CA LEU H 86 17.67 19.36 -16.28
C LEU H 86 18.51 18.86 -15.12
N GLN H 87 19.26 19.77 -14.48
CA GLN H 87 20.07 19.37 -13.33
C GLN H 87 19.21 18.87 -12.19
N LEU H 88 18.11 19.57 -11.91
CA LEU H 88 17.20 19.13 -10.85
C LEU H 88 16.61 17.77 -11.17
N GLY H 89 16.19 17.55 -12.42
CA GLY H 89 15.63 16.26 -12.79
C GLY H 89 16.64 15.13 -12.66
N ALA H 90 17.88 15.37 -13.11
CA ALA H 90 18.90 14.35 -12.99
C ALA H 90 19.17 14.02 -11.53
N GLY H 91 19.29 15.06 -10.68
CA GLY H 91 19.54 14.83 -9.27
C GLY H 91 18.40 14.08 -8.60
N LEU H 92 17.16 14.49 -8.88
CA LEU H 92 16.01 13.82 -8.29
C LEU H 92 15.94 12.37 -8.73
N SER H 93 16.18 12.11 -10.01
CA SER H 93 16.12 10.74 -10.52
C SER H 93 17.17 9.87 -9.84
N VAL H 94 18.42 10.30 -9.83
CA VAL H 94 19.48 9.48 -9.24
C VAL H 94 19.23 9.29 -7.75
N GLY H 95 18.82 10.35 -7.05
CA GLY H 95 18.61 10.24 -5.63
C GLY H 95 17.48 9.29 -5.27
N LEU H 96 16.35 9.41 -5.94
CA LEU H 96 15.22 8.56 -5.61
C LEU H 96 15.44 7.11 -6.06
N SER H 97 16.13 6.92 -7.19
CA SER H 97 16.51 5.56 -7.57
C SER H 97 17.45 4.95 -6.54
N GLY H 98 18.39 5.75 -6.03
CA GLY H 98 19.26 5.27 -4.97
C GLY H 98 18.51 4.95 -3.70
N LEU H 99 17.47 5.73 -3.39
CA LEU H 99 16.65 5.46 -2.21
C LEU H 99 15.91 4.14 -2.35
N ALA H 100 15.31 3.90 -3.51
CA ALA H 100 14.64 2.63 -3.75
C ALA H 100 15.63 1.47 -3.68
N ALA H 101 16.80 1.66 -4.30
CA ALA H 101 17.83 0.63 -4.25
C ALA H 101 18.26 0.35 -2.82
N GLY H 102 18.39 1.40 -2.01
CA GLY H 102 18.75 1.21 -0.61
C GLY H 102 17.70 0.42 0.16
N PHE H 103 16.43 0.76 -0.06
CA PHE H 103 15.35 -0.01 0.55
C PHE H 103 15.47 -1.49 0.22
N ALA H 104 15.58 -1.79 -1.09
CA ALA H 104 15.63 -3.18 -1.53
C ALA H 104 16.86 -3.89 -0.99
N ILE H 105 18.02 -3.24 -1.07
CA ILE H 105 19.26 -3.89 -0.65
C ILE H 105 19.25 -4.14 0.85
N GLY H 106 18.74 -3.20 1.64
CA GLY H 106 18.67 -3.43 3.07
C GLY H 106 17.77 -4.60 3.42
N ILE H 107 16.56 -4.62 2.84
CA ILE H 107 15.61 -5.68 3.19
C ILE H 107 16.16 -7.04 2.77
N VAL H 108 16.61 -7.14 1.52
CA VAL H 108 17.07 -8.44 1.01
C VAL H 108 18.33 -8.86 1.75
N GLY H 109 19.24 -7.93 2.01
CA GLY H 109 20.46 -8.27 2.73
C GLY H 109 20.17 -8.80 4.13
N ASP H 110 19.28 -8.14 4.87
CA ASP H 110 18.96 -8.62 6.20
C ASP H 110 18.36 -10.02 6.15
N ALA H 111 17.32 -10.20 5.33
CA ALA H 111 16.65 -11.50 5.29
C ALA H 111 17.60 -12.60 4.85
N GLY H 112 18.40 -12.34 3.80
CA GLY H 112 19.28 -13.35 3.29
C GLY H 112 20.50 -13.62 4.15
N VAL H 113 20.98 -12.63 4.90
CA VAL H 113 22.07 -12.88 5.83
C VAL H 113 21.59 -13.75 6.97
N ARG H 114 20.37 -13.51 7.46
CA ARG H 114 19.81 -14.43 8.45
C ARG H 114 19.65 -15.84 7.87
N GLY H 115 19.20 -15.92 6.60
CA GLY H 115 19.09 -17.22 5.97
C GLY H 115 20.42 -17.93 5.83
N THR H 116 21.47 -17.21 5.45
CA THR H 116 22.81 -17.79 5.36
C THR H 116 23.29 -18.26 6.72
N ALA H 117 23.02 -17.47 7.76
CA ALA H 117 23.30 -17.93 9.12
C ALA H 117 22.60 -19.25 9.40
N GLN H 118 21.39 -19.42 8.88
CA GLN H 118 20.71 -20.70 9.01
C GLN H 118 21.07 -21.70 7.92
N GLN H 119 21.53 -21.24 6.75
CA GLN H 119 21.85 -22.15 5.65
C GLN H 119 22.92 -21.55 4.75
N PRO H 120 24.16 -22.07 4.79
CA PRO H 120 25.23 -21.48 3.97
C PRO H 120 24.96 -21.50 2.47
N ARG H 121 24.15 -22.46 1.99
CA ARG H 121 23.92 -22.59 0.55
C ARG H 121 23.27 -21.35 -0.05
N LEU H 122 22.65 -20.50 0.77
CA LEU H 122 22.06 -19.26 0.27
C LEU H 122 23.12 -18.32 -0.28
N PHE H 123 24.35 -18.39 0.23
CA PHE H 123 25.33 -17.32 0.06
C PHE H 123 25.49 -16.94 -1.41
N VAL H 124 25.67 -17.92 -2.29
CA VAL H 124 25.90 -17.62 -3.70
C VAL H 124 24.74 -16.83 -4.27
N GLY H 125 23.51 -17.33 -4.05
CA GLY H 125 22.34 -16.61 -4.54
C GLY H 125 22.27 -15.20 -4.00
N MET H 126 22.83 -14.98 -2.81
CA MET H 126 23.01 -13.67 -2.21
C MET H 126 23.54 -12.72 -3.27
N ILE H 127 24.75 -13.03 -3.75
CA ILE H 127 25.52 -12.15 -4.61
C ILE H 127 24.84 -12.02 -5.97
N LEU H 128 23.75 -12.75 -6.18
CA LEU H 128 22.93 -12.47 -7.36
C LEU H 128 21.90 -11.39 -7.06
N ILE H 129 21.01 -11.65 -6.09
CA ILE H 129 19.86 -10.78 -5.90
C ILE H 129 20.32 -9.36 -5.59
N LEU H 130 21.28 -9.24 -4.68
CA LEU H 130 21.74 -7.93 -4.26
C LEU H 130 22.29 -7.15 -5.44
N ILE H 131 22.97 -7.84 -6.36
CA ILE H 131 23.53 -7.17 -7.53
C ILE H 131 22.42 -6.43 -8.27
N PHE H 132 21.28 -7.10 -8.47
CA PHE H 132 20.15 -6.45 -9.12
C PHE H 132 19.82 -5.14 -8.44
N ALA H 133 19.69 -5.17 -7.11
CA ALA H 133 19.44 -3.95 -6.36
C ALA H 133 20.48 -2.89 -6.68
N GLU H 134 21.76 -3.26 -6.60
CA GLU H 134 22.81 -2.32 -6.95
C GLU H 134 22.66 -1.87 -8.40
N VAL H 135 22.40 -2.83 -9.29
CA VAL H 135 22.20 -2.48 -10.70
C VAL H 135 21.05 -1.51 -10.82
N LEU H 136 19.99 -1.72 -10.02
CA LEU H 136 18.87 -0.79 -10.01
C LEU H 136 19.35 0.63 -9.78
N GLY H 137 20.16 0.83 -8.74
CA GLY H 137 20.71 2.14 -8.49
C GLY H 137 21.50 2.66 -9.67
N LEU H 138 22.34 1.80 -10.26
CA LEU H 138 23.12 2.20 -11.43
C LEU H 138 22.20 2.71 -12.53
N TYR H 139 21.04 2.09 -12.69
CA TYR H 139 20.09 2.54 -13.70
C TYR H 139 19.82 4.02 -13.55
N GLY H 140 19.48 4.44 -12.33
CA GLY H 140 19.23 5.86 -12.10
C GLY H 140 20.40 6.72 -12.49
N LEU H 141 21.61 6.28 -12.11
CA LEU H 141 22.81 7.04 -12.46
C LEU H 141 22.86 7.32 -13.95
N ILE H 142 22.52 6.32 -14.77
CA ILE H 142 22.57 6.50 -16.21
C ILE H 142 21.71 7.69 -16.61
N VAL H 143 20.47 7.71 -16.12
CA VAL H 143 19.56 8.81 -16.45
C VAL H 143 20.20 10.14 -16.08
N ALA H 144 20.78 10.20 -14.87
CA ALA H 144 21.43 11.42 -14.43
C ALA H 144 22.49 11.85 -15.43
N LEU H 145 23.36 10.93 -15.83
CA LEU H 145 24.43 11.28 -16.76
C LEU H 145 23.87 11.72 -18.10
N ILE H 146 22.71 11.21 -18.49
CA ILE H 146 22.06 11.70 -19.69
C ILE H 146 21.50 13.09 -19.46
N LEU H 147 20.85 13.31 -18.31
CA LEU H 147 20.16 14.57 -18.09
C LEU H 147 21.10 15.68 -17.65
N SER H 148 22.15 15.36 -16.90
CA SER H 148 23.09 16.39 -16.44
C SER H 148 23.82 17.03 -17.62
N THR H 149 24.28 16.21 -18.57
CA THR H 149 24.99 16.76 -19.72
C THR H 149 24.04 17.49 -20.67
N LYS H 150 22.85 16.94 -20.88
CA LYS H 150 21.87 17.58 -21.74
C LYS H 150 20.48 17.55 -21.11
N ASN I 1 17.81 45.55 -8.42
CA ASN I 1 18.98 45.83 -7.58
C ASN I 1 19.51 44.56 -6.94
N ASN I 2 19.15 44.35 -5.66
CA ASN I 2 19.57 43.18 -4.91
C ASN I 2 18.44 42.81 -3.95
N PRO I 3 17.96 41.58 -3.99
CA PRO I 3 16.89 41.16 -3.06
C PRO I 3 17.37 41.22 -1.62
N GLU I 4 16.71 42.06 -0.82
CA GLU I 4 17.09 42.22 0.58
C GLU I 4 16.83 40.97 1.40
N TYR I 5 15.80 40.20 1.03
CA TYR I 5 15.42 39.01 1.78
C TYR I 5 16.25 37.78 1.42
N SER I 6 17.18 37.90 0.47
CA SER I 6 17.97 36.75 0.07
C SER I 6 18.73 36.14 1.25
N SER I 7 19.21 36.99 2.16
CA SER I 7 19.94 36.50 3.32
C SER I 7 19.12 35.49 4.10
N PHE I 8 17.78 35.64 4.08
CA PHE I 8 16.91 34.70 4.79
C PHE I 8 17.24 33.26 4.42
N PHE I 9 17.53 32.99 3.15
CA PHE I 9 17.92 31.63 2.76
C PHE I 9 19.23 31.23 3.43
N GLY I 10 20.26 32.07 3.29
CA GLY I 10 21.59 31.68 3.73
C GLY I 10 21.62 31.32 5.21
N VAL I 11 21.12 32.23 6.05
CA VAL I 11 21.07 31.95 7.49
C VAL I 11 20.29 30.67 7.74
N MET I 12 19.18 30.49 7.01
CA MET I 12 18.38 29.28 7.18
C MET I 12 19.24 28.05 6.92
N GLY I 13 20.04 28.08 5.86
CA GLY I 13 20.96 26.98 5.62
C GLY I 13 21.80 26.66 6.83
N ALA I 14 22.40 27.70 7.41
CA ALA I 14 23.17 27.52 8.63
C ALA I 14 22.33 26.82 9.69
N SER I 15 21.11 27.31 9.90
CA SER I 15 20.21 26.69 10.86
C SER I 15 20.07 25.21 10.57
N SER I 16 19.76 24.87 9.32
CA SER I 16 19.63 23.45 8.96
C SER I 16 20.93 22.72 9.24
N ALA I 17 22.04 23.31 8.82
CA ALA I 17 23.35 22.67 8.97
C ALA I 17 23.67 22.42 10.44
N MET I 18 22.98 23.09 11.35
CA MET I 18 23.18 22.82 12.76
C MET I 18 22.17 21.79 13.28
N VAL I 19 20.90 21.90 12.90
CA VAL I 19 19.87 21.15 13.61
C VAL I 19 19.89 19.68 13.21
N PHE I 20 19.59 19.38 11.94
CA PHE I 20 19.30 18.01 11.54
C PHE I 20 20.43 17.08 11.92
N SER I 21 21.66 17.41 11.50
CA SER I 21 22.81 16.58 11.83
C SER I 21 22.88 16.35 13.33
N ALA I 22 22.86 17.43 14.11
CA ALA I 22 22.90 17.30 15.56
C ALA I 22 21.78 16.39 16.04
N MET I 23 20.56 16.65 15.56
CA MET I 23 19.43 15.81 15.95
C MET I 23 19.71 14.36 15.62
N GLY I 24 20.17 14.11 14.39
CA GLY I 24 20.51 12.75 14.02
C GLY I 24 21.54 12.16 14.97
N ALA I 25 22.61 12.92 15.25
CA ALA I 25 23.60 12.46 16.20
C ALA I 25 22.94 12.12 17.52
N ALA I 26 22.07 13.03 18.00
CA ALA I 26 21.35 12.78 19.24
C ALA I 26 20.65 11.43 19.17
N TYR I 27 19.87 11.21 18.11
CA TYR I 27 19.18 9.94 17.96
C TYR I 27 20.17 8.79 18.09
N GLY I 28 21.25 8.85 17.31
CA GLY I 28 22.26 7.82 17.41
C GLY I 28 22.70 7.61 18.85
N THR I 29 23.13 8.70 19.50
CA THR I 29 23.55 8.61 20.88
C THR I 29 22.46 7.97 21.72
N ALA I 30 21.23 8.49 21.59
CA ALA I 30 20.12 7.94 22.36
C ALA I 30 20.00 6.44 22.13
N LYS I 31 19.99 6.02 20.87
CA LYS I 31 19.85 4.61 20.59
C LYS I 31 21.02 3.83 21.18
N SER I 32 22.24 4.36 21.02
CA SER I 32 23.40 3.69 21.60
C SER I 32 23.26 3.55 23.11
N GLY I 33 22.69 4.58 23.75
CA GLY I 33 22.48 4.51 25.19
C GLY I 33 21.68 3.29 25.57
N THR I 34 20.62 3.00 24.81
CA THR I 34 19.81 1.82 25.12
C THR I 34 20.67 0.56 25.11
N GLY I 35 21.56 0.43 24.13
CA GLY I 35 22.46 -0.71 24.11
C GLY I 35 23.30 -0.78 25.36
N ILE I 36 23.83 0.36 25.81
CA ILE I 36 24.64 0.38 27.02
C ILE I 36 23.80 -0.05 28.22
N ALA I 37 22.50 0.26 28.21
CA ALA I 37 21.63 -0.19 29.28
C ALA I 37 21.48 -1.70 29.29
N ALA I 38 21.54 -2.34 28.13
CA ALA I 38 21.33 -3.77 28.01
C ALA I 38 22.64 -4.55 27.92
N MET I 39 23.78 -3.90 28.12
CA MET I 39 25.07 -4.56 27.99
C MET I 39 25.89 -4.54 29.27
N SER I 40 25.89 -3.43 30.00
CA SER I 40 26.71 -3.34 31.21
C SER I 40 26.23 -4.31 32.28
N VAL I 41 24.94 -4.67 32.26
CA VAL I 41 24.42 -5.59 33.26
C VAL I 41 24.99 -6.99 33.07
N MET I 42 25.18 -7.42 31.82
CA MET I 42 25.85 -8.70 31.58
C MET I 42 27.35 -8.60 31.88
N ARG I 43 28.06 -7.77 31.13
CA ARG I 43 29.51 -7.66 31.24
C ARG I 43 29.93 -6.20 31.11
N PRO I 44 30.16 -5.51 32.23
CA PRO I 44 30.59 -4.11 32.18
C PRO I 44 32.09 -3.90 32.08
N GLU I 45 32.89 -4.98 31.98
CA GLU I 45 34.34 -4.82 31.93
C GLU I 45 34.77 -4.07 30.69
N LEU I 46 34.16 -4.37 29.54
CA LEU I 46 34.50 -3.73 28.27
C LEU I 46 33.63 -2.52 27.97
N ILE I 47 33.13 -1.84 29.01
CA ILE I 47 32.27 -0.68 28.79
C ILE I 47 33.03 0.45 28.10
N MET I 48 34.35 0.51 28.28
CA MET I 48 35.14 1.51 27.58
C MET I 48 35.11 1.27 26.08
N LYS I 49 35.18 0.01 25.65
CA LYS I 49 35.23 -0.32 24.24
C LYS I 49 33.89 -0.12 23.53
N SER I 50 32.81 0.15 24.26
CA SER I 50 31.48 0.32 23.68
C SER I 50 31.08 1.78 23.60
N ILE I 51 32.02 2.67 23.31
CA ILE I 51 31.74 4.09 23.16
C ILE I 51 31.99 4.53 21.71
N ILE I 52 32.08 3.59 20.79
CA ILE I 52 32.28 3.92 19.37
C ILE I 52 31.06 4.66 18.81
N PRO I 53 29.83 4.19 19.00
CA PRO I 53 28.69 4.91 18.41
C PRO I 53 28.57 6.36 18.88
N VAL I 54 28.81 6.61 20.17
CA VAL I 54 28.65 7.97 20.68
C VAL I 54 29.73 8.89 20.11
N VAL I 55 30.94 8.39 19.95
CA VAL I 55 32.00 9.24 19.39
C VAL I 55 31.80 9.45 17.89
N MET I 56 31.24 8.47 17.18
CA MET I 56 30.82 8.71 15.80
C MET I 56 29.73 9.78 15.73
N ALA I 57 28.78 9.74 16.66
CA ALA I 57 27.76 10.79 16.72
C ALA I 57 28.39 12.15 16.98
N GLY I 58 29.40 12.18 17.86
CA GLY I 58 30.13 13.42 18.09
C GLY I 58 30.85 13.92 16.85
N ILE I 59 31.38 12.99 16.05
CA ILE I 59 32.02 13.37 14.79
C ILE I 59 31.00 13.96 13.84
N ILE I 60 29.80 13.38 13.79
CA ILE I 60 28.72 13.94 12.97
C ILE I 60 28.38 15.35 13.45
N ALA I 61 28.31 15.54 14.77
CA ALA I 61 28.05 16.87 15.31
C ALA I 61 29.16 17.85 14.95
N ILE I 62 30.41 17.37 14.91
CA ILE I 62 31.52 18.21 14.51
C ILE I 62 31.38 18.62 13.04
N TYR I 63 30.94 17.68 12.20
CA TYR I 63 30.67 18.03 10.80
C TYR I 63 29.61 19.12 10.71
N GLY I 64 28.52 18.96 11.47
CA GLY I 64 27.51 20.00 11.50
C GLY I 64 28.06 21.33 11.97
N LEU I 65 28.90 21.31 13.01
CA LEU I 65 29.52 22.53 13.50
C LEU I 65 30.34 23.22 12.42
N VAL I 66 31.21 22.47 11.74
CA VAL I 66 32.11 23.11 10.79
C VAL I 66 31.33 23.66 9.61
N VAL I 67 30.35 22.92 9.11
CA VAL I 67 29.58 23.45 7.97
C VAL I 67 28.77 24.67 8.39
N ALA I 68 28.15 24.63 9.58
CA ALA I 68 27.36 25.75 10.04
C ALA I 68 28.24 26.98 10.25
N VAL I 69 29.41 26.81 10.84
CA VAL I 69 30.31 27.94 11.08
C VAL I 69 30.77 28.53 9.75
N LEU I 70 31.11 27.67 8.78
CA LEU I 70 31.57 28.17 7.49
C LEU I 70 30.48 28.97 6.78
N ILE I 71 29.26 28.43 6.71
CA ILE I 71 28.19 29.16 6.05
C ILE I 71 27.84 30.41 6.84
N ALA I 72 28.05 30.40 8.16
CA ALA I 72 27.77 31.59 8.97
C ALA I 72 28.74 32.71 8.64
N ASN I 73 30.04 32.45 8.65
CA ASN I 73 30.97 33.56 8.43
C ASN I 73 30.99 33.96 6.96
N SER I 74 30.69 33.03 6.06
CA SER I 74 30.57 33.38 4.65
C SER I 74 29.34 34.21 4.35
N LEU I 75 28.37 34.25 5.27
CA LEU I 75 27.15 35.01 5.05
C LEU I 75 27.41 36.50 5.21
N THR I 76 26.76 37.30 4.37
CA THR I 76 26.89 38.74 4.44
C THR I 76 25.63 39.38 3.84
N ASP I 77 25.44 40.65 4.14
CA ASP I 77 24.25 41.37 3.67
C ASP I 77 24.33 41.69 2.19
N GLY I 78 25.51 41.61 1.58
CA GLY I 78 25.66 41.99 0.19
C GLY I 78 25.58 40.83 -0.79
N ILE I 79 25.00 39.72 -0.36
CA ILE I 79 24.92 38.55 -1.23
C ILE I 79 23.99 38.84 -2.41
N THR I 80 24.13 38.02 -3.46
CA THR I 80 23.49 38.27 -4.74
C THR I 80 22.36 37.28 -5.03
N LEU I 81 21.76 36.68 -3.99
CA LEU I 81 20.66 35.73 -4.12
C LEU I 81 21.13 34.44 -4.78
N TYR I 82 22.37 34.42 -5.21
CA TYR I 82 22.99 33.22 -5.78
C TYR I 82 23.78 32.47 -4.71
N ARG I 83 24.70 33.17 -4.04
CA ARG I 83 25.41 32.58 -2.91
C ARG I 83 24.45 32.15 -1.82
N SER I 84 23.34 32.88 -1.65
CA SER I 84 22.36 32.53 -0.63
C SER I 84 21.70 31.18 -0.95
N PHE I 85 21.24 31.01 -2.19
CA PHE I 85 20.65 29.74 -2.59
C PHE I 85 21.67 28.60 -2.49
N LEU I 86 22.90 28.86 -2.93
CA LEU I 86 23.94 27.84 -2.88
C LEU I 86 24.22 27.41 -1.43
N GLN I 87 24.33 28.38 -0.52
CA GLN I 87 24.58 28.06 0.87
C GLN I 87 23.39 27.32 1.49
N LEU I 88 22.17 27.72 1.14
CA LEU I 88 21.00 27.03 1.66
C LEU I 88 20.99 25.57 1.22
N GLY I 89 21.28 25.33 -0.06
CA GLY I 89 21.31 23.97 -0.55
C GLY I 89 22.39 23.14 0.11
N ALA I 90 23.59 23.72 0.27
CA ALA I 90 24.68 23.00 0.92
C ALA I 90 24.31 22.65 2.35
N GLY I 91 23.74 23.61 3.09
CA GLY I 91 23.37 23.35 4.47
C GLY I 91 22.30 22.28 4.59
N LEU I 92 21.27 22.37 3.76
CA LEU I 92 20.20 21.38 3.79
C LEU I 92 20.74 19.98 3.48
N SER I 93 21.58 19.88 2.45
CA SER I 93 22.10 18.59 2.04
C SER I 93 22.98 17.99 3.14
N VAL I 94 23.89 18.79 3.70
CA VAL I 94 24.79 18.24 4.72
C VAL I 94 24.02 17.88 5.97
N GLY I 95 23.03 18.69 6.35
CA GLY I 95 22.27 18.38 7.55
C GLY I 95 21.46 17.11 7.41
N LEU I 96 20.78 16.94 6.28
CA LEU I 96 19.96 15.74 6.11
C LEU I 96 20.83 14.50 5.92
N SER I 97 21.98 14.64 5.26
CA SER I 97 22.92 13.52 5.17
C SER I 97 23.43 13.12 6.55
N GLY I 98 23.75 14.10 7.39
CA GLY I 98 24.14 13.80 8.75
C GLY I 98 23.03 13.13 9.54
N LEU I 99 21.79 13.55 9.30
CA LEU I 99 20.66 12.92 9.98
C LEU I 99 20.55 11.45 9.59
N ALA I 100 20.66 11.15 8.29
CA ALA I 100 20.59 9.76 7.85
C ALA I 100 21.76 8.95 8.42
N ALA I 101 22.96 9.54 8.41
CA ALA I 101 24.12 8.85 8.95
C ALA I 101 23.97 8.58 10.43
N GLY I 102 23.39 9.53 11.17
CA GLY I 102 23.16 9.32 12.59
C GLY I 102 22.12 8.24 12.86
N PHE I 103 21.05 8.21 12.05
CA PHE I 103 20.07 7.14 12.19
C PHE I 103 20.72 5.77 11.98
N ALA I 104 21.52 5.63 10.92
CA ALA I 104 22.21 4.37 10.68
C ALA I 104 23.18 4.04 11.80
N ILE I 105 23.92 5.05 12.27
CA ILE I 105 24.86 4.86 13.37
C ILE I 105 24.15 4.30 14.59
N GLY I 106 23.03 4.92 14.96
CA GLY I 106 22.30 4.48 16.13
C GLY I 106 21.78 3.06 16.00
N ILE I 107 21.15 2.76 14.86
CA ILE I 107 20.56 1.43 14.69
C ILE I 107 21.67 0.37 14.73
N VAL I 108 22.74 0.58 13.97
CA VAL I 108 23.80 -0.41 13.90
C VAL I 108 24.48 -0.56 15.26
N GLY I 109 24.76 0.56 15.92
CA GLY I 109 25.41 0.51 17.21
C GLY I 109 24.60 -0.25 18.23
N ASP I 110 23.29 0.04 18.31
CA ASP I 110 22.44 -0.66 19.27
C ASP I 110 22.40 -2.16 18.97
N ALA I 111 22.15 -2.52 17.72
CA ALA I 111 22.03 -3.94 17.38
C ALA I 111 23.33 -4.68 17.68
N GLY I 112 24.46 -4.12 17.23
CA GLY I 112 25.73 -4.79 17.45
C GLY I 112 26.13 -4.83 18.91
N VAL I 113 25.82 -3.79 19.66
CA VAL I 113 26.15 -3.77 21.09
C VAL I 113 25.35 -4.82 21.83
N ARG I 114 24.06 -4.95 21.51
CA ARG I 114 23.26 -6.01 22.12
C ARG I 114 23.80 -7.38 21.72
N GLY I 115 24.25 -7.53 20.47
CA GLY I 115 24.82 -8.80 20.05
C GLY I 115 26.12 -9.15 20.75
N THR I 116 26.98 -8.14 20.95
CA THR I 116 28.31 -8.36 21.49
C THR I 116 28.31 -8.61 23.00
N ALA I 117 27.15 -8.47 23.67
CA ALA I 117 27.09 -8.79 25.08
C ALA I 117 27.36 -10.26 25.35
N GLN I 118 27.29 -11.10 24.31
CA GLN I 118 27.61 -12.52 24.43
C GLN I 118 28.61 -13.01 23.39
N GLN I 119 28.82 -12.29 22.30
CA GLN I 119 29.73 -12.70 21.23
C GLN I 119 30.70 -11.55 20.95
N PRO I 120 31.84 -11.52 21.64
CA PRO I 120 32.79 -10.41 21.47
C PRO I 120 33.34 -10.27 20.06
N ARG I 121 33.47 -11.37 19.31
CA ARG I 121 34.18 -11.34 18.04
C ARG I 121 33.53 -10.41 17.01
N LEU I 122 32.26 -10.04 17.21
CA LEU I 122 31.61 -9.11 16.28
C LEU I 122 32.21 -7.72 16.35
N PHE I 123 32.90 -7.37 17.46
CA PHE I 123 33.28 -5.99 17.70
C PHE I 123 34.11 -5.42 16.55
N VAL I 124 35.06 -6.20 16.02
CA VAL I 124 35.89 -5.71 14.93
C VAL I 124 35.01 -5.32 13.74
N GLY I 125 34.07 -6.20 13.38
CA GLY I 125 33.14 -5.86 12.31
C GLY I 125 32.40 -4.56 12.60
N MET I 126 32.04 -4.36 13.87
CA MET I 126 31.50 -3.09 14.33
C MET I 126 32.18 -1.92 13.64
N ILE I 127 33.50 -1.82 13.83
CA ILE I 127 34.22 -0.65 13.37
C ILE I 127 33.97 -0.44 11.89
N LEU I 128 34.12 -1.51 11.10
CA LEU I 128 33.94 -1.38 9.67
C LEU I 128 32.57 -0.79 9.36
N ILE I 129 31.51 -1.43 9.88
CA ILE I 129 30.18 -0.92 9.62
C ILE I 129 30.05 0.50 10.13
N LEU I 130 30.54 0.73 11.36
CA LEU I 130 30.49 2.06 11.92
C LEU I 130 31.17 3.05 10.99
N ILE I 131 32.38 2.70 10.52
CA ILE I 131 33.12 3.59 9.64
C ILE I 131 32.27 3.93 8.43
N PHE I 132 31.63 2.90 7.84
CA PHE I 132 30.80 3.14 6.66
C PHE I 132 29.77 4.21 6.96
N ALA I 133 29.02 4.04 8.04
CA ALA I 133 28.01 5.05 8.38
C ALA I 133 28.67 6.39 8.63
N GLU I 134 29.78 6.40 9.37
CA GLU I 134 30.51 7.65 9.56
C GLU I 134 30.98 8.19 8.22
N VAL I 135 31.52 7.31 7.37
CA VAL I 135 31.94 7.74 6.04
C VAL I 135 30.76 8.34 5.29
N LEU I 136 29.57 7.76 5.49
CA LEU I 136 28.37 8.31 4.88
C LEU I 136 28.22 9.80 5.23
N GLY I 137 28.31 10.11 6.52
CA GLY I 137 28.22 11.51 6.93
C GLY I 137 29.29 12.35 6.27
N LEU I 138 30.49 11.78 6.13
CA LEU I 138 31.58 12.49 5.48
C LEU I 138 31.14 13.02 4.12
N TYR I 139 30.45 12.18 3.33
CA TYR I 139 30.03 12.62 2.01
C TYR I 139 29.27 13.93 2.09
N GLY I 140 28.36 14.05 3.06
CA GLY I 140 27.61 15.27 3.22
C GLY I 140 28.54 16.47 3.32
N LEU I 141 29.47 16.41 4.27
CA LEU I 141 30.42 17.52 4.43
C LEU I 141 31.10 17.82 3.11
N ILE I 142 31.49 16.78 2.38
CA ILE I 142 32.22 16.97 1.13
C ILE I 142 31.42 17.87 0.20
N VAL I 143 30.14 17.56 0.01
CA VAL I 143 29.35 18.34 -0.95
C VAL I 143 29.23 19.78 -0.45
N ALA I 144 29.14 19.97 0.87
CA ALA I 144 29.12 21.32 1.41
C ALA I 144 30.34 22.09 0.96
N LEU I 145 31.52 21.48 1.11
CA LEU I 145 32.74 22.13 0.63
C LEU I 145 32.63 22.41 -0.86
N ILE I 146 32.18 21.42 -1.63
CA ILE I 146 32.11 21.58 -3.08
C ILE I 146 31.08 22.62 -3.49
N LEU I 147 30.25 23.07 -2.55
CA LEU I 147 29.38 24.20 -2.82
C LEU I 147 29.94 25.51 -2.29
N SER I 148 30.68 25.47 -1.18
CA SER I 148 31.15 26.71 -0.57
C SER I 148 32.20 27.40 -1.44
N THR I 149 33.17 26.63 -1.93
CA THR I 149 34.25 27.23 -2.73
C THR I 149 33.78 27.65 -4.12
N LYS I 150 32.64 27.14 -4.57
CA LYS I 150 32.12 27.49 -5.89
C LYS I 150 30.63 27.74 -5.85
N ASN J 1 14.04 52.63 1.98
CA ASN J 1 13.38 52.65 3.28
C ASN J 1 13.64 51.37 4.05
N ASN J 2 13.29 51.37 5.34
CA ASN J 2 13.44 50.19 6.17
C ASN J 2 12.14 49.38 6.13
N PRO J 3 12.17 48.13 5.69
CA PRO J 3 10.94 47.33 5.71
C PRO J 3 10.45 47.10 7.13
N GLU J 4 9.14 47.04 7.28
CA GLU J 4 8.54 46.85 8.59
C GLU J 4 8.50 45.36 8.95
N TYR J 5 7.88 45.06 10.09
CA TYR J 5 7.72 43.70 10.61
C TYR J 5 9.01 42.89 10.54
N SER J 6 10.15 43.55 10.70
CA SER J 6 11.40 42.81 10.91
C SER J 6 11.55 42.42 12.38
N SER J 7 11.11 43.30 13.28
CA SER J 7 11.01 42.94 14.69
C SER J 7 10.09 41.74 14.87
N PHE J 8 9.12 41.57 13.97
CA PHE J 8 8.32 40.35 13.95
C PHE J 8 9.21 39.12 13.86
N PHE J 9 10.11 39.10 12.87
CA PHE J 9 10.98 37.94 12.68
C PHE J 9 11.95 37.77 13.84
N GLY J 10 12.54 38.87 14.32
CA GLY J 10 13.47 38.75 15.44
C GLY J 10 12.79 38.26 16.71
N VAL J 11 11.61 38.79 17.01
CA VAL J 11 10.86 38.39 18.19
C VAL J 11 10.44 36.92 18.09
N MET J 12 9.97 36.49 16.92
CA MET J 12 9.62 35.09 16.75
C MET J 12 10.85 34.20 16.89
N GLY J 13 12.01 34.66 16.41
CA GLY J 13 13.21 33.87 16.58
C GLY J 13 13.59 33.68 18.04
N ALA J 14 13.58 34.77 18.81
CA ALA J 14 13.89 34.66 20.23
C ALA J 14 12.87 33.80 20.96
N SER J 15 11.58 33.99 20.65
CA SER J 15 10.54 33.21 21.30
C SER J 15 10.68 31.73 20.97
N SER J 16 10.97 31.41 19.71
CA SER J 16 11.15 30.02 19.32
C SER J 16 12.35 29.40 20.02
N ALA J 17 13.45 30.17 20.13
CA ALA J 17 14.61 29.67 20.86
C ALA J 17 14.25 29.29 22.28
N MET J 18 13.61 30.22 23.01
CA MET J 18 13.24 29.93 24.39
C MET J 18 12.26 28.77 24.47
N VAL J 19 11.28 28.75 23.56
CA VAL J 19 10.23 27.73 23.59
C VAL J 19 10.82 26.35 23.39
N PHE J 20 11.66 26.20 22.37
CA PHE J 20 12.19 24.88 22.05
C PHE J 20 13.22 24.42 23.06
N SER J 21 14.03 25.35 23.59
CA SER J 21 14.92 24.98 24.68
C SER J 21 14.15 24.49 25.89
N ALA J 22 13.07 25.20 26.24
CA ALA J 22 12.24 24.78 27.37
C ALA J 22 11.60 23.42 27.12
N MET J 23 11.10 23.20 25.90
CA MET J 23 10.46 21.92 25.59
C MET J 23 11.46 20.77 25.69
N GLY J 24 12.66 20.96 25.13
CA GLY J 24 13.66 19.92 25.21
C GLY J 24 14.07 19.62 26.64
N ALA J 25 14.32 20.68 27.43
CA ALA J 25 14.69 20.48 28.82
C ALA J 25 13.58 19.79 29.60
N ALA J 26 12.33 20.17 29.34
CA ALA J 26 11.20 19.57 30.04
C ALA J 26 11.08 18.09 29.73
N TYR J 27 11.21 17.72 28.45
CA TYR J 27 11.13 16.30 28.10
C TYR J 27 12.29 15.52 28.70
N GLY J 28 13.50 16.09 28.66
CA GLY J 28 14.63 15.40 29.24
C GLY J 28 14.46 15.16 30.72
N THR J 29 14.05 16.19 31.46
CA THR J 29 13.84 16.03 32.89
C THR J 29 12.65 15.12 33.17
N ALA J 30 11.67 15.06 32.28
CA ALA J 30 10.55 14.15 32.47
C ALA J 30 10.99 12.70 32.37
N LYS J 31 11.74 12.36 31.32
CA LYS J 31 12.25 11.00 31.20
C LYS J 31 13.21 10.66 32.34
N SER J 32 14.05 11.61 32.73
CA SER J 32 14.96 11.38 33.84
C SER J 32 14.20 11.12 35.14
N GLY J 33 13.15 11.89 35.40
CA GLY J 33 12.36 11.67 36.59
C GLY J 33 11.63 10.35 36.58
N THR J 34 11.12 9.94 35.41
CA THR J 34 10.51 8.62 35.31
C THR J 34 11.52 7.53 35.63
N GLY J 35 12.73 7.64 35.09
CA GLY J 35 13.76 6.66 35.40
C GLY J 35 14.14 6.65 36.87
N ILE J 36 14.24 7.84 37.48
CA ILE J 36 14.60 7.92 38.90
C ILE J 36 13.51 7.26 39.76
N ALA J 37 12.25 7.54 39.44
CA ALA J 37 11.16 6.92 40.19
C ALA J 37 11.16 5.41 40.02
N ALA J 38 11.44 4.94 38.80
CA ALA J 38 11.52 3.51 38.58
C ALA J 38 12.64 2.87 39.38
N MET J 39 13.80 3.53 39.46
CA MET J 39 14.96 2.98 40.13
C MET J 39 14.94 3.18 41.65
N SER J 40 14.08 4.04 42.16
CA SER J 40 14.13 4.40 43.57
C SER J 40 13.86 3.19 44.47
N VAL J 41 12.86 2.38 44.11
CA VAL J 41 12.55 1.20 44.92
C VAL J 41 13.71 0.21 44.89
N MET J 42 14.51 0.22 43.82
CA MET J 42 15.66 -0.67 43.72
C MET J 42 16.71 -0.31 44.77
N ARG J 43 17.29 0.89 44.66
CA ARG J 43 18.32 1.36 45.58
C ARG J 43 18.00 2.78 46.01
N PRO J 44 17.19 2.95 47.06
CA PRO J 44 16.85 4.30 47.51
C PRO J 44 18.05 5.14 47.91
N GLU J 45 19.11 4.51 48.42
CA GLU J 45 20.28 5.22 48.89
C GLU J 45 21.10 5.83 47.76
N LEU J 46 20.84 5.48 46.51
CA LEU J 46 21.60 5.96 45.37
C LEU J 46 20.86 7.05 44.59
N ILE J 47 19.91 7.73 45.23
CA ILE J 47 19.17 8.78 44.53
C ILE J 47 20.06 9.98 44.25
N MET J 48 20.96 10.30 45.18
CA MET J 48 21.76 11.52 45.07
C MET J 48 22.62 11.49 43.81
N LYS J 49 23.36 10.41 43.60
CA LYS J 49 24.27 10.32 42.46
C LYS J 49 23.55 10.19 41.13
N SER J 50 22.24 9.98 41.14
CA SER J 50 21.48 9.76 39.91
C SER J 50 20.77 11.01 39.41
N ILE J 51 20.99 12.17 40.02
CA ILE J 51 20.36 13.41 39.58
C ILE J 51 21.18 14.12 38.51
N ILE J 52 22.35 13.59 38.15
CA ILE J 52 23.16 14.23 37.11
C ILE J 52 22.40 14.37 35.80
N PRO J 53 21.69 13.35 35.30
CA PRO J 53 20.90 13.58 34.07
C PRO J 53 19.86 14.66 34.22
N VAL J 54 19.25 14.79 35.41
CA VAL J 54 18.22 15.81 35.62
C VAL J 54 18.81 17.20 35.46
N VAL J 55 19.91 17.47 36.16
CA VAL J 55 20.50 18.80 36.08
C VAL J 55 21.07 19.05 34.68
N MET J 56 21.61 18.00 34.05
CA MET J 56 22.13 18.15 32.69
C MET J 56 21.01 18.55 31.72
N ALA J 57 19.85 17.93 31.85
CA ALA J 57 18.69 18.35 31.06
C ALA J 57 18.28 19.78 31.40
N GLY J 58 18.36 20.14 32.68
CA GLY J 58 17.95 21.47 33.09
C GLY J 58 18.87 22.56 32.57
N ILE J 59 20.12 22.21 32.25
CA ILE J 59 21.06 23.22 31.75
C ILE J 59 20.56 23.87 30.47
N ILE J 60 19.80 23.12 29.65
CA ILE J 60 19.36 23.65 28.35
C ILE J 60 18.66 24.99 28.52
N ALA J 61 18.01 25.18 29.67
CA ALA J 61 17.31 26.41 29.95
C ALA J 61 18.26 27.61 29.98
N ILE J 62 19.50 27.40 30.43
CA ILE J 62 20.40 28.55 30.54
C ILE J 62 20.89 28.99 29.16
N TYR J 63 21.13 28.04 28.25
CA TYR J 63 21.40 28.43 26.87
C TYR J 63 20.20 29.14 26.27
N GLY J 64 18.99 28.64 26.55
CA GLY J 64 17.81 29.31 26.07
C GLY J 64 17.73 30.75 26.55
N LEU J 65 17.99 30.96 27.84
CA LEU J 65 17.94 32.31 28.40
C LEU J 65 19.02 33.21 27.81
N VAL J 66 20.24 32.68 27.66
CA VAL J 66 21.32 33.53 27.18
C VAL J 66 21.08 33.94 25.73
N VAL J 67 20.53 33.02 24.92
CA VAL J 67 20.22 33.37 23.54
C VAL J 67 19.06 34.36 23.48
N ALA J 68 18.05 34.16 24.32
CA ALA J 68 16.91 35.07 24.34
C ALA J 68 17.36 36.47 24.75
N VAL J 69 18.27 36.56 25.73
CA VAL J 69 18.78 37.86 26.17
C VAL J 69 19.61 38.49 25.07
N LEU J 70 20.47 37.71 24.42
CA LEU J 70 21.30 38.24 23.35
C LEU J 70 20.49 38.74 22.17
N ILE J 71 19.33 38.13 21.90
CA ILE J 71 18.46 38.61 20.84
C ILE J 71 17.67 39.84 21.28
N ALA J 72 17.08 39.79 22.49
CA ALA J 72 16.26 40.91 22.94
C ALA J 72 17.06 42.19 23.10
N ASN J 73 18.35 42.07 23.46
CA ASN J 73 19.19 43.26 23.55
C ASN J 73 19.35 43.94 22.20
N SER J 74 19.50 43.14 21.14
CA SER J 74 19.65 43.68 19.80
C SER J 74 18.32 44.10 19.17
N LEU J 75 17.20 43.83 19.83
CA LEU J 75 15.90 44.16 19.27
C LEU J 75 15.70 45.67 19.24
N THR J 76 15.32 46.19 18.08
CA THR J 76 15.01 47.61 17.92
C THR J 76 14.18 47.78 16.66
N ASP J 77 13.46 48.91 16.61
CA ASP J 77 12.62 49.18 15.46
C ASP J 77 13.45 49.33 14.18
N GLY J 78 14.59 50.01 14.28
CA GLY J 78 15.42 50.25 13.10
C GLY J 78 16.33 49.10 12.75
N ILE J 79 15.75 48.01 12.24
CA ILE J 79 16.50 46.84 11.78
C ILE J 79 16.22 46.64 10.30
N THR J 80 17.28 46.37 9.54
CA THR J 80 17.24 46.34 8.09
C THR J 80 16.79 45.00 7.51
N LEU J 81 16.04 44.21 8.29
CA LEU J 81 15.50 42.91 7.90
C LEU J 81 16.59 41.85 7.73
N TYR J 82 17.86 42.22 7.83
CA TYR J 82 18.96 41.28 7.73
C TYR J 82 19.44 40.83 9.11
N ARG J 83 19.64 41.78 10.02
CA ARG J 83 19.91 41.43 11.41
C ARG J 83 18.76 40.64 12.02
N SER J 84 17.53 41.01 11.67
CA SER J 84 16.36 40.28 12.17
C SER J 84 16.35 38.85 11.68
N PHE J 85 16.67 38.63 10.40
CA PHE J 85 16.73 37.27 9.87
C PHE J 85 17.85 36.48 10.52
N LEU J 86 19.00 37.13 10.76
CA LEU J 86 20.10 36.46 11.45
C LEU J 86 19.68 36.02 12.85
N GLN J 87 19.02 36.90 13.59
CA GLN J 87 18.57 36.55 14.93
C GLN J 87 17.54 35.44 14.91
N LEU J 88 16.61 35.49 13.94
CA LEU J 88 15.62 34.42 13.84
C LEU J 88 16.28 33.08 13.56
N GLY J 89 17.24 33.05 12.64
CA GLY J 89 17.95 31.81 12.35
C GLY J 89 18.72 31.30 13.56
N ALA J 90 19.41 32.19 14.26
CA ALA J 90 20.14 31.78 15.45
C ALA J 90 19.21 31.20 16.50
N GLY J 91 18.07 31.86 16.72
CA GLY J 91 17.12 31.37 17.71
C GLY J 91 16.56 30.00 17.34
N LEU J 92 16.17 29.84 16.08
CA LEU J 92 15.64 28.55 15.64
C LEU J 92 16.69 27.46 15.79
N SER J 93 17.94 27.75 15.40
CA SER J 93 19.00 26.76 15.48
C SER J 93 19.25 26.34 16.93
N VAL J 94 19.40 27.32 17.83
CA VAL J 94 19.71 26.98 19.21
C VAL J 94 18.54 26.27 19.87
N GLY J 95 17.31 26.68 19.56
CA GLY J 95 16.16 26.01 20.13
C GLY J 95 16.04 24.57 19.69
N LEU J 96 16.23 24.32 18.40
CA LEU J 96 16.13 22.94 17.92
C LEU J 96 17.29 22.09 18.44
N SER J 97 18.49 22.69 18.56
CA SER J 97 19.61 21.94 19.13
C SER J 97 19.35 21.59 20.59
N GLY J 98 18.80 22.52 21.36
CA GLY J 98 18.43 22.21 22.73
C GLY J 98 17.33 21.16 22.82
N LEU J 99 16.41 21.18 21.86
CA LEU J 99 15.38 20.16 21.79
C LEU J 99 15.98 18.77 21.55
N ALA J 100 16.96 18.70 20.63
CA ALA J 100 17.65 17.44 20.39
C ALA J 100 18.40 16.98 21.63
N ALA J 101 19.08 17.92 22.30
CA ALA J 101 19.79 17.58 23.52
C ALA J 101 18.83 17.06 24.59
N GLY J 102 17.65 17.66 24.69
CA GLY J 102 16.67 17.20 25.66
C GLY J 102 16.20 15.79 25.38
N PHE J 103 15.86 15.49 24.12
CA PHE J 103 15.47 14.12 23.78
C PHE J 103 16.57 13.13 24.10
N ALA J 104 17.80 13.42 23.66
CA ALA J 104 18.90 12.48 23.88
C ALA J 104 19.15 12.29 25.37
N ILE J 105 19.18 13.39 26.13
CA ILE J 105 19.45 13.31 27.56
C ILE J 105 18.37 12.50 28.25
N GLY J 106 17.10 12.75 27.92
CA GLY J 106 16.04 12.02 28.57
C GLY J 106 16.09 10.53 28.30
N ILE J 107 16.27 10.16 27.03
CA ILE J 107 16.29 8.74 26.68
C ILE J 107 17.45 8.03 27.35
N VAL J 108 18.66 8.59 27.20
CA VAL J 108 19.82 7.93 27.77
C VAL J 108 19.75 7.94 29.29
N GLY J 109 19.20 8.99 29.90
CA GLY J 109 19.07 9.01 31.33
C GLY J 109 18.15 7.92 31.85
N ASP J 110 16.98 7.77 31.22
CA ASP J 110 16.06 6.71 31.63
C ASP J 110 16.73 5.34 31.51
N ALA J 111 17.32 5.05 30.34
CA ALA J 111 17.87 3.73 30.11
C ALA J 111 19.04 3.44 31.05
N GLY J 112 19.99 4.38 31.13
CA GLY J 112 21.16 4.16 31.96
C GLY J 112 20.86 4.17 33.44
N VAL J 113 19.83 4.91 33.86
CA VAL J 113 19.44 4.90 35.26
C VAL J 113 18.85 3.56 35.64
N ARG J 114 17.99 3.01 34.77
CA ARG J 114 17.51 1.65 35.00
C ARG J 114 18.68 0.67 35.06
N GLY J 115 19.63 0.81 34.14
CA GLY J 115 20.79 -0.07 34.14
C GLY J 115 21.63 0.05 35.40
N THR J 116 21.89 1.28 35.84
CA THR J 116 22.72 1.48 37.03
C THR J 116 21.99 1.06 38.30
N ALA J 117 20.65 1.08 38.29
CA ALA J 117 19.91 0.42 39.34
C ALA J 117 20.13 -1.08 39.29
N GLN J 118 20.19 -1.65 38.09
CA GLN J 118 20.46 -3.08 37.96
C GLN J 118 21.92 -3.41 38.27
N GLN J 119 22.86 -2.63 37.75
CA GLN J 119 24.28 -2.88 37.96
C GLN J 119 25.00 -1.56 38.25
N PRO J 120 25.72 -1.45 39.37
CA PRO J 120 26.30 -0.16 39.75
C PRO J 120 27.34 0.38 38.80
N ARG J 121 28.37 -0.42 38.49
CA ARG J 121 29.62 0.07 37.92
C ARG J 121 29.44 0.91 36.65
N LEU J 122 28.23 0.95 36.11
CA LEU J 122 27.95 1.78 34.95
C LEU J 122 28.06 3.28 35.26
N PHE J 123 28.07 3.68 36.54
CA PHE J 123 27.85 5.08 36.89
C PHE J 123 28.80 6.02 36.14
N VAL J 124 30.10 5.75 36.20
CA VAL J 124 31.06 6.63 35.54
C VAL J 124 30.80 6.66 34.04
N GLY J 125 30.57 5.48 33.45
CA GLY J 125 30.22 5.43 32.05
C GLY J 125 29.06 6.34 31.73
N MET J 126 28.07 6.37 32.64
CA MET J 126 26.98 7.33 32.56
C MET J 126 27.45 8.70 32.10
N ILE J 127 28.28 9.35 32.91
CA ILE J 127 28.53 10.77 32.66
C ILE J 127 29.08 10.95 31.27
N LEU J 128 29.88 9.98 30.80
CA LEU J 128 30.44 10.05 29.45
C LEU J 128 29.35 10.38 28.44
N ILE J 129 28.35 9.49 28.32
CA ILE J 129 27.29 9.73 27.36
C ILE J 129 26.63 11.09 27.62
N LEU J 130 26.31 11.37 28.89
CA LEU J 130 25.66 12.64 29.19
C LEU J 130 26.50 13.80 28.69
N ILE J 131 27.80 13.77 28.96
CA ILE J 131 28.63 14.91 28.58
C ILE J 131 28.56 15.11 27.08
N PHE J 132 28.54 14.01 26.31
CA PHE J 132 28.41 14.13 24.87
C PHE J 132 27.13 14.87 24.51
N ALA J 133 25.99 14.39 25.05
CA ALA J 133 24.75 15.08 24.80
C ALA J 133 24.86 16.54 25.21
N GLU J 134 25.51 16.81 26.35
CA GLU J 134 25.69 18.18 26.79
C GLU J 134 26.38 19.00 25.71
N VAL J 135 27.53 18.52 25.23
CA VAL J 135 28.27 19.31 24.25
C VAL J 135 27.45 19.50 23.00
N LEU J 136 26.52 18.58 22.70
CA LEU J 136 25.68 18.75 21.53
C LEU J 136 24.91 20.06 21.62
N GLY J 137 24.26 20.29 22.76
CA GLY J 137 23.60 21.58 22.96
C GLY J 137 24.60 22.72 22.84
N LEU J 138 25.80 22.54 23.41
CA LEU J 138 26.84 23.55 23.31
C LEU J 138 27.07 23.96 21.87
N TYR J 139 27.05 23.00 20.95
CA TYR J 139 27.25 23.33 19.54
C TYR J 139 26.27 24.42 19.11
N GLY J 140 24.99 24.20 19.36
CA GLY J 140 24.01 25.22 19.02
C GLY J 140 24.40 26.57 19.58
N LEU J 141 24.74 26.60 20.87
CA LEU J 141 25.08 27.87 21.51
C LEU J 141 26.16 28.59 20.72
N ILE J 142 27.25 27.91 20.39
CA ILE J 142 28.35 28.63 19.77
C ILE J 142 27.93 29.13 18.39
N VAL J 143 27.19 28.31 17.65
CA VAL J 143 26.76 28.79 16.33
C VAL J 143 25.82 29.97 16.52
N ALA J 144 24.98 29.93 17.57
CA ALA J 144 24.12 31.06 17.86
C ALA J 144 24.96 32.31 18.10
N LEU J 145 26.07 32.17 18.83
CA LEU J 145 26.95 33.30 19.04
C LEU J 145 27.45 33.84 17.70
N ILE J 146 27.89 32.94 16.82
CA ILE J 146 28.37 33.37 15.51
C ILE J 146 27.24 34.00 14.73
N LEU J 147 26.01 33.58 14.99
CA LEU J 147 24.84 34.12 14.32
C LEU J 147 24.18 35.24 15.10
N SER J 148 24.75 35.63 16.25
CA SER J 148 24.16 36.70 17.06
C SER J 148 24.75 38.06 16.72
N THR J 149 26.06 38.20 16.87
CA THR J 149 26.73 39.47 16.67
C THR J 149 27.06 39.74 15.21
N LYS J 150 26.77 38.80 14.31
CA LYS J 150 27.07 38.98 12.89
C LYS J 150 26.07 39.94 12.24
N ASN K 1 2.72 54.72 8.45
CA ASN K 1 1.99 55.55 9.41
C ASN K 1 0.67 54.88 9.79
N ASN K 2 0.31 54.98 11.08
CA ASN K 2 -0.91 54.41 11.63
C ASN K 2 -1.00 52.93 11.30
N PRO K 3 -0.19 52.08 11.94
CA PRO K 3 -0.22 50.64 11.64
C PRO K 3 -1.56 50.01 11.99
N GLU K 4 -2.29 49.57 10.98
CA GLU K 4 -3.62 49.01 11.17
C GLU K 4 -3.52 47.62 11.81
N TYR K 5 -4.61 47.22 12.48
CA TYR K 5 -4.82 45.87 13.03
C TYR K 5 -3.67 45.43 13.94
N SER K 6 -2.86 46.37 14.43
CA SER K 6 -1.74 46.00 15.29
C SER K 6 -2.21 45.47 16.63
N SER K 7 -3.35 45.96 17.13
CA SER K 7 -3.86 45.49 18.42
C SER K 7 -4.22 44.01 18.38
N PHE K 8 -4.56 43.50 17.20
CA PHE K 8 -4.92 42.09 17.06
C PHE K 8 -3.77 41.18 17.49
N PHE K 9 -2.55 41.51 17.07
CA PHE K 9 -1.41 40.67 17.40
C PHE K 9 -1.14 40.64 18.90
N GLY K 10 -1.19 41.79 19.56
CA GLY K 10 -0.98 41.82 21.00
C GLY K 10 -2.08 41.10 21.76
N VAL K 11 -3.34 41.28 21.33
CA VAL K 11 -4.45 40.60 21.97
C VAL K 11 -4.29 39.09 21.85
N MET K 12 -3.94 38.63 20.65
CA MET K 12 -3.71 37.20 20.45
C MET K 12 -2.52 36.70 21.25
N GLY K 13 -1.49 37.52 21.41
CA GLY K 13 -0.36 37.10 22.24
C GLY K 13 -0.75 36.90 23.69
N ALA K 14 -1.50 37.84 24.26
CA ALA K 14 -1.95 37.69 25.63
C ALA K 14 -2.85 36.47 25.78
N SER K 15 -3.79 36.30 24.85
CA SER K 15 -4.69 35.15 24.91
C SER K 15 -3.92 33.84 24.78
N SER K 16 -2.94 33.80 23.89
CA SER K 16 -2.14 32.60 23.71
C SER K 16 -1.35 32.27 24.96
N ALA K 17 -0.76 33.28 25.59
CA ALA K 17 -0.05 33.05 26.85
C ALA K 17 -0.97 32.42 27.88
N MET K 18 -2.15 33.03 28.07
CA MET K 18 -3.07 32.54 29.09
C MET K 18 -3.50 31.10 28.78
N VAL K 19 -3.90 30.84 27.54
CA VAL K 19 -4.44 29.52 27.21
C VAL K 19 -3.36 28.46 27.31
N PHE K 20 -2.13 28.76 26.87
CA PHE K 20 -1.09 27.75 26.89
C PHE K 20 -0.64 27.45 28.31
N SER K 21 -0.54 28.48 29.16
CA SER K 21 -0.26 28.23 30.56
C SER K 21 -1.37 27.40 31.20
N ALA K 22 -2.63 27.70 30.86
CA ALA K 22 -3.75 26.94 31.39
C ALA K 22 -3.70 25.48 30.95
N MET K 23 -3.39 25.25 29.67
CA MET K 23 -3.25 23.88 29.17
C MET K 23 -2.17 23.13 29.94
N GLY K 24 -1.00 23.74 30.10
CA GLY K 24 0.08 23.08 30.80
C GLY K 24 -0.26 22.77 32.24
N ALA K 25 -0.81 23.75 32.95
CA ALA K 25 -1.18 23.55 34.35
C ALA K 25 -2.26 22.49 34.49
N ALA K 26 -3.25 22.50 33.59
CA ALA K 26 -4.34 21.53 33.66
C ALA K 26 -3.82 20.12 33.44
N TYR K 27 -2.97 19.93 32.43
CA TYR K 27 -2.43 18.59 32.18
C TYR K 27 -1.57 18.13 33.34
N GLY K 28 -0.74 19.04 33.88
CA GLY K 28 0.11 18.67 34.99
C GLY K 28 -0.67 18.26 36.22
N THR K 29 -1.67 19.07 36.58
CA THR K 29 -2.48 18.74 37.76
C THR K 29 -3.34 17.51 37.51
N ALA K 30 -3.73 17.26 36.26
CA ALA K 30 -4.50 16.07 35.94
C ALA K 30 -3.67 14.81 36.17
N LYS K 31 -2.47 14.78 35.61
CA LYS K 31 -1.63 13.60 35.79
C LYS K 31 -1.19 13.45 37.23
N SER K 32 -0.91 14.56 37.92
CA SER K 32 -0.59 14.50 39.34
C SER K 32 -1.76 13.96 40.16
N GLY K 33 -2.99 14.34 39.80
CA GLY K 33 -4.15 13.83 40.50
C GLY K 33 -4.36 12.35 40.28
N THR K 34 -4.14 11.88 39.05
CA THR K 34 -4.22 10.44 38.80
C THR K 34 -3.17 9.70 39.62
N GLY K 35 -1.95 10.24 39.69
CA GLY K 35 -0.94 9.63 40.52
C GLY K 35 -1.29 9.64 41.99
N ILE K 36 -1.91 10.73 42.46
CA ILE K 36 -2.33 10.84 43.86
C ILE K 36 -3.38 9.78 44.17
N ALA K 37 -4.35 9.61 43.28
CA ALA K 37 -5.38 8.60 43.49
C ALA K 37 -4.78 7.20 43.47
N ALA K 38 -3.82 6.96 42.59
CA ALA K 38 -3.16 5.65 42.56
C ALA K 38 -2.39 5.39 43.84
N MET K 39 -1.70 6.40 44.36
CA MET K 39 -0.90 6.23 45.56
C MET K 39 -1.73 6.17 46.83
N SER K 40 -2.93 6.74 46.81
CA SER K 40 -3.80 6.74 47.99
C SER K 40 -4.43 5.39 48.29
N VAL K 41 -4.00 4.32 47.61
CA VAL K 41 -4.60 3.01 47.83
C VAL K 41 -4.35 2.55 49.27
N MET K 42 -3.11 2.68 49.75
CA MET K 42 -2.78 2.17 51.08
C MET K 42 -1.86 3.11 51.86
N ARG K 43 -1.80 4.40 51.51
CA ARG K 43 -1.11 5.41 52.30
C ARG K 43 -2.00 6.63 52.45
N PRO K 44 -3.11 6.51 53.18
CA PRO K 44 -4.02 7.65 53.34
C PRO K 44 -3.39 8.85 54.01
N GLU K 45 -2.46 8.63 54.94
CA GLU K 45 -1.86 9.75 55.67
C GLU K 45 -0.92 10.58 54.82
N LEU K 46 -0.43 10.03 53.71
CA LEU K 46 0.52 10.74 52.85
C LEU K 46 -0.14 11.52 51.72
N ILE K 47 -1.48 11.50 51.65
CA ILE K 47 -2.17 12.23 50.58
C ILE K 47 -1.94 13.73 50.72
N MET K 48 -2.06 14.26 51.94
CA MET K 48 -1.87 15.69 52.14
C MET K 48 -0.45 16.13 51.77
N LYS K 49 0.54 15.34 52.15
CA LYS K 49 1.94 15.74 51.95
C LYS K 49 2.36 15.72 50.48
N SER K 50 1.65 14.97 49.63
CA SER K 50 2.03 14.81 48.24
C SER K 50 1.20 15.67 47.28
N ILE K 51 0.45 16.64 47.80
CA ILE K 51 -0.34 17.52 46.95
C ILE K 51 0.51 18.60 46.29
N ILE K 52 1.74 18.79 46.76
CA ILE K 52 2.61 19.90 46.37
C ILE K 52 2.75 20.05 44.85
N PRO K 53 2.89 18.98 44.06
CA PRO K 53 2.94 19.17 42.60
C PRO K 53 1.72 19.88 42.02
N VAL K 54 0.54 19.69 42.60
CA VAL K 54 -0.63 20.45 42.16
C VAL K 54 -0.42 21.93 42.44
N VAL K 55 0.21 22.25 43.57
CA VAL K 55 0.54 23.65 43.87
C VAL K 55 1.55 24.18 42.86
N MET K 56 2.48 23.32 42.42
CA MET K 56 3.43 23.72 41.39
C MET K 56 2.72 24.06 40.09
N ALA K 57 1.75 23.23 39.70
CA ALA K 57 0.96 23.52 38.50
C ALA K 57 0.16 24.80 38.66
N GLY K 58 -0.38 25.03 39.86
CA GLY K 58 -1.07 26.29 40.11
C GLY K 58 -0.16 27.49 40.00
N ILE K 59 1.10 27.35 40.43
CA ILE K 59 2.06 28.43 40.29
C ILE K 59 2.39 28.66 38.82
N ILE K 60 2.42 27.59 38.02
CA ILE K 60 2.59 27.75 36.58
C ILE K 60 1.43 28.56 35.99
N ALA K 61 0.21 28.22 36.41
CA ALA K 61 -0.96 28.98 35.97
C ALA K 61 -0.86 30.44 36.43
N ILE K 62 -0.29 30.66 37.62
CA ILE K 62 -0.11 32.01 38.12
C ILE K 62 0.89 32.78 37.26
N TYR K 63 1.96 32.10 36.84
CA TYR K 63 2.89 32.69 35.87
C TYR K 63 2.14 33.16 34.64
N GLY K 64 1.33 32.27 34.06
CA GLY K 64 0.57 32.62 32.87
C GLY K 64 -0.36 33.80 33.09
N LEU K 65 -1.08 33.79 34.21
CA LEU K 65 -1.98 34.90 34.52
C LEU K 65 -1.23 36.21 34.66
N VAL K 66 -0.09 36.20 35.35
CA VAL K 66 0.60 37.46 35.63
C VAL K 66 1.17 38.03 34.34
N VAL K 67 1.72 37.19 33.45
CA VAL K 67 2.21 37.74 32.20
C VAL K 67 1.04 38.23 31.35
N ALA K 68 -0.10 37.54 31.40
CA ALA K 68 -1.26 37.99 30.64
C ALA K 68 -1.74 39.37 31.11
N VAL K 69 -1.83 39.58 32.42
CA VAL K 69 -2.32 40.87 32.90
C VAL K 69 -1.26 41.95 32.66
N LEU K 70 0.02 41.59 32.70
CA LEU K 70 1.05 42.57 32.37
C LEU K 70 0.95 43.01 30.92
N ILE K 71 0.68 42.07 30.01
CA ILE K 71 0.45 42.43 28.62
C ILE K 71 -0.79 43.30 28.49
N ALA K 72 -1.84 42.95 29.22
CA ALA K 72 -3.08 43.75 29.16
C ALA K 72 -2.84 45.17 29.63
N ASN K 73 -2.00 45.36 30.65
CA ASN K 73 -1.73 46.69 31.17
C ASN K 73 -1.13 47.59 30.12
N SER K 74 -0.28 47.05 29.25
CA SER K 74 0.41 47.82 28.23
C SER K 74 -0.38 47.94 26.93
N LEU K 75 -1.57 47.35 26.85
CA LEU K 75 -2.36 47.34 25.64
C LEU K 75 -2.96 48.71 25.37
N THR K 76 -3.05 49.06 24.08
CA THR K 76 -3.59 50.33 23.63
C THR K 76 -3.77 50.27 22.13
N ASP K 77 -4.87 50.85 21.64
CA ASP K 77 -5.16 50.79 20.20
C ASP K 77 -4.06 51.45 19.38
N GLY K 78 -3.57 52.60 19.83
CA GLY K 78 -2.56 53.32 19.08
C GLY K 78 -1.15 52.81 19.30
N ILE K 79 -0.94 51.51 19.14
CA ILE K 79 0.39 50.94 19.25
C ILE K 79 1.10 51.05 17.91
N THR K 80 2.42 50.86 17.94
CA THR K 80 3.27 51.08 16.78
C THR K 80 3.57 49.80 16.01
N LEU K 81 2.87 48.70 16.33
CA LEU K 81 3.04 47.41 15.66
C LEU K 81 4.36 46.77 16.06
N TYR K 82 5.19 47.50 16.79
CA TYR K 82 6.43 46.98 17.35
C TYR K 82 6.19 46.38 18.72
N ARG K 83 5.58 47.15 19.62
CA ARG K 83 5.16 46.61 20.90
C ARG K 83 4.15 45.49 20.72
N SER K 84 3.36 45.54 19.65
CA SER K 84 2.41 44.46 19.38
C SER K 84 3.13 43.15 19.10
N PHE K 85 4.17 43.19 18.25
CA PHE K 85 4.94 41.98 17.99
C PHE K 85 5.68 41.53 19.24
N LEU K 86 6.18 42.48 20.04
CA LEU K 86 6.84 42.11 21.28
C LEU K 86 5.89 41.38 22.22
N GLN K 87 4.65 41.87 22.33
CA GLN K 87 3.66 41.20 23.16
C GLN K 87 3.33 39.82 22.60
N LEU K 88 3.19 39.71 21.28
CA LEU K 88 2.99 38.40 20.66
C LEU K 88 4.08 37.42 21.08
N GLY K 89 5.34 37.84 20.93
CA GLY K 89 6.44 36.95 21.25
C GLY K 89 6.51 36.59 22.72
N ALA K 90 6.35 37.57 23.60
CA ALA K 90 6.37 37.30 25.02
C ALA K 90 5.27 36.33 25.41
N GLY K 91 4.06 36.55 24.90
CA GLY K 91 2.95 35.67 25.23
C GLY K 91 3.17 34.26 24.74
N LEU K 92 3.59 34.11 23.48
CA LEU K 92 3.83 32.77 22.94
C LEU K 92 4.93 32.06 23.70
N SER K 93 6.03 32.77 23.99
CA SER K 93 7.15 32.15 24.69
C SER K 93 6.75 31.68 26.07
N VAL K 94 6.12 32.56 26.86
CA VAL K 94 5.76 32.18 28.21
C VAL K 94 4.70 31.09 28.20
N GLY K 95 3.78 31.12 27.23
CA GLY K 95 2.75 30.09 27.17
C GLY K 95 3.32 28.72 26.86
N LEU K 96 4.21 28.65 25.87
CA LEU K 96 4.81 27.35 25.53
C LEU K 96 5.73 26.86 26.64
N SER K 97 6.48 27.77 27.28
CA SER K 97 7.31 27.37 28.40
C SER K 97 6.46 26.82 29.53
N GLY K 98 5.34 27.48 29.83
CA GLY K 98 4.44 26.96 30.84
C GLY K 98 3.85 25.61 30.46
N LEU K 99 3.51 25.43 29.19
CA LEU K 99 2.95 24.16 28.75
C LEU K 99 3.96 23.02 28.91
N ALA K 100 5.20 23.25 28.48
CA ALA K 100 6.22 22.22 28.62
C ALA K 100 6.49 21.93 30.10
N ALA K 101 6.61 22.98 30.91
CA ALA K 101 6.82 22.80 32.33
C ALA K 101 5.66 22.05 32.96
N GLY K 102 4.43 22.30 32.51
CA GLY K 102 3.29 21.58 33.04
C GLY K 102 3.29 20.11 32.67
N PHE K 103 3.61 19.79 31.42
CA PHE K 103 3.69 18.39 31.02
C PHE K 103 4.72 17.66 31.85
N ALA K 104 5.90 18.28 32.00
CA ALA K 104 6.96 17.67 32.79
C ALA K 104 6.57 17.55 34.25
N ILE K 105 5.95 18.59 34.82
CA ILE K 105 5.64 18.61 36.24
C ILE K 105 4.62 17.51 36.54
N GLY K 106 3.63 17.34 35.65
CA GLY K 106 2.64 16.30 35.84
C GLY K 106 3.22 14.90 35.75
N ILE K 107 4.04 14.66 34.72
CA ILE K 107 4.55 13.30 34.54
C ILE K 107 5.50 12.94 35.69
N VAL K 108 6.39 13.86 36.06
CA VAL K 108 7.32 13.57 37.14
C VAL K 108 6.59 13.46 38.47
N GLY K 109 5.51 14.22 38.66
CA GLY K 109 4.74 14.08 39.88
C GLY K 109 4.06 12.73 39.98
N ASP K 110 3.48 12.25 38.87
CA ASP K 110 2.88 10.93 38.86
C ASP K 110 3.91 9.85 39.21
N ALA K 111 5.05 9.88 38.53
CA ALA K 111 6.08 8.88 38.79
C ALA K 111 6.57 8.97 40.22
N GLY K 112 6.79 10.19 40.72
CA GLY K 112 7.30 10.35 42.07
C GLY K 112 6.33 9.90 43.14
N VAL K 113 5.04 10.20 42.98
CA VAL K 113 4.07 9.77 43.98
C VAL K 113 3.92 8.26 43.96
N ARG K 114 3.97 7.65 42.77
CA ARG K 114 3.92 6.19 42.71
C ARG K 114 5.12 5.60 43.44
N GLY K 115 6.31 6.15 43.21
CA GLY K 115 7.48 5.66 43.91
C GLY K 115 7.42 5.86 45.41
N THR K 116 6.92 7.02 45.84
CA THR K 116 6.81 7.31 47.26
C THR K 116 5.84 6.35 47.94
N ALA K 117 4.71 6.05 47.28
CA ALA K 117 3.81 5.03 47.80
C ALA K 117 4.51 3.69 47.88
N GLN K 118 5.30 3.34 46.87
CA GLN K 118 6.07 2.10 46.92
C GLN K 118 7.23 2.20 47.90
N GLN K 119 7.96 3.31 47.87
CA GLN K 119 9.14 3.49 48.71
C GLN K 119 9.05 4.84 49.41
N PRO K 120 8.84 4.87 50.74
CA PRO K 120 8.58 6.15 51.42
C PRO K 120 9.72 7.16 51.31
N ARG K 121 10.97 6.71 51.22
CA ARG K 121 12.11 7.61 51.26
C ARG K 121 12.31 8.39 49.96
N LEU K 122 11.36 8.36 49.03
CA LEU K 122 11.44 9.14 47.81
C LEU K 122 11.10 10.61 48.01
N PHE K 123 10.48 10.96 49.14
CA PHE K 123 9.95 12.30 49.34
C PHE K 123 11.01 13.36 49.11
N VAL K 124 12.20 13.16 49.69
CA VAL K 124 13.28 14.13 49.53
C VAL K 124 13.57 14.36 48.06
N GLY K 125 13.66 13.28 47.29
CA GLY K 125 13.90 13.42 45.87
C GLY K 125 12.88 14.32 45.21
N MET K 126 11.61 14.16 45.59
CA MET K 126 10.56 15.04 45.11
C MET K 126 10.94 16.51 45.28
N ILE K 127 11.27 16.90 46.52
CA ILE K 127 11.42 18.32 46.85
C ILE K 127 12.62 18.87 46.08
N LEU K 128 13.37 17.99 45.41
CA LEU K 128 14.37 18.42 44.45
C LEU K 128 13.81 18.42 43.03
N ILE K 129 13.41 17.24 42.53
CA ILE K 129 13.13 17.09 41.10
C ILE K 129 11.97 17.99 40.68
N LEU K 130 10.89 17.97 41.46
CA LEU K 130 9.75 18.82 41.20
C LEU K 130 10.21 20.26 40.99
N ILE K 131 11.05 20.76 41.90
CA ILE K 131 11.50 22.15 41.84
C ILE K 131 12.13 22.44 40.49
N PHE K 132 12.99 21.53 40.00
CA PHE K 132 13.64 21.76 38.72
C PHE K 132 12.62 22.01 37.63
N ALA K 133 11.61 21.14 37.54
CA ALA K 133 10.58 21.35 36.53
C ALA K 133 9.90 22.69 36.74
N GLU K 134 9.56 23.00 38.00
CA GLU K 134 8.98 24.30 38.31
C GLU K 134 9.91 25.43 37.87
N VAL K 135 11.21 25.28 38.15
CA VAL K 135 12.16 26.31 37.79
C VAL K 135 12.11 26.58 36.30
N LEU K 136 11.85 25.54 35.50
CA LEU K 136 11.74 25.71 34.07
C LEU K 136 10.70 26.77 33.71
N GLY K 137 9.52 26.67 34.32
CA GLY K 137 8.48 27.65 34.05
C GLY K 137 8.95 29.07 34.34
N LEU K 138 9.74 29.22 35.40
CA LEU K 138 10.27 30.53 35.76
C LEU K 138 10.95 31.18 34.56
N TYR K 139 11.79 30.42 33.85
CA TYR K 139 12.51 30.99 32.72
C TYR K 139 11.56 31.70 31.77
N GLY K 140 10.41 31.07 31.49
CA GLY K 140 9.40 31.67 30.64
C GLY K 140 9.14 33.10 31.03
N LEU K 141 8.68 33.30 32.27
CA LEU K 141 8.32 34.65 32.70
C LEU K 141 9.45 35.62 32.42
N ILE K 142 10.69 35.20 32.69
CA ILE K 142 11.82 36.11 32.56
C ILE K 142 11.87 36.68 31.16
N VAL K 143 11.85 35.80 30.15
CA VAL K 143 11.95 36.33 28.79
C VAL K 143 10.74 37.18 28.47
N ALA K 144 9.55 36.73 28.89
CA ALA K 144 8.36 37.54 28.70
C ALA K 144 8.54 38.92 29.33
N LEU K 145 9.09 38.95 30.54
CA LEU K 145 9.38 40.24 31.16
C LEU K 145 10.28 41.08 30.28
N ILE K 146 11.40 40.51 29.84
CA ILE K 146 12.32 41.26 29.02
C ILE K 146 11.76 41.53 27.63
N LEU K 147 10.63 40.92 27.29
CA LEU K 147 9.96 41.18 26.03
C LEU K 147 8.70 42.02 26.20
N SER K 148 8.38 42.43 27.43
CA SER K 148 7.20 43.24 27.67
C SER K 148 7.51 44.72 27.87
N THR K 149 8.57 45.03 28.60
CA THR K 149 8.96 46.42 28.85
C THR K 149 9.88 46.99 27.79
N LYS K 150 10.35 46.17 26.85
CA LYS K 150 11.28 46.63 25.83
C LYS K 150 10.69 46.50 24.44
N ASN L 1 -17.65 55.00 8.84
CA ASN L 1 -16.24 55.06 8.48
C ASN L 1 -15.52 53.77 8.87
N ASN L 2 -15.96 53.17 9.97
CA ASN L 2 -15.37 51.92 10.43
C ASN L 2 -15.63 50.80 9.43
N PRO L 3 -14.72 49.84 9.32
CA PRO L 3 -14.93 48.71 8.41
C PRO L 3 -16.18 47.93 8.78
N GLU L 4 -16.88 47.44 7.76
CA GLU L 4 -18.14 46.74 7.98
C GLU L 4 -17.96 45.31 8.45
N TYR L 5 -16.74 44.77 8.38
CA TYR L 5 -16.48 43.39 8.75
C TYR L 5 -15.97 43.24 10.18
N SER L 6 -15.88 44.33 10.94
CA SER L 6 -15.24 44.28 12.24
C SER L 6 -16.06 43.49 13.25
N SER L 7 -17.39 43.52 13.15
CA SER L 7 -18.23 42.80 14.10
C SER L 7 -18.05 41.28 14.00
N PHE L 8 -17.54 40.80 12.87
CA PHE L 8 -17.36 39.36 12.70
C PHE L 8 -16.37 38.79 13.70
N PHE L 9 -15.29 39.52 13.98
CA PHE L 9 -14.30 39.04 14.94
C PHE L 9 -14.90 38.95 16.36
N GLY L 10 -15.66 39.96 16.78
CA GLY L 10 -16.32 39.88 18.07
C GLY L 10 -17.33 38.75 18.15
N VAL L 11 -18.07 38.54 17.06
CA VAL L 11 -19.01 37.44 17.00
C VAL L 11 -18.29 36.11 17.18
N MET L 12 -17.16 35.94 16.48
CA MET L 12 -16.38 34.72 16.64
C MET L 12 -15.86 34.59 18.06
N GLY L 13 -15.43 35.69 18.68
CA GLY L 13 -14.94 35.62 20.04
C GLY L 13 -16.00 35.13 21.01
N ALA L 14 -17.19 35.71 20.94
CA ALA L 14 -18.27 35.30 21.83
C ALA L 14 -18.66 33.84 21.58
N SER L 15 -18.84 33.47 20.31
CA SER L 15 -19.26 32.11 19.99
C SER L 15 -18.19 31.10 20.41
N SER L 16 -16.92 31.42 20.19
CA SER L 16 -15.84 30.52 20.57
C SER L 16 -15.76 30.36 22.08
N ALA L 17 -15.90 31.46 22.83
CA ALA L 17 -15.95 31.35 24.28
C ALA L 17 -17.05 30.39 24.70
N MET L 18 -18.25 30.58 24.16
CA MET L 18 -19.38 29.76 24.55
C MET L 18 -19.13 28.29 24.21
N VAL L 19 -18.70 28.01 22.98
CA VAL L 19 -18.57 26.61 22.56
C VAL L 19 -17.45 25.92 23.32
N PHE L 20 -16.33 26.61 23.56
CA PHE L 20 -15.23 25.97 24.24
C PHE L 20 -15.56 25.73 25.72
N SER L 21 -16.27 26.66 26.35
CA SER L 21 -16.74 26.41 27.71
C SER L 21 -17.69 25.23 27.75
N ALA L 22 -18.60 25.14 26.77
CA ALA L 22 -19.52 24.03 26.72
C ALA L 22 -18.79 22.70 26.52
N MET L 23 -17.77 22.68 25.66
CA MET L 23 -17.00 21.47 25.43
C MET L 23 -16.27 21.04 26.70
N GLY L 24 -15.64 21.98 27.40
CA GLY L 24 -14.95 21.63 28.63
C GLY L 24 -15.91 21.09 29.68
N ALA L 25 -17.05 21.77 29.85
CA ALA L 25 -18.03 21.31 30.83
C ALA L 25 -18.58 19.94 30.46
N ALA L 26 -18.84 19.70 29.16
CA ALA L 26 -19.36 18.42 28.73
C ALA L 26 -18.37 17.30 29.00
N TYR L 27 -17.10 17.52 28.67
CA TYR L 27 -16.08 16.50 28.92
C TYR L 27 -15.97 16.20 30.40
N GLY L 28 -15.89 17.26 31.23
CA GLY L 28 -15.77 17.05 32.66
C GLY L 28 -16.95 16.30 33.25
N THR L 29 -18.17 16.72 32.87
CA THR L 29 -19.35 16.08 33.43
C THR L 29 -19.50 14.65 32.93
N ALA L 30 -19.12 14.38 31.68
CA ALA L 30 -19.20 13.01 31.17
C ALA L 30 -18.24 12.09 31.91
N LYS L 31 -17.00 12.53 32.09
CA LYS L 31 -16.04 11.68 32.78
C LYS L 31 -16.41 11.49 34.25
N SER L 32 -16.88 12.55 34.90
CA SER L 32 -17.35 12.41 36.28
C SER L 32 -18.54 11.48 36.37
N GLY L 33 -19.44 11.55 35.39
CA GLY L 33 -20.61 10.67 35.40
C GLY L 33 -20.23 9.20 35.25
N THR L 34 -19.33 8.90 34.31
CA THR L 34 -18.93 7.50 34.17
C THR L 34 -18.14 7.03 35.37
N GLY L 35 -17.34 7.90 35.99
CA GLY L 35 -16.68 7.52 37.23
C GLY L 35 -17.65 7.21 38.34
N ILE L 36 -18.67 8.05 38.51
CA ILE L 36 -19.68 7.81 39.54
C ILE L 36 -20.42 6.51 39.26
N ALA L 37 -20.77 6.27 37.99
CA ALA L 37 -21.50 5.05 37.64
C ALA L 37 -20.67 3.80 37.93
N ALA L 38 -19.37 3.83 37.59
CA ALA L 38 -18.54 2.67 37.85
C ALA L 38 -18.26 2.49 39.35
N MET L 39 -18.21 3.59 40.09
CA MET L 39 -17.94 3.51 41.53
C MET L 39 -19.17 3.02 42.30
N SER L 40 -20.37 3.37 41.83
CA SER L 40 -21.59 3.07 42.56
C SER L 40 -21.93 1.59 42.60
N VAL L 41 -21.28 0.76 41.79
CA VAL L 41 -21.61 -0.66 41.76
C VAL L 41 -21.28 -1.34 43.09
N MET L 42 -20.37 -0.78 43.87
CA MET L 42 -19.94 -1.37 45.14
C MET L 42 -20.58 -0.72 46.35
N ARG L 43 -20.76 0.60 46.34
CA ARG L 43 -21.32 1.30 47.49
C ARG L 43 -22.32 2.36 47.06
N PRO L 44 -23.60 2.20 47.37
CA PRO L 44 -24.62 3.17 46.95
C PRO L 44 -24.95 4.26 47.96
N GLU L 45 -24.17 4.39 49.04
CA GLU L 45 -24.51 5.33 50.10
C GLU L 45 -23.89 6.71 49.92
N LEU L 46 -22.88 6.85 49.05
CA LEU L 46 -22.16 8.11 48.89
C LEU L 46 -22.34 8.70 47.49
N ILE L 47 -23.37 8.29 46.76
CA ILE L 47 -23.60 8.80 45.42
C ILE L 47 -23.90 10.28 45.45
N MET L 48 -24.78 10.71 46.36
CA MET L 48 -25.21 12.09 46.40
C MET L 48 -24.09 13.03 46.81
N LYS L 49 -23.13 12.54 47.60
CA LYS L 49 -22.04 13.37 48.08
C LYS L 49 -20.81 13.36 47.16
N SER L 50 -20.89 12.65 46.04
CA SER L 50 -19.74 12.51 45.14
C SER L 50 -19.99 13.17 43.79
N ILE L 51 -20.99 14.03 43.68
CA ILE L 51 -21.32 14.68 42.42
C ILE L 51 -20.65 16.05 42.36
N ILE L 52 -19.75 16.32 43.29
CA ILE L 52 -19.05 17.61 43.37
C ILE L 52 -18.38 17.97 42.04
N PRO L 53 -17.66 17.04 41.38
CA PRO L 53 -17.09 17.40 40.07
C PRO L 53 -18.12 17.85 39.07
N VAL L 54 -19.31 17.25 39.08
CA VAL L 54 -20.37 17.65 38.16
C VAL L 54 -20.81 19.09 38.43
N VAL L 55 -21.01 19.43 39.71
CA VAL L 55 -21.46 20.77 40.07
C VAL L 55 -20.41 21.80 39.69
N MET L 56 -19.14 21.51 39.96
CA MET L 56 -18.13 22.50 39.60
C MET L 56 -17.83 22.54 38.10
N ALA L 57 -18.11 21.47 37.36
CA ALA L 57 -18.13 21.57 35.90
C ALA L 57 -19.25 22.51 35.44
N GLY L 58 -20.41 22.41 36.08
CA GLY L 58 -21.44 23.40 35.84
C GLY L 58 -20.98 24.81 36.17
N ILE L 59 -20.13 24.94 37.20
CA ILE L 59 -19.62 26.26 37.59
C ILE L 59 -18.70 26.82 36.52
N ILE L 60 -17.83 25.98 35.95
CA ILE L 60 -16.97 26.48 34.86
C ILE L 60 -17.81 26.82 33.64
N ALA L 61 -18.89 26.06 33.40
CA ALA L 61 -19.83 26.44 32.35
C ALA L 61 -20.46 27.79 32.64
N ILE L 62 -20.74 28.08 33.91
CA ILE L 62 -21.26 29.38 34.31
C ILE L 62 -20.24 30.47 33.98
N TYR L 63 -18.96 30.22 34.29
CA TYR L 63 -17.91 31.17 33.95
C TYR L 63 -17.95 31.49 32.46
N GLY L 64 -17.95 30.45 31.63
CA GLY L 64 -17.96 30.66 30.19
C GLY L 64 -19.20 31.40 29.72
N LEU L 65 -20.37 31.04 30.24
CA LEU L 65 -21.61 31.69 29.81
C LEU L 65 -21.61 33.16 30.20
N VAL L 66 -21.13 33.48 31.40
CA VAL L 66 -21.17 34.87 31.84
C VAL L 66 -20.19 35.72 31.05
N VAL L 67 -19.01 35.19 30.74
CA VAL L 67 -18.09 35.98 29.93
C VAL L 67 -18.62 36.12 28.51
N ALA L 68 -19.28 35.08 27.99
CA ALA L 68 -19.85 35.16 26.64
C ALA L 68 -20.95 36.20 26.58
N VAL L 69 -21.83 36.24 27.58
CA VAL L 69 -22.92 37.23 27.55
C VAL L 69 -22.38 38.64 27.73
N LEU L 70 -21.35 38.80 28.57
CA LEU L 70 -20.73 40.12 28.71
C LEU L 70 -20.14 40.59 27.39
N ILE L 71 -19.43 39.71 26.69
CA ILE L 71 -18.86 40.07 25.40
C ILE L 71 -19.97 40.38 24.40
N ALA L 72 -21.03 39.57 24.40
CA ALA L 72 -22.13 39.76 23.47
C ALA L 72 -22.79 41.11 23.65
N ASN L 73 -23.06 41.50 24.90
CA ASN L 73 -23.69 42.79 25.15
C ASN L 73 -22.70 43.96 25.02
N SER L 74 -21.40 43.69 25.04
CA SER L 74 -20.42 44.76 24.92
C SER L 74 -20.30 45.30 23.50
N LEU L 75 -20.48 44.44 22.49
CA LEU L 75 -20.26 44.85 21.11
C LEU L 75 -21.41 45.72 20.60
N THR L 76 -21.15 46.38 19.47
CA THR L 76 -22.12 47.23 18.82
C THR L 76 -21.91 47.17 17.31
N ASP L 77 -22.90 47.69 16.57
CA ASP L 77 -22.80 47.69 15.11
C ASP L 77 -21.60 48.51 14.64
N GLY L 78 -21.40 49.69 15.22
CA GLY L 78 -20.31 50.55 14.81
C GLY L 78 -19.05 50.36 15.62
N ILE L 79 -18.61 49.11 15.77
CA ILE L 79 -17.37 48.86 16.50
C ILE L 79 -16.18 49.36 15.70
N THR L 80 -15.06 49.59 16.40
CA THR L 80 -13.92 50.30 15.83
C THR L 80 -12.80 49.37 15.38
N LEU L 81 -13.06 48.05 15.30
CA LEU L 81 -12.09 47.01 14.98
C LEU L 81 -11.05 46.86 16.07
N TYR L 82 -11.05 47.73 17.09
CA TYR L 82 -10.18 47.60 18.25
C TYR L 82 -10.87 46.84 19.37
N ARG L 83 -12.11 47.23 19.70
CA ARG L 83 -12.87 46.49 20.69
C ARG L 83 -13.24 45.10 20.18
N SER L 84 -13.42 44.93 18.87
CA SER L 84 -13.78 43.63 18.33
C SER L 84 -12.65 42.62 18.50
N PHE L 85 -11.41 43.04 18.22
CA PHE L 85 -10.28 42.15 18.43
C PHE L 85 -10.10 41.83 19.91
N LEU L 86 -10.32 42.83 20.77
CA LEU L 86 -10.27 42.59 22.22
C LEU L 86 -11.29 41.55 22.63
N GLN L 87 -12.50 41.66 22.12
CA GLN L 87 -13.55 40.69 22.43
C GLN L 87 -13.18 39.30 21.93
N LEU L 88 -12.65 39.22 20.71
CA LEU L 88 -12.26 37.92 20.16
C LEU L 88 -11.18 37.26 21.02
N GLY L 89 -10.17 38.03 21.39
CA GLY L 89 -9.10 37.48 22.21
C GLY L 89 -9.59 37.04 23.57
N ALA L 90 -10.41 37.88 24.21
CA ALA L 90 -10.93 37.54 25.53
C ALA L 90 -11.78 36.27 25.47
N GLY L 91 -12.66 36.19 24.46
CA GLY L 91 -13.52 35.03 24.35
C GLY L 91 -12.75 33.75 24.07
N LEU L 92 -11.82 33.81 23.13
CA LEU L 92 -11.01 32.62 22.83
C LEU L 92 -10.22 32.19 24.06
N SER L 93 -9.59 33.14 24.75
CA SER L 93 -8.79 32.81 25.91
C SER L 93 -9.63 32.15 26.99
N VAL L 94 -10.76 32.77 27.35
CA VAL L 94 -11.57 32.23 28.44
C VAL L 94 -12.17 30.88 28.05
N GLY L 95 -12.62 30.74 26.81
CA GLY L 95 -13.20 29.48 26.40
C GLY L 95 -12.19 28.34 26.40
N LEU L 96 -10.99 28.59 25.88
CA LEU L 96 -9.99 27.52 25.86
C LEU L 96 -9.48 27.21 27.25
N SER L 97 -9.37 28.21 28.13
CA SER L 97 -9.03 27.93 29.52
C SER L 97 -10.13 27.09 30.17
N GLY L 98 -11.39 27.38 29.86
CA GLY L 98 -12.47 26.55 30.37
C GLY L 98 -12.41 25.12 29.86
N LEU L 99 -12.01 24.96 28.60
CA LEU L 99 -11.83 23.61 28.06
C LEU L 99 -10.73 22.86 28.79
N ALA L 100 -9.60 23.54 29.05
CA ALA L 100 -8.54 22.92 29.83
C ALA L 100 -9.03 22.53 31.22
N ALA L 101 -9.78 23.44 31.87
CA ALA L 101 -10.31 23.14 33.19
C ALA L 101 -11.25 21.95 33.15
N GLY L 102 -12.08 21.86 32.10
CA GLY L 102 -12.99 20.73 31.98
C GLY L 102 -12.27 19.41 31.82
N PHE L 103 -11.26 19.39 30.94
CA PHE L 103 -10.45 18.19 30.77
C PHE L 103 -9.84 17.76 32.09
N ALA L 104 -9.15 18.69 32.77
CA ALA L 104 -8.47 18.36 34.00
C ALA L 104 -9.45 17.92 35.08
N ILE L 105 -10.59 18.60 35.19
CA ILE L 105 -11.56 18.29 36.22
C ILE L 105 -12.17 16.91 35.98
N GLY L 106 -12.44 16.57 34.72
CA GLY L 106 -12.99 15.26 34.43
C GLY L 106 -12.03 14.15 34.80
N ILE L 107 -10.76 14.28 34.41
CA ILE L 107 -9.82 13.20 34.70
C ILE L 107 -9.55 13.10 36.20
N VAL L 108 -9.41 14.24 36.87
CA VAL L 108 -9.12 14.20 38.31
C VAL L 108 -10.34 13.66 39.06
N GLY L 109 -11.55 13.98 38.62
CA GLY L 109 -12.72 13.40 39.25
C GLY L 109 -12.81 11.90 39.04
N ASP L 110 -12.48 11.42 37.84
CA ASP L 110 -12.42 10.00 37.59
C ASP L 110 -11.47 9.31 38.56
N ALA L 111 -10.23 9.83 38.64
CA ALA L 111 -9.24 9.22 39.53
C ALA L 111 -9.68 9.30 40.98
N GLY L 112 -10.26 10.44 41.39
CA GLY L 112 -10.69 10.59 42.76
C GLY L 112 -11.80 9.64 43.15
N VAL L 113 -12.75 9.39 42.24
CA VAL L 113 -13.81 8.44 42.57
C VAL L 113 -13.26 7.02 42.61
N ARG L 114 -12.30 6.69 41.71
CA ARG L 114 -11.62 5.41 41.84
C ARG L 114 -11.03 5.26 43.24
N GLY L 115 -10.31 6.27 43.71
CA GLY L 115 -9.69 6.19 45.02
C GLY L 115 -10.69 6.14 46.16
N THR L 116 -11.76 6.93 46.05
CA THR L 116 -12.73 7.04 47.15
C THR L 116 -13.58 5.78 47.28
N ALA L 117 -13.86 5.10 46.17
CA ALA L 117 -14.68 3.89 46.23
C ALA L 117 -14.10 2.87 47.20
N GLN L 118 -12.78 2.72 47.21
CA GLN L 118 -12.15 1.76 48.10
C GLN L 118 -11.72 2.35 49.43
N GLN L 119 -11.61 3.68 49.53
CA GLN L 119 -11.19 4.31 50.77
C GLN L 119 -11.72 5.74 50.85
N PRO L 120 -12.61 6.03 51.80
CA PRO L 120 -13.21 7.37 51.86
C PRO L 120 -12.26 8.46 52.34
N ARG L 121 -11.13 8.09 52.94
CA ARG L 121 -10.25 9.09 53.54
C ARG L 121 -9.68 10.06 52.52
N LEU L 122 -9.69 9.70 51.23
CA LEU L 122 -9.19 10.59 50.19
C LEU L 122 -10.21 11.64 49.79
N PHE L 123 -11.48 11.47 50.18
CA PHE L 123 -12.54 12.38 49.73
C PHE L 123 -12.23 13.83 50.08
N VAL L 124 -11.72 14.08 51.28
CA VAL L 124 -11.38 15.44 51.67
C VAL L 124 -10.31 16.01 50.73
N GLY L 125 -9.31 15.20 50.40
CA GLY L 125 -8.34 15.63 49.41
C GLY L 125 -8.98 15.98 48.08
N MET L 126 -10.04 15.23 47.72
CA MET L 126 -10.91 15.62 46.63
C MET L 126 -11.21 17.11 46.68
N ILE L 127 -11.87 17.54 47.75
CA ILE L 127 -12.35 18.91 47.86
C ILE L 127 -11.20 19.90 47.72
N LEU L 128 -9.96 19.43 47.86
CA LEU L 128 -8.82 20.29 47.61
C LEU L 128 -8.48 20.34 46.12
N ILE L 129 -8.15 19.19 45.53
CA ILE L 129 -7.36 19.20 44.30
C ILE L 129 -8.13 19.79 43.14
N LEU L 130 -9.36 19.31 42.90
CA LEU L 130 -10.13 19.86 41.78
C LEU L 130 -10.37 21.35 41.96
N ILE L 131 -10.38 21.84 43.21
CA ILE L 131 -10.52 23.27 43.42
C ILE L 131 -9.45 24.01 42.64
N PHE L 132 -8.20 23.57 42.80
CA PHE L 132 -7.11 24.09 41.96
C PHE L 132 -7.52 24.07 40.49
N ALA L 133 -7.86 22.88 39.99
CA ALA L 133 -8.27 22.76 38.59
C ALA L 133 -9.38 23.76 38.29
N GLU L 134 -10.38 23.83 39.16
CA GLU L 134 -11.47 24.76 38.92
C GLU L 134 -10.97 26.20 38.91
N VAL L 135 -10.21 26.59 39.94
CA VAL L 135 -9.73 27.97 39.95
C VAL L 135 -8.80 28.20 38.78
N LEU L 136 -8.25 27.14 38.20
CA LEU L 136 -7.50 27.27 36.95
C LEU L 136 -8.33 28.03 35.93
N GLY L 137 -9.51 27.51 35.59
CA GLY L 137 -10.38 28.22 34.66
C GLY L 137 -10.65 29.63 35.13
N LEU L 138 -10.77 29.81 36.45
CA LEU L 138 -11.03 31.12 37.02
C LEU L 138 -10.03 32.15 36.50
N TYR L 139 -8.73 31.83 36.52
CA TYR L 139 -7.76 32.80 36.01
C TYR L 139 -8.14 33.26 34.62
N GLY L 140 -8.38 32.32 33.71
CA GLY L 140 -8.71 32.71 32.35
C GLY L 140 -9.87 33.68 32.33
N LEU L 141 -10.91 33.39 33.12
CA LEU L 141 -12.09 34.23 33.15
C LEU L 141 -11.72 35.68 33.44
N ILE L 142 -10.95 35.90 34.52
CA ILE L 142 -10.68 37.27 34.90
C ILE L 142 -9.83 37.96 33.83
N VAL L 143 -8.97 37.21 33.15
CA VAL L 143 -8.23 37.80 32.04
C VAL L 143 -9.20 38.36 31.03
N ALA L 144 -10.18 37.55 30.62
CA ALA L 144 -11.21 38.04 29.71
C ALA L 144 -11.88 39.28 30.26
N LEU L 145 -12.17 39.29 31.56
CA LEU L 145 -12.75 40.48 32.16
C LEU L 145 -11.81 41.67 31.99
N ILE L 146 -10.55 41.51 32.40
CA ILE L 146 -9.59 42.60 32.26
C ILE L 146 -9.31 42.91 30.80
N LEU L 147 -9.77 42.06 29.90
CA LEU L 147 -9.60 42.30 28.47
C LEU L 147 -10.82 42.97 27.87
N SER L 148 -12.00 42.81 28.48
CA SER L 148 -13.20 43.41 27.93
C SER L 148 -13.30 44.90 28.21
N THR L 149 -12.82 45.34 29.38
CA THR L 149 -12.92 46.74 29.73
C THR L 149 -11.93 47.60 28.94
N LYS L 150 -10.80 47.02 28.55
CA LYS L 150 -9.77 47.77 27.84
C LYS L 150 -9.64 47.31 26.40
N ASN M 1 -27.07 49.54 1.06
CA ASN M 1 -25.81 49.12 0.44
C ASN M 1 -25.70 47.60 0.42
N ASN M 2 -25.96 46.97 1.56
CA ASN M 2 -25.86 45.52 1.73
C ASN M 2 -24.49 45.03 1.27
N PRO M 3 -23.43 45.28 2.05
CA PRO M 3 -22.09 44.86 1.63
C PRO M 3 -22.03 43.34 1.45
N GLU M 4 -21.24 42.92 0.46
CA GLU M 4 -21.12 41.51 0.10
C GLU M 4 -22.52 40.91 -0.06
N TYR M 5 -22.80 39.82 0.64
CA TYR M 5 -24.14 39.23 0.65
C TYR M 5 -24.31 38.51 1.98
N SER M 6 -25.10 39.14 2.87
CA SER M 6 -25.31 38.63 4.22
C SER M 6 -26.16 37.37 4.25
N SER M 7 -26.94 37.12 3.20
CA SER M 7 -27.83 35.97 3.18
C SER M 7 -27.06 34.67 3.32
N PHE M 8 -25.85 34.61 2.74
CA PHE M 8 -25.02 33.42 2.86
C PHE M 8 -24.72 33.10 4.33
N PHE M 9 -24.26 34.11 5.07
CA PHE M 9 -23.94 33.90 6.47
C PHE M 9 -25.19 33.54 7.27
N GLY M 10 -26.31 34.18 6.96
CA GLY M 10 -27.55 33.85 7.66
C GLY M 10 -27.95 32.40 7.47
N VAL M 11 -27.96 31.93 6.22
CA VAL M 11 -28.41 30.57 5.98
C VAL M 11 -27.40 29.57 6.53
N MET M 12 -26.11 29.87 6.42
CA MET M 12 -25.10 28.96 6.96
C MET M 12 -25.22 28.87 8.48
N GLY M 13 -25.49 29.99 9.15
CA GLY M 13 -25.70 29.95 10.59
C GLY M 13 -26.91 29.13 10.97
N ALA M 14 -28.03 29.33 10.27
CA ALA M 14 -29.22 28.53 10.57
C ALA M 14 -28.96 27.05 10.35
N SER M 15 -28.31 26.70 9.23
CA SER M 15 -28.03 25.31 8.93
C SER M 15 -27.11 24.69 9.97
N SER M 16 -26.07 25.43 10.39
CA SER M 16 -25.17 24.91 11.42
C SER M 16 -25.90 24.71 12.73
N ALA M 17 -26.75 25.67 13.11
CA ALA M 17 -27.53 25.53 14.34
C ALA M 17 -28.38 24.27 14.31
N MET M 18 -28.98 23.98 13.16
CA MET M 18 -29.79 22.76 13.06
C MET M 18 -28.91 21.51 13.12
N VAL M 19 -27.85 21.47 12.31
CA VAL M 19 -27.13 20.21 12.11
C VAL M 19 -26.35 19.82 13.35
N PHE M 20 -25.68 20.77 14.00
CA PHE M 20 -24.84 20.40 15.15
C PHE M 20 -25.69 19.90 16.31
N SER M 21 -26.81 20.57 16.58
CA SER M 21 -27.72 20.09 17.60
C SER M 21 -28.30 18.72 17.22
N ALA M 22 -28.65 18.54 15.95
CA ALA M 22 -29.18 17.25 15.53
C ALA M 22 -28.15 16.14 15.72
N MET M 23 -26.89 16.42 15.39
CA MET M 23 -25.84 15.42 15.53
C MET M 23 -25.59 15.07 17.00
N GLY M 24 -25.55 16.09 17.86
CA GLY M 24 -25.38 15.81 19.28
C GLY M 24 -26.52 14.99 19.85
N ALA M 25 -27.76 15.35 19.49
CA ALA M 25 -28.92 14.58 19.94
C ALA M 25 -28.88 13.16 19.41
N ALA M 26 -28.44 12.98 18.16
CA ALA M 26 -28.35 11.65 17.59
C ALA M 26 -27.32 10.80 18.33
N TYR M 27 -26.17 11.38 18.66
CA TYR M 27 -25.16 10.64 19.40
C TYR M 27 -25.67 10.25 20.79
N GLY M 28 -26.34 11.19 21.46
CA GLY M 28 -26.92 10.87 22.77
C GLY M 28 -27.95 9.78 22.67
N THR M 29 -28.81 9.84 21.65
CA THR M 29 -29.81 8.79 21.46
C THR M 29 -29.17 7.44 21.18
N ALA M 30 -28.08 7.45 20.40
CA ALA M 30 -27.38 6.21 20.11
C ALA M 30 -26.81 5.58 21.38
N LYS M 31 -26.15 6.39 22.22
CA LYS M 31 -25.57 5.86 23.45
C LYS M 31 -26.67 5.36 24.39
N SER M 32 -27.75 6.12 24.54
CA SER M 32 -28.84 5.68 25.40
C SER M 32 -29.47 4.40 24.87
N GLY M 33 -29.61 4.29 23.54
CA GLY M 33 -30.21 3.10 22.96
C GLY M 33 -29.36 1.85 23.16
N THR M 34 -28.05 1.96 22.93
CA THR M 34 -27.21 0.79 23.16
C THR M 34 -27.18 0.41 24.64
N GLY M 35 -27.18 1.42 25.53
CA GLY M 35 -27.24 1.11 26.95
C GLY M 35 -28.51 0.39 27.34
N ILE M 36 -29.67 0.88 26.87
CA ILE M 36 -30.93 0.27 27.26
C ILE M 36 -31.06 -1.11 26.64
N ALA M 37 -30.58 -1.29 25.41
CA ALA M 37 -30.60 -2.62 24.80
C ALA M 37 -29.75 -3.59 25.58
N ALA M 38 -28.58 -3.15 26.03
CA ALA M 38 -27.73 -4.04 26.84
C ALA M 38 -28.39 -4.38 28.17
N MET M 39 -29.02 -3.40 28.83
CA MET M 39 -29.60 -3.65 30.14
C MET M 39 -30.91 -4.43 30.09
N SER M 40 -31.60 -4.43 28.95
CA SER M 40 -32.90 -5.08 28.87
C SER M 40 -32.81 -6.58 29.14
N VAL M 41 -31.65 -7.20 28.87
CA VAL M 41 -31.54 -8.64 29.02
C VAL M 41 -31.67 -9.09 30.48
N MET M 42 -31.37 -8.20 31.44
CA MET M 42 -31.39 -8.55 32.85
C MET M 42 -32.61 -8.02 33.58
N ARG M 43 -32.93 -6.74 33.41
CA ARG M 43 -34.03 -6.09 34.12
C ARG M 43 -34.96 -5.44 33.10
N PRO M 44 -35.79 -6.24 32.43
CA PRO M 44 -36.71 -5.66 31.43
C PRO M 44 -37.74 -4.72 32.04
N GLU M 45 -38.03 -4.84 33.34
CA GLU M 45 -39.02 -3.98 33.98
C GLU M 45 -38.57 -2.54 34.10
N LEU M 46 -37.28 -2.25 33.94
CA LEU M 46 -36.76 -0.90 34.09
C LEU M 46 -36.56 -0.20 32.75
N ILE M 47 -37.05 -0.78 31.66
CA ILE M 47 -36.87 -0.18 30.34
C ILE M 47 -37.57 1.17 30.25
N MET M 48 -38.81 1.24 30.77
CA MET M 48 -39.58 2.47 30.65
C MET M 48 -38.92 3.62 31.38
N LYS M 49 -38.33 3.36 32.56
CA LYS M 49 -37.67 4.40 33.33
C LYS M 49 -36.31 4.78 32.78
N SER M 50 -35.78 4.03 31.81
CA SER M 50 -34.46 4.27 31.25
C SER M 50 -34.48 5.09 29.97
N ILE M 51 -35.64 5.57 29.53
CA ILE M 51 -35.75 6.28 28.27
C ILE M 51 -35.53 7.78 28.47
N ILE M 52 -35.19 8.17 29.70
CA ILE M 52 -34.99 9.59 30.00
C ILE M 52 -33.92 10.22 29.13
N PRO M 53 -32.73 9.62 28.95
CA PRO M 53 -31.74 10.24 28.05
C PRO M 53 -32.24 10.42 26.63
N VAL M 54 -33.05 9.49 26.12
CA VAL M 54 -33.60 9.65 24.78
C VAL M 54 -34.52 10.87 24.73
N VAL M 55 -35.37 11.04 25.76
CA VAL M 55 -36.27 12.18 25.79
C VAL M 55 -35.49 13.48 25.89
N MET M 56 -34.41 13.49 26.66
CA MET M 56 -33.62 14.71 26.78
C MET M 56 -32.87 15.02 25.50
N ALA M 57 -32.42 14.00 24.77
CA ALA M 57 -31.86 14.24 23.43
C ALA M 57 -32.91 14.83 22.50
N GLY M 58 -34.15 14.32 22.58
CA GLY M 58 -35.23 14.92 21.82
C GLY M 58 -35.46 16.37 22.20
N ILE M 59 -35.30 16.68 23.49
CA ILE M 59 -35.43 18.06 23.95
C ILE M 59 -34.32 18.93 23.37
N ILE M 60 -33.10 18.38 23.30
CA ILE M 60 -31.99 19.11 22.67
C ILE M 60 -32.32 19.39 21.20
N ALA M 61 -32.85 18.39 20.50
CA ALA M 61 -33.26 18.59 19.11
C ALA M 61 -34.36 19.64 19.02
N ILE M 62 -35.28 19.65 19.98
CA ILE M 62 -36.35 20.65 20.01
C ILE M 62 -35.76 22.05 20.17
N TYR M 63 -34.78 22.19 21.06
CA TYR M 63 -34.10 23.47 21.23
C TYR M 63 -33.42 23.91 19.93
N GLY M 64 -32.76 22.96 19.26
CA GLY M 64 -32.14 23.28 17.98
C GLY M 64 -33.14 23.74 16.94
N LEU M 65 -34.28 23.05 16.84
CA LEU M 65 -35.30 23.44 15.88
C LEU M 65 -35.88 24.82 16.23
N VAL M 66 -36.10 25.08 17.52
CA VAL M 66 -36.68 26.35 17.93
C VAL M 66 -35.73 27.50 17.59
N VAL M 67 -34.45 27.33 17.93
CA VAL M 67 -33.49 28.39 17.63
C VAL M 67 -33.32 28.54 16.12
N ALA M 68 -33.38 27.44 15.37
CA ALA M 68 -33.23 27.54 13.92
C ALA M 68 -34.39 28.30 13.29
N VAL M 69 -35.62 27.98 13.70
CA VAL M 69 -36.77 28.67 13.11
C VAL M 69 -36.80 30.13 13.54
N LEU M 70 -36.41 30.41 14.79
CA LEU M 70 -36.32 31.80 15.24
C LEU M 70 -35.27 32.57 14.46
N ILE M 71 -34.12 31.95 14.19
CA ILE M 71 -33.02 32.68 13.60
C ILE M 71 -33.22 32.81 12.09
N ALA M 72 -33.98 31.90 11.48
CA ALA M 72 -34.27 31.99 10.05
C ALA M 72 -35.53 32.79 9.76
N ASN M 73 -36.40 33.00 10.75
CA ASN M 73 -37.57 33.84 10.53
C ASN M 73 -37.17 35.29 10.25
N SER M 74 -36.14 35.78 10.94
CA SER M 74 -35.67 37.14 10.75
C SER M 74 -34.88 37.33 9.46
N LEU M 75 -34.55 36.25 8.75
CA LEU M 75 -33.73 36.36 7.55
C LEU M 75 -34.49 37.12 6.45
N THR M 76 -33.79 38.06 5.82
CA THR M 76 -34.35 38.86 4.74
C THR M 76 -33.22 39.25 3.81
N ASP M 77 -33.58 39.56 2.56
CA ASP M 77 -32.57 39.97 1.58
C ASP M 77 -31.88 41.26 2.00
N GLY M 78 -32.63 42.24 2.47
CA GLY M 78 -32.05 43.50 2.87
C GLY M 78 -31.50 43.49 4.30
N ILE M 79 -30.37 42.80 4.50
CA ILE M 79 -29.72 42.71 5.80
C ILE M 79 -28.37 43.39 5.69
N THR M 80 -28.07 44.26 6.66
CA THR M 80 -26.87 45.10 6.68
C THR M 80 -25.59 44.33 7.01
N LEU M 81 -25.61 43.00 7.00
CA LEU M 81 -24.43 42.15 7.18
C LEU M 81 -23.95 42.15 8.63
N TYR M 82 -24.51 43.01 9.47
CA TYR M 82 -24.22 42.97 10.90
C TYR M 82 -25.15 41.98 11.60
N ARG M 83 -26.46 42.13 11.34
CA ARG M 83 -27.42 41.15 11.81
C ARG M 83 -27.08 39.77 11.28
N SER M 84 -26.43 39.69 10.12
CA SER M 84 -26.02 38.38 9.59
C SER M 84 -24.91 37.77 10.44
N PHE M 85 -23.95 38.57 10.89
CA PHE M 85 -22.92 38.01 11.76
C PHE M 85 -23.51 37.59 13.09
N LEU M 86 -24.47 38.38 13.61
CA LEU M 86 -25.18 37.94 14.80
C LEU M 86 -25.91 36.62 14.55
N GLN M 87 -26.53 36.51 13.37
CA GLN M 87 -27.21 35.28 12.95
C GLN M 87 -26.26 34.09 13.03
N LEU M 88 -25.10 34.21 12.38
CA LEU M 88 -24.15 33.11 12.31
C LEU M 88 -23.60 32.77 13.70
N GLY M 89 -23.28 33.79 14.49
CA GLY M 89 -22.76 33.53 15.82
C GLY M 89 -23.76 32.81 16.70
N ALA M 90 -25.01 33.28 16.70
CA ALA M 90 -26.04 32.63 17.49
C ALA M 90 -26.23 31.19 17.05
N GLY M 91 -26.33 30.97 15.73
CA GLY M 91 -26.55 29.62 15.24
C GLY M 91 -25.42 28.68 15.59
N LEU M 92 -24.18 29.11 15.36
CA LEU M 92 -23.03 28.27 15.65
C LEU M 92 -22.95 27.97 17.14
N SER M 93 -23.16 29.00 17.98
CA SER M 93 -23.07 28.79 19.42
C SER M 93 -24.10 27.79 19.90
N VAL M 94 -25.37 27.98 19.50
CA VAL M 94 -26.41 27.08 20.00
C VAL M 94 -26.19 25.67 19.48
N GLY M 95 -25.84 25.53 18.19
CA GLY M 95 -25.65 24.19 17.64
C GLY M 95 -24.51 23.46 18.30
N LEU M 96 -23.37 24.13 18.48
CA LEU M 96 -22.22 23.46 19.06
C LEU M 96 -22.40 23.19 20.55
N SER M 97 -23.07 24.09 21.27
CA SER M 97 -23.41 23.81 22.66
C SER M 97 -24.34 22.61 22.77
N GLY M 98 -25.31 22.53 21.86
CA GLY M 98 -26.18 21.36 21.84
C GLY M 98 -25.42 20.08 21.54
N LEU M 99 -24.44 20.15 20.63
CA LEU M 99 -23.62 18.98 20.34
C LEU M 99 -22.82 18.55 21.57
N ALA M 100 -22.24 19.52 22.29
CA ALA M 100 -21.50 19.20 23.50
C ALA M 100 -22.42 18.57 24.55
N ALA M 101 -23.61 19.14 24.72
CA ALA M 101 -24.55 18.59 25.68
C ALA M 101 -24.97 17.17 25.30
N GLY M 102 -25.18 16.93 24.00
CA GLY M 102 -25.52 15.58 23.55
C GLY M 102 -24.42 14.59 23.79
N PHE M 103 -23.17 15.00 23.52
CA PHE M 103 -22.01 14.16 23.81
C PHE M 103 -21.98 13.78 25.29
N ALA M 104 -22.11 14.78 26.15
CA ALA M 104 -22.05 14.53 27.59
C ALA M 104 -23.19 13.63 28.06
N ILE M 105 -24.42 13.91 27.61
CA ILE M 105 -25.54 13.10 28.07
C ILE M 105 -25.44 11.69 27.50
N GLY M 106 -24.87 11.54 26.31
CA GLY M 106 -24.68 10.20 25.78
C GLY M 106 -23.80 9.35 26.66
N ILE M 107 -22.61 9.87 27.01
CA ILE M 107 -21.74 9.09 27.90
C ILE M 107 -22.39 8.90 29.26
N VAL M 108 -22.99 9.95 29.81
CA VAL M 108 -23.56 9.85 31.15
C VAL M 108 -24.68 8.83 31.19
N GLY M 109 -25.57 8.86 30.21
CA GLY M 109 -26.66 7.89 30.16
C GLY M 109 -26.18 6.48 29.95
N ASP M 110 -25.19 6.29 29.07
CA ASP M 110 -24.64 4.96 28.88
C ASP M 110 -24.11 4.40 30.20
N ALA M 111 -23.26 5.17 30.87
CA ALA M 111 -22.66 4.69 32.11
C ALA M 111 -23.70 4.48 33.20
N GLY M 112 -24.67 5.39 33.29
CA GLY M 112 -25.70 5.25 34.31
C GLY M 112 -26.60 4.06 34.07
N VAL M 113 -26.89 3.76 32.81
CA VAL M 113 -27.68 2.58 32.50
C VAL M 113 -26.88 1.32 32.82
N ARG M 114 -25.56 1.35 32.57
CA ARG M 114 -24.71 0.26 33.04
C ARG M 114 -24.86 0.08 34.56
N GLY M 115 -24.78 1.19 35.30
CA GLY M 115 -24.80 1.09 36.75
C GLY M 115 -26.14 0.65 37.32
N THR M 116 -27.24 1.16 36.75
CA THR M 116 -28.57 0.89 37.29
C THR M 116 -29.02 -0.55 37.10
N ALA M 117 -28.31 -1.33 36.28
CA ALA M 117 -28.69 -2.72 36.10
C ALA M 117 -28.57 -3.51 37.38
N GLN M 118 -27.68 -3.10 38.28
CA GLN M 118 -27.50 -3.74 39.57
C GLN M 118 -28.01 -2.93 40.74
N GLN M 119 -27.86 -1.61 40.70
CA GLN M 119 -28.26 -0.74 41.80
C GLN M 119 -29.36 0.22 41.33
N PRO M 120 -30.63 -0.07 41.62
CA PRO M 120 -31.70 0.86 41.22
C PRO M 120 -31.58 2.23 41.84
N ARG M 121 -30.94 2.35 43.01
CA ARG M 121 -30.81 3.64 43.68
C ARG M 121 -30.07 4.66 42.82
N LEU M 122 -29.27 4.19 41.86
CA LEU M 122 -28.57 5.11 40.96
C LEU M 122 -29.52 5.89 40.05
N PHE M 123 -30.75 5.41 39.86
CA PHE M 123 -31.64 6.03 38.88
C PHE M 123 -31.87 7.51 39.20
N VAL M 124 -32.27 7.80 40.44
CA VAL M 124 -32.48 9.20 40.83
C VAL M 124 -31.19 9.99 40.69
N GLY M 125 -30.05 9.35 40.93
CA GLY M 125 -28.78 10.03 40.74
C GLY M 125 -28.62 10.59 39.35
N MET M 126 -29.07 9.85 38.34
CA MET M 126 -29.04 10.36 36.98
C MET M 126 -29.69 11.73 36.90
N ILE M 127 -30.88 11.86 37.51
CA ILE M 127 -31.65 13.09 37.43
C ILE M 127 -30.84 14.29 37.91
N LEU M 128 -29.82 14.08 38.72
CA LEU M 128 -28.92 15.18 39.02
C LEU M 128 -27.94 15.38 37.87
N ILE M 129 -27.05 14.41 37.64
CA ILE M 129 -25.96 14.63 36.70
C ILE M 129 -26.52 14.93 35.31
N LEU M 130 -27.44 14.08 34.85
CA LEU M 130 -28.01 14.24 33.53
C LEU M 130 -28.58 15.65 33.33
N ILE M 131 -29.21 16.21 34.36
CA ILE M 131 -29.90 17.49 34.14
C ILE M 131 -28.90 18.54 33.68
N PHE M 132 -27.71 18.56 34.28
CA PHE M 132 -26.74 19.60 33.94
C PHE M 132 -26.46 19.60 32.45
N ALA M 133 -26.46 18.41 31.84
CA ALA M 133 -26.26 18.30 30.40
C ALA M 133 -27.14 19.29 29.64
N GLU M 134 -28.46 19.14 29.76
CA GLU M 134 -29.30 20.05 28.99
C GLU M 134 -29.26 21.47 29.52
N VAL M 135 -28.89 21.68 30.79
CA VAL M 135 -28.63 23.04 31.24
C VAL M 135 -27.57 23.68 30.36
N LEU M 136 -26.49 22.94 30.10
CA LEU M 136 -25.49 23.41 29.15
C LEU M 136 -26.15 23.77 27.82
N GLY M 137 -26.97 22.85 27.29
CA GLY M 137 -27.69 23.16 26.07
C GLY M 137 -28.54 24.40 26.21
N LEU M 138 -29.30 24.48 27.31
CA LEU M 138 -30.11 25.67 27.56
C LEU M 138 -29.25 26.91 27.57
N TYR M 139 -28.04 26.80 28.13
CA TYR M 139 -27.14 27.94 28.16
C TYR M 139 -26.88 28.44 26.75
N GLY M 140 -26.55 27.54 25.83
CA GLY M 140 -26.38 27.94 24.45
C GLY M 140 -27.61 28.66 23.92
N LEU M 141 -28.79 28.11 24.23
CA LEU M 141 -30.02 28.73 23.77
C LEU M 141 -30.04 30.21 24.14
N ILE M 142 -29.73 30.53 25.40
CA ILE M 142 -29.86 31.92 25.82
C ILE M 142 -28.85 32.79 25.08
N VAL M 143 -27.62 32.30 24.89
CA VAL M 143 -26.64 33.13 24.21
C VAL M 143 -26.97 33.25 22.74
N ALA M 144 -27.79 32.34 22.21
CA ALA M 144 -28.33 32.56 20.88
C ALA M 144 -29.41 33.63 20.91
N LEU M 145 -30.31 33.58 21.90
CA LEU M 145 -31.45 34.49 21.92
C LEU M 145 -31.00 35.94 21.99
N ILE M 146 -30.12 36.26 22.93
CA ILE M 146 -29.58 37.61 23.02
C ILE M 146 -28.87 37.98 21.73
N LEU M 147 -28.20 37.02 21.10
CA LEU M 147 -27.58 37.29 19.81
C LEU M 147 -28.61 37.44 18.71
N SER M 148 -29.72 36.71 18.79
CA SER M 148 -30.71 36.74 17.72
C SER M 148 -31.41 38.10 17.65
N THR M 149 -31.69 38.70 18.81
CA THR M 149 -32.42 39.97 18.88
C THR M 149 -31.56 41.09 19.46
N LYS M 150 -30.26 41.05 19.22
CA LYS M 150 -29.37 42.10 19.71
C LYS M 150 -29.58 43.40 18.95
N ASN N 1 -27.67 42.89 -14.09
CA ASN N 1 -28.31 43.15 -12.81
C ASN N 1 -28.17 41.95 -11.88
N ASN N 2 -28.40 40.76 -12.44
CA ASN N 2 -28.33 39.51 -11.68
C ASN N 2 -27.10 38.72 -12.10
N PRO N 3 -26.10 38.55 -11.24
CA PRO N 3 -24.92 37.78 -11.62
C PRO N 3 -25.24 36.31 -11.84
N GLU N 4 -24.48 35.69 -12.72
CA GLU N 4 -24.64 34.27 -13.00
C GLU N 4 -23.92 33.47 -11.91
N TYR N 5 -23.73 32.18 -12.15
CA TYR N 5 -23.21 31.21 -11.19
C TYR N 5 -24.00 31.24 -9.89
N SER N 6 -25.18 31.86 -9.92
CA SER N 6 -26.05 31.88 -8.75
C SER N 6 -26.78 30.55 -8.57
N SER N 7 -27.13 29.90 -9.68
CA SER N 7 -27.75 28.58 -9.60
C SER N 7 -26.80 27.52 -9.08
N PHE N 8 -25.49 27.81 -9.08
CA PHE N 8 -24.48 26.89 -8.57
C PHE N 8 -24.78 26.48 -7.13
N PHE N 9 -24.99 27.47 -6.26
CA PHE N 9 -25.26 27.20 -4.86
C PHE N 9 -26.57 26.42 -4.70
N GLY N 10 -27.59 26.78 -5.46
CA GLY N 10 -28.87 26.09 -5.34
C GLY N 10 -28.79 24.64 -5.76
N VAL N 11 -28.14 24.37 -6.90
CA VAL N 11 -28.09 23.00 -7.40
C VAL N 11 -27.25 22.14 -6.47
N MET N 12 -26.12 22.65 -5.98
CA MET N 12 -25.36 21.84 -5.04
C MET N 12 -26.04 21.74 -3.68
N GLY N 13 -26.86 22.71 -3.31
CA GLY N 13 -27.64 22.54 -2.09
C GLY N 13 -28.64 21.41 -2.19
N ALA N 14 -29.38 21.36 -3.30
CA ALA N 14 -30.31 20.26 -3.50
C ALA N 14 -29.58 18.92 -3.60
N SER N 15 -28.46 18.89 -4.34
CA SER N 15 -27.70 17.66 -4.48
C SER N 15 -27.15 17.20 -3.14
N SER N 16 -26.64 18.12 -2.32
CA SER N 16 -26.12 17.75 -1.01
C SER N 16 -27.23 17.25 -0.10
N ALA N 17 -28.40 17.88 -0.15
CA ALA N 17 -29.53 17.39 0.62
C ALA N 17 -29.83 15.95 0.27
N MET N 18 -30.02 15.67 -1.03
CA MET N 18 -30.36 14.31 -1.44
C MET N 18 -29.24 13.34 -1.09
N VAL N 19 -28.00 13.75 -1.31
CA VAL N 19 -26.84 12.87 -1.10
C VAL N 19 -26.72 12.49 0.37
N PHE N 20 -26.83 13.48 1.26
CA PHE N 20 -26.63 13.20 2.67
C PHE N 20 -27.82 12.46 3.29
N SER N 21 -29.04 12.76 2.84
CA SER N 21 -30.16 11.91 3.23
C SER N 21 -29.93 10.48 2.76
N ALA N 22 -29.36 10.32 1.56
CA ALA N 22 -29.05 8.99 1.06
C ALA N 22 -28.02 8.29 1.92
N MET N 23 -26.97 9.01 2.33
CA MET N 23 -25.95 8.40 3.18
C MET N 23 -26.53 7.98 4.52
N GLY N 24 -27.37 8.82 5.12
CA GLY N 24 -28.00 8.45 6.37
C GLY N 24 -28.90 7.23 6.23
N ALA N 25 -29.73 7.22 5.19
CA ALA N 25 -30.62 6.09 4.97
C ALA N 25 -29.84 4.81 4.72
N ALA N 26 -28.75 4.91 3.95
CA ALA N 26 -27.93 3.74 3.67
C ALA N 26 -27.28 3.20 4.94
N TYR N 27 -26.76 4.09 5.79
CA TYR N 27 -26.18 3.64 7.03
C TYR N 27 -27.21 2.96 7.92
N GLY N 28 -28.41 3.54 8.01
CA GLY N 28 -29.45 2.93 8.81
C GLY N 28 -29.85 1.56 8.29
N THR N 29 -30.06 1.45 6.97
CA THR N 29 -30.42 0.17 6.39
C THR N 29 -29.31 -0.86 6.57
N ALA N 30 -28.05 -0.44 6.43
CA ALA N 30 -26.92 -1.35 6.59
C ALA N 30 -26.88 -1.92 8.00
N LYS N 31 -26.94 -1.05 9.01
CA LYS N 31 -26.88 -1.54 10.38
C LYS N 31 -28.10 -2.40 10.71
N SER N 32 -29.28 -1.99 10.26
CA SER N 32 -30.48 -2.78 10.53
C SER N 32 -30.39 -4.16 9.90
N GLY N 33 -29.91 -4.24 8.65
CA GLY N 33 -29.77 -5.53 8.00
C GLY N 33 -28.74 -6.40 8.68
N THR N 34 -27.61 -5.82 9.10
CA THR N 34 -26.60 -6.60 9.81
C THR N 34 -27.17 -7.17 11.10
N GLY N 35 -27.90 -6.35 11.86
CA GLY N 35 -28.49 -6.83 13.09
C GLY N 35 -29.54 -7.90 12.86
N ILE N 36 -30.39 -7.71 11.83
CA ILE N 36 -31.43 -8.69 11.54
C ILE N 36 -30.81 -10.02 11.13
N ALA N 37 -29.77 -9.97 10.28
CA ALA N 37 -29.10 -11.20 9.87
C ALA N 37 -28.44 -11.88 11.07
N ALA N 38 -27.83 -11.11 11.97
CA ALA N 38 -27.21 -11.69 13.14
C ALA N 38 -28.26 -12.38 14.03
N MET N 39 -29.41 -11.74 14.22
CA MET N 39 -30.43 -12.29 15.11
C MET N 39 -31.29 -13.37 14.46
N SER N 40 -31.27 -13.49 13.14
CA SER N 40 -32.16 -14.43 12.45
C SER N 40 -31.66 -15.88 12.50
N VAL N 41 -30.46 -16.12 13.03
CA VAL N 41 -29.95 -17.49 13.09
C VAL N 41 -30.80 -18.34 14.02
N MET N 42 -31.31 -17.74 15.10
CA MET N 42 -32.05 -18.49 16.11
C MET N 42 -33.55 -18.27 16.04
N ARG N 43 -34.01 -17.06 15.71
CA ARG N 43 -35.43 -16.72 15.70
C ARG N 43 -35.84 -16.32 14.28
N PRO N 44 -36.36 -17.26 13.48
CA PRO N 44 -36.79 -16.91 12.13
C PRO N 44 -38.11 -16.17 12.08
N GLU N 45 -38.93 -16.24 13.13
CA GLU N 45 -40.24 -15.60 13.09
C GLU N 45 -40.17 -14.10 13.25
N LEU N 46 -39.22 -13.60 14.05
CA LEU N 46 -39.11 -12.17 14.33
C LEU N 46 -38.51 -11.38 13.17
N ILE N 47 -38.12 -12.04 12.08
CA ILE N 47 -37.51 -11.34 10.96
C ILE N 47 -38.47 -10.32 10.37
N MET N 48 -39.71 -10.74 10.11
CA MET N 48 -40.68 -9.83 9.52
C MET N 48 -41.16 -8.77 10.50
N LYS N 49 -41.00 -8.99 11.80
CA LYS N 49 -41.44 -8.05 12.83
C LYS N 49 -40.32 -7.13 13.30
N SER N 50 -39.14 -7.19 12.69
CA SER N 50 -38.00 -6.39 13.13
C SER N 50 -37.40 -5.57 12.00
N ILE N 51 -38.15 -5.34 10.92
CA ILE N 51 -37.67 -4.57 9.79
C ILE N 51 -38.04 -3.09 9.92
N ILE N 52 -38.46 -2.66 11.11
CA ILE N 52 -38.85 -1.26 11.31
C ILE N 52 -37.72 -0.28 11.02
N PRO N 53 -36.48 -0.49 11.50
CA PRO N 53 -35.43 0.49 11.19
C PRO N 53 -35.18 0.67 9.71
N VAL N 54 -35.35 -0.37 8.91
CA VAL N 54 -35.24 -0.21 7.46
C VAL N 54 -36.32 0.73 6.95
N VAL N 55 -37.54 0.60 7.47
CA VAL N 55 -38.62 1.50 7.07
C VAL N 55 -38.32 2.92 7.49
N MET N 56 -37.70 3.10 8.66
CA MET N 56 -37.32 4.44 9.10
C MET N 56 -36.27 5.05 8.19
N ALA N 57 -35.29 4.25 7.77
CA ALA N 57 -34.32 4.74 6.79
C ALA N 57 -35.01 5.11 5.48
N GLY N 58 -35.99 4.30 5.06
CA GLY N 58 -36.73 4.61 3.85
C GLY N 58 -37.50 5.91 3.94
N ILE N 59 -38.12 6.17 5.09
CA ILE N 59 -38.91 7.40 5.23
C ILE N 59 -37.98 8.61 5.34
N ILE N 60 -36.79 8.44 5.92
CA ILE N 60 -35.83 9.54 5.89
C ILE N 60 -35.38 9.81 4.46
N ALA N 61 -35.23 8.76 3.65
CA ALA N 61 -34.95 8.95 2.23
C ALA N 61 -36.10 9.66 1.53
N ILE N 62 -37.33 9.34 1.93
CA ILE N 62 -38.51 10.01 1.37
C ILE N 62 -38.45 11.51 1.65
N TYR N 63 -38.14 11.88 2.90
CA TYR N 63 -38.03 13.29 3.23
C TYR N 63 -36.92 13.97 2.44
N GLY N 64 -35.76 13.32 2.32
CA GLY N 64 -34.68 13.91 1.55
C GLY N 64 -35.06 14.12 0.10
N LEU N 65 -35.70 13.13 -0.52
CA LEU N 65 -36.13 13.27 -1.90
C LEU N 65 -37.17 14.37 -2.04
N VAL N 66 -38.09 14.49 -1.07
CA VAL N 66 -39.13 15.51 -1.16
C VAL N 66 -38.51 16.90 -1.12
N VAL N 67 -37.60 17.14 -0.18
CA VAL N 67 -37.00 18.47 -0.10
C VAL N 67 -36.13 18.74 -1.33
N ALA N 68 -35.40 17.73 -1.80
CA ALA N 68 -34.56 17.92 -2.98
C ALA N 68 -35.39 18.27 -4.21
N VAL N 69 -36.50 17.57 -4.41
CA VAL N 69 -37.34 17.86 -5.57
C VAL N 69 -38.03 19.21 -5.41
N LEU N 70 -38.31 19.62 -4.16
CA LEU N 70 -38.87 20.95 -3.95
C LEU N 70 -37.87 22.03 -4.36
N ILE N 71 -36.60 21.85 -4.02
CA ILE N 71 -35.57 22.79 -4.47
C ILE N 71 -35.45 22.75 -5.99
N ALA N 72 -35.48 21.54 -6.57
CA ALA N 72 -35.31 21.40 -8.02
C ALA N 72 -36.42 22.11 -8.79
N ASN N 73 -37.67 21.98 -8.32
CA ASN N 73 -38.78 22.65 -8.98
C ASN N 73 -38.71 24.17 -8.84
N SER N 74 -37.94 24.67 -7.87
CA SER N 74 -37.81 26.10 -7.64
C SER N 74 -36.46 26.65 -8.09
N LEU N 75 -35.92 26.12 -9.18
CA LEU N 75 -34.63 26.55 -9.72
C LEU N 75 -34.84 27.10 -11.13
N THR N 76 -34.29 28.28 -11.39
CA THR N 76 -34.49 28.96 -12.66
C THR N 76 -33.25 29.79 -12.96
N ASP N 77 -33.06 30.10 -14.24
CA ASP N 77 -31.91 30.90 -14.66
C ASP N 77 -31.86 32.25 -13.93
N GLY N 78 -33.01 32.89 -13.76
CA GLY N 78 -33.06 34.20 -13.15
C GLY N 78 -33.02 34.20 -11.64
N ILE N 79 -32.31 33.25 -11.05
CA ILE N 79 -32.17 33.20 -9.60
C ILE N 79 -31.37 34.42 -9.13
N THR N 80 -31.80 35.02 -8.02
CA THR N 80 -31.43 36.38 -7.67
C THR N 80 -30.25 36.46 -6.70
N LEU N 81 -29.48 35.38 -6.54
CA LEU N 81 -28.36 35.32 -5.60
C LEU N 81 -28.78 35.62 -4.18
N TYR N 82 -30.07 35.56 -3.89
CA TYR N 82 -30.58 35.58 -2.53
C TYR N 82 -31.37 34.32 -2.20
N ARG N 83 -32.30 33.93 -3.08
CA ARG N 83 -33.04 32.69 -2.87
C ARG N 83 -32.11 31.49 -2.94
N SER N 84 -31.07 31.55 -3.80
CA SER N 84 -30.19 30.41 -3.99
C SER N 84 -29.48 30.03 -2.70
N PHE N 85 -29.04 31.01 -1.92
CA PHE N 85 -28.42 30.70 -0.64
C PHE N 85 -29.42 30.09 0.33
N LEU N 86 -30.68 30.52 0.28
CA LEU N 86 -31.70 29.84 1.09
C LEU N 86 -31.86 28.39 0.67
N GLN N 87 -31.85 28.11 -0.64
CA GLN N 87 -31.92 26.73 -1.09
C GLN N 87 -30.74 25.93 -0.59
N LEU N 88 -29.53 26.50 -0.69
CA LEU N 88 -28.34 25.79 -0.24
C LEU N 88 -28.40 25.51 1.25
N GLY N 89 -28.79 26.52 2.05
CA GLY N 89 -28.86 26.32 3.49
C GLY N 89 -29.89 25.28 3.87
N ALA N 90 -31.08 25.37 3.29
CA ALA N 90 -32.13 24.39 3.60
C ALA N 90 -31.70 22.99 3.20
N GLY N 91 -31.11 22.85 2.01
CA GLY N 91 -30.68 21.53 1.57
C GLY N 91 -29.60 20.95 2.45
N LEU N 92 -28.58 21.75 2.78
CA LEU N 92 -27.51 21.26 3.62
C LEU N 92 -28.03 20.87 5.00
N SER N 93 -28.88 21.71 5.58
CA SER N 93 -29.44 21.41 6.90
C SER N 93 -30.23 20.12 6.88
N VAL N 94 -31.17 19.98 5.94
CA VAL N 94 -32.01 18.79 5.90
C VAL N 94 -31.18 17.55 5.63
N GLY N 95 -30.22 17.64 4.71
CA GLY N 95 -29.42 16.47 4.38
C GLY N 95 -28.54 16.02 5.54
N LEU N 96 -27.88 16.96 6.21
CA LEU N 96 -27.00 16.57 7.30
C LEU N 96 -27.79 16.09 8.52
N SER N 97 -28.93 16.73 8.79
CA SER N 97 -29.79 16.23 9.86
C SER N 97 -30.30 14.84 9.55
N GLY N 98 -30.67 14.59 8.30
CA GLY N 98 -31.07 13.25 7.91
C GLY N 98 -29.95 12.24 8.05
N LEU N 99 -28.72 12.65 7.71
CA LEU N 99 -27.57 11.76 7.88
C LEU N 99 -27.37 11.40 9.35
N ALA N 100 -27.42 12.39 10.23
CA ALA N 100 -27.25 12.12 11.66
C ALA N 100 -28.36 11.23 12.19
N ALA N 101 -29.60 11.54 11.82
CA ALA N 101 -30.74 10.74 12.29
C ALA N 101 -30.67 9.32 11.75
N GLY N 102 -30.22 9.16 10.50
CA GLY N 102 -30.07 7.82 9.96
C GLY N 102 -28.99 7.02 10.65
N PHE N 103 -27.86 7.66 10.97
CA PHE N 103 -26.82 6.98 11.73
C PHE N 103 -27.34 6.53 13.09
N ALA N 104 -28.05 7.43 13.79
CA ALA N 104 -28.61 7.07 15.09
C ALA N 104 -29.61 5.94 14.95
N ILE N 105 -30.47 6.00 13.92
CA ILE N 105 -31.47 4.95 13.70
C ILE N 105 -30.78 3.62 13.45
N GLY N 106 -29.72 3.62 12.64
CA GLY N 106 -29.04 2.39 12.34
C GLY N 106 -28.41 1.76 13.57
N ILE N 107 -27.70 2.56 14.38
CA ILE N 107 -27.03 1.99 15.54
C ILE N 107 -28.05 1.53 16.57
N VAL N 108 -29.10 2.32 16.81
CA VAL N 108 -30.10 1.93 17.80
C VAL N 108 -30.85 0.69 17.33
N GLY N 109 -31.09 0.56 16.02
CA GLY N 109 -31.72 -0.66 15.52
C GLY N 109 -30.80 -1.87 15.65
N ASP N 110 -29.51 -1.69 15.37
CA ASP N 110 -28.57 -2.78 15.50
C ASP N 110 -28.56 -3.30 16.94
N ALA N 111 -28.53 -2.38 17.91
CA ALA N 111 -28.61 -2.82 19.31
C ALA N 111 -29.97 -3.45 19.63
N GLY N 112 -31.06 -2.83 19.16
CA GLY N 112 -32.38 -3.24 19.61
C GLY N 112 -32.83 -4.57 19.05
N VAL N 113 -32.43 -4.89 17.82
CA VAL N 113 -32.83 -6.18 17.25
C VAL N 113 -32.18 -7.32 18.01
N ARG N 114 -30.89 -7.19 18.33
CA ARG N 114 -30.22 -8.21 19.14
C ARG N 114 -30.83 -8.29 20.53
N GLY N 115 -31.13 -7.13 21.13
CA GLY N 115 -31.77 -7.15 22.44
C GLY N 115 -33.12 -7.85 22.41
N THR N 116 -33.93 -7.56 21.39
CA THR N 116 -35.22 -8.21 21.24
C THR N 116 -35.06 -9.71 21.04
N ALA N 117 -34.08 -10.12 20.24
CA ALA N 117 -33.80 -11.54 20.07
C ALA N 117 -33.45 -12.18 21.41
N GLN N 118 -32.75 -11.46 22.27
CA GLN N 118 -32.48 -11.96 23.61
C GLN N 118 -33.64 -11.70 24.56
N GLN N 119 -34.32 -10.57 24.44
CA GLN N 119 -35.40 -10.18 25.33
C GLN N 119 -36.67 -9.94 24.52
N PRO N 120 -37.62 -10.87 24.53
CA PRO N 120 -38.81 -10.72 23.65
C PRO N 120 -39.65 -9.50 23.95
N ARG N 121 -39.55 -8.91 25.14
CA ARG N 121 -40.38 -7.77 25.51
C ARG N 121 -39.72 -6.43 25.21
N LEU N 122 -38.53 -6.42 24.60
CA LEU N 122 -37.86 -5.17 24.27
C LEU N 122 -38.47 -4.47 23.07
N PHE N 123 -39.24 -5.19 22.25
CA PHE N 123 -39.75 -4.61 21.00
C PHE N 123 -40.61 -3.39 21.27
N VAL N 124 -41.33 -3.36 22.40
CA VAL N 124 -42.14 -2.20 22.74
C VAL N 124 -41.27 -0.95 22.77
N GLY N 125 -40.09 -1.04 23.39
CA GLY N 125 -39.18 0.09 23.39
C GLY N 125 -38.90 0.61 21.99
N MET N 126 -38.73 -0.31 21.04
CA MET N 126 -38.59 0.06 19.64
C MET N 126 -39.60 1.13 19.26
N ILE N 127 -40.88 0.82 19.45
CA ILE N 127 -41.97 1.62 18.89
C ILE N 127 -42.00 2.99 19.55
N LEU N 128 -41.07 3.24 20.46
CA LEU N 128 -40.83 4.59 20.95
C LEU N 128 -39.49 5.12 20.48
N ILE N 129 -38.39 4.41 20.79
CA ILE N 129 -37.08 5.05 20.73
C ILE N 129 -36.73 5.42 19.29
N LEU N 130 -36.91 4.49 18.36
CA LEU N 130 -36.68 4.78 16.95
C LEU N 130 -37.41 6.04 16.54
N ILE N 131 -38.70 6.14 16.93
CA ILE N 131 -39.50 7.29 16.54
C ILE N 131 -38.82 8.58 16.97
N PHE N 132 -38.33 8.62 18.20
CA PHE N 132 -37.63 9.82 18.66
C PHE N 132 -36.46 10.13 17.74
N ALA N 133 -35.58 9.15 17.52
CA ALA N 133 -34.51 9.32 16.55
C ALA N 133 -35.09 9.75 15.22
N GLU N 134 -36.16 9.06 14.78
CA GLU N 134 -36.76 9.37 13.49
C GLU N 134 -37.24 10.81 13.45
N VAL N 135 -37.91 11.27 14.53
CA VAL N 135 -38.51 12.60 14.43
C VAL N 135 -37.42 13.64 14.34
N LEU N 136 -36.21 13.31 14.84
CA LEU N 136 -35.08 14.20 14.67
C LEU N 136 -34.91 14.58 13.21
N GLY N 137 -34.85 13.57 12.33
CA GLY N 137 -34.78 13.85 10.91
C GLY N 137 -35.94 14.70 10.44
N LEU N 138 -37.15 14.37 10.89
CA LEU N 138 -38.32 15.16 10.52
C LEU N 138 -38.11 16.62 10.88
N TYR N 139 -37.50 16.88 12.04
CA TYR N 139 -37.25 18.25 12.46
C TYR N 139 -36.49 19.00 11.38
N GLY N 140 -35.42 18.39 10.86
CA GLY N 140 -34.67 19.04 9.80
C GLY N 140 -35.54 19.42 8.64
N LEU N 141 -36.42 18.50 8.22
CA LEU N 141 -37.32 18.79 7.11
C LEU N 141 -38.02 20.13 7.33
N ILE N 142 -38.57 20.33 8.53
CA ILE N 142 -39.41 21.51 8.72
C ILE N 142 -38.59 22.77 8.51
N VAL N 143 -37.36 22.82 9.03
CA VAL N 143 -36.60 24.05 8.86
C VAL N 143 -36.26 24.24 7.40
N ALA N 144 -35.93 23.14 6.70
CA ALA N 144 -35.70 23.22 5.27
C ALA N 144 -36.90 23.87 4.60
N LEU N 145 -38.11 23.43 4.95
CA LEU N 145 -39.31 24.03 4.39
C LEU N 145 -39.33 25.52 4.69
N ILE N 146 -39.17 25.89 5.96
CA ILE N 146 -39.23 27.29 6.33
C ILE N 146 -38.03 28.06 5.80
N LEU N 147 -37.03 27.37 5.27
CA LEU N 147 -35.90 28.03 4.64
C LEU N 147 -35.97 28.00 3.12
N SER N 148 -36.86 27.18 2.55
CA SER N 148 -36.97 27.07 1.10
C SER N 148 -38.14 27.87 0.54
N THR N 149 -39.33 27.70 1.11
CA THR N 149 -40.49 28.43 0.64
C THR N 149 -40.44 29.90 0.95
N LYS N 150 -39.54 30.34 1.81
CA LYS N 150 -39.41 31.75 2.15
C LYS N 150 -38.80 32.55 1.00
N ASN O 1 -20.17 35.91 -26.26
CA ASN O 1 -21.47 35.66 -25.66
C ASN O 1 -21.37 34.62 -24.55
N ASN O 2 -21.26 33.36 -24.95
CA ASN O 2 -21.16 32.28 -23.98
C ASN O 2 -19.80 32.29 -23.31
N PRO O 3 -19.73 32.23 -21.98
CA PRO O 3 -18.43 32.19 -21.31
C PRO O 3 -17.66 30.92 -21.65
N GLU O 4 -16.34 31.02 -21.65
CA GLU O 4 -15.49 29.88 -21.89
C GLU O 4 -15.51 28.94 -20.68
N TYR O 5 -14.72 27.87 -20.77
CA TYR O 5 -14.49 26.91 -19.69
C TYR O 5 -15.79 26.38 -19.09
N SER O 6 -16.91 26.61 -19.76
CA SER O 6 -18.21 26.29 -19.19
C SER O 6 -18.54 24.81 -19.28
N SER O 7 -17.82 24.05 -20.10
CA SER O 7 -18.03 22.61 -20.18
C SER O 7 -17.25 21.85 -19.12
N PHE O 8 -16.35 22.51 -18.40
CA PHE O 8 -15.55 21.83 -17.39
C PHE O 8 -16.43 21.26 -16.28
N PHE O 9 -17.38 22.06 -15.79
CA PHE O 9 -18.24 21.60 -14.71
C PHE O 9 -19.18 20.50 -15.18
N GLY O 10 -19.72 20.62 -16.39
CA GLY O 10 -20.57 19.56 -16.91
C GLY O 10 -19.83 18.25 -17.09
N VAL O 11 -18.62 18.31 -17.66
CA VAL O 11 -17.86 17.08 -17.85
C VAL O 11 -17.43 16.50 -16.51
N MET O 12 -17.13 17.35 -15.52
CA MET O 12 -16.81 16.83 -14.19
C MET O 12 -18.02 16.17 -13.56
N GLY O 13 -19.21 16.74 -13.77
CA GLY O 13 -20.42 16.10 -13.26
C GLY O 13 -20.65 14.74 -13.89
N ALA O 14 -20.47 14.64 -15.20
CA ALA O 14 -20.63 13.35 -15.86
C ALA O 14 -19.59 12.34 -15.37
N SER O 15 -18.34 12.79 -15.22
CA SER O 15 -17.28 11.91 -14.75
C SER O 15 -17.57 11.40 -13.35
N SER O 16 -18.07 12.29 -12.46
CA SER O 16 -18.43 11.85 -11.12
C SER O 16 -19.61 10.89 -11.13
N ALA O 17 -20.63 11.19 -11.95
CA ALA O 17 -21.79 10.32 -12.03
C ALA O 17 -21.39 8.91 -12.47
N MET O 18 -20.37 8.82 -13.33
CA MET O 18 -19.86 7.50 -13.66
C MET O 18 -19.03 6.90 -12.53
N VAL O 19 -18.03 7.63 -12.06
CA VAL O 19 -17.03 7.04 -11.17
C VAL O 19 -17.69 6.56 -9.88
N PHE O 20 -18.52 7.41 -9.27
CA PHE O 20 -19.07 7.07 -7.97
C PHE O 20 -20.10 5.94 -8.09
N SER O 21 -20.96 5.99 -9.10
CA SER O 21 -21.93 4.92 -9.29
C SER O 21 -21.23 3.59 -9.56
N ALA O 22 -20.21 3.60 -10.43
CA ALA O 22 -19.48 2.38 -10.73
C ALA O 22 -18.74 1.86 -9.52
N MET O 23 -18.23 2.76 -8.67
CA MET O 23 -17.51 2.32 -7.48
C MET O 23 -18.45 1.72 -6.46
N GLY O 24 -19.62 2.33 -6.26
CA GLY O 24 -20.61 1.70 -5.40
C GLY O 24 -21.01 0.33 -5.91
N ALA O 25 -21.24 0.22 -7.22
CA ALA O 25 -21.58 -1.06 -7.82
C ALA O 25 -20.48 -2.09 -7.61
N ALA O 26 -19.23 -1.69 -7.85
CA ALA O 26 -18.11 -2.62 -7.76
C ALA O 26 -17.92 -3.12 -6.33
N TYR O 27 -18.01 -2.21 -5.35
CA TYR O 27 -17.80 -2.64 -3.97
C TYR O 27 -18.96 -3.49 -3.47
N GLY O 28 -20.19 -3.15 -3.85
CA GLY O 28 -21.31 -4.00 -3.49
C GLY O 28 -21.17 -5.39 -4.09
N THR O 29 -20.81 -5.46 -5.37
CA THR O 29 -20.61 -6.75 -6.01
C THR O 29 -19.49 -7.53 -5.36
N ALA O 30 -18.39 -6.85 -5.00
CA ALA O 30 -17.26 -7.54 -4.37
C ALA O 30 -17.66 -8.13 -3.03
N LYS O 31 -18.33 -7.35 -2.19
CA LYS O 31 -18.73 -7.86 -0.88
C LYS O 31 -19.73 -9.01 -1.01
N SER O 32 -20.73 -8.86 -1.88
CA SER O 32 -21.71 -9.91 -2.07
C SER O 32 -21.06 -11.18 -2.62
N GLY O 33 -20.13 -11.03 -3.57
CA GLY O 33 -19.44 -12.19 -4.11
C GLY O 33 -18.57 -12.88 -3.09
N THR O 34 -17.89 -12.10 -2.24
CA THR O 34 -17.11 -12.69 -1.15
C THR O 34 -18.01 -13.52 -0.24
N GLY O 35 -19.15 -12.96 0.15
CA GLY O 35 -20.06 -13.70 0.99
C GLY O 35 -20.59 -14.96 0.33
N ILE O 36 -20.96 -14.86 -0.95
CA ILE O 36 -21.56 -16.01 -1.63
C ILE O 36 -20.51 -17.09 -1.87
N ALA O 37 -19.27 -16.71 -2.17
CA ALA O 37 -18.20 -17.68 -2.35
C ALA O 37 -17.88 -18.37 -1.03
N ALA O 38 -17.92 -17.63 0.08
CA ALA O 38 -17.72 -18.24 1.38
C ALA O 38 -18.84 -19.23 1.69
N MET O 39 -20.09 -18.87 1.39
CA MET O 39 -21.21 -19.71 1.79
C MET O 39 -21.37 -20.93 0.88
N SER O 40 -20.93 -20.84 -0.38
CA SER O 40 -21.21 -21.91 -1.34
C SER O 40 -20.59 -23.24 -0.93
N VAL O 41 -19.55 -23.23 -0.11
CA VAL O 41 -18.92 -24.48 0.30
C VAL O 41 -19.87 -25.32 1.16
N MET O 42 -20.69 -24.68 2.00
CA MET O 42 -21.52 -25.40 2.93
C MET O 42 -22.87 -25.84 2.34
N ARG O 43 -23.42 -25.07 1.40
CA ARG O 43 -24.71 -25.39 0.79
C ARG O 43 -24.72 -24.89 -0.64
N PRO O 44 -24.19 -25.68 -1.57
CA PRO O 44 -24.14 -25.24 -2.98
C PRO O 44 -25.47 -25.27 -3.70
N GLU O 45 -26.55 -25.72 -3.05
CA GLU O 45 -27.84 -25.78 -3.71
C GLU O 45 -28.55 -24.42 -3.81
N LEU O 46 -28.08 -23.42 -3.05
CA LEU O 46 -28.73 -22.12 -3.00
C LEU O 46 -27.87 -21.01 -3.61
N ILE O 47 -26.85 -21.37 -4.39
CA ILE O 47 -25.98 -20.35 -4.96
C ILE O 47 -26.74 -19.56 -6.03
N MET O 48 -27.56 -20.23 -6.84
CA MET O 48 -28.27 -19.55 -7.92
C MET O 48 -29.29 -18.56 -7.38
N LYS O 49 -29.99 -18.92 -6.31
CA LYS O 49 -30.99 -18.05 -5.70
C LYS O 49 -30.40 -17.02 -4.75
N SER O 50 -29.08 -16.79 -4.81
CA SER O 50 -28.44 -15.79 -3.97
C SER O 50 -27.61 -14.80 -4.78
N ILE O 51 -27.73 -14.80 -6.10
CA ILE O 51 -27.05 -13.80 -6.93
C ILE O 51 -27.80 -12.50 -6.99
N ILE O 52 -29.02 -12.45 -6.43
CA ILE O 52 -29.83 -11.23 -6.51
C ILE O 52 -29.10 -10.02 -5.95
N PRO O 53 -28.42 -10.08 -4.79
CA PRO O 53 -27.67 -8.90 -4.34
C PRO O 53 -26.62 -8.44 -5.35
N VAL O 54 -25.95 -9.38 -6.02
CA VAL O 54 -24.98 -9.02 -7.04
C VAL O 54 -25.67 -8.36 -8.22
N VAL O 55 -26.85 -8.87 -8.59
CA VAL O 55 -27.62 -8.27 -9.67
C VAL O 55 -27.97 -6.83 -9.33
N MET O 56 -28.39 -6.59 -8.08
CA MET O 56 -28.74 -5.23 -7.66
C MET O 56 -27.53 -4.32 -7.65
N ALA O 57 -26.39 -4.83 -7.17
CA ALA O 57 -25.16 -4.04 -7.19
C ALA O 57 -24.78 -3.66 -8.61
N GLY O 58 -24.89 -4.61 -9.54
CA GLY O 58 -24.63 -4.29 -10.94
C GLY O 58 -25.64 -3.32 -11.52
N ILE O 59 -26.90 -3.43 -11.08
CA ILE O 59 -27.96 -2.61 -11.67
C ILE O 59 -27.90 -1.18 -11.19
N ILE O 60 -27.22 -0.90 -10.07
CA ILE O 60 -27.03 0.50 -9.70
C ILE O 60 -26.18 1.21 -10.76
N ALA O 61 -25.22 0.47 -11.34
CA ALA O 61 -24.40 1.05 -12.40
C ALA O 61 -25.22 1.39 -13.63
N ILE O 62 -26.37 0.74 -13.83
CA ILE O 62 -27.14 1.05 -15.03
C ILE O 62 -27.86 2.40 -14.89
N TYR O 63 -28.35 2.74 -13.69
CA TYR O 63 -28.85 4.09 -13.49
C TYR O 63 -27.72 5.11 -13.57
N GLY O 64 -26.55 4.78 -13.02
CA GLY O 64 -25.40 5.65 -13.21
C GLY O 64 -25.11 5.91 -14.67
N LEU O 65 -25.15 4.85 -15.48
CA LEU O 65 -24.91 4.98 -16.92
C LEU O 65 -26.01 5.78 -17.60
N VAL O 66 -27.25 5.60 -17.17
CA VAL O 66 -28.35 6.37 -17.78
C VAL O 66 -28.11 7.86 -17.59
N VAL O 67 -27.80 8.26 -16.36
CA VAL O 67 -27.55 9.69 -16.10
C VAL O 67 -26.35 10.18 -16.89
N ALA O 68 -25.25 9.42 -16.86
CA ALA O 68 -24.04 9.85 -17.53
C ALA O 68 -24.27 10.01 -19.03
N VAL O 69 -24.93 9.03 -19.65
CA VAL O 69 -25.19 9.08 -21.08
C VAL O 69 -26.11 10.23 -21.43
N LEU O 70 -27.16 10.45 -20.63
CA LEU O 70 -28.09 11.54 -20.92
C LEU O 70 -27.37 12.88 -20.87
N ILE O 71 -26.60 13.14 -19.81
CA ILE O 71 -25.98 14.44 -19.69
C ILE O 71 -24.75 14.59 -20.57
N ALA O 72 -24.17 13.49 -21.06
CA ALA O 72 -23.12 13.60 -22.07
C ALA O 72 -23.71 13.90 -23.45
N ASN O 73 -24.86 13.29 -23.77
CA ASN O 73 -25.53 13.61 -25.02
C ASN O 73 -26.01 15.05 -25.04
N SER O 74 -26.56 15.52 -23.92
CA SER O 74 -27.04 16.90 -23.85
C SER O 74 -25.90 17.91 -23.85
N LEU O 75 -24.68 17.49 -23.53
CA LEU O 75 -23.56 18.42 -23.43
C LEU O 75 -23.13 18.91 -24.81
N THR O 76 -22.61 20.13 -24.83
CA THR O 76 -22.06 20.73 -26.04
C THR O 76 -21.07 21.81 -25.63
N ASP O 77 -20.32 22.31 -26.62
CA ASP O 77 -19.37 23.38 -26.35
C ASP O 77 -20.09 24.65 -25.87
N GLY O 78 -21.22 24.98 -26.49
CA GLY O 78 -21.95 26.18 -26.14
C GLY O 78 -22.96 25.97 -25.03
N ILE O 79 -22.50 25.73 -23.82
CA ILE O 79 -23.38 25.59 -22.66
C ILE O 79 -23.37 26.90 -21.90
N THR O 80 -24.52 27.24 -21.32
CA THR O 80 -24.76 28.58 -20.80
C THR O 80 -24.23 28.80 -19.39
N LEU O 81 -23.35 27.92 -18.90
CA LEU O 81 -22.73 28.03 -17.58
C LEU O 81 -23.75 27.86 -16.47
N TYR O 82 -25.04 27.74 -16.83
CA TYR O 82 -26.10 27.41 -15.90
C TYR O 82 -26.58 25.98 -16.07
N ARG O 83 -26.77 25.54 -17.31
CA ARG O 83 -27.05 24.13 -17.55
C ARG O 83 -25.88 23.27 -17.14
N SER O 84 -24.66 23.79 -17.25
CA SER O 84 -23.48 23.04 -16.82
C SER O 84 -23.53 22.77 -15.32
N PHE O 85 -23.89 23.78 -14.53
CA PHE O 85 -24.01 23.58 -13.08
C PHE O 85 -25.12 22.59 -12.75
N LEU O 86 -26.24 22.67 -13.48
CA LEU O 86 -27.34 21.72 -13.26
C LEU O 86 -26.89 20.29 -13.53
N GLN O 87 -26.21 20.07 -14.66
CA GLN O 87 -25.75 18.73 -14.99
C GLN O 87 -24.71 18.25 -13.98
N LEU O 88 -23.80 19.14 -13.55
CA LEU O 88 -22.81 18.75 -12.57
C LEU O 88 -23.47 18.33 -11.25
N GLY O 89 -24.44 19.11 -10.79
CA GLY O 89 -25.14 18.76 -9.56
C GLY O 89 -25.89 17.46 -9.68
N ALA O 90 -26.58 17.25 -10.82
CA ALA O 90 -27.31 16.00 -11.01
C ALA O 90 -26.35 14.82 -11.04
N GLY O 91 -25.22 14.96 -11.72
CA GLY O 91 -24.25 13.88 -11.78
C GLY O 91 -23.67 13.54 -10.42
N LEU O 92 -23.31 14.57 -9.64
CA LEU O 92 -22.80 14.33 -8.29
C LEU O 92 -23.86 13.67 -7.42
N SER O 93 -25.11 14.12 -7.52
CA SER O 93 -26.17 13.54 -6.71
C SER O 93 -26.36 12.06 -7.03
N VAL O 94 -26.44 11.73 -8.32
CA VAL O 94 -26.62 10.33 -8.71
C VAL O 94 -25.41 9.50 -8.32
N GLY O 95 -24.20 10.05 -8.49
CA GLY O 95 -23.01 9.31 -8.12
C GLY O 95 -22.96 8.96 -6.65
N LEU O 96 -23.26 9.94 -5.79
CA LEU O 96 -23.17 9.66 -4.36
C LEU O 96 -24.37 8.86 -3.86
N SER O 97 -25.54 9.00 -4.49
CA SER O 97 -26.64 8.10 -4.19
C SER O 97 -26.28 6.66 -4.54
N GLY O 98 -25.60 6.48 -5.67
CA GLY O 98 -25.10 5.15 -6.01
C GLY O 98 -24.07 4.65 -5.02
N LEU O 99 -23.19 5.55 -4.56
CA LEU O 99 -22.29 5.25 -3.45
C LEU O 99 -23.04 4.61 -2.29
N ALA O 100 -24.00 5.36 -1.73
CA ALA O 100 -24.69 4.90 -0.53
C ALA O 100 -25.45 3.61 -0.81
N ALA O 101 -26.17 3.55 -1.93
CA ALA O 101 -26.95 2.37 -2.26
C ALA O 101 -26.06 1.15 -2.44
N GLY O 102 -24.92 1.32 -3.11
CA GLY O 102 -24.03 0.20 -3.32
C GLY O 102 -23.41 -0.32 -2.04
N PHE O 103 -22.99 0.60 -1.15
CA PHE O 103 -22.44 0.14 0.13
C PHE O 103 -23.49 -0.61 0.93
N ALA O 104 -24.70 -0.06 1.02
CA ALA O 104 -25.77 -0.73 1.76
C ALA O 104 -26.10 -2.08 1.14
N ILE O 105 -26.18 -2.13 -0.20
CA ILE O 105 -26.49 -3.38 -0.90
C ILE O 105 -25.43 -4.42 -0.60
N GLY O 106 -24.16 -4.04 -0.69
CA GLY O 106 -23.09 -5.01 -0.47
C GLY O 106 -23.10 -5.56 0.93
N ILE O 107 -23.21 -4.69 1.94
CA ILE O 107 -23.12 -5.18 3.31
C ILE O 107 -24.36 -6.00 3.68
N VAL O 108 -25.55 -5.55 3.24
CA VAL O 108 -26.75 -6.29 3.57
C VAL O 108 -26.79 -7.60 2.80
N GLY O 109 -26.25 -7.64 1.58
CA GLY O 109 -26.18 -8.89 0.86
C GLY O 109 -25.25 -9.88 1.52
N ASP O 110 -24.09 -9.41 1.98
CA ASP O 110 -23.17 -10.31 2.69
C ASP O 110 -23.84 -10.89 3.93
N ALA O 111 -24.42 -10.01 4.77
CA ALA O 111 -25.02 -10.48 6.02
C ALA O 111 -26.19 -11.42 5.76
N GLY O 112 -27.09 -11.04 4.83
CA GLY O 112 -28.23 -11.87 4.53
C GLY O 112 -27.86 -13.18 3.87
N VAL O 113 -26.81 -13.19 3.04
CA VAL O 113 -26.35 -14.42 2.43
C VAL O 113 -25.82 -15.38 3.48
N ARG O 114 -25.05 -14.86 4.45
CA ARG O 114 -24.63 -15.72 5.55
C ARG O 114 -25.83 -16.25 6.32
N GLY O 115 -26.79 -15.37 6.63
CA GLY O 115 -27.96 -15.79 7.37
C GLY O 115 -28.75 -16.87 6.66
N THR O 116 -28.93 -16.71 5.35
CA THR O 116 -29.59 -17.74 4.55
C THR O 116 -28.78 -19.03 4.52
N ALA O 117 -27.45 -18.92 4.55
CA ALA O 117 -26.61 -20.11 4.63
C ALA O 117 -26.88 -20.88 5.90
N GLN O 118 -27.05 -20.19 7.03
CA GLN O 118 -27.44 -20.93 8.23
C GLN O 118 -28.94 -21.12 8.36
N GLN O 119 -29.73 -20.08 8.10
CA GLN O 119 -31.18 -20.14 8.27
C GLN O 119 -31.88 -19.85 6.95
N PRO O 120 -32.40 -20.86 6.26
CA PRO O 120 -33.00 -20.61 4.93
C PRO O 120 -34.19 -19.67 4.94
N ARG O 121 -35.04 -19.73 5.98
CA ARG O 121 -36.28 -18.96 5.98
C ARG O 121 -36.03 -17.46 5.96
N LEU O 122 -34.81 -17.01 6.31
CA LEU O 122 -34.50 -15.60 6.26
C LEU O 122 -34.52 -15.06 4.83
N PHE O 123 -34.26 -15.93 3.84
CA PHE O 123 -34.00 -15.48 2.48
C PHE O 123 -35.10 -14.54 1.99
N VAL O 124 -36.36 -14.95 2.13
CA VAL O 124 -37.48 -14.12 1.66
C VAL O 124 -37.42 -12.75 2.30
N GLY O 125 -37.29 -12.72 3.63
CA GLY O 125 -37.12 -11.44 4.32
C GLY O 125 -35.93 -10.67 3.78
N MET O 126 -34.81 -11.37 3.58
CA MET O 126 -33.66 -10.80 2.89
C MET O 126 -34.09 -9.94 1.72
N ILE O 127 -34.86 -10.53 0.81
CA ILE O 127 -35.19 -9.86 -0.44
C ILE O 127 -35.81 -8.51 -0.17
N LEU O 128 -36.73 -8.45 0.81
CA LEU O 128 -37.41 -7.20 1.11
C LEU O 128 -36.41 -6.08 1.35
N ILE O 129 -35.44 -6.31 2.24
CA ILE O 129 -34.47 -5.27 2.57
C ILE O 129 -33.77 -4.79 1.30
N LEU O 130 -33.43 -5.73 0.41
CA LEU O 130 -32.75 -5.38 -0.83
C LEU O 130 -33.52 -4.31 -1.59
N ILE O 131 -34.83 -4.51 -1.77
CA ILE O 131 -35.62 -3.52 -2.50
C ILE O 131 -35.48 -2.16 -1.85
N PHE O 132 -35.57 -2.12 -0.52
CA PHE O 132 -35.47 -0.85 0.19
C PHE O 132 -34.15 -0.16 -0.11
N ALA O 133 -33.07 -0.94 -0.20
CA ALA O 133 -31.78 -0.36 -0.56
C ALA O 133 -31.84 0.30 -1.93
N GLU O 134 -32.43 -0.39 -2.91
CA GLU O 134 -32.61 0.23 -4.22
C GLU O 134 -33.59 1.38 -4.18
N VAL O 135 -34.51 1.39 -3.20
CA VAL O 135 -35.35 2.57 -2.99
C VAL O 135 -34.48 3.81 -2.92
N LEU O 136 -33.25 3.67 -2.41
CA LEU O 136 -32.32 4.77 -2.41
C LEU O 136 -31.86 5.09 -3.83
N GLY O 137 -31.25 4.11 -4.51
CA GLY O 137 -30.56 4.33 -5.77
C GLY O 137 -31.37 5.04 -6.83
N LEU O 138 -32.48 4.42 -7.24
CA LEU O 138 -33.32 5.01 -8.27
C LEU O 138 -33.82 6.39 -7.85
N TYR O 139 -33.96 6.62 -6.54
CA TYR O 139 -34.39 7.94 -6.08
C TYR O 139 -33.39 9.01 -6.51
N GLY O 140 -32.09 8.72 -6.38
CA GLY O 140 -31.09 9.63 -6.93
C GLY O 140 -31.32 9.89 -8.40
N LEU O 141 -31.64 8.83 -9.15
CA LEU O 141 -31.99 9.00 -10.56
C LEU O 141 -33.02 10.11 -10.72
N ILE O 142 -34.08 10.08 -9.90
CA ILE O 142 -35.13 11.08 -10.01
C ILE O 142 -34.52 12.48 -9.85
N VAL O 143 -33.74 12.68 -8.78
CA VAL O 143 -33.24 14.02 -8.48
C VAL O 143 -32.26 14.50 -9.55
N ALA O 144 -31.91 13.64 -10.49
CA ALA O 144 -31.18 14.06 -11.68
C ALA O 144 -32.08 14.22 -12.89
N LEU O 145 -32.97 13.27 -13.14
CA LEU O 145 -33.73 13.25 -14.38
C LEU O 145 -34.54 14.53 -14.56
N ILE O 146 -35.47 14.78 -13.63
CA ILE O 146 -36.24 16.02 -13.69
C ILE O 146 -35.33 17.23 -13.57
N LEU O 147 -34.16 17.05 -12.94
CA LEU O 147 -33.19 18.14 -12.85
C LEU O 147 -32.42 18.31 -14.15
N SER O 148 -32.22 17.24 -14.92
CA SER O 148 -31.35 17.31 -16.09
C SER O 148 -31.95 18.22 -17.16
N THR O 149 -33.23 18.02 -17.49
CA THR O 149 -33.86 18.77 -18.56
C THR O 149 -34.48 20.08 -18.10
N LYS O 150 -34.54 20.33 -16.79
CA LYS O 150 -35.15 21.55 -16.28
C LYS O 150 -34.19 22.32 -15.38
N PRO P 1 1.36 61.25 2.38
CA PRO P 1 0.98 60.69 1.08
C PRO P 1 -0.13 61.49 0.40
N TYR P 2 0.17 62.03 -0.77
CA TYR P 2 -0.83 62.80 -1.52
C TYR P 2 -1.97 61.93 -2.03
N ASN P 3 -1.78 60.61 -2.06
CA ASN P 3 -2.83 59.69 -2.48
C ASN P 3 -2.56 58.33 -1.85
N LEU P 4 -3.64 57.66 -1.43
CA LEU P 4 -3.50 56.36 -0.80
C LEU P 4 -3.09 55.31 -1.82
N ALA P 5 -1.78 55.10 -1.96
CA ALA P 5 -1.26 54.17 -2.95
C ALA P 5 -1.26 52.76 -2.39
N TYR P 6 -0.60 51.83 -3.09
CA TYR P 6 -0.52 50.45 -2.66
C TYR P 6 0.67 50.29 -1.71
N LYS P 7 1.03 49.05 -1.40
CA LYS P 7 2.15 48.75 -0.54
C LYS P 7 3.46 48.58 -1.31
N TYR P 8 3.48 48.93 -2.59
CA TYR P 8 4.65 48.75 -3.46
C TYR P 8 5.17 47.32 -3.39
N ASN P 9 4.32 46.39 -3.82
CA ASN P 9 4.64 44.97 -3.71
C ASN P 9 5.75 44.60 -4.68
N LEU P 10 6.18 43.34 -4.59
CA LEU P 10 7.30 42.82 -5.38
C LEU P 10 6.87 41.61 -6.17
N GLU P 11 7.82 40.86 -6.71
CA GLU P 11 7.49 39.66 -7.49
C GLU P 11 6.97 38.58 -6.54
N TYR P 12 5.74 38.79 -6.06
CA TYR P 12 5.23 38.02 -4.93
C TYR P 12 5.13 36.53 -5.25
N SER P 13 4.75 36.19 -6.48
CA SER P 13 4.45 34.80 -6.82
C SER P 13 5.61 33.88 -6.50
N VAL P 14 6.75 34.09 -7.16
CA VAL P 14 7.85 33.14 -7.07
C VAL P 14 8.40 33.07 -5.65
N VAL P 15 8.70 34.22 -5.06
CA VAL P 15 9.33 34.22 -3.74
C VAL P 15 8.38 33.67 -2.69
N PHE P 16 7.12 34.10 -2.72
CA PHE P 16 6.15 33.62 -1.74
C PHE P 16 5.94 32.12 -1.85
N ASN P 17 5.73 31.63 -3.07
CA ASN P 17 5.49 30.20 -3.25
C ASN P 17 6.69 29.37 -2.81
N LEU P 18 7.89 29.75 -3.27
CA LEU P 18 9.07 28.96 -2.93
C LEU P 18 9.34 29.00 -1.44
N VAL P 19 9.21 30.17 -0.81
CA VAL P 19 9.47 30.28 0.62
C VAL P 19 8.47 29.48 1.42
N LEU P 20 7.19 29.58 1.08
CA LEU P 20 6.17 28.81 1.79
C LEU P 20 6.41 27.32 1.65
N TRP P 21 6.77 26.86 0.45
CA TRP P 21 6.91 25.43 0.24
C TRP P 21 8.17 24.89 0.91
N ILE P 22 9.27 25.64 0.89
CA ILE P 22 10.47 25.16 1.59
C ILE P 22 10.23 25.18 3.09
N MET P 23 9.52 26.21 3.59
CA MET P 23 9.19 26.26 5.01
C MET P 23 8.36 25.05 5.43
N THR P 24 7.30 24.74 4.68
CA THR P 24 6.47 23.63 5.07
C THR P 24 7.19 22.30 4.90
N GLY P 25 8.05 22.16 3.88
CA GLY P 25 8.81 20.94 3.75
C GLY P 25 9.77 20.71 4.90
N LEU P 26 10.52 21.76 5.27
CA LEU P 26 11.44 21.64 6.39
C LEU P 26 10.70 21.38 7.69
N ALA P 27 9.57 22.07 7.89
CA ALA P 27 8.79 21.86 9.11
C ALA P 27 8.24 20.44 9.17
N LEU P 28 7.74 19.92 8.05
CA LEU P 28 7.24 18.56 8.01
C LEU P 28 8.34 17.55 8.28
N ALA P 29 9.52 17.77 7.69
CA ALA P 29 10.65 16.89 7.97
C ALA P 29 10.97 16.90 9.46
N VAL P 30 11.00 18.10 10.06
CA VAL P 30 11.36 18.22 11.48
C VAL P 30 10.34 17.51 12.35
N ILE P 31 9.04 17.70 12.08
CA ILE P 31 8.04 17.10 12.94
C ILE P 31 8.02 15.59 12.76
N ILE P 32 8.20 15.10 11.53
CA ILE P 32 8.15 13.66 11.32
C ILE P 32 9.35 12.97 11.97
N THR P 33 10.54 13.57 11.87
CA THR P 33 11.69 12.93 12.52
C THR P 33 11.62 13.06 14.04
N SER P 34 11.07 14.17 14.55
CA SER P 34 10.90 14.30 15.99
C SER P 34 9.85 13.34 16.52
N TYR P 35 8.82 13.04 15.71
CA TYR P 35 7.84 12.04 16.10
C TYR P 35 8.45 10.64 16.07
N ASN P 36 9.30 10.37 15.07
CA ASN P 36 9.97 9.07 15.03
C ASN P 36 10.89 8.88 16.22
N ILE P 37 11.65 9.92 16.59
CA ILE P 37 12.53 9.83 17.74
C ILE P 37 11.75 9.89 19.05
N TRP P 38 10.53 10.41 19.03
CA TRP P 38 9.70 10.45 20.23
C TRP P 38 9.32 9.05 20.70
N ASN P 39 8.95 8.18 19.75
CA ASN P 39 8.50 6.83 20.07
C ASN P 39 9.61 5.80 19.90
N MET P 40 10.85 6.17 20.21
CA MET P 40 11.94 5.21 20.23
C MET P 40 11.64 4.09 21.21
N ASP P 41 11.89 2.86 20.78
CA ASP P 41 11.57 1.69 21.59
C ASP P 41 12.85 1.14 22.20
N PRO P 42 13.11 1.36 23.49
CA PRO P 42 14.27 0.72 24.12
C PRO P 42 14.19 -0.80 24.12
N GLY P 43 12.99 -1.36 24.18
CA GLY P 43 12.81 -2.80 24.19
C GLY P 43 11.91 -3.28 25.30
N TYR P 44 12.03 -2.66 26.48
CA TYR P 44 11.18 -2.96 27.63
C TYR P 44 11.16 -4.45 27.95
N ASP P 45 12.36 -5.04 27.99
CA ASP P 45 12.49 -6.47 28.27
C ASP P 45 12.38 -6.71 29.77
N SER P 46 12.70 -7.93 30.21
CA SER P 46 12.65 -8.27 31.63
C SER P 46 13.70 -7.51 32.43
N ILE P 47 14.72 -6.96 31.77
CA ILE P 47 15.73 -6.17 32.48
C ILE P 47 15.11 -4.94 33.12
N ILE P 48 14.04 -4.41 32.51
CA ILE P 48 13.40 -3.20 33.04
C ILE P 48 12.86 -3.44 34.45
N TYR P 49 12.51 -4.69 34.76
CA TYR P 49 12.00 -5.01 36.10
C TYR P 49 12.00 -6.52 36.32
#